data_7KGD
#
_entry.id   7KGD
#
_cell.length_a   1.00
_cell.length_b   1.00
_cell.length_c   1.00
_cell.angle_alpha   90.00
_cell.angle_beta   90.00
_cell.angle_gamma   90.00
#
_symmetry.space_group_name_H-M   'P 1'
#
loop_
_entity.id
_entity.type
_entity.pdbx_description
1 polymer 'Efflux pump membrane transporter'
2 non-polymer PHOSPHATIDYLETHANOLAMINE
#
_entity_poly.entity_id   1
_entity_poly.type   'polypeptide(L)'
_entity_poly.pdbx_seq_one_letter_code
;MSQFFIRRPVFAWVIAIFIIIFGLLSIPKLPIARFPSVAPPQVNISATYPGATAKTINDSVVTLIERELSGVKNLLYYSA
TTDTSGTAEITATFKPGTDVEMAQVDVQNKIKAVEARLPQVVRQQGLQVEASSSGFLMLVGINSPNNQYSEVDLSDYLVR
NVVEELKRVEGVGKVQSFGAEKAMRIWVDPNKLVSYGLSISDVNNAIRENNVEIAPGRLGDLPAEKGQLITIPLSAQGQL
SSLEQFKNISLKSKTNGSVIKLSDVANVEIGSQAYNFAILENGKPATAAAIQLSPGANAVKTAEGVRAKIEELKLNLPEG
MEFSIPYDTAPFVKISIEKVIHTLLEAMVLVFIVMYLFLHNVRYTLIPAIVAPIALLGTFTVMLLAGFSINVLTMFGMVL
AIGIIVDDAIVVVENVERIMATEGLSPKDATSKAMKEITSPIIGITLVLAAVFLPMAFASGSVGVIYKQFTLTMSVSILF
SALLALILTPALCATILKPIDGHHQKKGFFAWFDRSFDKVTKKYELMLLKIIKHTVPMMVIFLVITGITFAGMKYWPTAF
MPEEDQGWFMTSFQLPSDATAERTRNVVNQFENNLKDNPDVKSNTAILGWGFSGAGQNVAVAFTTLKDFKERTSSASKMT
SDVNSSMANSTEGETMAVLPPAIDELGTFSGFSLRLQDRANLGMPALLAAQDELMAMAAKNKKFYMVWNEGLPQGDNISL
KIDREKLSALGVKFSDVSDIISTSMGSMYINDFPNQGRMQQVIVQVEAKSRMQLKDILNLKVMGSSGQLVSLSEVVTPQW
NKAPQQYNRYNGRPSLSIAGIPNFDTSSGEAMREMEQLIAKLPKGIGYEWTGISLQEKQSESQMAFLLGLSMLVVFLVLA
ALYESWAIPLSVMLVVPLGIFGAIIAIMSRGLMNDVFFKIGLITIIGLSAKNAILIVEFAKMLKEEGMSLIEATVAAAKL
RLRPILMTSLAFTCGVIPLVIATGASSETQHALGTGVFGGMISATILAIFFVPVFFIFILGAVEKLFSSKKKISS
;
_entity_poly.pdbx_strand_id   A,B,C
#
loop_
_chem_comp.id
_chem_comp.type
_chem_comp.name
_chem_comp.formula
PTY non-polymer PHOSPHATIDYLETHANOLAMINE 'C40 H80 N O8 P'
#
# COMPACT_ATOMS: atom_id res chain seq x y z
N MET A 1 16.60 -16.33 -39.90
CA MET A 1 17.11 -17.66 -40.33
C MET A 1 16.67 -18.74 -39.34
N SER A 2 16.09 -19.82 -39.85
CA SER A 2 15.53 -20.89 -39.03
C SER A 2 16.03 -22.27 -39.42
N GLN A 3 17.14 -22.35 -40.16
CA GLN A 3 17.69 -23.66 -40.51
C GLN A 3 18.17 -24.44 -39.28
N PHE A 4 18.41 -23.75 -38.17
CA PHE A 4 18.89 -24.44 -36.97
C PHE A 4 17.86 -25.46 -36.48
N PHE A 5 16.58 -25.05 -36.45
CA PHE A 5 15.49 -25.90 -35.89
C PHE A 5 15.08 -26.99 -36.87
N ILE A 6 15.22 -26.85 -38.14
CA ILE A 6 15.07 -27.97 -39.06
C ILE A 6 16.26 -28.93 -38.92
N ARG A 7 17.45 -28.38 -38.65
CA ARG A 7 18.58 -29.24 -38.35
C ARG A 7 18.42 -29.95 -37.01
N ARG A 8 17.66 -29.35 -36.09
CA ARG A 8 17.46 -29.88 -34.74
C ARG A 8 15.98 -30.10 -34.50
N PRO A 9 15.44 -31.28 -34.84
CA PRO A 9 14.03 -31.54 -34.51
C PRO A 9 13.79 -31.73 -33.01
N VAL A 10 14.71 -32.42 -32.33
CA VAL A 10 14.54 -32.67 -30.91
C VAL A 10 14.49 -31.35 -30.13
N PHE A 11 15.30 -30.41 -30.59
CA PHE A 11 15.39 -29.10 -29.90
C PHE A 11 14.05 -28.44 -30.04
N ALA A 12 13.39 -28.36 -31.17
CA ALA A 12 12.08 -27.72 -31.37
C ALA A 12 10.99 -28.45 -30.60
N TRP A 13 11.01 -29.78 -30.64
CA TRP A 13 10.00 -30.54 -29.91
C TRP A 13 10.15 -30.32 -28.40
N VAL A 14 11.38 -30.13 -27.91
CA VAL A 14 11.57 -29.91 -26.49
C VAL A 14 11.03 -28.54 -26.07
N ILE A 15 11.25 -27.52 -26.91
CA ILE A 15 10.66 -26.22 -26.58
C ILE A 15 9.14 -26.30 -26.64
N ALA A 16 8.59 -27.05 -27.59
CA ALA A 16 7.14 -27.22 -27.66
C ALA A 16 6.63 -27.91 -26.40
N ILE A 17 7.34 -28.92 -25.92
CA ILE A 17 6.95 -29.62 -24.70
C ILE A 17 7.02 -28.67 -23.51
N PHE A 18 8.07 -27.87 -23.43
CA PHE A 18 8.14 -26.86 -22.36
C PHE A 18 6.87 -26.01 -22.43
N ILE A 19 6.52 -25.45 -23.59
CA ILE A 19 5.36 -24.56 -23.68
C ILE A 19 4.10 -25.28 -23.22
N ILE A 20 3.92 -26.52 -23.67
CA ILE A 20 2.71 -27.27 -23.31
C ILE A 20 2.66 -27.50 -21.81
N ILE A 21 3.80 -27.87 -21.20
CA ILE A 21 3.83 -28.15 -19.77
C ILE A 21 3.49 -26.91 -18.97
N PHE A 22 4.13 -25.78 -19.30
CA PHE A 22 3.83 -24.56 -18.54
C PHE A 22 2.38 -24.12 -18.75
N GLY A 23 1.85 -24.27 -19.97
CA GLY A 23 0.47 -23.90 -20.20
C GLY A 23 -0.49 -24.75 -19.39
N LEU A 24 -0.25 -26.07 -19.34
CA LEU A 24 -1.13 -26.95 -18.59
C LEU A 24 -1.02 -26.72 -17.09
N LEU A 25 0.19 -26.39 -16.60
CA LEU A 25 0.31 -26.03 -15.19
C LEU A 25 -0.41 -24.73 -14.89
N SER A 26 -0.38 -23.77 -15.82
CA SER A 26 -0.96 -22.46 -15.58
C SER A 26 -2.47 -22.48 -15.66
N ILE A 27 -3.05 -23.30 -16.54
CA ILE A 27 -4.50 -23.25 -16.76
C ILE A 27 -5.28 -23.45 -15.47
N PRO A 28 -5.02 -24.49 -14.66
CA PRO A 28 -5.82 -24.65 -13.43
C PRO A 28 -5.72 -23.47 -12.49
N LYS A 29 -4.54 -22.84 -12.39
CA LYS A 29 -4.35 -21.78 -11.41
C LYS A 29 -5.03 -20.48 -11.84
N LEU A 30 -5.31 -20.33 -13.13
CA LEU A 30 -5.94 -19.10 -13.60
C LEU A 30 -7.35 -18.96 -13.00
N PRO A 31 -7.75 -17.77 -12.56
CA PRO A 31 -9.13 -17.57 -12.17
C PRO A 31 -10.06 -17.61 -13.37
N ILE A 32 -11.33 -17.91 -13.13
CA ILE A 32 -12.34 -18.00 -14.17
C ILE A 32 -13.54 -17.16 -13.74
N ALA A 33 -13.98 -16.27 -14.63
CA ALA A 33 -15.16 -15.44 -14.39
C ALA A 33 -15.72 -15.00 -15.73
N ARG A 34 -17.00 -14.61 -15.72
CA ARG A 34 -17.67 -14.27 -16.98
C ARG A 34 -17.07 -13.02 -17.60
N PHE A 35 -16.98 -11.95 -16.83
CA PHE A 35 -16.43 -10.69 -17.37
C PHE A 35 -15.30 -10.21 -16.48
N PRO A 36 -14.37 -9.41 -17.03
CA PRO A 36 -13.29 -8.82 -16.23
C PRO A 36 -13.80 -7.68 -15.37
N SER A 37 -12.88 -6.99 -14.68
CA SER A 37 -13.24 -5.88 -13.79
C SER A 37 -13.32 -4.59 -14.60
N VAL A 38 -14.29 -4.57 -15.52
CA VAL A 38 -14.48 -3.39 -16.36
C VAL A 38 -15.03 -2.22 -15.56
N ALA A 39 -15.97 -2.50 -14.65
CA ALA A 39 -16.64 -1.42 -13.93
C ALA A 39 -15.65 -0.66 -13.05
N PRO A 40 -15.76 0.67 -12.98
CA PRO A 40 -14.88 1.44 -12.10
C PRO A 40 -15.06 1.02 -10.66
N PRO A 41 -13.99 1.03 -9.86
CA PRO A 41 -14.14 0.67 -8.45
C PRO A 41 -14.95 1.72 -7.70
N GLN A 42 -15.72 1.26 -6.71
CA GLN A 42 -16.63 2.10 -5.95
C GLN A 42 -16.38 1.92 -4.47
N VAL A 43 -16.42 3.03 -3.73
CA VAL A 43 -16.32 3.01 -2.27
C VAL A 43 -17.54 3.71 -1.70
N ASN A 44 -18.17 3.09 -0.72
CA ASN A 44 -19.46 3.53 -0.19
C ASN A 44 -19.32 3.89 1.28
N ILE A 45 -19.42 5.18 1.59
CA ILE A 45 -19.55 5.63 2.97
C ILE A 45 -21.02 5.59 3.36
N SER A 46 -21.30 5.09 4.57
CA SER A 46 -22.66 4.98 5.06
C SER A 46 -22.77 5.67 6.40
N ALA A 47 -23.89 6.37 6.59
CA ALA A 47 -24.17 7.05 7.85
C ALA A 47 -25.62 6.81 8.22
N THR A 48 -25.89 6.80 9.52
CA THR A 48 -27.24 6.55 10.02
C THR A 48 -27.50 7.39 11.25
N TYR A 49 -28.54 8.21 11.20
CA TYR A 49 -28.98 9.02 12.33
C TYR A 49 -30.44 8.66 12.60
N PRO A 50 -30.74 7.82 13.59
CA PRO A 50 -32.12 7.37 13.78
C PRO A 50 -33.07 8.54 14.02
N GLY A 51 -34.26 8.43 13.45
CA GLY A 51 -35.30 9.44 13.67
C GLY A 51 -34.94 10.81 13.17
N ALA A 52 -34.41 10.91 11.95
CA ALA A 52 -34.05 12.18 11.34
C ALA A 52 -34.71 12.31 9.97
N THR A 53 -35.22 13.50 9.67
CA THR A 53 -35.70 13.79 8.33
C THR A 53 -34.54 13.88 7.36
N ALA A 54 -34.83 13.64 6.09
CA ALA A 54 -33.78 13.64 5.07
C ALA A 54 -33.05 14.98 5.03
N LYS A 55 -33.74 16.07 5.36
CA LYS A 55 -33.14 17.39 5.19
C LYS A 55 -31.93 17.58 6.10
N THR A 56 -32.03 17.15 7.35
CA THR A 56 -30.92 17.35 8.28
C THR A 56 -29.69 16.55 7.89
N ILE A 57 -29.89 15.26 7.59
CA ILE A 57 -28.77 14.44 7.16
C ILE A 57 -28.14 15.03 5.90
N ASN A 58 -28.97 15.41 4.93
CA ASN A 58 -28.46 15.99 3.70
C ASN A 58 -27.67 17.26 3.97
N ASP A 59 -28.18 18.13 4.85
CA ASP A 59 -27.57 19.44 5.02
C ASP A 59 -26.27 19.37 5.80
N SER A 60 -26.11 18.35 6.66
CA SER A 60 -24.90 18.27 7.46
C SER A 60 -23.99 17.11 7.04
N VAL A 61 -24.44 15.87 7.13
CA VAL A 61 -23.53 14.74 6.95
C VAL A 61 -23.19 14.59 5.47
N VAL A 62 -24.22 14.62 4.62
CA VAL A 62 -24.00 14.48 3.19
C VAL A 62 -23.14 15.62 2.68
N THR A 63 -23.44 16.86 3.08
CA THR A 63 -22.65 17.99 2.61
C THR A 63 -21.19 17.87 3.05
N LEU A 64 -20.95 17.54 4.32
CA LEU A 64 -19.58 17.34 4.77
C LEU A 64 -18.88 16.30 3.90
N ILE A 65 -19.37 15.06 3.95
CA ILE A 65 -18.69 13.97 3.25
C ILE A 65 -18.51 14.31 1.78
N GLU A 66 -19.51 14.96 1.18
CA GLU A 66 -19.40 15.38 -0.21
C GLU A 66 -18.20 16.29 -0.41
N ARG A 67 -17.99 17.23 0.52
CA ARG A 67 -16.86 18.13 0.38
C ARG A 67 -15.53 17.40 0.53
N GLU A 68 -15.38 16.60 1.60
CA GLU A 68 -14.06 16.03 1.84
C GLU A 68 -13.69 14.93 0.83
N LEU A 69 -14.63 14.06 0.48
CA LEU A 69 -14.36 12.95 -0.46
C LEU A 69 -13.78 13.49 -1.77
N SER A 70 -14.11 14.72 -2.16
CA SER A 70 -13.53 15.33 -3.34
C SER A 70 -12.05 15.61 -3.10
N GLY A 71 -11.21 15.27 -4.08
CA GLY A 71 -9.78 15.47 -4.00
C GLY A 71 -8.96 14.20 -3.97
N VAL A 72 -9.59 13.05 -3.73
CA VAL A 72 -8.86 11.79 -3.70
C VAL A 72 -8.35 11.46 -5.11
N LYS A 73 -7.23 10.75 -5.17
CA LYS A 73 -6.61 10.46 -6.45
C LYS A 73 -7.51 9.56 -7.30
N ASN A 74 -7.51 9.83 -8.61
CA ASN A 74 -8.24 9.02 -9.59
C ASN A 74 -9.73 8.90 -9.22
N LEU A 75 -10.37 10.04 -9.01
CA LEU A 75 -11.80 10.09 -8.68
C LEU A 75 -12.52 10.77 -9.85
N LEU A 76 -13.15 9.95 -10.70
CA LEU A 76 -13.87 10.50 -11.87
C LEU A 76 -15.15 11.17 -11.40
N TYR A 77 -15.93 10.56 -10.52
CA TYR A 77 -17.11 11.29 -10.03
C TYR A 77 -17.42 10.79 -8.65
N TYR A 78 -18.24 11.44 -7.85
CA TYR A 78 -18.75 11.04 -6.56
C TYR A 78 -20.20 11.51 -6.42
N SER A 79 -20.95 10.83 -5.56
CA SER A 79 -22.38 11.08 -5.44
C SER A 79 -22.80 10.81 -3.99
N ALA A 80 -24.07 11.06 -3.71
CA ALA A 80 -24.63 10.88 -2.39
C ALA A 80 -26.13 10.71 -2.50
N THR A 81 -26.75 10.26 -1.41
CA THR A 81 -28.19 10.02 -1.39
C THR A 81 -28.71 10.16 0.04
N THR A 82 -30.00 10.39 0.15
CA THR A 82 -30.70 10.45 1.43
C THR A 82 -32.15 10.06 1.19
N ASP A 83 -32.80 9.59 2.24
CA ASP A 83 -34.17 9.09 2.14
C ASP A 83 -34.83 9.25 3.50
N THR A 84 -36.02 8.66 3.65
CA THR A 84 -36.80 8.74 4.89
C THR A 84 -36.46 7.62 5.86
N SER A 85 -35.49 6.76 5.53
CA SER A 85 -35.07 5.68 6.40
C SER A 85 -33.97 6.12 7.37
N GLY A 86 -33.64 7.40 7.38
CA GLY A 86 -32.60 7.90 8.27
C GLY A 86 -31.23 7.35 7.97
N THR A 87 -30.89 7.22 6.69
CA THR A 87 -29.58 6.73 6.28
C THR A 87 -29.10 7.53 5.08
N ALA A 88 -27.77 7.65 4.98
CA ALA A 88 -27.13 8.37 3.88
C ALA A 88 -26.02 7.50 3.30
N GLU A 89 -26.00 7.40 1.98
CA GLU A 89 -25.00 6.62 1.25
C GLU A 89 -24.26 7.55 0.30
N ILE A 90 -22.95 7.65 0.47
CA ILE A 90 -22.10 8.48 -0.39
C ILE A 90 -21.19 7.55 -1.17
N THR A 91 -21.22 7.67 -2.50
CA THR A 91 -20.48 6.78 -3.38
C THR A 91 -19.36 7.56 -4.07
N ALA A 92 -18.14 7.06 -3.96
CA ALA A 92 -16.99 7.59 -4.68
C ALA A 92 -16.56 6.57 -5.71
N THR A 93 -16.60 6.97 -6.98
CA THR A 93 -16.26 6.08 -8.09
C THR A 93 -14.92 6.52 -8.67
N PHE A 94 -13.92 5.67 -8.53
CA PHE A 94 -12.58 5.98 -9.00
C PHE A 94 -12.38 5.47 -10.43
N LYS A 95 -11.25 5.85 -11.03
CA LYS A 95 -10.98 5.49 -12.41
C LYS A 95 -10.76 3.97 -12.53
N PRO A 96 -11.12 3.38 -13.66
CA PRO A 96 -10.89 1.94 -13.84
C PRO A 96 -9.41 1.60 -13.74
N GLY A 97 -9.14 0.43 -13.16
CA GLY A 97 -7.78 -0.03 -12.95
C GLY A 97 -7.14 0.47 -11.68
N THR A 98 -7.78 1.38 -10.96
CA THR A 98 -7.25 1.88 -9.70
C THR A 98 -7.31 0.77 -8.63
N ASP A 99 -6.39 0.86 -7.67
CA ASP A 99 -6.34 -0.07 -6.55
C ASP A 99 -7.44 0.31 -5.57
N VAL A 100 -8.41 -0.60 -5.39
CA VAL A 100 -9.54 -0.31 -4.52
C VAL A 100 -9.06 -0.14 -3.08
N GLU A 101 -8.05 -0.91 -2.67
CA GLU A 101 -7.57 -0.84 -1.29
C GLU A 101 -6.94 0.52 -1.00
N MET A 102 -6.06 1.00 -1.87
CA MET A 102 -5.41 2.28 -1.64
C MET A 102 -6.44 3.42 -1.63
N ALA A 103 -7.41 3.37 -2.55
CA ALA A 103 -8.45 4.38 -2.58
C ALA A 103 -9.29 4.35 -1.31
N GLN A 104 -9.62 3.15 -0.84
CA GLN A 104 -10.41 3.02 0.38
C GLN A 104 -9.64 3.56 1.58
N VAL A 105 -8.33 3.32 1.61
CA VAL A 105 -7.49 3.89 2.67
C VAL A 105 -7.52 5.41 2.59
N ASP A 106 -7.40 5.96 1.37
CA ASP A 106 -7.42 7.41 1.22
C ASP A 106 -8.73 8.01 1.69
N VAL A 107 -9.85 7.36 1.36
CA VAL A 107 -11.14 7.90 1.79
C VAL A 107 -11.31 7.79 3.30
N GLN A 108 -10.78 6.73 3.93
CA GLN A 108 -10.74 6.73 5.39
C GLN A 108 -9.92 7.90 5.92
N ASN A 109 -8.77 8.17 5.31
CA ASN A 109 -7.93 9.28 5.76
C ASN A 109 -8.69 10.59 5.67
N LYS A 110 -9.44 10.79 4.58
CA LYS A 110 -10.23 12.00 4.43
C LYS A 110 -11.37 12.07 5.44
N ILE A 111 -12.06 10.94 5.66
CA ILE A 111 -13.24 10.95 6.53
C ILE A 111 -12.84 11.17 7.98
N LYS A 112 -11.69 10.62 8.38
CA LYS A 112 -11.23 10.78 9.75
C LYS A 112 -11.00 12.25 10.09
N ALA A 113 -10.71 13.07 9.07
CA ALA A 113 -10.45 14.48 9.32
C ALA A 113 -11.66 15.16 9.95
N VAL A 114 -12.85 14.86 9.45
CA VAL A 114 -14.08 15.50 9.92
C VAL A 114 -14.97 14.54 10.72
N GLU A 115 -14.46 13.36 11.05
CA GLU A 115 -15.23 12.47 11.93
C GLU A 115 -15.64 13.18 13.21
N ALA A 116 -14.80 14.08 13.70
CA ALA A 116 -15.14 14.83 14.92
C ALA A 116 -16.38 15.70 14.71
N ARG A 117 -16.49 16.34 13.55
CA ARG A 117 -17.59 17.28 13.33
C ARG A 117 -18.95 16.60 13.23
N LEU A 118 -19.00 15.29 13.11
CA LEU A 118 -20.27 14.60 13.02
C LEU A 118 -21.00 14.65 14.36
N PRO A 119 -22.33 14.54 14.35
CA PRO A 119 -23.08 14.51 15.61
C PRO A 119 -22.68 13.32 16.47
N GLN A 120 -22.81 13.49 17.78
CA GLN A 120 -22.39 12.44 18.71
C GLN A 120 -23.15 11.15 18.46
N VAL A 121 -24.45 11.24 18.20
CA VAL A 121 -25.24 10.05 17.89
C VAL A 121 -24.71 9.39 16.62
N VAL A 122 -24.28 10.19 15.65
CA VAL A 122 -23.70 9.63 14.44
C VAL A 122 -22.42 8.86 14.77
N ARG A 123 -21.64 9.37 15.72
CA ARG A 123 -20.40 8.67 16.14
C ARG A 123 -20.80 7.39 16.88
N GLN A 124 -21.91 7.37 17.61
CA GLN A 124 -22.38 6.16 18.26
C GLN A 124 -22.77 5.11 17.24
N GLN A 125 -23.51 5.51 16.20
CA GLN A 125 -23.81 4.60 15.11
C GLN A 125 -22.57 4.35 14.26
N GLY A 126 -21.70 5.35 14.12
CA GLY A 126 -20.50 5.21 13.33
C GLY A 126 -20.73 5.46 11.87
N LEU A 127 -19.62 5.53 11.13
CA LEU A 127 -19.64 5.74 9.69
C LEU A 127 -19.02 4.53 9.02
N GLN A 128 -19.83 3.72 8.35
CA GLN A 128 -19.34 2.53 7.68
C GLN A 128 -18.82 2.88 6.29
N VAL A 129 -17.60 2.43 6.00
CA VAL A 129 -16.96 2.70 4.72
C VAL A 129 -16.47 1.38 4.12
N GLU A 130 -17.28 0.79 3.24
CA GLU A 130 -16.97 -0.49 2.63
C GLU A 130 -17.00 -0.36 1.11
N ALA A 131 -15.97 -0.90 0.46
CA ALA A 131 -15.94 -0.93 -1.00
C ALA A 131 -16.68 -2.15 -1.51
N SER A 132 -17.73 -1.93 -2.30
CA SER A 132 -18.55 -3.02 -2.81
C SER A 132 -19.23 -2.53 -4.09
N SER A 133 -19.76 -3.49 -4.85
CA SER A 133 -20.42 -3.22 -6.11
C SER A 133 -21.92 -3.46 -5.94
N SER A 134 -22.72 -2.52 -6.46
CA SER A 134 -24.17 -2.64 -6.36
C SER A 134 -24.66 -3.85 -7.16
N GLY A 135 -25.71 -4.47 -6.64
CA GLY A 135 -26.29 -5.66 -7.25
C GLY A 135 -26.29 -6.83 -6.27
N PHE A 136 -26.78 -7.96 -6.77
CA PHE A 136 -26.85 -9.19 -5.99
C PHE A 136 -26.33 -10.35 -6.80
N LEU A 137 -25.80 -11.35 -6.09
CA LEU A 137 -25.36 -12.62 -6.67
C LEU A 137 -26.41 -13.71 -6.47
N MET A 138 -27.06 -13.72 -5.31
CA MET A 138 -28.03 -14.75 -4.97
C MET A 138 -28.82 -14.30 -3.77
N LEU A 139 -30.01 -14.89 -3.61
CA LEU A 139 -30.91 -14.57 -2.49
C LEU A 139 -31.35 -15.88 -1.84
N VAL A 140 -30.52 -16.37 -0.91
CA VAL A 140 -30.90 -17.55 -0.14
C VAL A 140 -32.00 -17.16 0.84
N GLY A 141 -32.89 -18.11 1.14
CA GLY A 141 -33.95 -17.83 2.09
C GLY A 141 -34.53 -19.10 2.66
N ILE A 142 -35.50 -18.90 3.56
CA ILE A 142 -36.25 -19.99 4.17
C ILE A 142 -37.74 -19.65 4.11
N ASN A 143 -38.55 -20.67 3.84
CA ASN A 143 -40.00 -20.53 3.78
C ASN A 143 -40.64 -21.74 4.46
N SER A 144 -41.86 -21.54 4.94
CA SER A 144 -42.61 -22.60 5.63
C SER A 144 -43.92 -22.83 4.88
N PRO A 145 -44.01 -23.85 4.02
CA PRO A 145 -45.29 -24.09 3.31
C PRO A 145 -46.46 -24.31 4.26
N ASN A 146 -46.24 -25.00 5.37
CA ASN A 146 -47.30 -25.29 6.33
C ASN A 146 -47.48 -24.18 7.36
N ASN A 147 -46.63 -23.14 7.33
CA ASN A 147 -46.72 -22.03 8.28
C ASN A 147 -46.57 -22.52 9.72
N GLN A 148 -45.76 -23.56 9.90
CA GLN A 148 -45.46 -24.03 11.25
C GLN A 148 -44.75 -22.94 12.04
N TYR A 149 -43.82 -22.23 11.40
CA TYR A 149 -43.12 -21.10 12.00
C TYR A 149 -43.42 -19.85 11.18
N SER A 150 -43.76 -18.76 11.86
CA SER A 150 -44.22 -17.54 11.21
C SER A 150 -43.01 -16.70 10.79
N GLU A 151 -43.26 -15.47 10.35
CA GLU A 151 -42.18 -14.63 9.82
C GLU A 151 -41.12 -14.38 10.87
N VAL A 152 -41.53 -14.08 12.10
CA VAL A 152 -40.56 -13.75 13.15
C VAL A 152 -39.63 -14.94 13.38
N ASP A 153 -40.18 -16.14 13.50
CA ASP A 153 -39.36 -17.31 13.79
C ASP A 153 -38.35 -17.55 12.67
N LEU A 154 -38.80 -17.47 11.42
CA LEU A 154 -37.88 -17.66 10.30
C LEU A 154 -36.78 -16.61 10.29
N SER A 155 -37.15 -15.34 10.45
CA SER A 155 -36.16 -14.27 10.41
C SER A 155 -35.13 -14.44 11.52
N ASP A 156 -35.60 -14.80 12.72
CA ASP A 156 -34.68 -14.98 13.84
C ASP A 156 -33.83 -16.22 13.67
N TYR A 157 -34.35 -17.27 13.03
CA TYR A 157 -33.52 -18.42 12.72
C TYR A 157 -32.41 -18.04 11.74
N LEU A 158 -32.74 -17.22 10.74
CA LEU A 158 -31.71 -16.76 9.81
C LEU A 158 -30.65 -15.94 10.52
N VAL A 159 -31.07 -14.93 11.29
CA VAL A 159 -30.10 -14.06 11.94
C VAL A 159 -29.25 -14.84 12.93
N ARG A 160 -29.88 -15.72 13.72
CA ARG A 160 -29.15 -16.46 14.73
C ARG A 160 -28.15 -17.43 14.09
N ASN A 161 -28.59 -18.18 13.07
CA ASN A 161 -27.77 -19.26 12.51
C ASN A 161 -27.36 -19.00 11.08
N VAL A 162 -28.30 -18.81 10.15
CA VAL A 162 -27.97 -18.84 8.72
C VAL A 162 -26.97 -17.74 8.39
N VAL A 163 -27.22 -16.53 8.90
CA VAL A 163 -26.37 -15.39 8.56
C VAL A 163 -24.92 -15.68 8.92
N GLU A 164 -24.69 -16.31 10.07
CA GLU A 164 -23.34 -16.54 10.54
C GLU A 164 -22.52 -17.29 9.50
N GLU A 165 -22.90 -18.53 9.18
CA GLU A 165 -22.10 -19.33 8.27
C GLU A 165 -22.19 -18.80 6.83
N LEU A 166 -23.33 -18.21 6.45
CA LEU A 166 -23.43 -17.66 5.10
C LEU A 166 -22.44 -16.53 4.90
N LYS A 167 -22.22 -15.70 5.92
CA LYS A 167 -21.17 -14.69 5.85
C LYS A 167 -19.79 -15.32 6.01
N ARG A 168 -19.71 -16.46 6.71
CA ARG A 168 -18.43 -17.14 6.88
C ARG A 168 -17.86 -17.58 5.54
N VAL A 169 -18.72 -18.04 4.62
CA VAL A 169 -18.25 -18.52 3.33
C VAL A 169 -17.44 -17.43 2.64
N GLU A 170 -16.34 -17.84 2.01
CA GLU A 170 -15.46 -16.90 1.34
C GLU A 170 -16.15 -16.26 0.14
N GLY A 171 -15.70 -15.05 -0.20
CA GLY A 171 -16.24 -14.34 -1.35
C GLY A 171 -17.56 -13.65 -1.10
N VAL A 172 -17.98 -13.48 0.14
CA VAL A 172 -19.24 -12.85 0.48
C VAL A 172 -18.93 -11.48 1.06
N GLY A 173 -19.27 -10.41 0.33
CA GLY A 173 -19.04 -9.07 0.85
C GLY A 173 -19.91 -8.76 2.05
N LYS A 174 -21.18 -9.10 1.96
CA LYS A 174 -22.10 -8.90 3.07
C LYS A 174 -23.38 -9.70 2.79
N VAL A 175 -24.06 -10.07 3.87
CA VAL A 175 -25.31 -10.81 3.79
C VAL A 175 -26.40 -9.91 4.33
N GLN A 176 -27.11 -9.23 3.44
CA GLN A 176 -28.17 -8.32 3.84
C GLN A 176 -29.40 -9.11 4.27
N SER A 177 -29.75 -9.00 5.55
CA SER A 177 -30.90 -9.70 6.11
C SER A 177 -32.10 -8.76 6.11
N PHE A 178 -33.21 -9.23 5.52
CA PHE A 178 -34.44 -8.47 5.47
C PHE A 178 -35.44 -8.93 6.52
N GLY A 179 -34.98 -9.75 7.46
CA GLY A 179 -35.77 -10.06 8.64
C GLY A 179 -35.00 -9.67 9.88
N ALA A 180 -35.75 -9.38 10.95
CA ALA A 180 -35.18 -8.78 12.15
C ALA A 180 -35.28 -9.75 13.33
N GLU A 181 -34.30 -9.64 14.21
CA GLU A 181 -34.18 -10.52 15.38
C GLU A 181 -35.26 -10.20 16.41
N LYS A 182 -35.81 -11.25 17.02
CA LYS A 182 -36.89 -11.09 17.98
C LYS A 182 -36.40 -10.39 19.25
N ALA A 183 -37.28 -9.58 19.83
CA ALA A 183 -36.90 -8.76 20.98
C ALA A 183 -38.16 -8.39 21.75
N MET A 184 -37.94 -7.77 22.91
CA MET A 184 -39.01 -7.28 23.76
C MET A 184 -39.52 -5.96 23.21
N ARG A 185 -40.82 -5.89 22.93
CA ARG A 185 -41.48 -4.65 22.56
C ARG A 185 -42.49 -4.33 23.65
N ILE A 186 -42.22 -3.27 24.41
CA ILE A 186 -43.11 -2.80 25.46
C ILE A 186 -44.02 -1.73 24.88
N TRP A 187 -45.11 -2.15 24.25
CA TRP A 187 -46.05 -1.18 23.69
C TRP A 187 -46.75 -0.45 24.82
N VAL A 188 -46.77 0.88 24.74
CA VAL A 188 -47.29 1.72 25.81
C VAL A 188 -48.49 2.51 25.28
N ASP A 189 -49.59 2.45 26.03
CA ASP A 189 -50.76 3.27 25.72
C ASP A 189 -50.63 4.59 26.47
N PRO A 190 -50.45 5.72 25.79
CA PRO A 190 -50.29 6.99 26.53
C PRO A 190 -51.47 7.33 27.41
N ASN A 191 -52.69 6.90 27.05
CA ASN A 191 -53.85 7.21 27.89
C ASN A 191 -53.75 6.55 29.25
N LYS A 192 -53.47 5.25 29.28
CA LYS A 192 -53.32 4.56 30.56
C LYS A 192 -52.15 5.13 31.36
N LEU A 193 -51.03 5.40 30.70
CA LEU A 193 -49.85 5.90 31.39
C LEU A 193 -50.13 7.26 32.02
N VAL A 194 -50.81 8.15 31.29
CA VAL A 194 -51.16 9.45 31.84
C VAL A 194 -52.17 9.32 32.97
N SER A 195 -53.10 8.37 32.84
CA SER A 195 -54.12 8.19 33.87
C SER A 195 -53.49 8.00 35.25
N TYR A 196 -52.37 7.29 35.31
CA TYR A 196 -51.65 7.09 36.57
C TYR A 196 -50.58 8.13 36.81
N GLY A 197 -50.45 9.14 35.96
CA GLY A 197 -49.48 10.19 36.14
C GLY A 197 -48.08 9.85 35.69
N LEU A 198 -47.91 8.86 34.84
CA LEU A 198 -46.58 8.45 34.38
C LEU A 198 -46.31 8.97 32.96
N SER A 199 -45.07 8.78 32.53
CA SER A 199 -44.63 9.13 31.19
C SER A 199 -43.74 8.01 30.67
N ILE A 200 -43.25 8.18 29.43
CA ILE A 200 -42.34 7.20 28.86
C ILE A 200 -41.06 7.06 29.69
N SER A 201 -40.57 8.16 30.24
CA SER A 201 -39.39 8.10 31.09
C SER A 201 -39.60 7.17 32.28
N ASP A 202 -40.85 7.06 32.74
CA ASP A 202 -41.13 6.18 33.88
C ASP A 202 -40.84 4.73 33.53
N VAL A 203 -41.37 4.25 32.40
CA VAL A 203 -41.12 2.88 31.99
C VAL A 203 -39.64 2.69 31.65
N ASN A 204 -39.02 3.71 31.06
CA ASN A 204 -37.60 3.61 30.76
C ASN A 204 -36.79 3.38 32.03
N ASN A 205 -37.05 4.19 33.07
CA ASN A 205 -36.33 4.02 34.33
C ASN A 205 -36.65 2.69 34.97
N ALA A 206 -37.91 2.24 34.87
CA ALA A 206 -38.28 0.96 35.47
C ALA A 206 -37.49 -0.18 34.83
N ILE A 207 -37.40 -0.19 33.50
CA ILE A 207 -36.67 -1.26 32.83
C ILE A 207 -35.18 -1.15 33.11
N ARG A 208 -34.64 0.08 33.14
CA ARG A 208 -33.24 0.27 33.46
C ARG A 208 -32.91 -0.19 34.88
N GLU A 209 -33.88 -0.09 35.80
CA GLU A 209 -33.69 -0.48 37.19
C GLU A 209 -33.80 -1.98 37.40
N ASN A 210 -34.93 -2.58 37.02
CA ASN A 210 -35.14 -4.00 37.26
C ASN A 210 -34.18 -4.85 36.44
N ASN A 211 -33.98 -4.50 35.18
CA ASN A 211 -33.11 -5.26 34.28
C ASN A 211 -31.80 -4.51 34.12
N VAL A 212 -30.75 -4.96 34.83
CA VAL A 212 -29.43 -4.37 34.77
C VAL A 212 -28.40 -5.48 34.91
N GLU A 213 -27.16 -5.15 34.54
CA GLU A 213 -26.05 -6.10 34.59
C GLU A 213 -25.34 -5.98 35.93
N ILE A 214 -25.04 -7.12 36.54
CA ILE A 214 -24.27 -7.18 37.77
C ILE A 214 -22.83 -7.49 37.41
N ALA A 215 -21.92 -6.61 37.82
CA ALA A 215 -20.51 -6.80 37.49
C ALA A 215 -19.97 -8.00 38.27
N PRO A 216 -19.45 -9.03 37.61
CA PRO A 216 -18.88 -10.17 38.32
C PRO A 216 -17.53 -9.84 38.93
N GLY A 217 -17.04 -10.75 39.75
CA GLY A 217 -15.75 -10.59 40.39
C GLY A 217 -15.22 -11.93 40.86
N ARG A 218 -13.98 -11.90 41.34
CA ARG A 218 -13.28 -13.09 41.80
C ARG A 218 -12.94 -12.93 43.27
N LEU A 219 -13.22 -13.95 44.06
CA LEU A 219 -12.90 -13.94 45.48
C LEU A 219 -11.42 -14.25 45.69
N GLY A 220 -10.88 -13.69 46.77
CA GLY A 220 -9.48 -13.88 47.07
C GLY A 220 -8.54 -13.34 46.02
N ASP A 221 -9.01 -12.42 45.17
CA ASP A 221 -8.18 -11.89 44.11
C ASP A 221 -7.10 -10.99 44.68
N LEU A 222 -5.96 -10.95 44.00
CA LEU A 222 -4.83 -10.15 44.47
C LEU A 222 -5.24 -8.68 44.52
N PRO A 223 -4.80 -7.92 45.54
CA PRO A 223 -3.92 -8.34 46.63
C PRO A 223 -4.66 -9.13 47.70
N ALA A 224 -4.13 -10.30 48.06
CA ALA A 224 -4.77 -11.20 48.99
C ALA A 224 -3.95 -11.31 50.28
N GLU A 225 -4.65 -11.26 51.40
CA GLU A 225 -4.03 -11.48 52.69
C GLU A 225 -3.42 -12.87 52.77
N LYS A 226 -2.38 -13.00 53.58
CA LYS A 226 -1.67 -14.28 53.69
C LYS A 226 -2.62 -15.36 54.20
N GLY A 227 -2.49 -16.56 53.62
CA GLY A 227 -3.18 -17.73 54.12
C GLY A 227 -4.45 -18.10 53.37
N GLN A 228 -4.86 -17.33 52.38
CA GLN A 228 -6.07 -17.67 51.63
C GLN A 228 -5.86 -18.99 50.89
N LEU A 229 -6.82 -19.89 51.01
CA LEU A 229 -6.66 -21.23 50.46
C LEU A 229 -7.01 -21.28 48.97
N ILE A 230 -8.20 -20.79 48.60
CA ILE A 230 -8.68 -20.94 47.23
C ILE A 230 -9.33 -19.64 46.76
N THR A 231 -9.64 -19.59 45.46
CA THR A 231 -10.31 -18.45 44.86
C THR A 231 -11.22 -18.96 43.74
N ILE A 232 -12.48 -18.56 43.77
CA ILE A 232 -13.45 -19.01 42.77
C ILE A 232 -14.30 -17.84 42.31
N PRO A 233 -14.62 -17.74 41.02
CA PRO A 233 -15.38 -16.58 40.53
C PRO A 233 -16.76 -16.50 41.16
N LEU A 234 -17.26 -15.28 41.28
CA LEU A 234 -18.60 -15.00 41.77
C LEU A 234 -19.30 -14.05 40.81
N SER A 235 -20.54 -14.39 40.44
CA SER A 235 -21.32 -13.56 39.53
C SER A 235 -22.79 -13.72 39.87
N ALA A 236 -23.59 -12.77 39.40
CA ALA A 236 -25.00 -12.73 39.74
C ALA A 236 -25.79 -12.24 38.53
N GLN A 237 -27.07 -12.59 38.52
CA GLN A 237 -27.96 -12.29 37.40
C GLN A 237 -28.93 -11.18 37.81
N GLY A 238 -28.81 -10.03 37.15
CA GLY A 238 -29.72 -8.91 37.34
C GLY A 238 -30.62 -8.65 36.16
N GLN A 239 -30.73 -9.59 35.22
CA GLN A 239 -31.48 -9.40 33.98
C GLN A 239 -32.78 -10.18 34.04
N LEU A 240 -33.89 -9.53 33.69
CA LEU A 240 -35.14 -10.23 33.50
C LEU A 240 -35.08 -11.05 32.21
N SER A 241 -35.62 -12.27 32.27
CA SER A 241 -35.44 -13.23 31.19
C SER A 241 -36.73 -13.64 30.48
N SER A 242 -37.89 -13.50 31.11
CA SER A 242 -39.15 -13.96 30.54
C SER A 242 -40.17 -12.83 30.53
N LEU A 243 -41.13 -12.94 29.62
CA LEU A 243 -42.16 -11.91 29.51
C LEU A 243 -42.90 -11.74 30.82
N GLU A 244 -43.09 -12.83 31.56
CA GLU A 244 -43.74 -12.73 32.86
C GLU A 244 -42.95 -11.82 33.80
N GLN A 245 -41.62 -11.88 33.73
CA GLN A 245 -40.79 -11.03 34.58
C GLN A 245 -40.91 -9.56 34.17
N PHE A 246 -40.87 -9.28 32.86
CA PHE A 246 -40.99 -7.91 32.40
C PHE A 246 -42.35 -7.33 32.77
N LYS A 247 -43.42 -8.12 32.63
CA LYS A 247 -44.72 -7.66 33.10
C LYS A 247 -44.70 -7.40 34.59
N ASN A 248 -43.90 -8.14 35.34
CA ASN A 248 -43.80 -7.99 36.79
C ASN A 248 -42.71 -7.00 37.16
N ILE A 249 -42.82 -5.80 36.60
CA ILE A 249 -41.93 -4.69 36.91
C ILE A 249 -42.74 -3.64 37.65
N SER A 250 -42.36 -3.38 38.90
CA SER A 250 -43.15 -2.47 39.74
C SER A 250 -42.94 -1.03 39.32
N LEU A 251 -44.02 -0.26 39.34
CA LEU A 251 -43.98 1.18 39.10
C LEU A 251 -44.84 1.88 40.15
N LYS A 252 -44.42 3.08 40.54
CA LYS A 252 -45.10 3.87 41.56
C LYS A 252 -45.86 5.01 40.91
N SER A 253 -47.13 5.14 41.25
CA SER A 253 -48.01 6.15 40.67
C SER A 253 -48.20 7.30 41.65
N LYS A 254 -48.02 8.53 41.16
CA LYS A 254 -48.08 9.70 42.03
C LYS A 254 -49.50 9.95 42.53
N THR A 255 -50.49 9.83 41.63
CA THR A 255 -51.84 10.26 41.97
C THR A 255 -52.41 9.44 43.12
N ASN A 256 -52.20 8.12 43.10
CA ASN A 256 -52.75 7.24 44.12
C ASN A 256 -51.72 6.62 45.04
N GLY A 257 -50.46 6.52 44.61
CA GLY A 257 -49.41 5.93 45.42
C GLY A 257 -49.37 4.41 45.39
N SER A 258 -50.26 3.77 44.64
CA SER A 258 -50.27 2.32 44.58
C SER A 258 -49.15 1.81 43.67
N VAL A 259 -48.82 0.54 43.84
CA VAL A 259 -47.81 -0.13 43.02
C VAL A 259 -48.52 -0.83 41.87
N ILE A 260 -48.08 -0.56 40.64
CA ILE A 260 -48.72 -1.08 39.45
C ILE A 260 -47.69 -1.83 38.62
N LYS A 261 -48.07 -2.97 38.06
CA LYS A 261 -47.17 -3.75 37.24
C LYS A 261 -47.14 -3.19 35.82
N LEU A 262 -46.07 -3.56 35.09
CA LEU A 262 -45.92 -3.05 33.73
C LEU A 262 -47.07 -3.48 32.83
N SER A 263 -47.74 -4.58 33.17
CA SER A 263 -48.86 -5.04 32.36
C SER A 263 -49.98 -4.00 32.33
N ASP A 264 -50.27 -3.39 33.47
CA ASP A 264 -51.35 -2.40 33.52
C ASP A 264 -51.03 -1.19 32.65
N VAL A 265 -49.78 -0.73 32.68
CA VAL A 265 -49.42 0.47 31.92
C VAL A 265 -48.97 0.16 30.51
N ALA A 266 -48.56 -1.07 30.23
CA ALA A 266 -48.02 -1.41 28.92
C ALA A 266 -48.22 -2.90 28.67
N ASN A 267 -48.09 -3.26 27.39
CA ASN A 267 -48.22 -4.67 26.98
C ASN A 267 -46.87 -5.13 26.43
N VAL A 268 -46.27 -6.16 27.01
CA VAL A 268 -44.96 -6.67 26.62
C VAL A 268 -45.19 -7.80 25.62
N GLU A 269 -44.48 -7.73 24.50
CA GLU A 269 -44.66 -8.71 23.44
C GLU A 269 -43.31 -9.08 22.83
N ILE A 270 -43.29 -10.23 22.17
CA ILE A 270 -42.15 -10.65 21.37
C ILE A 270 -42.37 -10.13 19.95
N GLY A 271 -41.49 -9.24 19.49
CA GLY A 271 -41.66 -8.63 18.20
C GLY A 271 -40.33 -8.41 17.51
N SER A 272 -40.41 -8.20 16.20
CA SER A 272 -39.19 -7.96 15.43
C SER A 272 -38.53 -6.65 15.88
N GLN A 273 -37.20 -6.64 15.80
CA GLN A 273 -36.46 -5.44 16.16
C GLN A 273 -36.90 -4.25 15.31
N ALA A 274 -37.06 -4.48 14.02
CA ALA A 274 -37.61 -3.48 13.10
C ALA A 274 -38.46 -4.18 12.06
N TYR A 275 -39.54 -3.50 11.66
CA TYR A 275 -40.48 -4.03 10.67
C TYR A 275 -40.39 -3.29 9.35
N ASN A 276 -39.21 -2.78 8.99
CA ASN A 276 -39.07 -1.95 7.81
C ASN A 276 -39.30 -2.76 6.54
N PHE A 277 -38.69 -3.95 6.44
CA PHE A 277 -38.66 -4.72 5.20
C PHE A 277 -39.35 -6.05 5.39
N ALA A 278 -39.94 -6.56 4.32
CA ALA A 278 -40.59 -7.87 4.31
C ALA A 278 -40.29 -8.56 2.99
N ILE A 279 -40.49 -9.87 2.96
CA ILE A 279 -40.20 -10.68 1.79
C ILE A 279 -41.42 -11.52 1.44
N LEU A 280 -41.75 -11.59 0.15
CA LEU A 280 -42.83 -12.43 -0.36
C LEU A 280 -42.24 -13.33 -1.44
N GLU A 281 -42.11 -14.63 -1.13
CA GLU A 281 -41.44 -15.54 -2.05
C GLU A 281 -42.26 -15.71 -3.34
N ASN A 282 -43.46 -16.25 -3.22
CA ASN A 282 -44.38 -16.35 -4.36
C ASN A 282 -45.78 -15.96 -3.92
N GLY A 283 -45.89 -14.86 -3.18
CA GLY A 283 -47.13 -14.49 -2.55
C GLY A 283 -47.39 -15.16 -1.22
N LYS A 284 -46.45 -15.97 -0.73
CA LYS A 284 -46.55 -16.63 0.55
C LYS A 284 -45.46 -16.09 1.47
N PRO A 285 -45.72 -15.99 2.77
CA PRO A 285 -44.69 -15.45 3.68
C PRO A 285 -43.43 -16.30 3.68
N ALA A 286 -42.29 -15.63 3.74
CA ALA A 286 -40.98 -16.26 3.79
C ALA A 286 -39.96 -15.18 4.06
N THR A 287 -38.68 -15.57 4.10
CA THR A 287 -37.61 -14.62 4.30
C THR A 287 -36.42 -15.01 3.46
N ALA A 288 -35.56 -14.03 3.16
CA ALA A 288 -34.41 -14.25 2.30
C ALA A 288 -33.28 -13.33 2.73
N ALA A 289 -32.06 -13.69 2.30
CA ALA A 289 -30.87 -12.91 2.54
C ALA A 289 -30.08 -12.78 1.25
N ALA A 290 -29.46 -11.61 1.06
CA ALA A 290 -28.75 -11.29 -0.17
C ALA A 290 -27.26 -11.52 0.05
N ILE A 291 -26.73 -12.60 -0.54
CA ILE A 291 -25.31 -12.92 -0.45
C ILE A 291 -24.61 -12.44 -1.71
N GLN A 292 -24.06 -11.29 -1.68
CA GLN A 292 -23.48 -10.78 -2.92
C GLN A 292 -21.99 -11.09 -2.86
N LEU A 293 -21.23 -10.81 -3.90
CA LEU A 293 -19.81 -11.09 -4.02
C LEU A 293 -19.00 -9.79 -4.01
N SER A 294 -17.88 -9.83 -3.29
CA SER A 294 -16.94 -8.72 -3.31
C SER A 294 -16.06 -8.80 -4.55
N PRO A 295 -15.45 -7.68 -4.96
CA PRO A 295 -14.48 -7.74 -6.06
C PRO A 295 -13.33 -8.66 -5.71
N GLY A 296 -12.86 -9.40 -6.73
CA GLY A 296 -11.82 -10.37 -6.54
C GLY A 296 -12.30 -11.76 -6.15
N ALA A 297 -13.60 -12.02 -6.25
CA ALA A 297 -14.16 -13.32 -5.93
C ALA A 297 -14.78 -13.93 -7.19
N ASN A 298 -15.00 -15.23 -7.14
CA ASN A 298 -15.54 -15.98 -8.27
C ASN A 298 -16.99 -16.36 -7.99
N ALA A 299 -17.86 -16.13 -8.97
CA ALA A 299 -19.28 -16.38 -8.78
C ALA A 299 -19.58 -17.87 -8.64
N VAL A 300 -19.05 -18.68 -9.55
CA VAL A 300 -19.39 -20.10 -9.58
C VAL A 300 -18.89 -20.79 -8.31
N LYS A 301 -17.64 -20.50 -7.91
CA LYS A 301 -17.09 -21.14 -6.72
C LYS A 301 -17.85 -20.74 -5.47
N THR A 302 -18.19 -19.45 -5.34
CA THR A 302 -18.96 -18.99 -4.20
C THR A 302 -20.33 -19.65 -4.16
N ALA A 303 -20.98 -19.75 -5.32
CA ALA A 303 -22.28 -20.41 -5.38
C ALA A 303 -22.17 -21.87 -4.97
N GLU A 304 -21.15 -22.57 -5.44
CA GLU A 304 -20.97 -23.97 -5.07
C GLU A 304 -20.75 -24.11 -3.57
N GLY A 305 -19.90 -23.24 -2.99
CA GLY A 305 -19.62 -23.33 -1.58
C GLY A 305 -20.85 -23.06 -0.72
N VAL A 306 -21.59 -22.00 -1.05
CA VAL A 306 -22.79 -21.68 -0.27
C VAL A 306 -23.85 -22.76 -0.45
N ARG A 307 -23.95 -23.33 -1.66
CA ARG A 307 -24.89 -24.42 -1.88
C ARG A 307 -24.53 -25.63 -1.02
N ALA A 308 -23.24 -25.95 -0.96
CA ALA A 308 -22.81 -27.06 -0.10
C ALA A 308 -23.12 -26.79 1.35
N LYS A 309 -22.88 -25.55 1.80
CA LYS A 309 -23.19 -25.19 3.18
C LYS A 309 -24.70 -25.33 3.45
N ILE A 310 -25.52 -24.88 2.52
CA ILE A 310 -26.97 -24.98 2.70
C ILE A 310 -27.41 -26.44 2.74
N GLU A 311 -26.84 -27.27 1.87
CA GLU A 311 -27.16 -28.70 1.89
C GLU A 311 -26.75 -29.32 3.22
N GLU A 312 -25.58 -28.94 3.74
CA GLU A 312 -25.15 -29.46 5.03
C GLU A 312 -26.12 -29.07 6.14
N LEU A 313 -26.57 -27.80 6.12
CA LEU A 313 -27.53 -27.34 7.14
C LEU A 313 -28.91 -27.95 6.94
N LYS A 314 -29.22 -28.42 5.74
CA LYS A 314 -30.56 -28.94 5.48
C LYS A 314 -30.94 -30.05 6.45
N LEU A 315 -30.01 -30.96 6.72
CA LEU A 315 -30.32 -32.06 7.64
C LEU A 315 -30.57 -31.55 9.05
N ASN A 316 -29.81 -30.54 9.48
CA ASN A 316 -29.94 -30.05 10.85
C ASN A 316 -31.18 -29.19 11.05
N LEU A 317 -31.87 -28.82 9.97
CA LEU A 317 -33.03 -27.96 10.11
C LEU A 317 -34.13 -28.66 10.91
N PRO A 318 -34.84 -27.94 11.78
CA PRO A 318 -36.02 -28.53 12.41
C PRO A 318 -37.11 -28.81 11.38
N GLU A 319 -37.97 -29.77 11.72
CA GLU A 319 -39.05 -30.14 10.81
C GLU A 319 -39.92 -28.93 10.50
N GLY A 320 -40.29 -28.80 9.23
CA GLY A 320 -41.10 -27.69 8.77
C GLY A 320 -40.32 -26.49 8.27
N MET A 321 -38.99 -26.54 8.29
CA MET A 321 -38.14 -25.46 7.79
C MET A 321 -37.55 -25.88 6.46
N GLU A 322 -37.72 -25.05 5.44
CA GLU A 322 -37.28 -25.37 4.08
C GLU A 322 -36.48 -24.22 3.50
N PHE A 323 -35.23 -24.51 3.14
CA PHE A 323 -34.39 -23.55 2.42
C PHE A 323 -34.90 -23.37 1.00
N SER A 324 -34.45 -22.28 0.37
CA SER A 324 -34.84 -21.94 -0.98
C SER A 324 -33.78 -21.04 -1.59
N ILE A 325 -33.49 -21.23 -2.87
CA ILE A 325 -32.54 -20.31 -3.58
C ILE A 325 -33.25 -19.82 -4.84
N PRO A 326 -34.27 -18.96 -4.72
CA PRO A 326 -35.08 -18.50 -5.86
C PRO A 326 -34.37 -17.49 -6.75
N TYR A 327 -33.09 -17.25 -6.51
CA TYR A 327 -32.35 -16.28 -7.31
C TYR A 327 -30.86 -16.62 -7.27
N ASP A 328 -30.28 -16.85 -8.45
CA ASP A 328 -28.86 -17.13 -8.56
C ASP A 328 -28.44 -16.79 -9.99
N THR A 329 -27.69 -15.69 -10.15
CA THR A 329 -27.16 -15.29 -11.44
C THR A 329 -25.79 -15.89 -11.72
N ALA A 330 -25.20 -16.58 -10.74
CA ALA A 330 -23.89 -17.21 -10.97
C ALA A 330 -23.91 -18.25 -12.08
N PRO A 331 -24.86 -19.19 -12.15
CA PRO A 331 -24.73 -20.28 -13.12
C PRO A 331 -24.64 -19.79 -14.56
N PHE A 332 -25.31 -18.70 -14.90
CA PHE A 332 -25.15 -18.13 -16.24
C PHE A 332 -23.69 -18.10 -16.66
N VAL A 333 -22.81 -17.65 -15.76
CA VAL A 333 -21.38 -17.62 -16.06
C VAL A 333 -20.95 -18.93 -16.69
N LYS A 334 -21.12 -20.03 -15.95
CA LYS A 334 -20.79 -21.34 -16.49
C LYS A 334 -21.32 -21.48 -17.90
N ILE A 335 -22.64 -21.38 -18.06
CA ILE A 335 -23.23 -21.55 -19.39
C ILE A 335 -22.48 -20.72 -20.41
N SER A 336 -22.38 -19.41 -20.17
CA SER A 336 -21.72 -18.56 -21.15
C SER A 336 -20.34 -19.10 -21.49
N ILE A 337 -19.51 -19.32 -20.47
CA ILE A 337 -18.17 -19.83 -20.74
C ILE A 337 -18.27 -21.13 -21.53
N GLU A 338 -19.08 -22.07 -21.04
CA GLU A 338 -19.27 -23.32 -21.75
C GLU A 338 -19.50 -23.05 -23.22
N LYS A 339 -20.49 -22.23 -23.54
CA LYS A 339 -20.83 -22.01 -24.94
C LYS A 339 -19.61 -21.55 -25.73
N VAL A 340 -18.93 -20.50 -25.26
CA VAL A 340 -17.83 -19.97 -26.04
C VAL A 340 -16.75 -21.03 -26.19
N ILE A 341 -16.54 -21.84 -25.16
CA ILE A 341 -15.52 -22.89 -25.26
C ILE A 341 -15.82 -23.77 -26.45
N HIS A 342 -17.06 -24.21 -26.59
CA HIS A 342 -17.41 -25.06 -27.73
C HIS A 342 -17.12 -24.34 -29.03
N THR A 343 -17.44 -23.05 -29.11
CA THR A 343 -17.10 -22.30 -30.32
C THR A 343 -15.62 -22.37 -30.59
N LEU A 344 -14.78 -22.18 -29.56
CA LEU A 344 -13.34 -22.27 -29.76
C LEU A 344 -12.96 -23.62 -30.34
N LEU A 345 -13.67 -24.68 -29.93
CA LEU A 345 -13.44 -25.99 -30.53
C LEU A 345 -14.03 -26.05 -31.93
N GLU A 346 -15.25 -25.55 -32.11
CA GLU A 346 -15.93 -25.71 -33.40
C GLU A 346 -15.06 -25.17 -34.54
N ALA A 347 -14.59 -23.93 -34.41
CA ALA A 347 -13.76 -23.35 -35.47
C ALA A 347 -12.62 -24.26 -35.84
N MET A 348 -11.98 -24.89 -34.84
CA MET A 348 -10.85 -25.77 -35.14
C MET A 348 -11.27 -26.81 -36.17
N VAL A 349 -12.37 -27.51 -35.92
CA VAL A 349 -12.84 -28.49 -36.90
C VAL A 349 -13.14 -27.79 -38.22
N LEU A 350 -13.87 -26.67 -38.17
CA LEU A 350 -14.18 -25.94 -39.39
C LEU A 350 -12.90 -25.47 -40.08
N VAL A 351 -11.82 -25.31 -39.30
CA VAL A 351 -10.52 -25.04 -39.92
C VAL A 351 -9.94 -26.34 -40.48
N PHE A 352 -9.89 -27.39 -39.66
CA PHE A 352 -9.26 -28.62 -40.11
C PHE A 352 -9.83 -29.06 -41.46
N ILE A 353 -11.15 -29.10 -41.57
CA ILE A 353 -11.77 -29.56 -42.81
C ILE A 353 -11.26 -28.75 -44.00
N VAL A 354 -11.26 -27.43 -43.88
CA VAL A 354 -10.85 -26.62 -45.03
C VAL A 354 -9.38 -26.91 -45.37
N MET A 355 -8.55 -27.13 -44.34
CA MET A 355 -7.20 -27.57 -44.62
C MET A 355 -7.22 -28.88 -45.40
N TYR A 356 -7.96 -29.87 -44.91
CA TYR A 356 -8.06 -31.14 -45.63
C TYR A 356 -8.74 -30.93 -46.97
N LEU A 357 -9.47 -29.83 -47.12
CA LEU A 357 -10.13 -29.56 -48.40
C LEU A 357 -9.13 -29.07 -49.43
N PHE A 358 -8.04 -28.44 -48.98
CA PHE A 358 -7.07 -27.84 -49.89
C PHE A 358 -5.78 -28.65 -49.99
N LEU A 359 -5.19 -29.03 -48.85
CA LEU A 359 -3.89 -29.67 -48.87
C LEU A 359 -3.99 -31.11 -49.40
N HIS A 360 -5.17 -31.72 -49.26
CA HIS A 360 -5.53 -33.03 -49.80
C HIS A 360 -4.94 -34.19 -49.00
N ASN A 361 -4.17 -33.92 -47.94
CA ASN A 361 -3.60 -34.99 -47.13
C ASN A 361 -3.68 -34.60 -45.67
N VAL A 362 -3.68 -35.61 -44.79
CA VAL A 362 -3.96 -35.38 -43.38
C VAL A 362 -2.80 -34.64 -42.70
N ARG A 363 -1.57 -34.94 -43.09
CA ARG A 363 -0.42 -34.44 -42.33
C ARG A 363 -0.30 -32.93 -42.44
N TYR A 364 -0.51 -32.37 -43.64
CA TYR A 364 -0.47 -30.92 -43.79
C TYR A 364 -1.47 -30.25 -42.86
N THR A 365 -2.65 -30.86 -42.69
CA THR A 365 -3.62 -30.34 -41.74
C THR A 365 -3.17 -30.61 -40.31
N LEU A 366 -2.30 -31.60 -40.12
CA LEU A 366 -1.85 -31.94 -38.77
C LEU A 366 -0.88 -30.90 -38.22
N ILE A 367 0.10 -30.47 -39.02
CA ILE A 367 1.11 -29.46 -38.59
C ILE A 367 0.44 -28.27 -37.88
N PRO A 368 -0.51 -27.54 -38.51
CA PRO A 368 -1.09 -26.39 -37.82
C PRO A 368 -2.12 -26.73 -36.76
N ALA A 369 -2.70 -27.93 -36.78
CA ALA A 369 -3.53 -28.38 -35.67
C ALA A 369 -2.68 -28.63 -34.43
N ILE A 370 -1.43 -29.02 -34.64
CA ILE A 370 -0.47 -29.08 -33.53
C ILE A 370 -0.06 -27.68 -33.10
N VAL A 371 0.16 -26.79 -34.08
CA VAL A 371 0.70 -25.47 -33.76
C VAL A 371 -0.27 -24.64 -32.94
N ALA A 372 -1.55 -24.56 -33.35
CA ALA A 372 -2.47 -23.64 -32.68
C ALA A 372 -2.63 -23.95 -31.20
N PRO A 373 -2.89 -25.20 -30.78
CA PRO A 373 -3.05 -25.45 -29.34
C PRO A 373 -1.85 -25.04 -28.51
N ILE A 374 -0.66 -25.21 -29.02
CA ILE A 374 0.50 -24.92 -28.15
C ILE A 374 0.73 -23.42 -28.16
N ALA A 375 0.30 -22.61 -29.14
CA ALA A 375 0.28 -21.15 -29.04
C ALA A 375 -0.75 -20.70 -28.02
N LEU A 376 -1.94 -21.30 -28.03
CA LEU A 376 -2.96 -20.94 -27.04
C LEU A 376 -2.50 -21.29 -25.63
N LEU A 377 -1.82 -22.44 -25.49
CA LEU A 377 -1.28 -22.89 -24.18
C LEU A 377 -0.28 -21.85 -23.69
N GLY A 378 0.62 -21.38 -24.53
CA GLY A 378 1.55 -20.34 -24.14
C GLY A 378 0.85 -19.04 -23.77
N THR A 379 -0.20 -18.70 -24.53
CA THR A 379 -1.01 -17.53 -24.17
C THR A 379 -1.59 -17.67 -22.78
N PHE A 380 -1.98 -18.89 -22.40
CA PHE A 380 -2.55 -19.10 -21.07
C PHE A 380 -1.56 -18.74 -19.97
N THR A 381 -0.32 -19.22 -20.08
CA THR A 381 0.68 -18.90 -19.07
C THR A 381 1.06 -17.42 -19.12
N VAL A 382 1.04 -16.82 -20.31
CA VAL A 382 1.29 -15.38 -20.40
C VAL A 382 0.23 -14.62 -19.64
N MET A 383 -1.04 -15.02 -19.80
CA MET A 383 -2.12 -14.40 -19.03
C MET A 383 -1.92 -14.61 -17.54
N LEU A 384 -1.53 -15.82 -17.13
CA LEU A 384 -1.31 -16.08 -15.71
C LEU A 384 -0.24 -15.15 -15.15
N LEU A 385 0.87 -14.98 -15.87
CA LEU A 385 1.91 -14.06 -15.42
C LEU A 385 1.39 -12.63 -15.36
N ALA A 386 0.63 -12.23 -16.39
CA ALA A 386 0.08 -10.87 -16.41
C ALA A 386 -1.00 -10.71 -15.35
N GLY A 387 -1.81 -11.73 -15.12
CA GLY A 387 -2.86 -11.68 -14.14
C GLY A 387 -4.26 -11.79 -14.74
N PHE A 388 -4.33 -11.96 -16.06
CA PHE A 388 -5.62 -12.09 -16.73
C PHE A 388 -6.22 -13.46 -16.45
N SER A 389 -7.55 -13.54 -16.58
CA SER A 389 -8.31 -14.72 -16.23
C SER A 389 -9.06 -15.23 -17.46
N ILE A 390 -9.68 -16.40 -17.29
CA ILE A 390 -10.52 -16.99 -18.34
C ILE A 390 -11.87 -16.31 -18.27
N ASN A 391 -12.14 -15.41 -19.20
CA ASN A 391 -13.43 -14.73 -19.28
C ASN A 391 -13.88 -14.71 -20.74
N VAL A 392 -15.17 -14.43 -20.93
CA VAL A 392 -15.78 -14.59 -22.26
C VAL A 392 -15.06 -13.73 -23.28
N LEU A 393 -14.57 -12.55 -22.88
CA LEU A 393 -13.90 -11.67 -23.84
C LEU A 393 -12.60 -12.28 -24.32
N THR A 394 -11.84 -12.82 -23.38
CA THR A 394 -10.55 -13.47 -23.67
C THR A 394 -10.80 -14.78 -24.43
N MET A 395 -11.90 -15.49 -24.29
CA MET A 395 -12.27 -16.66 -25.08
C MET A 395 -12.67 -16.24 -26.50
N PHE A 396 -13.40 -15.14 -26.63
CA PHE A 396 -13.75 -14.64 -27.96
C PHE A 396 -12.51 -14.19 -28.72
N GLY A 397 -11.57 -13.56 -28.01
CA GLY A 397 -10.31 -13.19 -28.64
C GLY A 397 -9.57 -14.39 -29.17
N MET A 398 -9.52 -15.48 -28.39
CA MET A 398 -8.90 -16.71 -28.85
C MET A 398 -9.66 -17.32 -30.03
N VAL A 399 -10.99 -17.29 -29.99
CA VAL A 399 -11.78 -17.77 -31.12
C VAL A 399 -11.40 -17.00 -32.39
N LEU A 400 -11.28 -15.68 -32.28
CA LEU A 400 -10.85 -14.88 -33.42
C LEU A 400 -9.45 -15.26 -33.85
N ALA A 401 -8.54 -15.47 -32.88
CA ALA A 401 -7.14 -15.72 -33.21
C ALA A 401 -6.92 -17.11 -33.76
N ILE A 402 -7.92 -18.00 -33.67
CA ILE A 402 -7.77 -19.33 -34.24
C ILE A 402 -7.38 -19.24 -35.72
N GLY A 403 -8.06 -18.37 -36.47
CA GLY A 403 -7.77 -18.25 -37.88
C GLY A 403 -6.39 -17.70 -38.17
N ILE A 404 -5.99 -16.67 -37.43
CA ILE A 404 -4.71 -16.01 -37.70
C ILE A 404 -3.54 -16.91 -37.27
N ILE A 405 -3.70 -17.66 -36.19
CA ILE A 405 -2.60 -18.45 -35.65
C ILE A 405 -2.10 -19.43 -36.69
N VAL A 406 -3.01 -20.12 -37.38
CA VAL A 406 -2.62 -21.11 -38.38
C VAL A 406 -1.96 -20.50 -39.60
N ASP A 407 -2.07 -19.19 -39.79
CA ASP A 407 -1.53 -18.57 -41.01
C ASP A 407 -0.02 -18.78 -41.11
N ASP A 408 0.71 -18.58 -40.02
CA ASP A 408 2.15 -18.71 -40.04
C ASP A 408 2.61 -20.11 -40.43
N ALA A 409 1.80 -21.14 -40.13
CA ALA A 409 2.08 -22.48 -40.60
C ALA A 409 1.40 -22.80 -41.92
N ILE A 410 0.26 -22.16 -42.22
CA ILE A 410 -0.38 -22.34 -43.51
C ILE A 410 0.55 -21.92 -44.64
N VAL A 411 1.22 -20.78 -44.49
CA VAL A 411 2.11 -20.34 -45.56
C VAL A 411 3.23 -21.35 -45.79
N VAL A 412 3.82 -21.85 -44.70
CA VAL A 412 4.94 -22.78 -44.82
C VAL A 412 4.49 -24.08 -45.48
N VAL A 413 3.35 -24.64 -45.03
CA VAL A 413 2.89 -25.91 -45.59
C VAL A 413 2.53 -25.74 -47.06
N GLU A 414 1.86 -24.63 -47.40
CA GLU A 414 1.51 -24.37 -48.79
C GLU A 414 2.76 -24.26 -49.64
N ASN A 415 3.78 -23.54 -49.16
CA ASN A 415 4.99 -23.37 -49.93
C ASN A 415 5.72 -24.70 -50.13
N VAL A 416 5.82 -25.52 -49.08
CA VAL A 416 6.51 -26.78 -49.24
C VAL A 416 5.76 -27.69 -50.23
N GLU A 417 4.43 -27.75 -50.12
CA GLU A 417 3.67 -28.54 -51.06
C GLU A 417 3.91 -28.06 -52.49
N ARG A 418 3.81 -26.74 -52.71
CA ARG A 418 4.03 -26.18 -54.04
C ARG A 418 5.43 -26.51 -54.56
N ILE A 419 6.43 -26.40 -53.70
CA ILE A 419 7.81 -26.55 -54.15
C ILE A 419 8.11 -28.01 -54.49
N MET A 420 7.65 -28.95 -53.66
CA MET A 420 7.82 -30.36 -54.03
C MET A 420 7.06 -30.69 -55.30
N ALA A 421 5.86 -30.12 -55.47
CA ALA A 421 5.11 -30.37 -56.70
C ALA A 421 5.87 -29.85 -57.92
N THR A 422 6.47 -28.67 -57.80
CA THR A 422 7.10 -28.02 -58.96
C THR A 422 8.45 -28.67 -59.29
N GLU A 423 9.33 -28.82 -58.30
CA GLU A 423 10.68 -29.29 -58.53
C GLU A 423 10.90 -30.73 -58.14
N GLY A 424 9.92 -31.40 -57.58
CA GLY A 424 10.11 -32.78 -57.13
C GLY A 424 11.20 -32.92 -56.10
N LEU A 425 11.50 -31.86 -55.36
CA LEU A 425 12.55 -31.90 -54.36
C LEU A 425 12.12 -32.75 -53.17
N SER A 426 13.12 -33.22 -52.42
CA SER A 426 12.85 -33.95 -51.20
C SER A 426 12.24 -33.01 -50.15
N PRO A 427 11.51 -33.55 -49.18
CA PRO A 427 10.90 -32.67 -48.17
C PRO A 427 11.92 -31.77 -47.47
N LYS A 428 13.11 -32.29 -47.19
CA LYS A 428 14.10 -31.48 -46.49
C LYS A 428 14.57 -30.30 -47.34
N ASP A 429 14.94 -30.56 -48.60
CA ASP A 429 15.40 -29.49 -49.47
C ASP A 429 14.28 -28.50 -49.75
N ALA A 430 13.07 -29.02 -49.99
CA ALA A 430 11.93 -28.15 -50.27
C ALA A 430 11.67 -27.22 -49.08
N THR A 431 11.69 -27.78 -47.87
CA THR A 431 11.53 -26.95 -46.68
C THR A 431 12.65 -25.95 -46.53
N SER A 432 13.89 -26.37 -46.81
CA SER A 432 15.04 -25.48 -46.66
C SER A 432 14.89 -24.26 -47.56
N LYS A 433 14.49 -24.47 -48.82
CA LYS A 433 14.36 -23.35 -49.74
C LYS A 433 13.09 -22.54 -49.45
N ALA A 434 12.03 -23.21 -49.02
CA ALA A 434 10.79 -22.52 -48.68
C ALA A 434 10.99 -21.58 -47.50
N MET A 435 11.80 -22.00 -46.52
CA MET A 435 12.05 -21.13 -45.37
C MET A 435 12.75 -19.85 -45.82
N LYS A 436 13.75 -19.96 -46.69
CA LYS A 436 14.40 -18.77 -47.21
C LYS A 436 13.42 -17.91 -47.98
N GLU A 437 12.52 -18.53 -48.76
CA GLU A 437 11.57 -17.76 -49.55
C GLU A 437 10.56 -17.03 -48.67
N ILE A 438 10.18 -17.61 -47.57
CA ILE A 438 9.05 -17.17 -46.73
C ILE A 438 9.40 -16.41 -45.48
N THR A 439 10.57 -16.52 -44.97
CA THR A 439 10.86 -15.98 -43.65
C THR A 439 10.43 -14.51 -43.53
N SER A 440 10.80 -13.69 -44.49
CA SER A 440 10.54 -12.25 -44.40
C SER A 440 9.03 -11.97 -44.36
N PRO A 441 8.22 -12.57 -45.24
CA PRO A 441 6.77 -12.34 -45.13
C PRO A 441 6.22 -12.66 -43.75
N ILE A 442 6.65 -13.77 -43.15
CA ILE A 442 6.11 -14.17 -41.85
C ILE A 442 6.48 -13.13 -40.79
N ILE A 443 7.74 -12.69 -40.78
CA ILE A 443 8.17 -11.71 -39.80
C ILE A 443 7.41 -10.41 -39.98
N GLY A 444 7.27 -9.94 -41.22
CA GLY A 444 6.56 -8.70 -41.46
C GLY A 444 5.12 -8.77 -41.01
N ILE A 445 4.42 -9.85 -41.39
CA ILE A 445 3.03 -10.00 -40.98
C ILE A 445 2.93 -10.06 -39.46
N THR A 446 3.81 -10.82 -38.81
CA THR A 446 3.74 -10.95 -37.35
C THR A 446 3.91 -9.60 -36.68
N LEU A 447 4.96 -8.86 -37.06
CA LEU A 447 5.20 -7.56 -36.44
C LEU A 447 4.03 -6.61 -36.70
N VAL A 448 3.54 -6.54 -37.93
CA VAL A 448 2.46 -5.62 -38.23
C VAL A 448 1.21 -5.97 -37.43
N LEU A 449 0.82 -7.25 -37.44
CA LEU A 449 -0.39 -7.66 -36.74
C LEU A 449 -0.27 -7.41 -35.25
N ALA A 450 0.89 -7.72 -34.67
CA ALA A 450 1.08 -7.47 -33.24
C ALA A 450 1.01 -5.98 -32.93
N ALA A 451 1.54 -5.15 -33.84
CA ALA A 451 1.56 -3.71 -33.60
C ALA A 451 0.16 -3.10 -33.71
N VAL A 452 -0.68 -3.65 -34.58
CA VAL A 452 -1.99 -3.03 -34.82
C VAL A 452 -2.80 -2.96 -33.53
N PHE A 453 -2.79 -4.04 -32.75
CA PHE A 453 -3.65 -4.10 -31.57
C PHE A 453 -3.09 -3.27 -30.41
N LEU A 454 -1.78 -3.06 -30.36
CA LEU A 454 -1.18 -2.45 -29.16
C LEU A 454 -1.81 -1.12 -28.79
N PRO A 455 -2.05 -0.18 -29.71
CA PRO A 455 -2.62 1.11 -29.29
C PRO A 455 -3.93 0.97 -28.52
N MET A 456 -4.83 0.08 -28.95
CA MET A 456 -6.13 -0.14 -28.27
C MET A 456 -5.88 -0.41 -26.78
N ALA A 457 -4.87 -1.20 -26.44
CA ALA A 457 -4.61 -1.56 -25.05
C ALA A 457 -4.28 -0.36 -24.18
N PHE A 458 -3.91 0.77 -24.78
CA PHE A 458 -3.54 1.97 -24.03
C PHE A 458 -4.69 2.98 -23.96
N ALA A 459 -5.90 2.55 -24.33
CA ALA A 459 -7.07 3.41 -24.18
C ALA A 459 -7.42 3.56 -22.70
N SER A 460 -8.50 4.30 -22.44
CA SER A 460 -8.94 4.59 -21.08
C SER A 460 -10.41 4.19 -20.92
N GLY A 461 -10.77 3.84 -19.70
CA GLY A 461 -12.15 3.48 -19.40
C GLY A 461 -12.38 1.99 -19.49
N SER A 462 -13.66 1.62 -19.31
CA SER A 462 -14.05 0.22 -19.42
C SER A 462 -13.75 -0.33 -20.80
N VAL A 463 -14.01 0.48 -21.84
CA VAL A 463 -13.63 0.09 -23.19
C VAL A 463 -12.14 -0.20 -23.25
N GLY A 464 -11.34 0.53 -22.47
CA GLY A 464 -9.91 0.26 -22.44
C GLY A 464 -9.61 -1.14 -21.96
N VAL A 465 -10.25 -1.57 -20.88
CA VAL A 465 -10.03 -2.93 -20.37
C VAL A 465 -10.51 -3.96 -21.38
N ILE A 466 -11.69 -3.72 -21.96
CA ILE A 466 -12.24 -4.66 -22.94
C ILE A 466 -11.29 -4.83 -24.11
N TYR A 467 -10.75 -3.71 -24.61
CA TYR A 467 -9.77 -3.78 -25.68
C TYR A 467 -8.50 -4.47 -25.22
N LYS A 468 -8.09 -4.24 -23.96
CA LYS A 468 -6.84 -4.80 -23.47
C LYS A 468 -6.88 -6.32 -23.45
N GLN A 469 -8.00 -6.90 -23.03
CA GLN A 469 -8.09 -8.36 -23.07
C GLN A 469 -7.83 -8.89 -24.47
N PHE A 470 -8.51 -8.32 -25.47
CA PHE A 470 -8.32 -8.78 -26.85
C PHE A 470 -6.89 -8.54 -27.32
N THR A 471 -6.32 -7.37 -26.98
CA THR A 471 -4.96 -7.07 -27.42
C THR A 471 -3.98 -8.11 -26.88
N LEU A 472 -4.06 -8.41 -25.59
CA LEU A 472 -3.22 -9.47 -25.03
C LEU A 472 -3.46 -10.78 -25.78
N THR A 473 -4.70 -11.26 -25.77
CA THR A 473 -4.98 -12.60 -26.28
C THR A 473 -4.59 -12.77 -27.74
N MET A 474 -4.63 -11.69 -28.53
CA MET A 474 -4.27 -11.82 -29.93
C MET A 474 -2.78 -11.55 -30.18
N SER A 475 -2.22 -10.50 -29.59
CA SER A 475 -0.81 -10.20 -29.84
C SER A 475 0.09 -11.33 -29.35
N VAL A 476 -0.10 -11.77 -28.10
CA VAL A 476 0.79 -12.81 -27.58
C VAL A 476 0.57 -14.11 -28.33
N SER A 477 -0.68 -14.41 -28.66
CA SER A 477 -0.98 -15.64 -29.40
C SER A 477 -0.32 -15.61 -30.78
N ILE A 478 -0.36 -14.47 -31.46
CA ILE A 478 0.23 -14.36 -32.78
C ILE A 478 1.75 -14.46 -32.70
N LEU A 479 2.35 -13.84 -31.68
CA LEU A 479 3.82 -13.93 -31.48
C LEU A 479 4.21 -15.38 -31.21
N PHE A 480 3.49 -16.11 -30.36
CA PHE A 480 3.76 -17.56 -30.18
C PHE A 480 3.62 -18.24 -31.52
N SER A 481 2.51 -18.05 -32.25
CA SER A 481 2.31 -18.74 -33.51
C SER A 481 3.47 -18.50 -34.45
N ALA A 482 3.95 -17.26 -34.51
CA ALA A 482 5.08 -16.94 -35.39
C ALA A 482 6.33 -17.70 -34.97
N LEU A 483 6.64 -17.71 -33.67
CA LEU A 483 7.88 -18.37 -33.25
C LEU A 483 7.80 -19.88 -33.41
N LEU A 484 6.61 -20.47 -33.22
CA LEU A 484 6.43 -21.87 -33.59
C LEU A 484 6.60 -22.08 -35.08
N ALA A 485 6.07 -21.18 -35.90
CA ALA A 485 6.21 -21.30 -37.34
C ALA A 485 7.68 -21.26 -37.75
N LEU A 486 8.49 -20.51 -36.99
CA LEU A 486 9.92 -20.45 -37.29
C LEU A 486 10.69 -21.55 -36.57
N ILE A 487 10.08 -22.20 -35.58
CA ILE A 487 10.78 -23.17 -34.75
C ILE A 487 10.33 -24.59 -35.07
N LEU A 488 9.03 -24.86 -34.85
CA LEU A 488 8.54 -26.23 -34.89
C LEU A 488 8.17 -26.66 -36.31
N THR A 489 7.37 -25.85 -37.00
CA THR A 489 6.86 -26.25 -38.31
C THR A 489 7.96 -26.60 -39.30
N PRO A 490 9.11 -25.93 -39.33
CA PRO A 490 10.17 -26.39 -40.25
C PRO A 490 10.62 -27.81 -39.96
N ALA A 491 10.84 -28.14 -38.69
CA ALA A 491 11.23 -29.50 -38.35
C ALA A 491 10.14 -30.49 -38.69
N LEU A 492 8.88 -30.13 -38.42
CA LEU A 492 7.78 -31.03 -38.76
C LEU A 492 7.72 -31.28 -40.26
N CYS A 493 7.82 -30.22 -41.07
CA CYS A 493 7.78 -30.39 -42.51
C CYS A 493 9.01 -31.12 -43.03
N ALA A 494 10.09 -31.12 -42.24
CA ALA A 494 11.25 -31.92 -42.61
C ALA A 494 11.02 -33.40 -42.31
N THR A 495 10.39 -33.71 -41.18
CA THR A 495 10.31 -35.08 -40.67
C THR A 495 8.98 -35.75 -40.97
N ILE A 496 7.86 -35.19 -40.51
CA ILE A 496 6.57 -35.86 -40.59
C ILE A 496 5.88 -35.51 -41.91
N LEU A 497 6.61 -34.89 -42.84
CA LEU A 497 6.03 -34.63 -44.18
C LEU A 497 6.55 -35.73 -45.10
N LYS A 498 5.71 -36.65 -45.49
CA LYS A 498 6.10 -37.83 -46.26
C LYS A 498 6.55 -37.42 -47.67
N PRO A 499 7.64 -37.98 -48.18
CA PRO A 499 8.04 -37.69 -49.57
C PRO A 499 6.96 -38.14 -50.54
N ILE A 500 6.83 -37.38 -51.63
CA ILE A 500 5.86 -37.70 -52.67
C ILE A 500 6.48 -37.50 -54.05
N GLY A 508 -10.09 -38.40 -57.14
CA GLY A 508 -11.48 -38.28 -57.57
C GLY A 508 -12.06 -36.91 -57.27
N PHE A 509 -12.75 -36.81 -56.13
CA PHE A 509 -13.34 -35.54 -55.72
C PHE A 509 -12.27 -34.48 -55.50
N PHE A 510 -11.17 -34.87 -54.85
CA PHE A 510 -10.09 -33.91 -54.59
C PHE A 510 -9.49 -33.41 -55.90
N ALA A 511 -9.40 -34.28 -56.91
CA ALA A 511 -8.93 -33.84 -58.22
C ALA A 511 -9.88 -32.80 -58.82
N TRP A 512 -11.18 -33.01 -58.68
CA TRP A 512 -12.14 -32.03 -59.17
C TRP A 512 -11.95 -30.70 -58.46
N PHE A 513 -11.75 -30.74 -57.13
CA PHE A 513 -11.50 -29.51 -56.39
C PHE A 513 -10.23 -28.82 -56.87
N ASP A 514 -9.16 -29.58 -57.08
CA ASP A 514 -7.90 -28.99 -57.52
C ASP A 514 -8.05 -28.32 -58.88
N ARG A 515 -8.73 -28.99 -59.82
CA ARG A 515 -8.89 -28.40 -61.14
C ARG A 515 -9.85 -27.22 -61.10
N SER A 516 -10.83 -27.25 -60.19
CA SER A 516 -11.72 -26.11 -60.03
C SER A 516 -10.96 -24.89 -59.54
N PHE A 517 -10.05 -25.08 -58.59
CA PHE A 517 -9.26 -23.94 -58.12
C PHE A 517 -8.21 -23.53 -59.15
N ASP A 518 -7.75 -24.45 -59.98
CA ASP A 518 -6.91 -24.07 -61.12
C ASP A 518 -7.68 -23.18 -62.09
N LYS A 519 -8.95 -23.53 -62.35
CA LYS A 519 -9.81 -22.67 -63.16
C LYS A 519 -10.00 -21.32 -62.52
N VAL A 520 -10.20 -21.30 -61.20
CA VAL A 520 -10.30 -20.04 -60.47
C VAL A 520 -9.05 -19.20 -60.70
N THR A 521 -7.88 -19.83 -60.62
CA THR A 521 -6.63 -19.10 -60.78
C THR A 521 -6.49 -18.52 -62.19
N LYS A 522 -6.79 -19.31 -63.22
CA LYS A 522 -6.65 -18.79 -64.58
C LYS A 522 -7.65 -17.68 -64.85
N LYS A 523 -8.90 -17.84 -64.38
CA LYS A 523 -9.86 -16.75 -64.53
C LYS A 523 -9.40 -15.51 -63.77
N TYR A 524 -8.79 -15.70 -62.61
CA TYR A 524 -8.29 -14.57 -61.83
C TYR A 524 -7.22 -13.81 -62.61
N GLU A 525 -6.27 -14.53 -63.21
CA GLU A 525 -5.26 -13.87 -64.03
C GLU A 525 -5.90 -13.14 -65.21
N LEU A 526 -6.83 -13.80 -65.90
CA LEU A 526 -7.42 -13.22 -67.09
C LEU A 526 -8.15 -11.92 -66.74
N MET A 527 -8.89 -11.92 -65.63
CA MET A 527 -9.62 -10.71 -65.24
C MET A 527 -8.66 -9.67 -64.65
N LEU A 528 -7.57 -10.12 -64.02
CA LEU A 528 -6.59 -9.17 -63.49
C LEU A 528 -6.00 -8.35 -64.62
N LEU A 529 -5.67 -8.99 -65.74
CA LEU A 529 -5.19 -8.24 -66.90
C LEU A 529 -6.24 -7.24 -67.38
N LYS A 530 -7.49 -7.71 -67.50
CA LYS A 530 -8.55 -6.89 -68.08
C LYS A 530 -8.89 -5.71 -67.17
N ILE A 531 -8.58 -5.81 -65.88
CA ILE A 531 -8.84 -4.68 -64.98
C ILE A 531 -7.61 -3.79 -64.88
N ILE A 532 -6.40 -4.36 -64.97
CA ILE A 532 -5.20 -3.55 -64.85
C ILE A 532 -4.96 -2.71 -66.11
N LYS A 533 -5.55 -3.09 -67.24
CA LYS A 533 -5.57 -2.15 -68.36
C LYS A 533 -6.36 -0.90 -67.99
N HIS A 534 -7.46 -1.06 -67.26
CA HIS A 534 -8.26 0.06 -66.77
C HIS A 534 -7.87 0.43 -65.33
N THR A 535 -6.66 0.97 -65.15
CA THR A 535 -6.20 1.29 -63.80
C THR A 535 -6.92 2.50 -63.24
N VAL A 536 -7.04 3.58 -64.01
CA VAL A 536 -7.67 4.80 -63.51
C VAL A 536 -9.15 4.59 -63.20
N PRO A 537 -9.94 3.90 -64.04
CA PRO A 537 -11.30 3.59 -63.62
C PRO A 537 -11.36 2.84 -62.30
N MET A 538 -10.44 1.90 -62.09
CA MET A 538 -10.43 1.16 -60.82
C MET A 538 -10.08 2.09 -59.66
N MET A 539 -9.17 3.03 -59.87
CA MET A 539 -8.83 3.97 -58.80
C MET A 539 -10.02 4.86 -58.45
N VAL A 540 -10.76 5.33 -59.45
CA VAL A 540 -11.93 6.16 -59.15
C VAL A 540 -13.00 5.32 -58.45
N ILE A 541 -13.13 4.05 -58.84
CA ILE A 541 -14.02 3.15 -58.11
C ILE A 541 -13.58 3.04 -56.65
N PHE A 542 -12.27 2.94 -56.41
CA PHE A 542 -11.77 2.90 -55.06
C PHE A 542 -12.13 4.18 -54.31
N LEU A 543 -12.00 5.33 -54.98
CA LEU A 543 -12.36 6.60 -54.34
C LEU A 543 -13.83 6.60 -53.92
N VAL A 544 -14.73 6.18 -54.81
CA VAL A 544 -16.15 6.22 -54.47
C VAL A 544 -16.45 5.21 -53.36
N ILE A 545 -15.79 4.04 -53.39
CA ILE A 545 -15.99 3.05 -52.32
C ILE A 545 -15.55 3.64 -50.98
N THR A 546 -14.40 4.31 -50.95
CA THR A 546 -13.94 4.92 -49.71
C THR A 546 -14.93 5.99 -49.23
N GLY A 547 -15.45 6.79 -50.16
CA GLY A 547 -16.44 7.79 -49.78
C GLY A 547 -17.68 7.16 -49.15
N ILE A 548 -18.18 6.09 -49.78
CA ILE A 548 -19.36 5.41 -49.25
C ILE A 548 -19.07 4.82 -47.88
N THR A 549 -17.88 4.22 -47.71
CA THR A 549 -17.53 3.66 -46.41
C THR A 549 -17.51 4.74 -45.33
N PHE A 550 -16.88 5.88 -45.63
CA PHE A 550 -16.82 6.96 -44.64
C PHE A 550 -18.22 7.46 -44.31
N ALA A 551 -19.05 7.67 -45.32
CA ALA A 551 -20.41 8.16 -45.09
C ALA A 551 -21.19 7.18 -44.23
N GLY A 552 -21.11 5.89 -44.55
CA GLY A 552 -21.83 4.90 -43.78
C GLY A 552 -21.35 4.80 -42.35
N MET A 553 -20.04 4.82 -42.14
CA MET A 553 -19.50 4.73 -40.79
C MET A 553 -19.92 5.94 -39.97
N LYS A 554 -19.90 7.14 -40.56
CA LYS A 554 -20.33 8.32 -39.82
C LYS A 554 -21.84 8.27 -39.54
N TYR A 555 -22.61 7.81 -40.48
CA TYR A 555 -24.08 7.89 -40.32
C TYR A 555 -24.62 6.86 -39.36
N TRP A 556 -24.31 5.58 -39.53
CA TRP A 556 -24.98 4.54 -38.69
C TRP A 556 -24.88 4.81 -37.20
N PRO A 557 -25.94 4.50 -36.44
CA PRO A 557 -25.97 4.72 -34.98
C PRO A 557 -24.83 4.01 -34.28
N THR A 558 -24.71 4.27 -32.98
CA THR A 558 -23.68 3.70 -32.14
C THR A 558 -24.27 3.24 -30.81
N ALA A 559 -23.62 2.26 -30.19
CA ALA A 559 -24.04 1.73 -28.89
C ALA A 559 -22.82 1.17 -28.19
N PHE A 560 -22.95 0.95 -26.88
CA PHE A 560 -21.84 0.41 -26.10
C PHE A 560 -21.80 -1.11 -26.17
N MET A 561 -22.84 -1.77 -25.66
CA MET A 561 -22.91 -3.22 -25.60
C MET A 561 -24.32 -3.65 -26.01
N PRO A 562 -24.46 -4.86 -26.56
CA PRO A 562 -25.81 -5.36 -26.87
C PRO A 562 -26.47 -6.03 -25.67
N GLU A 563 -27.75 -5.75 -25.46
CA GLU A 563 -28.48 -6.34 -24.34
C GLU A 563 -28.66 -7.84 -24.57
N GLU A 564 -28.89 -8.56 -23.47
CA GLU A 564 -29.07 -10.00 -23.52
C GLU A 564 -29.99 -10.46 -22.40
N ASP A 565 -30.56 -11.63 -22.60
CA ASP A 565 -31.47 -12.25 -21.64
C ASP A 565 -30.65 -13.18 -20.75
N GLN A 566 -30.62 -12.88 -19.45
CA GLN A 566 -29.85 -13.66 -18.49
C GLN A 566 -30.73 -14.53 -17.60
N GLY A 567 -32.01 -14.69 -17.94
CA GLY A 567 -32.91 -15.56 -17.23
C GLY A 567 -33.75 -14.87 -16.17
N TRP A 568 -33.44 -13.61 -15.84
CA TRP A 568 -34.16 -12.88 -14.81
C TRP A 568 -34.39 -11.45 -15.27
N PHE A 569 -35.49 -10.85 -14.80
CA PHE A 569 -35.76 -9.43 -15.01
C PHE A 569 -36.25 -8.83 -13.71
N MET A 570 -36.25 -7.50 -13.65
CA MET A 570 -36.42 -6.73 -12.43
C MET A 570 -37.70 -5.90 -12.54
N THR A 571 -38.63 -6.08 -11.60
CA THR A 571 -39.75 -5.17 -11.50
C THR A 571 -39.55 -4.20 -10.34
N SER A 572 -39.68 -2.91 -10.64
CA SER A 572 -39.59 -1.87 -9.63
C SER A 572 -40.95 -1.22 -9.44
N PHE A 573 -41.32 -1.06 -8.17
CA PHE A 573 -42.55 -0.42 -7.74
C PHE A 573 -42.23 0.90 -7.05
N GLN A 574 -43.02 1.93 -7.37
CA GLN A 574 -42.94 3.19 -6.65
C GLN A 574 -44.33 3.83 -6.59
N LEU A 575 -45.02 3.66 -5.47
CA LEU A 575 -46.34 4.22 -5.32
C LEU A 575 -46.23 5.70 -4.96
N PRO A 576 -47.29 6.48 -5.21
CA PRO A 576 -47.27 7.89 -4.82
C PRO A 576 -47.02 8.04 -3.33
N SER A 577 -46.27 9.07 -2.96
CA SER A 577 -45.90 9.28 -1.57
C SER A 577 -47.15 9.30 -0.69
N ASP A 578 -46.93 9.01 0.60
CA ASP A 578 -47.94 8.93 1.66
C ASP A 578 -48.75 7.65 1.59
N ALA A 579 -48.27 6.61 0.91
CA ALA A 579 -48.95 5.33 0.81
C ALA A 579 -48.38 4.36 1.83
N THR A 580 -49.25 3.55 2.43
CA THR A 580 -48.84 2.61 3.45
C THR A 580 -48.24 1.36 2.80
N ALA A 581 -47.76 0.45 3.65
CA ALA A 581 -47.20 -0.80 3.15
C ALA A 581 -48.28 -1.74 2.65
N GLU A 582 -49.51 -1.61 3.16
CA GLU A 582 -50.60 -2.46 2.67
C GLU A 582 -50.89 -2.19 1.20
N ARG A 583 -50.87 -0.92 0.80
CA ARG A 583 -51.10 -0.59 -0.61
C ARG A 583 -49.99 -1.16 -1.49
N THR A 584 -48.74 -1.08 -1.03
CA THR A 584 -47.64 -1.70 -1.76
C THR A 584 -47.84 -3.20 -1.88
N ARG A 585 -48.28 -3.85 -0.80
CA ARG A 585 -48.52 -5.29 -0.84
C ARG A 585 -49.62 -5.64 -1.83
N ASN A 586 -50.70 -4.86 -1.85
CA ASN A 586 -51.79 -5.13 -2.79
C ASN A 586 -51.31 -4.95 -4.23
N VAL A 587 -50.53 -3.90 -4.48
CA VAL A 587 -50.02 -3.68 -5.83
C VAL A 587 -49.11 -4.82 -6.26
N VAL A 588 -48.20 -5.23 -5.38
CA VAL A 588 -47.29 -6.32 -5.72
C VAL A 588 -48.06 -7.61 -5.90
N ASN A 589 -49.16 -7.77 -5.18
CA ASN A 589 -50.01 -8.95 -5.35
C ASN A 589 -50.66 -8.97 -6.72
N GLN A 590 -51.07 -7.80 -7.21
CA GLN A 590 -51.60 -7.73 -8.57
C GLN A 590 -50.58 -8.26 -9.58
N PHE A 591 -49.33 -7.81 -9.48
CA PHE A 591 -48.26 -8.29 -10.34
C PHE A 591 -48.01 -9.79 -10.15
N GLU A 592 -48.01 -10.27 -8.92
CA GLU A 592 -47.83 -11.69 -8.68
C GLU A 592 -48.91 -12.50 -9.38
N ASN A 593 -50.17 -12.08 -9.25
CA ASN A 593 -51.28 -12.79 -9.89
C ASN A 593 -51.13 -12.77 -11.40
N ASN A 594 -50.76 -11.61 -11.96
CA ASN A 594 -50.62 -11.53 -13.41
C ASN A 594 -49.52 -12.45 -13.92
N LEU A 595 -48.38 -12.48 -13.22
CA LEU A 595 -47.27 -13.32 -13.66
C LEU A 595 -47.50 -14.79 -13.38
N LYS A 596 -48.40 -15.12 -12.44
CA LYS A 596 -48.64 -16.53 -12.14
C LYS A 596 -49.13 -17.28 -13.38
N ASP A 597 -49.93 -16.63 -14.22
CA ASP A 597 -50.52 -17.33 -15.37
C ASP A 597 -49.44 -17.80 -16.34
N ASN A 598 -48.46 -16.96 -16.62
CA ASN A 598 -47.46 -17.29 -17.63
C ASN A 598 -46.61 -18.47 -17.14
N PRO A 599 -46.43 -19.51 -17.96
CA PRO A 599 -45.60 -20.65 -17.53
C PRO A 599 -44.13 -20.30 -17.35
N ASP A 600 -43.63 -19.28 -18.06
CA ASP A 600 -42.20 -19.03 -18.11
C ASP A 600 -41.60 -18.63 -16.76
N VAL A 601 -42.43 -18.16 -15.82
CA VAL A 601 -41.92 -17.66 -14.55
C VAL A 601 -41.61 -18.85 -13.65
N LYS A 602 -40.43 -18.84 -13.04
CA LYS A 602 -40.07 -19.85 -12.05
C LYS A 602 -40.18 -19.29 -10.63
N SER A 603 -39.52 -18.15 -10.38
CA SER A 603 -39.59 -17.47 -9.10
C SER A 603 -39.79 -15.98 -9.33
N ASN A 604 -40.70 -15.41 -8.54
CA ASN A 604 -40.98 -13.95 -8.63
C ASN A 604 -40.94 -13.38 -7.21
N THR A 605 -39.85 -13.61 -6.48
CA THR A 605 -39.68 -13.10 -5.13
C THR A 605 -39.72 -11.58 -5.12
N ALA A 606 -40.37 -11.01 -4.11
CA ALA A 606 -40.55 -9.57 -3.97
C ALA A 606 -40.01 -9.11 -2.62
N ILE A 607 -39.29 -7.99 -2.63
CA ILE A 607 -38.74 -7.40 -1.41
C ILE A 607 -39.59 -6.17 -1.13
N LEU A 608 -40.60 -6.34 -0.28
CA LEU A 608 -41.52 -5.25 0.03
C LEU A 608 -40.90 -4.30 1.04
N GLY A 609 -40.98 -3.00 0.74
CA GLY A 609 -40.50 -1.97 1.63
C GLY A 609 -39.09 -1.50 1.38
N TRP A 610 -38.48 -1.91 0.30
CA TRP A 610 -37.08 -1.56 0.05
C TRP A 610 -36.88 -1.49 -1.45
N GLY A 611 -35.92 -0.74 -1.96
CA GLY A 611 -35.59 -0.69 -3.38
C GLY A 611 -34.20 -0.14 -3.60
N PHE A 612 -33.71 -0.28 -4.83
CA PHE A 612 -32.31 0.12 -5.16
C PHE A 612 -32.20 1.63 -5.25
N SER A 613 -33.33 2.38 -5.29
CA SER A 613 -33.31 3.84 -5.26
C SER A 613 -34.15 4.29 -4.08
N GLY A 614 -33.52 4.36 -2.91
CA GLY A 614 -34.21 4.75 -1.69
C GLY A 614 -34.99 3.59 -1.09
N ALA A 615 -35.33 3.75 0.18
CA ALA A 615 -36.09 2.74 0.92
C ALA A 615 -37.23 3.42 1.66
N GLY A 616 -38.40 2.79 1.63
CA GLY A 616 -39.57 3.34 2.29
C GLY A 616 -40.68 2.33 2.34
N GLN A 617 -41.84 2.78 2.82
CA GLN A 617 -43.01 1.87 2.94
C GLN A 617 -43.89 2.03 1.71
N ASN A 618 -43.43 2.71 0.66
CA ASN A 618 -44.18 2.83 -0.59
C ASN A 618 -43.35 2.40 -1.79
N VAL A 619 -42.38 1.50 -1.59
CA VAL A 619 -41.51 1.05 -2.68
C VAL A 619 -41.25 -0.44 -2.49
N ALA A 620 -41.01 -1.13 -3.60
CA ALA A 620 -40.73 -2.56 -3.57
C ALA A 620 -39.96 -2.93 -4.84
N VAL A 621 -39.31 -4.08 -4.79
CA VAL A 621 -38.58 -4.63 -5.94
C VAL A 621 -38.83 -6.14 -5.99
N ALA A 622 -39.02 -6.66 -7.20
CA ALA A 622 -39.32 -8.07 -7.43
C ALA A 622 -38.32 -8.62 -8.45
N PHE A 623 -37.77 -9.79 -8.15
CA PHE A 623 -36.84 -10.48 -9.04
C PHE A 623 -37.61 -11.63 -9.70
N THR A 624 -37.94 -11.47 -10.99
CA THR A 624 -38.69 -12.48 -11.71
C THR A 624 -37.72 -13.31 -12.54
N THR A 625 -37.54 -14.57 -12.13
CA THR A 625 -36.66 -15.50 -12.83
C THR A 625 -37.48 -16.27 -13.87
N LEU A 626 -36.91 -16.47 -15.04
CA LEU A 626 -37.60 -17.17 -16.11
C LEU A 626 -37.04 -18.58 -16.28
N LYS A 627 -37.82 -19.43 -16.94
CA LYS A 627 -37.41 -20.81 -17.14
C LYS A 627 -36.23 -20.88 -18.11
N ASP A 628 -35.71 -22.10 -18.29
CA ASP A 628 -34.50 -22.27 -19.09
C ASP A 628 -34.72 -21.75 -20.51
N PHE A 629 -33.66 -21.19 -21.08
CA PHE A 629 -33.77 -20.58 -22.44
C PHE A 629 -34.30 -21.62 -23.43
N LYS A 630 -33.79 -22.85 -23.45
CA LYS A 630 -34.26 -23.84 -24.40
C LYS A 630 -35.74 -24.09 -24.24
N GLU A 631 -36.21 -24.28 -22.99
CA GLU A 631 -37.63 -24.50 -22.76
C GLU A 631 -38.42 -23.21 -22.93
N ARG A 632 -37.85 -22.07 -22.52
CA ARG A 632 -38.61 -20.80 -22.47
C ARG A 632 -38.88 -20.16 -23.83
N THR A 633 -40.12 -19.74 -24.03
CA THR A 633 -40.54 -19.00 -25.22
C THR A 633 -40.91 -17.59 -24.78
N SER A 634 -41.08 -16.68 -25.75
CA SER A 634 -41.41 -15.31 -25.41
C SER A 634 -40.33 -14.72 -24.51
N SER A 635 -39.14 -14.51 -25.08
CA SER A 635 -37.93 -14.22 -24.31
C SER A 635 -38.14 -13.03 -23.37
N ALA A 636 -37.17 -12.84 -22.48
CA ALA A 636 -37.36 -11.96 -21.33
C ALA A 636 -37.81 -10.57 -21.75
N SER A 637 -37.34 -10.07 -22.88
CA SER A 637 -37.74 -8.73 -23.31
C SER A 637 -39.25 -8.67 -23.54
N LYS A 638 -39.78 -9.68 -24.23
CA LYS A 638 -41.24 -9.76 -24.48
C LYS A 638 -41.96 -9.81 -23.13
N MET A 639 -41.48 -10.62 -22.18
CA MET A 639 -42.13 -10.74 -20.89
C MET A 639 -42.15 -9.41 -20.15
N THR A 640 -41.03 -8.68 -20.16
CA THR A 640 -40.98 -7.39 -19.50
C THR A 640 -41.95 -6.42 -20.16
N SER A 641 -41.98 -6.39 -21.49
CA SER A 641 -42.91 -5.48 -22.17
C SER A 641 -44.36 -5.81 -21.83
N ASP A 642 -44.71 -7.10 -21.86
CA ASP A 642 -46.09 -7.48 -21.56
C ASP A 642 -46.45 -7.16 -20.12
N VAL A 643 -45.54 -7.43 -19.18
CA VAL A 643 -45.80 -7.13 -17.78
C VAL A 643 -45.99 -5.64 -17.58
N ASN A 644 -45.09 -4.86 -18.15
CA ASN A 644 -45.17 -3.37 -18.03
C ASN A 644 -46.51 -2.91 -18.62
N SER A 645 -46.94 -3.41 -19.78
CA SER A 645 -48.17 -2.94 -20.41
C SER A 645 -49.38 -3.32 -19.58
N SER A 646 -49.46 -4.57 -19.12
CA SER A 646 -50.64 -5.03 -18.41
C SER A 646 -50.73 -4.43 -17.01
N MET A 647 -49.62 -4.38 -16.28
CA MET A 647 -49.65 -3.93 -14.86
C MET A 647 -49.66 -2.41 -14.74
N ALA A 648 -49.06 -1.67 -15.67
CA ALA A 648 -48.95 -0.23 -15.49
C ALA A 648 -50.23 0.53 -15.77
N ASN A 649 -51.32 -0.16 -16.13
CA ASN A 649 -52.53 0.55 -16.52
C ASN A 649 -53.08 1.41 -15.38
N SER A 650 -53.61 0.78 -14.33
CA SER A 650 -54.36 1.55 -13.33
C SER A 650 -54.17 1.08 -11.89
N THR A 651 -53.16 0.27 -11.56
CA THR A 651 -53.19 -0.40 -10.26
C THR A 651 -53.17 0.62 -9.12
N GLU A 652 -52.02 1.25 -8.86
CA GLU A 652 -51.98 2.41 -7.97
C GLU A 652 -51.00 3.47 -8.44
N GLY A 653 -49.98 3.07 -9.20
CA GLY A 653 -48.88 3.96 -9.53
C GLY A 653 -47.96 3.35 -10.57
N GLU A 654 -46.75 3.91 -10.64
CA GLU A 654 -45.79 3.60 -11.69
C GLU A 654 -44.98 2.37 -11.28
N THR A 655 -45.17 1.27 -12.01
CA THR A 655 -44.39 0.05 -11.82
C THR A 655 -43.88 -0.40 -13.19
N MET A 656 -42.61 -0.77 -13.33
CA MET A 656 -42.00 -1.06 -14.67
C MET A 656 -41.01 -2.24 -14.71
N ALA A 657 -41.20 -3.32 -15.48
CA ALA A 657 -40.27 -4.43 -15.67
C ALA A 657 -39.08 -3.92 -16.49
N VAL A 658 -37.87 -4.30 -16.07
CA VAL A 658 -36.65 -3.89 -16.77
C VAL A 658 -35.75 -5.12 -16.93
N LEU A 659 -34.97 -5.11 -18.00
CA LEU A 659 -34.06 -6.20 -18.27
C LEU A 659 -32.78 -6.06 -17.44
N PRO A 660 -32.06 -7.15 -17.22
CA PRO A 660 -30.85 -7.09 -16.41
C PRO A 660 -29.75 -6.31 -17.10
N PRO A 661 -28.84 -5.71 -16.35
CA PRO A 661 -27.79 -4.89 -16.98
C PRO A 661 -26.84 -5.74 -17.81
N ALA A 662 -26.29 -5.11 -18.86
CA ALA A 662 -25.29 -5.78 -19.68
C ALA A 662 -24.05 -6.12 -18.85
N ILE A 663 -23.61 -5.18 -18.02
CA ILE A 663 -22.51 -5.40 -17.07
C ILE A 663 -23.07 -5.14 -15.68
N ASP A 664 -22.96 -6.15 -14.81
CA ASP A 664 -23.64 -6.09 -13.52
C ASP A 664 -23.12 -4.94 -12.66
N GLU A 665 -21.80 -4.77 -12.60
CA GLU A 665 -21.23 -3.79 -11.68
C GLU A 665 -21.47 -2.36 -12.16
N LEU A 666 -21.44 -2.13 -13.47
CA LEU A 666 -21.55 -0.77 -13.98
C LEU A 666 -22.90 -0.14 -13.61
N GLY A 667 -24.00 -0.88 -13.78
CA GLY A 667 -25.31 -0.31 -13.55
C GLY A 667 -26.33 -1.38 -13.22
N THR A 668 -27.57 -0.94 -13.00
CA THR A 668 -28.67 -1.80 -12.63
C THR A 668 -29.62 -2.08 -13.78
N PHE A 669 -29.66 -1.22 -14.79
CA PHE A 669 -30.64 -1.33 -15.87
C PHE A 669 -29.94 -1.14 -17.21
N SER A 670 -30.57 -1.67 -18.26
CA SER A 670 -30.03 -1.57 -19.61
C SER A 670 -30.62 -0.33 -20.26
N GLY A 671 -30.05 0.83 -19.96
CA GLY A 671 -30.51 2.09 -20.50
C GLY A 671 -29.45 3.15 -20.40
N PHE A 672 -29.83 4.39 -20.08
CA PHE A 672 -28.89 5.47 -19.87
C PHE A 672 -29.18 6.16 -18.56
N SER A 673 -28.12 6.54 -17.85
CA SER A 673 -28.21 7.22 -16.57
C SER A 673 -27.82 8.68 -16.77
N LEU A 674 -28.65 9.58 -16.25
CA LEU A 674 -28.47 11.02 -16.45
C LEU A 674 -28.67 11.73 -15.12
N ARG A 675 -27.89 12.77 -14.88
CA ARG A 675 -27.97 13.55 -13.65
C ARG A 675 -28.27 15.00 -13.99
N LEU A 676 -29.39 15.51 -13.46
CA LEU A 676 -29.75 16.91 -13.58
C LEU A 676 -29.23 17.63 -12.34
N GLN A 677 -28.32 18.59 -12.54
CA GLN A 677 -27.75 19.32 -11.41
C GLN A 677 -27.84 20.82 -11.67
N ASP A 678 -27.97 21.58 -10.57
CA ASP A 678 -28.12 23.03 -10.62
C ASP A 678 -26.73 23.66 -10.52
N ARG A 679 -26.33 24.38 -11.56
CA ARG A 679 -24.97 24.99 -11.58
C ARG A 679 -25.03 26.44 -11.09
N ALA A 680 -26.22 26.99 -10.86
CA ALA A 680 -26.34 28.39 -10.45
C ALA A 680 -27.06 28.55 -9.12
N ASN A 681 -27.13 27.50 -8.31
CA ASN A 681 -27.81 27.55 -7.01
C ASN A 681 -29.25 28.04 -7.17
N LEU A 682 -29.92 27.55 -8.21
CA LEU A 682 -31.29 27.97 -8.47
C LEU A 682 -32.22 27.63 -7.31
N GLY A 683 -32.07 26.44 -6.75
CA GLY A 683 -32.92 25.98 -5.68
C GLY A 683 -33.61 24.67 -6.02
N MET A 684 -34.01 23.92 -4.99
CA MET A 684 -34.66 22.63 -5.22
C MET A 684 -35.92 22.75 -6.06
N PRO A 685 -36.84 23.69 -5.82
CA PRO A 685 -38.03 23.76 -6.68
C PRO A 685 -37.71 23.95 -8.15
N ALA A 686 -36.70 24.75 -8.48
CA ALA A 686 -36.33 24.92 -9.88
C ALA A 686 -35.84 23.62 -10.49
N LEU A 687 -35.02 22.87 -9.74
CA LEU A 687 -34.56 21.58 -10.22
C LEU A 687 -35.72 20.61 -10.42
N LEU A 688 -36.68 20.63 -9.49
CA LEU A 688 -37.88 19.76 -9.60
C LEU A 688 -38.69 20.16 -10.83
N ALA A 689 -38.82 21.46 -11.12
CA ALA A 689 -39.55 21.91 -12.32
C ALA A 689 -38.83 21.45 -13.58
N ALA A 690 -37.50 21.58 -13.62
CA ALA A 690 -36.75 21.12 -14.77
C ALA A 690 -36.89 19.62 -14.96
N GLN A 691 -36.88 18.87 -13.85
CA GLN A 691 -37.09 17.41 -13.91
C GLN A 691 -38.47 17.14 -14.54
N ASP A 692 -39.52 17.83 -14.08
CA ASP A 692 -40.85 17.61 -14.62
C ASP A 692 -40.91 17.99 -16.10
N GLU A 693 -40.22 19.07 -16.47
CA GLU A 693 -40.22 19.48 -17.87
C GLU A 693 -39.58 18.41 -18.75
N LEU A 694 -38.48 17.82 -18.32
CA LEU A 694 -37.77 16.82 -19.14
C LEU A 694 -38.56 15.54 -19.12
N MET A 695 -39.44 15.25 -18.18
CA MET A 695 -40.13 13.95 -18.26
C MET A 695 -41.46 14.20 -18.96
N ALA A 696 -41.94 15.46 -19.13
CA ALA A 696 -43.03 15.68 -20.09
C ALA A 696 -42.49 15.66 -21.52
N MET A 697 -41.33 16.26 -21.75
CA MET A 697 -40.76 16.31 -23.09
C MET A 697 -40.38 14.92 -23.58
N ALA A 698 -39.97 14.04 -22.68
CA ALA A 698 -39.60 12.68 -23.08
C ALA A 698 -40.78 11.94 -23.70
N ALA A 699 -42.00 12.22 -23.23
CA ALA A 699 -43.15 11.45 -23.68
C ALA A 699 -43.40 11.63 -25.18
N LYS A 700 -43.29 12.87 -25.68
CA LYS A 700 -43.61 13.12 -27.08
C LYS A 700 -42.60 12.46 -28.00
N ASN A 701 -41.32 12.45 -27.63
CA ASN A 701 -40.29 11.90 -28.49
C ASN A 701 -40.48 10.40 -28.68
N LYS A 702 -40.30 9.93 -29.91
CA LYS A 702 -40.33 8.51 -30.21
C LYS A 702 -38.98 7.84 -30.06
N LYS A 703 -37.90 8.62 -29.93
CA LYS A 703 -36.58 8.03 -29.70
C LYS A 703 -36.50 7.39 -28.32
N PHE A 704 -37.26 7.84 -27.31
CA PHE A 704 -37.23 7.30 -25.93
C PHE A 704 -38.50 6.57 -25.50
N TYR A 705 -38.43 5.30 -25.10
CA TYR A 705 -39.61 4.47 -24.70
C TYR A 705 -40.19 4.91 -23.37
N MET A 706 -39.38 5.11 -22.36
CA MET A 706 -39.90 5.71 -21.13
C MET A 706 -38.76 6.29 -20.33
N VAL A 707 -38.72 7.59 -20.17
CA VAL A 707 -37.64 8.30 -19.40
C VAL A 707 -38.08 8.51 -17.95
N TRP A 708 -38.09 7.51 -17.06
CA TRP A 708 -38.68 7.61 -15.69
C TRP A 708 -37.80 8.46 -14.77
N ASN A 709 -38.30 8.89 -13.61
CA ASN A 709 -37.51 9.62 -12.59
C ASN A 709 -37.11 8.63 -11.53
N GLU A 710 -35.84 8.46 -11.28
CA GLU A 710 -35.36 7.45 -10.33
C GLU A 710 -35.32 8.16 -9.00
N GLY A 711 -36.28 7.90 -8.10
CA GLY A 711 -36.22 8.49 -6.78
C GLY A 711 -37.58 8.51 -6.12
N LEU A 712 -37.56 8.79 -4.82
CA LEU A 712 -38.81 8.94 -4.08
C LEU A 712 -39.50 10.24 -4.46
N PRO A 713 -40.78 10.22 -4.79
CA PRO A 713 -41.47 11.44 -5.20
C PRO A 713 -41.59 12.44 -4.05
N GLN A 714 -42.04 13.64 -4.40
CA GLN A 714 -42.25 14.68 -3.40
C GLN A 714 -43.38 14.27 -2.45
N GLY A 715 -43.29 14.76 -1.21
CA GLY A 715 -44.23 14.39 -0.18
C GLY A 715 -44.60 15.55 0.71
N ASP A 716 -45.76 15.40 1.35
CA ASP A 716 -46.25 16.38 2.30
C ASP A 716 -45.80 16.03 3.71
N ASN A 717 -45.66 17.06 4.54
CA ASN A 717 -45.17 16.93 5.90
C ASN A 717 -46.05 17.77 6.82
N ILE A 718 -45.95 17.49 8.12
CA ILE A 718 -46.63 18.25 9.16
C ILE A 718 -45.55 18.92 9.98
N SER A 719 -45.72 20.22 10.25
CA SER A 719 -44.86 20.96 11.16
C SER A 719 -45.69 21.51 12.31
N LEU A 720 -45.17 21.39 13.52
CA LEU A 720 -45.85 21.84 14.72
C LEU A 720 -45.14 23.07 15.28
N LYS A 721 -45.85 24.18 15.32
CA LYS A 721 -45.36 25.41 15.92
C LYS A 721 -45.78 25.43 17.38
N ILE A 722 -44.80 25.42 18.28
CA ILE A 722 -45.05 25.44 19.71
C ILE A 722 -45.09 26.89 20.16
N ASP A 723 -46.24 27.33 20.66
CA ASP A 723 -46.43 28.71 21.09
C ASP A 723 -45.75 28.89 22.44
N ARG A 724 -44.54 29.47 22.43
CA ARG A 724 -43.80 29.64 23.67
C ARG A 724 -44.54 30.53 24.66
N GLU A 725 -45.12 31.63 24.16
CA GLU A 725 -45.83 32.54 25.04
C GLU A 725 -47.03 31.87 25.69
N LYS A 726 -47.85 31.19 24.89
CA LYS A 726 -49.03 30.52 25.43
C LYS A 726 -48.61 29.39 26.38
N LEU A 727 -47.57 28.63 26.02
CA LEU A 727 -47.12 27.55 26.88
C LEU A 727 -46.65 28.08 28.23
N SER A 728 -45.92 29.20 28.22
CA SER A 728 -45.43 29.77 29.47
C SER A 728 -46.58 30.43 30.25
N ALA A 729 -47.65 30.81 29.55
CA ALA A 729 -48.77 31.47 30.21
C ALA A 729 -49.39 30.55 31.26
N LEU A 730 -49.57 29.27 30.94
CA LEU A 730 -50.14 28.31 31.87
C LEU A 730 -49.10 27.69 32.79
N GLY A 731 -47.82 28.04 32.64
CA GLY A 731 -46.77 27.47 33.44
C GLY A 731 -46.26 26.12 32.97
N VAL A 732 -46.74 25.63 31.82
CA VAL A 732 -46.30 24.34 31.33
C VAL A 732 -44.84 24.43 30.92
N LYS A 733 -44.03 23.47 31.39
CA LYS A 733 -42.62 23.45 31.04
C LYS A 733 -42.45 23.03 29.58
N PHE A 734 -41.63 23.78 28.85
CA PHE A 734 -41.39 23.46 27.45
C PHE A 734 -40.66 22.13 27.31
N SER A 735 -39.83 21.78 28.30
CA SER A 735 -39.09 20.52 28.23
C SER A 735 -40.04 19.32 28.24
N ASP A 736 -41.11 19.39 29.03
CA ASP A 736 -42.08 18.30 29.05
C ASP A 736 -42.74 18.13 27.68
N VAL A 737 -43.12 19.23 27.05
CA VAL A 737 -43.73 19.16 25.72
C VAL A 737 -42.73 18.58 24.72
N SER A 738 -41.48 19.04 24.78
CA SER A 738 -40.46 18.50 23.88
C SER A 738 -40.33 16.99 24.06
N ASP A 739 -40.24 16.53 25.31
CA ASP A 739 -40.09 15.11 25.56
C ASP A 739 -41.30 14.32 25.07
N ILE A 740 -42.51 14.81 25.34
CA ILE A 740 -43.71 14.07 24.98
C ILE A 740 -43.84 13.99 23.46
N ILE A 741 -43.47 15.06 22.76
CA ILE A 741 -43.53 15.05 21.30
C ILE A 741 -42.48 14.10 20.74
N SER A 742 -41.26 14.14 21.31
CA SER A 742 -40.19 13.29 20.81
C SER A 742 -40.51 11.81 21.01
N THR A 743 -41.09 11.46 22.16
CA THR A 743 -41.33 10.07 22.52
C THR A 743 -42.70 9.57 22.05
N SER A 744 -43.47 10.38 21.34
CA SER A 744 -44.82 9.97 20.94
C SER A 744 -44.77 8.96 19.80
N MET A 745 -43.78 9.08 18.91
CA MET A 745 -43.72 8.28 17.69
C MET A 745 -42.53 7.33 17.67
N GLY A 746 -41.31 7.86 17.85
CA GLY A 746 -40.14 7.04 17.72
C GLY A 746 -40.03 5.99 18.80
N SER A 747 -39.27 4.94 18.47
CA SER A 747 -39.01 3.84 19.39
C SER A 747 -37.65 4.04 20.07
N MET A 748 -37.59 3.76 21.36
CA MET A 748 -36.40 3.97 22.17
C MET A 748 -35.82 2.63 22.60
N TYR A 749 -34.54 2.42 22.28
CA TYR A 749 -33.84 1.23 22.74
C TYR A 749 -33.22 1.50 24.11
N ILE A 750 -33.38 0.55 25.02
CA ILE A 750 -33.06 0.75 26.43
C ILE A 750 -32.00 -0.25 26.93
N ASN A 751 -32.30 -1.54 26.86
CA ASN A 751 -31.43 -2.55 27.45
C ASN A 751 -31.50 -3.83 26.63
N ASP A 752 -30.63 -4.77 26.98
CA ASP A 752 -30.57 -6.08 26.36
C ASP A 752 -30.99 -7.13 27.39
N PHE A 753 -31.69 -8.15 26.94
CA PHE A 753 -32.22 -9.17 27.88
C PHE A 753 -31.89 -10.57 27.33
N PRO A 754 -31.53 -11.52 28.21
CA PRO A 754 -31.20 -12.88 27.74
C PRO A 754 -32.44 -13.57 27.20
N ASN A 755 -32.28 -14.26 26.07
CA ASN A 755 -33.37 -14.97 25.41
C ASN A 755 -32.83 -16.32 24.93
N GLN A 756 -32.99 -17.35 25.77
CA GLN A 756 -32.28 -18.62 25.59
C GLN A 756 -30.83 -18.39 25.15
N GLY A 757 -30.13 -17.54 25.89
CA GLY A 757 -28.70 -17.38 25.71
C GLY A 757 -28.27 -16.37 24.67
N ARG A 758 -29.20 -15.57 24.14
CA ARG A 758 -28.87 -14.56 23.14
C ARG A 758 -29.23 -13.18 23.69
N MET A 759 -28.33 -12.22 23.52
CA MET A 759 -28.58 -10.85 23.92
C MET A 759 -29.48 -10.18 22.89
N GLN A 760 -30.66 -9.76 23.33
CA GLN A 760 -31.65 -9.16 22.45
C GLN A 760 -32.10 -7.83 23.02
N GLN A 761 -32.35 -6.86 22.14
CA GLN A 761 -32.62 -5.50 22.56
C GLN A 761 -33.97 -5.40 23.29
N VAL A 762 -34.11 -4.35 24.08
CA VAL A 762 -35.37 -3.98 24.70
C VAL A 762 -35.77 -2.62 24.14
N ILE A 763 -37.02 -2.50 23.68
CA ILE A 763 -37.47 -1.32 22.99
C ILE A 763 -38.82 -0.90 23.54
N VAL A 764 -39.01 0.41 23.66
CA VAL A 764 -40.28 1.00 24.12
C VAL A 764 -40.79 1.91 23.02
N GLN A 765 -42.04 1.72 22.61
CA GLN A 765 -42.65 2.53 21.57
C GLN A 765 -44.14 2.69 21.87
N VAL A 766 -44.69 3.81 21.43
CA VAL A 766 -46.11 4.09 21.63
C VAL A 766 -46.93 3.09 20.84
N GLU A 767 -48.09 2.72 21.38
CA GLU A 767 -48.95 1.75 20.72
C GLU A 767 -49.35 2.25 19.34
N ALA A 768 -49.62 1.30 18.44
CA ALA A 768 -49.95 1.64 17.06
C ALA A 768 -51.22 2.48 17.01
N LYS A 769 -52.23 2.14 17.80
CA LYS A 769 -53.50 2.83 17.75
C LYS A 769 -53.39 4.31 18.12
N SER A 770 -52.32 4.69 18.83
CA SER A 770 -52.19 6.05 19.36
C SER A 770 -51.22 6.92 18.57
N ARG A 771 -50.78 6.46 17.39
CA ARG A 771 -49.88 7.26 16.56
C ARG A 771 -50.22 7.17 15.08
N MET A 772 -51.45 6.79 14.73
CA MET A 772 -51.79 6.61 13.32
C MET A 772 -51.85 7.95 12.59
N GLN A 773 -52.54 8.93 13.17
CA GLN A 773 -52.68 10.25 12.58
C GLN A 773 -52.47 11.31 13.65
N LEU A 774 -52.54 12.57 13.21
CA LEU A 774 -52.21 13.72 14.05
C LEU A 774 -53.16 13.91 15.22
N LYS A 775 -54.38 13.38 15.18
CA LYS A 775 -55.31 13.59 16.28
C LYS A 775 -54.76 12.96 17.57
N ASP A 776 -54.20 11.75 17.46
CA ASP A 776 -53.60 11.11 18.62
C ASP A 776 -52.38 11.88 19.12
N ILE A 777 -51.57 12.38 18.20
CA ILE A 777 -50.37 13.12 18.61
C ILE A 777 -50.75 14.38 19.36
N LEU A 778 -51.75 15.11 18.89
CA LEU A 778 -52.18 16.34 19.53
C LEU A 778 -53.16 16.09 20.68
N ASN A 779 -53.56 14.84 20.91
CA ASN A 779 -54.42 14.50 22.02
C ASN A 779 -53.65 14.20 23.30
N LEU A 780 -52.32 14.12 23.24
CA LEU A 780 -51.54 13.87 24.43
C LEU A 780 -51.59 15.08 25.36
N LYS A 781 -51.42 14.84 26.66
CA LYS A 781 -51.56 15.86 27.69
C LYS A 781 -50.25 15.99 28.45
N VAL A 782 -49.96 17.21 28.89
CA VAL A 782 -48.77 17.52 29.70
C VAL A 782 -49.24 18.19 30.98
N MET A 783 -48.74 17.72 32.11
CA MET A 783 -49.18 18.24 33.41
C MET A 783 -48.62 19.65 33.63
N GLY A 784 -49.30 20.38 34.51
CA GLY A 784 -48.90 21.74 34.82
C GLY A 784 -49.22 22.08 36.27
N SER A 785 -48.71 23.25 36.68
CA SER A 785 -48.88 23.66 38.08
C SER A 785 -50.36 23.79 38.44
N SER A 786 -51.21 24.14 37.48
CA SER A 786 -52.63 24.29 37.76
C SER A 786 -53.24 22.98 38.23
N GLY A 787 -52.62 21.85 37.88
CA GLY A 787 -53.12 20.55 38.24
C GLY A 787 -54.09 19.94 37.25
N GLN A 788 -54.47 20.67 36.21
CA GLN A 788 -55.36 20.17 35.18
C GLN A 788 -54.55 19.87 33.92
N LEU A 789 -54.69 18.67 33.39
CA LEU A 789 -53.92 18.27 32.22
C LEU A 789 -54.22 19.19 31.04
N VAL A 790 -53.15 19.57 30.33
CA VAL A 790 -53.26 20.45 29.16
C VAL A 790 -52.89 19.63 27.94
N SER A 791 -53.83 19.54 27.00
CA SER A 791 -53.60 18.78 25.78
C SER A 791 -52.63 19.53 24.86
N LEU A 792 -51.92 18.76 24.03
CA LEU A 792 -50.95 19.37 23.12
C LEU A 792 -51.66 20.28 22.11
N SER A 793 -52.82 19.87 21.61
CA SER A 793 -53.50 20.64 20.58
C SER A 793 -53.69 22.10 21.00
N GLU A 794 -53.84 22.33 22.30
CA GLU A 794 -54.05 23.70 22.79
C GLU A 794 -52.79 24.54 22.62
N VAL A 795 -51.62 23.91 22.64
CA VAL A 795 -50.35 24.65 22.71
C VAL A 795 -49.51 24.51 21.45
N VAL A 796 -49.95 23.73 20.46
CA VAL A 796 -49.22 23.61 19.21
C VAL A 796 -50.17 23.85 18.04
N THR A 797 -49.67 24.53 17.02
CA THR A 797 -50.43 24.83 15.82
C THR A 797 -49.95 23.97 14.68
N PRO A 798 -50.70 22.96 14.23
CA PRO A 798 -50.24 22.13 13.11
C PRO A 798 -50.34 22.90 11.79
N GLN A 799 -49.36 22.68 10.91
CA GLN A 799 -49.35 23.28 9.58
C GLN A 799 -48.85 22.26 8.58
N TRP A 800 -49.64 22.00 7.55
CA TRP A 800 -49.23 21.06 6.49
C TRP A 800 -48.32 21.80 5.52
N ASN A 801 -47.29 21.17 4.99
CA ASN A 801 -46.37 21.71 4.01
C ASN A 801 -46.03 20.62 3.01
N LYS A 802 -45.32 21.00 1.94
CA LYS A 802 -44.89 20.07 0.91
C LYS A 802 -43.40 20.29 0.67
N ALA A 803 -42.63 19.21 0.70
CA ALA A 803 -41.19 19.32 0.55
C ALA A 803 -40.67 18.03 -0.05
N PRO A 804 -39.52 18.06 -0.74
CA PRO A 804 -38.96 16.83 -1.30
C PRO A 804 -38.63 15.82 -0.22
N GLN A 805 -38.88 14.55 -0.51
CA GLN A 805 -38.55 13.49 0.45
C GLN A 805 -37.10 13.06 0.30
N GLN A 806 -36.53 13.19 -0.89
CA GLN A 806 -35.21 12.66 -1.20
C GLN A 806 -34.29 13.79 -1.64
N TYR A 807 -33.05 13.78 -1.15
CA TYR A 807 -32.03 14.75 -1.52
C TYR A 807 -30.86 13.98 -2.15
N ASN A 808 -30.65 14.18 -3.44
CA ASN A 808 -29.56 13.54 -4.17
C ASN A 808 -28.53 14.59 -4.60
N ARG A 809 -27.28 14.15 -4.67
CA ARG A 809 -26.17 14.99 -5.10
C ARG A 809 -25.26 14.20 -6.02
N TYR A 810 -24.58 14.91 -6.91
CA TYR A 810 -23.67 14.30 -7.88
C TYR A 810 -22.59 15.30 -8.23
N ASN A 811 -21.34 14.93 -7.99
CA ASN A 811 -20.17 15.79 -8.19
C ASN A 811 -20.18 17.02 -7.27
N GLY A 812 -20.95 16.98 -6.18
CA GLY A 812 -21.00 18.07 -5.23
C GLY A 812 -22.14 19.05 -5.44
N ARG A 813 -22.91 18.92 -6.51
CA ARG A 813 -24.03 19.81 -6.79
C ARG A 813 -25.34 19.10 -6.48
N PRO A 814 -26.34 19.78 -5.93
CA PRO A 814 -27.65 19.14 -5.78
C PRO A 814 -28.15 18.62 -7.12
N SER A 815 -28.69 17.41 -7.12
CA SER A 815 -28.96 16.72 -8.37
C SER A 815 -30.15 15.79 -8.23
N LEU A 816 -30.69 15.40 -9.39
CA LEU A 816 -31.73 14.39 -9.51
C LEU A 816 -31.30 13.39 -10.57
N SER A 817 -31.83 12.17 -10.49
CA SER A 817 -31.46 11.09 -11.38
C SER A 817 -32.56 10.82 -12.40
N ILE A 818 -32.14 10.42 -13.60
CA ILE A 818 -33.04 10.05 -14.68
C ILE A 818 -32.51 8.78 -15.33
N ALA A 819 -33.43 7.85 -15.62
CA ALA A 819 -33.09 6.60 -16.28
C ALA A 819 -34.08 6.35 -17.41
N GLY A 820 -33.55 6.02 -18.58
CA GLY A 820 -34.39 5.81 -19.74
C GLY A 820 -33.89 4.65 -20.58
N ILE A 821 -34.83 4.06 -21.31
CA ILE A 821 -34.61 2.90 -22.16
C ILE A 821 -34.63 3.37 -23.61
N PRO A 822 -33.64 3.02 -24.43
CA PRO A 822 -33.70 3.41 -25.84
C PRO A 822 -34.87 2.73 -26.54
N ASN A 823 -35.74 3.55 -27.14
CA ASN A 823 -36.93 3.02 -27.78
C ASN A 823 -36.58 2.09 -28.92
N PHE A 824 -37.45 1.11 -29.16
CA PHE A 824 -37.22 0.15 -30.23
C PHE A 824 -37.12 0.87 -31.57
N ASP A 825 -36.28 0.35 -32.45
CA ASP A 825 -35.92 0.90 -33.77
C ASP A 825 -34.92 2.04 -33.62
N THR A 826 -34.42 2.32 -32.42
CA THR A 826 -33.40 3.34 -32.23
C THR A 826 -32.17 2.73 -31.56
N SER A 827 -31.17 3.56 -31.24
CA SER A 827 -29.93 3.09 -30.64
C SER A 827 -29.62 3.95 -29.43
N SER A 828 -28.61 3.53 -28.66
CA SER A 828 -28.22 4.27 -27.47
C SER A 828 -27.68 5.65 -27.83
N GLY A 829 -26.86 5.73 -28.87
CA GLY A 829 -26.28 7.01 -29.25
C GLY A 829 -27.31 8.01 -29.75
N GLU A 830 -28.25 7.55 -30.58
CA GLU A 830 -29.29 8.44 -31.08
C GLU A 830 -30.15 8.97 -29.94
N ALA A 831 -30.53 8.09 -29.02
CA ALA A 831 -31.32 8.53 -27.86
C ALA A 831 -30.51 9.50 -27.01
N MET A 832 -29.21 9.24 -26.84
CA MET A 832 -28.38 10.11 -26.03
C MET A 832 -28.29 11.52 -26.63
N ARG A 833 -28.08 11.60 -27.95
CA ARG A 833 -27.97 12.92 -28.56
C ARG A 833 -29.33 13.63 -28.59
N GLU A 834 -30.41 12.89 -28.78
CA GLU A 834 -31.74 13.49 -28.69
C GLU A 834 -31.99 14.03 -27.29
N MET A 835 -31.55 13.30 -26.26
CA MET A 835 -31.70 13.77 -24.89
C MET A 835 -30.86 15.02 -24.66
N GLU A 836 -29.69 15.08 -25.26
CA GLU A 836 -28.83 16.30 -25.15
C GLU A 836 -29.55 17.47 -25.81
N GLN A 837 -30.22 17.26 -26.94
CA GLN A 837 -30.98 18.32 -27.58
C GLN A 837 -32.15 18.77 -26.73
N LEU A 838 -32.88 17.81 -26.15
CA LEU A 838 -34.02 18.16 -25.30
C LEU A 838 -33.56 18.94 -24.08
N ILE A 839 -32.48 18.51 -23.44
CA ILE A 839 -31.96 19.22 -22.27
C ILE A 839 -31.53 20.63 -22.64
N ALA A 840 -31.09 20.84 -23.88
CA ALA A 840 -30.70 22.19 -24.30
C ALA A 840 -31.87 23.16 -24.18
N LYS A 841 -33.10 22.65 -24.21
CA LYS A 841 -34.26 23.53 -24.19
C LYS A 841 -34.61 24.02 -22.78
N LEU A 842 -34.06 23.38 -21.75
CA LEU A 842 -34.41 23.75 -20.39
C LEU A 842 -33.87 25.14 -20.07
N PRO A 843 -34.46 25.82 -19.08
CA PRO A 843 -33.97 27.15 -18.68
C PRO A 843 -32.52 27.08 -18.23
N LYS A 844 -31.93 28.26 -18.05
CA LYS A 844 -30.53 28.35 -17.66
C LYS A 844 -30.35 27.83 -16.24
N GLY A 845 -29.19 27.21 -15.99
CA GLY A 845 -28.83 26.73 -14.67
C GLY A 845 -29.03 25.24 -14.45
N ILE A 846 -29.43 24.49 -15.47
CA ILE A 846 -29.61 23.04 -15.36
C ILE A 846 -28.59 22.37 -16.26
N GLY A 847 -27.81 21.46 -15.68
CA GLY A 847 -26.79 20.75 -16.43
C GLY A 847 -27.00 19.26 -16.35
N TYR A 848 -26.69 18.58 -17.45
CA TYR A 848 -26.85 17.13 -17.57
C TYR A 848 -25.46 16.49 -17.49
N GLU A 849 -25.33 15.49 -16.62
CA GLU A 849 -24.09 14.72 -16.48
C GLU A 849 -24.39 13.27 -16.80
N TRP A 850 -23.59 12.69 -17.70
CA TRP A 850 -23.72 11.28 -18.03
C TRP A 850 -22.87 10.44 -17.08
N THR A 851 -23.44 9.32 -16.63
CA THR A 851 -22.78 8.46 -15.67
C THR A 851 -23.02 7.01 -16.04
N GLY A 852 -22.34 6.11 -15.34
CA GLY A 852 -22.51 4.70 -15.57
C GLY A 852 -22.13 4.30 -16.98
N ILE A 853 -23.00 3.51 -17.61
CA ILE A 853 -22.69 2.94 -18.92
C ILE A 853 -22.60 4.03 -19.98
N SER A 854 -23.44 5.07 -19.87
CA SER A 854 -23.48 6.11 -20.89
C SER A 854 -22.17 6.89 -20.94
N LEU A 855 -21.58 7.20 -19.78
CA LEU A 855 -20.31 7.92 -19.76
C LEU A 855 -19.21 7.09 -20.41
N GLN A 856 -19.17 5.79 -20.12
CA GLN A 856 -18.19 4.93 -20.76
C GLN A 856 -18.42 4.84 -22.26
N GLU A 857 -19.67 4.81 -22.70
CA GLU A 857 -19.96 4.83 -24.13
C GLU A 857 -19.43 6.10 -24.78
N LYS A 858 -19.66 7.25 -24.15
CA LYS A 858 -19.16 8.51 -24.70
C LYS A 858 -17.64 8.51 -24.76
N GLN A 859 -16.99 8.04 -23.70
CA GLN A 859 -15.53 8.01 -23.68
C GLN A 859 -14.98 7.09 -24.75
N SER A 860 -15.61 5.93 -24.97
CA SER A 860 -15.17 5.02 -26.02
C SER A 860 -15.36 5.64 -27.40
N GLU A 861 -16.49 6.33 -27.62
CA GLU A 861 -16.75 6.92 -28.93
C GLU A 861 -15.79 8.07 -29.21
N SER A 862 -15.42 8.83 -28.18
CA SER A 862 -14.57 10.00 -28.41
C SER A 862 -13.21 9.61 -28.97
N GLN A 863 -12.65 8.50 -28.49
CA GLN A 863 -11.26 8.14 -28.78
C GLN A 863 -11.10 7.25 -30.01
N MET A 864 -12.17 6.94 -30.73
CA MET A 864 -12.08 6.03 -31.87
C MET A 864 -11.08 6.55 -32.91
N ALA A 865 -11.24 7.81 -33.32
CA ALA A 865 -10.43 8.34 -34.39
C ALA A 865 -8.95 8.32 -34.05
N PHE A 866 -8.59 8.70 -32.81
CA PHE A 866 -7.18 8.71 -32.43
C PHE A 866 -6.57 7.32 -32.55
N LEU A 867 -7.28 6.31 -32.03
CA LEU A 867 -6.77 4.92 -31.96
C LEU A 867 -6.98 4.17 -33.27
N LEU A 868 -7.62 4.68 -34.31
CA LEU A 868 -7.56 4.21 -35.69
C LEU A 868 -6.43 4.89 -36.46
N GLY A 869 -6.31 6.21 -36.32
CA GLY A 869 -5.26 6.93 -37.02
C GLY A 869 -3.87 6.52 -36.56
N LEU A 870 -3.70 6.35 -35.24
CA LEU A 870 -2.40 5.95 -34.73
C LEU A 870 -2.02 4.56 -35.21
N SER A 871 -2.98 3.63 -35.22
CA SER A 871 -2.69 2.29 -35.73
C SER A 871 -2.33 2.33 -37.20
N MET A 872 -3.06 3.12 -38.00
CA MET A 872 -2.73 3.24 -39.42
C MET A 872 -1.33 3.82 -39.61
N LEU A 873 -0.98 4.85 -38.84
CA LEU A 873 0.35 5.43 -38.95
C LEU A 873 1.43 4.45 -38.54
N VAL A 874 1.18 3.67 -37.49
CA VAL A 874 2.16 2.69 -37.05
C VAL A 874 2.40 1.65 -38.13
N VAL A 875 1.31 1.17 -38.75
CA VAL A 875 1.46 0.20 -39.84
C VAL A 875 2.24 0.82 -41.00
N PHE A 876 1.89 2.06 -41.36
CA PHE A 876 2.63 2.76 -42.41
C PHE A 876 4.11 2.80 -42.09
N LEU A 877 4.47 3.20 -40.88
CA LEU A 877 5.87 3.36 -40.52
C LEU A 877 6.60 2.02 -40.53
N VAL A 878 5.98 0.98 -39.99
CA VAL A 878 6.63 -0.33 -39.95
C VAL A 878 6.85 -0.85 -41.37
N LEU A 879 5.84 -0.75 -42.22
CA LEU A 879 6.01 -1.24 -43.59
C LEU A 879 7.06 -0.43 -44.34
N ALA A 880 7.07 0.89 -44.17
CA ALA A 880 8.09 1.71 -44.80
C ALA A 880 9.47 1.30 -44.33
N ALA A 881 9.60 1.00 -43.04
CA ALA A 881 10.88 0.53 -42.50
C ALA A 881 11.30 -0.78 -43.17
N LEU A 882 10.36 -1.70 -43.35
CA LEU A 882 10.68 -3.02 -43.89
C LEU A 882 10.73 -3.06 -45.41
N TYR A 883 10.56 -1.97 -46.03
CA TYR A 883 10.67 -1.95 -47.48
C TYR A 883 11.74 -1.05 -47.99
N GLU A 884 12.10 -0.06 -47.19
CA GLU A 884 13.10 0.94 -47.60
C GLU A 884 12.51 1.87 -48.65
N SER A 885 11.19 1.85 -48.81
CA SER A 885 10.49 2.68 -49.78
C SER A 885 9.31 3.36 -49.09
N TRP A 886 9.14 4.65 -49.35
CA TRP A 886 8.07 5.40 -48.71
C TRP A 886 6.71 5.10 -49.33
N ALA A 887 6.67 4.88 -50.64
CA ALA A 887 5.41 4.71 -51.37
C ALA A 887 4.95 3.27 -51.43
N ILE A 888 5.85 2.30 -51.38
CA ILE A 888 5.48 0.89 -51.42
C ILE A 888 4.46 0.59 -50.32
N PRO A 889 4.69 1.01 -49.07
CA PRO A 889 3.69 0.74 -48.03
C PRO A 889 2.34 1.43 -48.26
N LEU A 890 2.30 2.47 -49.10
CA LEU A 890 1.04 3.18 -49.30
C LEU A 890 -0.03 2.25 -49.86
N SER A 891 0.35 1.38 -50.80
CA SER A 891 -0.62 0.45 -51.39
C SER A 891 -1.22 -0.46 -50.34
N VAL A 892 -0.41 -0.94 -49.40
CA VAL A 892 -0.90 -1.87 -48.39
C VAL A 892 -1.99 -1.25 -47.54
N MET A 893 -2.00 0.07 -47.39
CA MET A 893 -3.01 0.74 -46.57
C MET A 893 -4.22 1.21 -47.38
N LEU A 894 -4.20 1.04 -48.70
CA LEU A 894 -5.36 1.39 -49.52
C LEU A 894 -6.38 0.25 -49.60
N VAL A 895 -6.04 -0.94 -49.10
CA VAL A 895 -7.00 -2.03 -49.02
C VAL A 895 -7.83 -1.97 -47.75
N VAL A 896 -7.42 -1.18 -46.76
CA VAL A 896 -8.18 -1.09 -45.51
C VAL A 896 -9.59 -0.60 -45.76
N PRO A 897 -9.82 0.48 -46.52
CA PRO A 897 -11.21 0.94 -46.71
C PRO A 897 -12.12 -0.13 -47.28
N LEU A 898 -11.57 -1.05 -48.09
CA LEU A 898 -12.40 -2.12 -48.64
C LEU A 898 -12.92 -3.04 -47.54
N GLY A 899 -12.13 -3.30 -46.51
CA GLY A 899 -12.62 -4.10 -45.40
C GLY A 899 -13.73 -3.42 -44.62
N ILE A 900 -13.58 -2.12 -44.35
CA ILE A 900 -14.64 -1.38 -43.69
C ILE A 900 -15.89 -1.36 -44.55
N PHE A 901 -15.73 -1.35 -45.87
CA PHE A 901 -16.90 -1.42 -46.75
C PHE A 901 -17.73 -2.65 -46.43
N GLY A 902 -17.09 -3.82 -46.40
CA GLY A 902 -17.82 -5.04 -46.11
C GLY A 902 -18.36 -5.06 -44.70
N ALA A 903 -17.58 -4.59 -43.73
CA ALA A 903 -18.06 -4.58 -42.35
C ALA A 903 -19.33 -3.74 -42.22
N ILE A 904 -19.32 -2.53 -42.79
CA ILE A 904 -20.47 -1.65 -42.70
C ILE A 904 -21.66 -2.23 -43.47
N ILE A 905 -21.40 -2.81 -44.64
CA ILE A 905 -22.51 -3.41 -45.40
C ILE A 905 -23.16 -4.52 -44.60
N ALA A 906 -22.35 -5.39 -44.00
CA ALA A 906 -22.89 -6.49 -43.21
C ALA A 906 -23.65 -5.98 -41.98
N ILE A 907 -23.10 -4.98 -41.29
CA ILE A 907 -23.74 -4.51 -40.07
C ILE A 907 -25.06 -3.82 -40.39
N MET A 908 -25.12 -3.08 -41.51
CA MET A 908 -26.40 -2.53 -41.95
C MET A 908 -27.38 -3.64 -42.30
N SER A 909 -26.92 -4.66 -43.04
CA SER A 909 -27.82 -5.71 -43.47
C SER A 909 -28.41 -6.45 -42.28
N ARG A 910 -27.60 -6.76 -41.27
CA ARG A 910 -28.10 -7.49 -40.12
C ARG A 910 -28.80 -6.58 -39.11
N GLY A 911 -28.63 -5.26 -39.22
CA GLY A 911 -29.28 -4.32 -38.34
C GLY A 911 -28.53 -4.02 -37.06
N LEU A 912 -27.39 -4.67 -36.81
CA LEU A 912 -26.63 -4.39 -35.60
C LEU A 912 -26.09 -2.96 -35.66
N MET A 913 -25.45 -2.55 -34.57
CA MET A 913 -25.05 -1.17 -34.36
C MET A 913 -23.57 -1.09 -34.01
N ASN A 914 -22.99 0.07 -34.27
CA ASN A 914 -21.60 0.32 -33.90
C ASN A 914 -21.43 0.11 -32.40
N ASP A 915 -20.63 -0.88 -32.02
CA ASP A 915 -20.35 -1.20 -30.64
C ASP A 915 -18.86 -1.51 -30.49
N VAL A 916 -18.44 -1.77 -29.24
CA VAL A 916 -17.04 -2.06 -28.99
C VAL A 916 -16.60 -3.27 -29.80
N PHE A 917 -17.44 -4.31 -29.84
CA PHE A 917 -17.08 -5.52 -30.58
C PHE A 917 -16.88 -5.21 -32.05
N PHE A 918 -17.72 -4.35 -32.62
CA PHE A 918 -17.56 -4.00 -34.02
C PHE A 918 -16.24 -3.29 -34.26
N LYS A 919 -15.80 -2.44 -33.33
CA LYS A 919 -14.51 -1.77 -33.50
C LYS A 919 -13.33 -2.74 -33.37
N ILE A 920 -13.40 -3.70 -32.43
CA ILE A 920 -12.36 -4.72 -32.38
C ILE A 920 -12.33 -5.50 -33.68
N GLY A 921 -13.49 -5.87 -34.21
CA GLY A 921 -13.53 -6.55 -35.49
C GLY A 921 -12.96 -5.70 -36.62
N LEU A 922 -13.24 -4.40 -36.59
CA LEU A 922 -12.73 -3.50 -37.62
C LEU A 922 -11.22 -3.46 -37.59
N ILE A 923 -10.63 -3.36 -36.40
CA ILE A 923 -9.17 -3.35 -36.30
C ILE A 923 -8.59 -4.70 -36.72
N THR A 924 -9.27 -5.79 -36.35
CA THR A 924 -8.81 -7.11 -36.77
C THR A 924 -8.78 -7.22 -38.29
N ILE A 925 -9.84 -6.75 -38.96
CA ILE A 925 -9.86 -6.76 -40.42
C ILE A 925 -8.84 -5.81 -41.01
N ILE A 926 -8.59 -4.68 -40.38
CA ILE A 926 -7.56 -3.75 -40.90
C ILE A 926 -6.21 -4.43 -40.82
N GLY A 927 -5.84 -5.21 -39.79
CA GLY A 927 -4.60 -5.97 -39.76
C GLY A 927 -4.59 -7.13 -40.74
N LEU A 928 -5.72 -7.83 -40.86
CA LEU A 928 -5.75 -9.03 -41.66
C LEU A 928 -5.76 -8.72 -43.16
N SER A 929 -6.29 -7.56 -43.54
CA SER A 929 -6.18 -7.12 -44.93
C SER A 929 -4.79 -6.59 -45.21
N ALA A 930 -4.18 -5.92 -44.24
CA ALA A 930 -2.76 -5.57 -44.38
C ALA A 930 -1.93 -6.82 -44.63
N LYS A 931 -2.34 -7.96 -44.06
CA LYS A 931 -1.60 -9.23 -44.20
C LYS A 931 -1.78 -9.78 -45.59
N ASN A 932 -2.88 -9.51 -46.25
CA ASN A 932 -3.16 -10.04 -47.62
C ASN A 932 -2.48 -9.15 -48.63
N ALA A 933 -2.32 -7.91 -48.26
CA ALA A 933 -1.58 -7.00 -49.14
C ALA A 933 -0.07 -7.20 -49.06
N ILE A 934 0.45 -7.49 -47.86
CA ILE A 934 1.89 -7.56 -47.66
C ILE A 934 2.53 -8.66 -48.49
N LEU A 935 1.90 -9.85 -48.54
CA LEU A 935 2.47 -10.95 -49.30
C LEU A 935 2.67 -10.57 -50.76
N ILE A 936 1.60 -10.06 -51.39
CA ILE A 936 1.65 -9.74 -52.80
C ILE A 936 2.66 -8.63 -53.06
N VAL A 937 2.64 -7.57 -52.24
CA VAL A 937 3.56 -6.46 -52.50
C VAL A 937 5.00 -6.91 -52.31
N GLU A 938 5.26 -7.70 -51.27
CA GLU A 938 6.61 -8.22 -51.04
C GLU A 938 7.11 -9.00 -52.25
N PHE A 939 6.33 -9.98 -52.71
CA PHE A 939 6.84 -10.85 -53.75
C PHE A 939 6.92 -10.11 -55.08
N ALA A 940 6.00 -9.16 -55.31
CA ALA A 940 6.09 -8.33 -56.51
C ALA A 940 7.35 -7.48 -56.49
N LYS A 941 7.70 -6.92 -55.33
CA LYS A 941 8.94 -6.16 -55.22
C LYS A 941 10.15 -7.04 -55.50
N MET A 942 10.14 -8.26 -54.96
CA MET A 942 11.26 -9.18 -55.22
C MET A 942 11.37 -9.50 -56.70
N LEU A 943 10.24 -9.78 -57.36
CA LEU A 943 10.30 -10.08 -58.79
C LEU A 943 10.77 -8.87 -59.59
N LYS A 944 10.32 -7.67 -59.22
CA LYS A 944 10.78 -6.47 -59.90
C LYS A 944 12.28 -6.30 -59.73
N GLU A 945 12.80 -6.58 -58.53
CA GLU A 945 14.24 -6.58 -58.34
C GLU A 945 14.91 -7.60 -59.25
N GLU A 946 14.27 -8.75 -59.45
CA GLU A 946 14.80 -9.74 -60.39
C GLU A 946 14.81 -9.25 -61.82
N GLY A 947 14.11 -8.15 -62.12
CA GLY A 947 14.06 -7.59 -63.46
C GLY A 947 12.69 -7.58 -64.10
N MET A 948 11.68 -8.15 -63.44
CA MET A 948 10.34 -8.18 -64.00
C MET A 948 9.72 -6.78 -63.98
N SER A 949 8.87 -6.51 -64.97
CA SER A 949 8.17 -5.24 -65.04
C SER A 949 7.11 -5.16 -63.95
N LEU A 950 6.65 -3.93 -63.69
CA LEU A 950 5.65 -3.73 -62.65
C LEU A 950 4.37 -4.51 -62.97
N ILE A 951 3.87 -4.41 -64.20
CA ILE A 951 2.68 -5.15 -64.59
C ILE A 951 2.93 -6.65 -64.47
N GLU A 952 4.03 -7.12 -65.08
CA GLU A 952 4.35 -8.53 -65.04
C GLU A 952 4.63 -8.99 -63.62
N ALA A 953 5.37 -8.18 -62.86
CA ALA A 953 5.68 -8.56 -61.48
C ALA A 953 4.41 -8.74 -60.66
N THR A 954 3.49 -7.76 -60.73
CA THR A 954 2.27 -7.86 -59.95
C THR A 954 1.39 -9.02 -60.41
N VAL A 955 1.25 -9.20 -61.72
CA VAL A 955 0.36 -10.26 -62.21
C VAL A 955 0.92 -11.63 -61.85
N ALA A 956 2.25 -11.78 -61.87
CA ALA A 956 2.85 -13.05 -61.48
C ALA A 956 2.75 -13.27 -59.97
N ALA A 957 2.98 -12.22 -59.18
CA ALA A 957 2.93 -12.37 -57.73
C ALA A 957 1.53 -12.73 -57.26
N ALA A 958 0.50 -12.08 -57.81
CA ALA A 958 -0.86 -12.42 -57.44
C ALA A 958 -1.17 -13.88 -57.78
N LYS A 959 -0.77 -14.33 -58.98
CA LYS A 959 -1.01 -15.71 -59.36
C LYS A 959 -0.33 -16.67 -58.41
N LEU A 960 0.93 -16.37 -58.04
CA LEU A 960 1.68 -17.30 -57.20
C LEU A 960 1.12 -17.34 -55.78
N ARG A 961 0.70 -16.19 -55.25
CA ARG A 961 0.28 -16.10 -53.86
C ARG A 961 -1.22 -16.23 -53.69
N LEU A 962 -1.97 -16.50 -54.76
CA LEU A 962 -3.41 -16.67 -54.64
C LEU A 962 -3.77 -17.76 -53.65
N ARG A 963 -3.20 -18.96 -53.81
CA ARG A 963 -3.67 -20.09 -53.00
C ARG A 963 -3.50 -19.87 -51.51
N PRO A 964 -2.32 -19.49 -51.00
CA PRO A 964 -2.22 -19.24 -49.56
C PRO A 964 -3.11 -18.10 -49.09
N ILE A 965 -3.28 -17.06 -49.90
CA ILE A 965 -4.11 -15.94 -49.51
C ILE A 965 -5.56 -16.38 -49.36
N LEU A 966 -6.09 -17.10 -50.35
CA LEU A 966 -7.45 -17.60 -50.26
C LEU A 966 -7.59 -18.59 -49.11
N MET A 967 -6.59 -19.43 -48.90
CA MET A 967 -6.64 -20.40 -47.80
C MET A 967 -6.76 -19.69 -46.45
N THR A 968 -5.82 -18.75 -46.23
CA THR A 968 -5.75 -17.94 -44.97
C THR A 968 -7.05 -17.17 -44.77
N SER A 969 -7.63 -16.64 -45.85
CA SER A 969 -8.86 -15.87 -45.79
C SER A 969 -10.04 -16.77 -45.40
N LEU A 970 -10.19 -17.90 -46.08
CA LEU A 970 -11.30 -18.80 -45.79
C LEU A 970 -11.19 -19.40 -44.40
N ALA A 971 -9.96 -19.62 -43.92
CA ALA A 971 -9.79 -20.15 -42.57
C ALA A 971 -10.48 -19.26 -41.55
N PHE A 972 -10.17 -17.95 -41.58
CA PHE A 972 -10.81 -17.03 -40.64
C PHE A 972 -12.30 -16.86 -40.95
N THR A 973 -12.66 -16.82 -42.24
CA THR A 973 -14.05 -16.59 -42.61
C THR A 973 -14.95 -17.70 -42.09
N CYS A 974 -14.50 -18.95 -42.18
CA CYS A 974 -15.26 -20.08 -41.65
C CYS A 974 -15.03 -20.31 -40.16
N GLY A 975 -13.97 -19.74 -39.59
CA GLY A 975 -13.77 -19.85 -38.16
C GLY A 975 -14.77 -19.03 -37.36
N VAL A 976 -15.29 -17.96 -37.98
CA VAL A 976 -16.29 -17.11 -37.33
C VAL A 976 -17.70 -17.53 -37.69
N ILE A 977 -17.87 -18.59 -38.48
CA ILE A 977 -19.22 -19.05 -38.83
C ILE A 977 -20.04 -19.36 -37.59
N PRO A 978 -19.53 -20.09 -36.59
CA PRO A 978 -20.33 -20.31 -35.38
C PRO A 978 -20.77 -19.03 -34.70
N LEU A 979 -19.91 -18.01 -34.70
CA LEU A 979 -20.29 -16.74 -34.08
C LEU A 979 -21.49 -16.13 -34.79
N VAL A 980 -21.49 -16.16 -36.13
CA VAL A 980 -22.58 -15.56 -36.89
C VAL A 980 -23.85 -16.39 -36.82
N ILE A 981 -23.76 -17.71 -36.69
CA ILE A 981 -24.92 -18.58 -36.70
C ILE A 981 -25.24 -19.16 -35.32
N ALA A 982 -24.51 -18.78 -34.28
CA ALA A 982 -24.87 -19.21 -32.93
C ALA A 982 -26.27 -18.72 -32.59
N THR A 983 -27.05 -19.58 -31.94
CA THR A 983 -28.43 -19.28 -31.57
C THR A 983 -28.73 -19.60 -30.11
N GLY A 984 -27.71 -19.89 -29.31
CA GLY A 984 -27.90 -20.23 -27.91
C GLY A 984 -27.84 -19.00 -27.01
N ALA A 985 -27.65 -19.27 -25.73
CA ALA A 985 -27.52 -18.19 -24.76
C ALA A 985 -26.27 -17.37 -25.05
N SER A 986 -26.38 -16.05 -24.90
CA SER A 986 -25.34 -15.09 -25.22
C SER A 986 -25.02 -15.12 -26.71
N SER A 987 -26.03 -15.29 -27.57
CA SER A 987 -25.78 -15.44 -29.00
C SER A 987 -25.45 -14.11 -29.66
N GLU A 988 -26.11 -13.03 -29.25
CA GLU A 988 -25.95 -11.77 -29.97
C GLU A 988 -24.61 -11.11 -29.67
N THR A 989 -24.05 -11.36 -28.49
CA THR A 989 -22.70 -10.87 -28.22
C THR A 989 -21.70 -11.55 -29.14
N GLN A 990 -21.97 -12.80 -29.53
CA GLN A 990 -21.15 -13.47 -30.53
C GLN A 990 -21.45 -12.93 -31.92
N HIS A 991 -22.71 -12.63 -32.21
CA HIS A 991 -23.09 -12.11 -33.52
C HIS A 991 -22.42 -10.77 -33.78
N ALA A 992 -22.30 -9.93 -32.75
CA ALA A 992 -21.65 -8.63 -32.94
C ALA A 992 -20.24 -8.81 -33.49
N LEU A 993 -19.48 -9.74 -32.92
CA LEU A 993 -18.15 -10.04 -33.46
C LEU A 993 -18.26 -10.65 -34.85
N GLY A 994 -19.15 -11.63 -35.02
CA GLY A 994 -19.15 -12.42 -36.23
C GLY A 994 -19.52 -11.65 -37.48
N THR A 995 -20.58 -10.83 -37.40
CA THR A 995 -21.08 -10.17 -38.61
C THR A 995 -20.04 -9.22 -39.20
N GLY A 996 -19.44 -8.38 -38.36
CA GLY A 996 -18.47 -7.42 -38.84
C GLY A 996 -17.26 -8.10 -39.46
N VAL A 997 -16.71 -9.11 -38.78
CA VAL A 997 -15.53 -9.79 -39.31
C VAL A 997 -15.88 -10.53 -40.60
N PHE A 998 -17.05 -11.16 -40.66
CA PHE A 998 -17.45 -11.89 -41.85
C PHE A 998 -17.54 -10.95 -43.05
N GLY A 999 -18.28 -9.85 -42.90
CA GLY A 999 -18.39 -8.89 -43.99
C GLY A 999 -17.05 -8.28 -44.36
N GLY A 1000 -16.25 -7.90 -43.36
CA GLY A 1000 -14.96 -7.31 -43.64
C GLY A 1000 -14.06 -8.25 -44.40
N MET A 1001 -13.99 -9.50 -43.98
CA MET A 1001 -13.16 -10.51 -44.68
C MET A 1001 -13.67 -10.67 -46.12
N ILE A 1002 -14.96 -10.88 -46.32
CA ILE A 1002 -15.46 -11.11 -47.68
C ILE A 1002 -15.11 -9.94 -48.57
N SER A 1003 -15.46 -8.72 -48.15
CA SER A 1003 -15.16 -7.56 -48.99
C SER A 1003 -13.67 -7.40 -49.21
N ALA A 1004 -12.89 -7.41 -48.12
CA ALA A 1004 -11.45 -7.17 -48.21
C ALA A 1004 -10.81 -8.15 -49.18
N THR A 1005 -11.08 -9.45 -49.04
CA THR A 1005 -10.42 -10.42 -49.90
C THR A 1005 -10.92 -10.34 -51.33
N ILE A 1006 -12.25 -10.48 -51.52
CA ILE A 1006 -12.80 -10.56 -52.87
C ILE A 1006 -12.68 -9.25 -53.64
N LEU A 1007 -12.28 -8.17 -52.99
CA LEU A 1007 -11.91 -6.95 -53.69
C LEU A 1007 -10.41 -6.74 -53.78
N ALA A 1008 -9.66 -7.12 -52.76
CA ALA A 1008 -8.22 -6.92 -52.75
C ALA A 1008 -7.54 -7.74 -53.83
N ILE A 1009 -7.98 -8.99 -54.02
CA ILE A 1009 -7.31 -9.85 -55.00
C ILE A 1009 -7.29 -9.17 -56.37
N PHE A 1010 -8.24 -8.28 -56.65
CA PHE A 1010 -8.30 -7.57 -57.95
C PHE A 1010 -7.86 -6.11 -57.78
N PHE A 1011 -7.93 -5.56 -56.57
CA PHE A 1011 -7.62 -4.12 -56.36
C PHE A 1011 -6.26 -3.80 -55.78
N VAL A 1012 -5.53 -4.65 -55.08
CA VAL A 1012 -4.24 -4.36 -54.45
C VAL A 1012 -3.17 -4.23 -55.52
N PRO A 1013 -3.13 -5.10 -56.53
CA PRO A 1013 -2.20 -4.85 -57.65
C PRO A 1013 -2.43 -3.51 -58.31
N VAL A 1014 -3.68 -3.08 -58.44
CA VAL A 1014 -3.97 -1.79 -59.06
C VAL A 1014 -3.40 -0.65 -58.22
N PHE A 1015 -3.60 -0.71 -56.90
CA PHE A 1015 -3.04 0.33 -56.03
C PHE A 1015 -1.51 0.35 -56.15
N PHE A 1016 -0.88 -0.82 -56.08
CA PHE A 1016 0.57 -0.89 -56.16
C PHE A 1016 1.07 -0.26 -57.45
N ILE A 1017 0.53 -0.71 -58.59
CA ILE A 1017 1.01 -0.20 -59.87
C ILE A 1017 0.76 1.30 -59.98
N PHE A 1018 -0.43 1.76 -59.62
CA PHE A 1018 -0.74 3.17 -59.76
C PHE A 1018 0.18 4.03 -58.92
N ILE A 1019 0.37 3.67 -57.65
CA ILE A 1019 1.18 4.48 -56.76
C ILE A 1019 2.63 4.48 -57.22
N LEU A 1020 3.18 3.31 -57.55
CA LEU A 1020 4.58 3.26 -57.97
C LEU A 1020 4.79 4.01 -59.28
N GLY A 1021 3.86 3.87 -60.23
CA GLY A 1021 3.99 4.60 -61.48
C GLY A 1021 3.88 6.10 -61.30
N ALA A 1022 2.98 6.55 -60.41
CA ALA A 1022 2.87 7.97 -60.14
C ALA A 1022 4.14 8.51 -59.51
N VAL A 1023 4.71 7.76 -58.57
CA VAL A 1023 5.96 8.21 -57.93
C VAL A 1023 7.07 8.28 -58.97
N GLU A 1024 7.17 7.28 -59.84
CA GLU A 1024 8.19 7.30 -60.88
C GLU A 1024 7.98 8.46 -61.83
N LYS A 1025 6.73 8.73 -62.21
CA LYS A 1025 6.44 9.84 -63.12
C LYS A 1025 6.82 11.17 -62.51
N LEU A 1026 6.47 11.39 -61.24
CA LEU A 1026 6.82 12.63 -60.58
C LEU A 1026 8.34 12.79 -60.46
N PHE A 1027 9.03 11.69 -60.17
CA PHE A 1027 10.48 11.72 -60.04
C PHE A 1027 11.11 10.49 -60.69
N MET B 1 29.29 -1.43 -35.70
CA MET B 1 29.11 -1.31 -37.17
C MET B 1 27.76 -0.68 -37.49
N SER B 2 27.77 0.35 -38.33
CA SER B 2 26.57 1.12 -38.65
C SER B 2 26.34 1.27 -40.15
N GLN B 3 26.97 0.43 -40.97
CA GLN B 3 26.75 0.50 -42.41
C GLN B 3 25.31 0.16 -42.78
N PHE B 4 24.59 -0.54 -41.89
CA PHE B 4 23.22 -0.92 -42.21
C PHE B 4 22.34 0.31 -42.41
N PHE B 5 22.48 1.31 -41.52
CA PHE B 5 21.60 2.52 -41.55
C PHE B 5 22.03 3.48 -42.63
N ILE B 6 23.25 3.53 -43.06
CA ILE B 6 23.60 4.27 -44.28
C ILE B 6 23.07 3.54 -45.51
N ARG B 7 23.06 2.21 -45.46
CA ARG B 7 22.44 1.45 -46.55
C ARG B 7 20.91 1.63 -46.54
N ARG B 8 20.33 1.91 -45.37
CA ARG B 8 18.89 2.05 -45.21
C ARG B 8 18.56 3.44 -44.68
N PRO B 9 18.37 4.44 -45.54
CA PRO B 9 17.96 5.76 -45.02
C PRO B 9 16.53 5.77 -44.51
N VAL B 10 15.62 5.07 -45.19
CA VAL B 10 14.22 5.07 -44.79
C VAL B 10 14.08 4.47 -43.39
N PHE B 11 14.89 3.45 -43.14
CA PHE B 11 14.83 2.74 -41.85
C PHE B 11 15.23 3.72 -40.79
N ALA B 12 16.28 4.51 -40.86
CA ALA B 12 16.73 5.46 -39.87
C ALA B 12 15.71 6.59 -39.70
N TRP B 13 15.18 7.10 -40.82
CA TRP B 13 14.20 8.17 -40.72
C TRP B 13 12.93 7.69 -40.03
N VAL B 14 12.58 6.42 -40.22
CA VAL B 14 11.38 5.88 -39.57
C VAL B 14 11.58 5.77 -38.06
N ILE B 15 12.76 5.33 -37.64
CA ILE B 15 13.02 5.31 -36.19
C ILE B 15 13.03 6.72 -35.63
N ALA B 16 13.58 7.68 -36.38
CA ALA B 16 13.56 9.07 -35.93
C ALA B 16 12.12 9.58 -35.79
N ILE B 17 11.27 9.23 -36.76
CA ILE B 17 9.87 9.63 -36.69
C ILE B 17 9.19 8.98 -35.49
N PHE B 18 9.46 7.71 -35.25
CA PHE B 18 8.92 7.06 -34.03
C PHE B 18 9.33 7.90 -32.83
N ILE B 19 10.62 8.20 -32.65
CA ILE B 19 11.08 8.93 -31.47
C ILE B 19 10.35 10.26 -31.36
N ILE B 20 10.24 10.99 -32.46
CA ILE B 20 9.59 12.29 -32.43
C ILE B 20 8.13 12.16 -32.01
N ILE B 21 7.43 11.17 -32.57
CA ILE B 21 6.01 10.98 -32.27
C ILE B 21 5.82 10.66 -30.80
N PHE B 22 6.59 9.72 -30.27
CA PHE B 22 6.42 9.38 -28.86
C PHE B 22 6.78 10.56 -27.96
N GLY B 23 7.83 11.31 -28.32
CA GLY B 23 8.18 12.47 -27.52
C GLY B 23 7.10 13.52 -27.49
N LEU B 24 6.50 13.79 -28.66
CA LEU B 24 5.44 14.79 -28.72
C LEU B 24 4.17 14.33 -28.01
N LEU B 25 3.87 13.03 -28.07
CA LEU B 25 2.75 12.50 -27.29
C LEU B 25 3.03 12.61 -25.79
N SER B 26 4.28 12.38 -25.37
CA SER B 26 4.60 12.36 -23.96
C SER B 26 4.66 13.76 -23.36
N ILE B 27 5.11 14.75 -24.13
CA ILE B 27 5.33 16.09 -23.56
C ILE B 27 4.07 16.63 -22.89
N PRO B 28 2.90 16.65 -23.55
CA PRO B 28 1.72 17.21 -22.87
C PRO B 28 1.37 16.48 -21.58
N LYS B 29 1.55 15.17 -21.53
CA LYS B 29 1.11 14.41 -20.36
C LYS B 29 2.04 14.60 -19.18
N LEU B 30 3.28 15.04 -19.42
CA LEU B 30 4.22 15.21 -18.33
C LEU B 30 3.75 16.32 -17.39
N PRO B 31 3.84 16.13 -16.08
CA PRO B 31 3.56 17.25 -15.17
C PRO B 31 4.64 18.32 -15.27
N ILE B 32 4.28 19.54 -14.88
CA ILE B 32 5.18 20.68 -14.91
C ILE B 32 5.15 21.36 -13.55
N ALA B 33 6.33 21.59 -12.98
CA ALA B 33 6.45 22.28 -11.70
C ALA B 33 7.85 22.87 -11.61
N ARG B 34 8.01 23.88 -10.75
CA ARG B 34 9.28 24.58 -10.66
C ARG B 34 10.38 23.67 -10.12
N PHE B 35 10.13 23.03 -8.99
CA PHE B 35 11.16 22.16 -8.40
C PHE B 35 10.57 20.78 -8.15
N PRO B 36 11.40 19.74 -8.10
CA PRO B 36 10.93 18.39 -7.77
C PRO B 36 10.63 18.24 -6.29
N SER B 37 10.29 17.02 -5.85
CA SER B 37 9.96 16.76 -4.46
C SER B 37 11.24 16.49 -3.66
N VAL B 38 12.07 17.52 -3.58
CA VAL B 38 13.34 17.38 -2.86
C VAL B 38 13.10 17.30 -1.36
N ALA B 39 12.16 18.08 -0.84
CA ALA B 39 11.96 18.14 0.60
C ALA B 39 11.49 16.79 1.14
N PRO B 40 11.99 16.38 2.30
CA PRO B 40 11.53 15.12 2.90
C PRO B 40 10.04 15.18 3.17
N PRO B 41 9.32 14.06 3.04
CA PRO B 41 7.89 14.08 3.35
C PRO B 41 7.65 14.28 4.83
N GLN B 42 6.55 14.96 5.16
CA GLN B 42 6.23 15.32 6.54
C GLN B 42 4.80 14.89 6.84
N VAL B 43 4.60 14.37 8.05
CA VAL B 43 3.28 14.02 8.55
C VAL B 43 3.05 14.75 9.86
N ASN B 44 1.90 15.39 10.00
CA ASN B 44 1.61 16.28 11.11
C ASN B 44 0.42 15.74 11.91
N ILE B 45 0.69 15.28 13.13
CA ILE B 45 -0.38 14.98 14.07
C ILE B 45 -0.76 16.25 14.81
N SER B 46 -2.05 16.48 14.99
CA SER B 46 -2.55 17.66 15.66
C SER B 46 -3.48 17.26 16.79
N ALA B 47 -3.36 17.95 17.92
CA ALA B 47 -4.21 17.72 19.07
C ALA B 47 -4.65 19.06 19.64
N THR B 48 -5.83 19.07 20.24
CA THR B 48 -6.40 20.29 20.79
C THR B 48 -7.16 19.97 22.07
N TYR B 49 -6.76 20.61 23.17
CA TYR B 49 -7.46 20.50 24.44
C TYR B 49 -7.85 21.90 24.88
N PRO B 50 -9.11 22.32 24.69
CA PRO B 50 -9.47 23.71 24.98
C PRO B 50 -9.20 24.07 26.44
N GLY B 51 -8.73 25.30 26.64
CA GLY B 51 -8.51 25.80 27.99
C GLY B 51 -7.47 25.04 28.78
N ALA B 52 -6.32 24.76 28.17
CA ALA B 52 -5.23 24.05 28.82
C ALA B 52 -3.94 24.84 28.69
N THR B 53 -3.16 24.90 29.77
CA THR B 53 -1.83 25.47 29.70
C THR B 53 -0.91 24.56 28.90
N ALA B 54 0.15 25.15 28.35
CA ALA B 54 1.06 24.39 27.52
C ALA B 54 1.67 23.22 28.28
N LYS B 55 1.84 23.36 29.59
CA LYS B 55 2.55 22.34 30.36
C LYS B 55 1.81 21.01 30.34
N THR B 56 0.49 21.04 30.51
CA THR B 56 -0.27 19.78 30.58
C THR B 56 -0.24 19.06 29.23
N ILE B 57 -0.52 19.78 28.14
CA ILE B 57 -0.47 19.16 26.83
C ILE B 57 0.92 18.59 26.57
N ASN B 58 1.95 19.38 26.86
CA ASN B 58 3.32 18.91 26.65
C ASN B 58 3.61 17.66 27.47
N ASP B 59 3.18 17.63 28.73
CA ASP B 59 3.59 16.54 29.60
C ASP B 59 2.85 15.26 29.29
N SER B 60 1.64 15.34 28.72
CA SER B 60 0.89 14.13 28.43
C SER B 60 0.79 13.83 26.94
N VAL B 61 0.16 14.70 26.15
CA VAL B 61 -0.14 14.34 24.76
C VAL B 61 1.14 14.37 23.93
N VAL B 62 1.92 15.45 24.08
CA VAL B 62 3.16 15.55 23.32
C VAL B 62 4.11 14.43 23.69
N THR B 63 4.26 14.15 24.99
CA THR B 63 5.17 13.09 25.40
C THR B 63 4.73 11.74 24.84
N LEU B 64 3.44 11.41 24.95
CA LEU B 64 2.96 10.16 24.38
C LEU B 64 3.29 10.09 22.90
N ILE B 65 2.73 11.00 22.11
CA ILE B 65 2.89 10.95 20.66
C ILE B 65 4.38 10.92 20.29
N GLU B 66 5.20 11.67 21.03
CA GLU B 66 6.63 11.68 20.80
C GLU B 66 7.20 10.27 20.95
N ARG B 67 6.76 9.55 22.00
CA ARG B 67 7.27 8.20 22.20
C ARG B 67 6.83 7.26 21.08
N GLU B 68 5.52 7.23 20.78
CA GLU B 68 5.06 6.21 19.83
C GLU B 68 5.51 6.48 18.40
N LEU B 69 5.47 7.74 17.95
CA LEU B 69 5.85 8.09 16.56
C LEU B 69 7.26 7.60 16.26
N SER B 70 8.13 7.49 17.26
CA SER B 70 9.46 6.95 17.05
C SER B 70 9.36 5.46 16.74
N GLY B 71 10.11 5.02 15.74
CA GLY B 71 10.13 3.62 15.33
C GLY B 71 9.56 3.37 13.95
N VAL B 72 8.86 4.34 13.36
CA VAL B 72 8.31 4.15 12.03
C VAL B 72 9.44 4.08 11.01
N LYS B 73 9.21 3.35 9.92
CA LYS B 73 10.24 3.14 8.92
C LYS B 73 10.64 4.45 8.25
N ASN B 74 11.93 4.58 7.98
CA ASN B 74 12.47 5.74 7.25
C ASN B 74 12.09 7.05 7.93
N LEU B 75 12.38 7.16 9.22
CA LEU B 75 12.10 8.38 9.99
C LEU B 75 13.44 8.98 10.41
N LEU B 76 13.86 10.01 9.68
CA LEU B 76 15.15 10.67 10.00
C LEU B 76 15.00 11.49 11.27
N TYR B 77 13.94 12.27 11.43
CA TYR B 77 13.80 12.96 12.72
C TYR B 77 12.34 13.19 12.98
N TYR B 78 11.90 13.53 14.15
CA TYR B 78 10.55 13.91 14.54
C TYR B 78 10.61 15.02 15.59
N SER B 79 9.55 15.80 15.68
CA SER B 79 9.53 16.98 16.54
C SER B 79 8.12 17.20 17.05
N ALA B 80 7.97 18.20 17.91
CA ALA B 80 6.68 18.53 18.50
C ALA B 80 6.71 19.98 18.96
N THR B 81 5.53 20.51 19.26
CA THR B 81 5.40 21.89 19.70
C THR B 81 4.17 22.05 20.57
N THR B 82 4.17 23.12 21.36
CA THR B 82 3.03 23.49 22.19
C THR B 82 3.07 25.00 22.40
N ASP B 83 1.92 25.57 22.68
CA ASP B 83 1.79 27.02 22.83
C ASP B 83 0.63 27.31 23.76
N THR B 84 0.24 28.59 23.84
CA THR B 84 -0.85 29.03 24.71
C THR B 84 -2.20 28.99 24.01
N SER B 85 -2.27 28.50 22.77
CA SER B 85 -3.51 28.37 22.03
C SER B 85 -4.20 27.03 22.30
N GLY B 86 -3.66 26.23 23.22
CA GLY B 86 -4.26 24.94 23.52
C GLY B 86 -4.21 23.97 22.37
N THR B 87 -3.11 23.94 21.63
CA THR B 87 -2.94 23.02 20.51
C THR B 87 -1.51 22.49 20.50
N ALA B 88 -1.36 21.27 20.00
CA ALA B 88 -0.07 20.62 19.90
C ALA B 88 0.09 20.05 18.49
N GLU B 89 1.25 20.31 17.89
CA GLU B 89 1.58 19.84 16.55
C GLU B 89 2.85 19.00 16.63
N ILE B 90 2.74 17.73 16.23
CA ILE B 90 3.86 16.80 16.22
C ILE B 90 4.19 16.48 14.77
N THR B 91 5.44 16.70 14.37
CA THR B 91 5.86 16.52 13.00
C THR B 91 6.82 15.35 12.90
N ALA B 92 6.51 14.41 12.01
CA ALA B 92 7.40 13.30 11.68
C ALA B 92 7.90 13.50 10.27
N THR B 93 9.22 13.61 10.12
CA THR B 93 9.86 13.85 8.83
C THR B 93 10.57 12.57 8.39
N PHE B 94 10.08 11.98 7.31
CA PHE B 94 10.64 10.73 6.82
C PHE B 94 11.72 11.00 5.77
N LYS B 95 12.42 9.94 5.37
CA LYS B 95 13.52 10.10 4.43
C LYS B 95 12.99 10.49 3.06
N PRO B 96 13.77 11.25 2.29
CA PRO B 96 13.33 11.64 0.95
C PRO B 96 13.09 10.41 0.07
N GLY B 97 12.07 10.50 -0.78
CA GLY B 97 11.69 9.42 -1.66
C GLY B 97 10.75 8.41 -1.03
N THR B 98 10.47 8.51 0.27
CA THR B 98 9.55 7.61 0.92
C THR B 98 8.12 7.89 0.45
N ASP B 99 7.29 6.85 0.50
CA ASP B 99 5.88 6.96 0.14
C ASP B 99 5.15 7.63 1.28
N VAL B 100 4.60 8.82 1.03
CA VAL B 100 3.92 9.57 2.08
C VAL B 100 2.70 8.81 2.57
N GLU B 101 2.01 8.12 1.66
CA GLU B 101 0.79 7.40 2.04
C GLU B 101 1.09 6.26 3.00
N MET B 102 2.09 5.44 2.68
CA MET B 102 2.42 4.33 3.55
C MET B 102 2.90 4.81 4.92
N ALA B 103 3.71 5.87 4.94
CA ALA B 103 4.16 6.43 6.21
C ALA B 103 2.99 6.98 7.03
N GLN B 104 2.05 7.65 6.36
CA GLN B 104 0.90 8.19 7.06
C GLN B 104 0.04 7.06 7.63
N VAL B 105 -0.09 5.96 6.88
CA VAL B 105 -0.80 4.79 7.39
C VAL B 105 -0.09 4.23 8.63
N ASP B 106 1.24 4.15 8.55
CA ASP B 106 2.00 3.64 9.69
C ASP B 106 1.82 4.50 10.92
N VAL B 107 1.84 5.83 10.75
CA VAL B 107 1.68 6.72 11.90
C VAL B 107 0.27 6.63 12.47
N GLN B 108 -0.75 6.45 11.61
CA GLN B 108 -2.07 6.14 12.15
C GLN B 108 -2.06 4.85 12.96
N ASN B 109 -1.39 3.82 12.45
CA ASN B 109 -1.33 2.55 13.19
C ASN B 109 -0.69 2.76 14.55
N LYS B 110 0.37 3.55 14.61
CA LYS B 110 1.03 3.83 15.89
C LYS B 110 0.13 4.64 16.81
N ILE B 111 -0.54 5.66 16.27
CA ILE B 111 -1.33 6.57 17.11
C ILE B 111 -2.55 5.86 17.67
N LYS B 112 -3.15 4.95 16.88
CA LYS B 112 -4.32 4.23 17.34
C LYS B 112 -3.99 3.39 18.58
N ALA B 113 -2.73 3.00 18.73
CA ALA B 113 -2.36 2.18 19.88
C ALA B 113 -2.64 2.89 21.20
N VAL B 114 -2.32 4.19 21.27
CA VAL B 114 -2.49 4.96 22.49
C VAL B 114 -3.62 5.98 22.39
N GLU B 115 -4.42 5.92 21.32
CA GLU B 115 -5.58 6.80 21.26
C GLU B 115 -6.45 6.67 22.51
N ALA B 116 -6.51 5.46 23.09
CA ALA B 116 -7.30 5.27 24.30
C ALA B 116 -6.75 6.10 25.46
N ARG B 117 -5.43 6.15 25.60
CA ARG B 117 -4.83 6.83 26.76
C ARG B 117 -5.03 8.33 26.74
N LEU B 118 -5.48 8.91 25.63
CA LEU B 118 -5.69 10.34 25.58
C LEU B 118 -6.89 10.75 26.44
N PRO B 119 -6.93 11.99 26.92
CA PRO B 119 -8.08 12.44 27.69
C PRO B 119 -9.36 12.38 26.87
N GLN B 120 -10.49 12.19 27.56
CA GLN B 120 -11.77 12.05 26.88
C GLN B 120 -12.09 13.29 26.04
N VAL B 121 -11.81 14.47 26.58
CA VAL B 121 -12.04 15.69 25.82
C VAL B 121 -11.17 15.70 24.57
N VAL B 122 -9.96 15.19 24.67
CA VAL B 122 -9.08 15.10 23.50
C VAL B 122 -9.70 14.17 22.45
N ARG B 123 -10.35 13.10 22.89
CA ARG B 123 -11.02 12.17 21.96
C ARG B 123 -12.23 12.89 21.36
N GLN B 124 -12.91 13.77 22.09
CA GLN B 124 -14.02 14.54 21.55
C GLN B 124 -13.54 15.49 20.46
N GLN B 125 -12.43 16.18 20.72
CA GLN B 125 -11.83 17.01 19.68
C GLN B 125 -11.16 16.14 18.62
N GLY B 126 -10.61 15.00 19.02
CA GLY B 126 -9.95 14.10 18.09
C GLY B 126 -8.51 14.49 17.84
N LEU B 127 -7.81 13.59 17.14
CA LEU B 127 -6.41 13.79 16.76
C LEU B 127 -6.32 13.81 15.25
N GLN B 128 -6.06 14.98 14.68
CA GLN B 128 -5.95 15.13 13.24
C GLN B 128 -4.55 14.76 12.77
N VAL B 129 -4.47 13.90 11.77
CA VAL B 129 -3.19 13.44 11.24
C VAL B 129 -3.20 13.61 9.72
N GLU B 130 -2.66 14.73 9.24
CA GLU B 130 -2.65 15.06 7.83
C GLU B 130 -1.22 15.32 7.37
N ALA B 131 -0.85 14.71 6.23
CA ALA B 131 0.45 14.97 5.65
C ALA B 131 0.39 16.19 4.76
N SER B 132 1.21 17.19 5.09
CA SER B 132 1.21 18.45 4.35
C SER B 132 2.56 19.12 4.55
N SER B 133 2.85 20.10 3.70
CA SER B 133 4.11 20.84 3.72
C SER B 133 3.85 22.25 4.23
N SER B 134 4.71 22.71 5.15
CA SER B 134 4.57 24.04 5.70
C SER B 134 4.77 25.10 4.62
N GLY B 135 4.04 26.20 4.75
CA GLY B 135 4.08 27.29 3.79
C GLY B 135 2.71 27.55 3.20
N PHE B 136 2.68 28.53 2.29
CA PHE B 136 1.45 28.93 1.61
C PHE B 136 1.70 29.04 0.12
N LEU B 137 0.63 28.82 -0.64
CA LEU B 137 0.63 29.03 -2.09
C LEU B 137 -0.02 30.36 -2.46
N MET B 138 -1.09 30.73 -1.76
CA MET B 138 -1.82 31.94 -2.07
C MET B 138 -2.73 32.27 -0.89
N LEU B 139 -3.12 33.54 -0.80
CA LEU B 139 -4.00 34.02 0.26
C LEU B 139 -5.15 34.80 -0.38
N VAL B 140 -6.20 34.08 -0.78
CA VAL B 140 -7.39 34.73 -1.29
C VAL B 140 -8.12 35.41 -0.13
N GLY B 141 -8.80 36.52 -0.41
CA GLY B 141 -9.54 37.20 0.62
C GLY B 141 -10.61 38.10 0.06
N ILE B 142 -11.34 38.74 0.98
CA ILE B 142 -12.35 39.74 0.63
C ILE B 142 -12.16 40.96 1.52
N ASN B 143 -12.34 42.13 0.94
CA ASN B 143 -12.24 43.39 1.65
C ASN B 143 -13.36 44.32 1.18
N SER B 144 -13.72 45.27 2.04
CA SER B 144 -14.79 46.23 1.76
C SER B 144 -14.22 47.64 1.84
N PRO B 145 -13.87 48.26 0.72
CA PRO B 145 -13.33 49.64 0.80
C PRO B 145 -14.28 50.61 1.47
N ASN B 146 -15.58 50.48 1.24
CA ASN B 146 -16.58 51.36 1.82
C ASN B 146 -17.05 50.92 3.20
N ASN B 147 -16.58 49.75 3.68
CA ASN B 147 -16.97 49.24 4.99
C ASN B 147 -18.47 49.03 5.07
N GLN B 148 -19.09 48.66 3.94
CA GLN B 148 -20.50 48.32 3.95
C GLN B 148 -20.76 47.11 4.84
N TYR B 149 -19.87 46.12 4.79
CA TYR B 149 -19.93 44.94 5.64
C TYR B 149 -18.67 44.88 6.47
N SER B 150 -18.83 44.64 7.77
CA SER B 150 -17.72 44.71 8.72
C SER B 150 -16.98 43.37 8.73
N GLU B 151 -16.05 43.20 9.69
CA GLU B 151 -15.22 42.01 9.71
C GLU B 151 -16.06 40.75 9.87
N VAL B 152 -17.05 40.78 10.75
CA VAL B 152 -17.86 39.59 11.01
C VAL B 152 -18.57 39.16 9.73
N ASP B 153 -19.19 40.10 9.03
CA ASP B 153 -19.93 39.75 7.82
C ASP B 153 -19.03 39.14 6.77
N LEU B 154 -17.85 39.75 6.55
CA LEU B 154 -16.92 39.20 5.58
C LEU B 154 -16.47 37.79 5.97
N SER B 155 -16.08 37.60 7.23
CA SER B 155 -15.59 36.31 7.67
C SER B 155 -16.67 35.24 7.51
N ASP B 156 -17.90 35.57 7.89
CA ASP B 156 -18.99 34.61 7.77
C ASP B 156 -19.35 34.34 6.32
N TYR B 157 -19.22 35.34 5.44
CA TYR B 157 -19.43 35.09 4.02
C TYR B 157 -18.37 34.12 3.49
N LEU B 158 -17.12 34.29 3.92
CA LEU B 158 -16.07 33.35 3.49
C LEU B 158 -16.37 31.94 3.99
N VAL B 159 -16.64 31.79 5.29
CA VAL B 159 -16.86 30.47 5.85
C VAL B 159 -18.09 29.82 5.22
N ARG B 160 -19.17 30.57 5.08
CA ARG B 160 -20.40 30.02 4.52
C ARG B 160 -20.23 29.61 3.06
N ASN B 161 -19.62 30.47 2.25
CA ASN B 161 -19.58 30.25 0.81
C ASN B 161 -18.16 30.04 0.28
N VAL B 162 -17.25 30.99 0.50
CA VAL B 162 -15.97 30.97 -0.21
C VAL B 162 -15.20 29.70 0.14
N VAL B 163 -15.15 29.36 1.43
CA VAL B 163 -14.35 28.22 1.87
C VAL B 163 -14.79 26.95 1.17
N GLU B 164 -16.10 26.78 0.98
CA GLU B 164 -16.62 25.55 0.40
C GLU B 164 -15.99 25.29 -0.98
N GLU B 165 -16.23 26.18 -1.94
CA GLU B 165 -15.73 25.92 -3.29
C GLU B 165 -14.22 26.07 -3.36
N LEU B 166 -13.62 26.94 -2.54
CA LEU B 166 -12.17 27.06 -2.56
C LEU B 166 -11.50 25.77 -2.13
N LYS B 167 -12.08 25.07 -1.16
CA LYS B 167 -11.60 23.74 -0.80
C LYS B 167 -12.00 22.71 -1.84
N ARG B 168 -13.11 22.95 -2.55
CA ARG B 168 -13.54 22.01 -3.58
C ARG B 168 -12.52 21.92 -4.71
N VAL B 169 -11.88 23.04 -5.05
CA VAL B 169 -10.91 23.03 -6.15
C VAL B 169 -9.82 22.01 -5.87
N GLU B 170 -9.42 21.28 -6.90
CA GLU B 170 -8.42 20.24 -6.76
C GLU B 170 -7.06 20.84 -6.40
N GLY B 171 -6.24 20.03 -5.73
CA GLY B 171 -4.90 20.46 -5.36
C GLY B 171 -4.83 21.35 -4.14
N VAL B 172 -5.89 21.43 -3.36
CA VAL B 172 -5.93 22.27 -2.16
C VAL B 172 -5.88 21.35 -0.94
N GLY B 173 -4.78 21.38 -0.21
CA GLY B 173 -4.67 20.56 0.99
C GLY B 173 -5.63 21.01 2.07
N LYS B 174 -5.71 22.30 2.30
CA LYS B 174 -6.62 22.87 3.29
C LYS B 174 -6.71 24.36 3.07
N VAL B 175 -7.84 24.93 3.47
CA VAL B 175 -8.10 26.36 3.36
C VAL B 175 -8.21 26.91 4.77
N GLN B 176 -7.10 27.45 5.29
CA GLN B 176 -7.10 27.99 6.64
C GLN B 176 -7.82 29.32 6.67
N SER B 177 -8.93 29.36 7.41
CA SER B 177 -9.74 30.57 7.54
C SER B 177 -9.35 31.30 8.82
N PHE B 178 -9.01 32.58 8.68
CA PHE B 178 -8.64 33.42 9.81
C PHE B 178 -9.80 34.31 10.26
N GLY B 179 -11.00 34.04 9.75
CA GLY B 179 -12.20 34.65 10.28
C GLY B 179 -13.16 33.58 10.75
N ALA B 180 -14.00 33.96 11.71
CA ALA B 180 -14.84 32.99 12.42
C ALA B 180 -16.31 33.24 12.11
N GLU B 181 -17.07 32.13 12.12
CA GLU B 181 -18.49 32.17 11.80
C GLU B 181 -19.30 32.83 12.91
N LYS B 182 -20.30 33.61 12.51
CA LYS B 182 -21.10 34.36 13.48
C LYS B 182 -21.94 33.41 14.32
N ALA B 183 -22.14 33.78 15.59
CA ALA B 183 -22.84 32.92 16.53
C ALA B 183 -23.38 33.77 17.67
N MET B 184 -24.16 33.13 18.53
CA MET B 184 -24.73 33.76 19.71
C MET B 184 -23.68 33.80 20.81
N ARG B 185 -23.40 35.01 21.31
CA ARG B 185 -22.54 35.19 22.47
C ARG B 185 -23.39 35.78 23.58
N ILE B 186 -23.63 34.98 24.61
CA ILE B 186 -24.40 35.43 25.78
C ILE B 186 -23.42 35.94 26.83
N TRP B 187 -23.03 37.21 26.70
CA TRP B 187 -22.11 37.79 27.68
C TRP B 187 -22.83 37.93 29.02
N VAL B 188 -22.19 37.46 30.08
CA VAL B 188 -22.80 37.41 31.40
C VAL B 188 -22.00 38.28 32.36
N ASP B 189 -22.70 39.16 33.07
CA ASP B 189 -22.08 39.96 34.12
C ASP B 189 -22.21 39.20 35.43
N PRO B 190 -21.11 38.73 36.03
CA PRO B 190 -21.24 37.96 37.27
C PRO B 190 -21.90 38.74 38.40
N ASN B 191 -21.76 40.07 38.43
CA ASN B 191 -22.39 40.85 39.50
C ASN B 191 -23.91 40.75 39.43
N LYS B 192 -24.49 41.00 38.25
CA LYS B 192 -25.93 40.89 38.11
C LYS B 192 -26.41 39.47 38.38
N LEU B 193 -25.69 38.48 37.87
CA LEU B 193 -26.10 37.10 38.06
C LEU B 193 -26.09 36.71 39.53
N VAL B 194 -25.07 37.12 40.27
CA VAL B 194 -25.01 36.83 41.70
C VAL B 194 -26.09 37.59 42.44
N SER B 195 -26.39 38.81 42.02
CA SER B 195 -27.39 39.62 42.70
C SER B 195 -28.72 38.87 42.80
N TYR B 196 -29.06 38.11 41.76
CA TYR B 196 -30.30 37.32 41.77
C TYR B 196 -30.08 35.90 42.26
N GLY B 197 -28.87 35.56 42.71
CA GLY B 197 -28.60 34.24 43.22
C GLY B 197 -28.33 33.17 42.18
N LEU B 198 -27.97 33.57 40.97
CA LEU B 198 -27.72 32.61 39.90
C LEU B 198 -26.23 32.42 39.66
N SER B 199 -25.90 31.46 38.80
CA SER B 199 -24.54 31.17 38.40
C SER B 199 -24.54 30.89 36.90
N ILE B 200 -23.35 30.60 36.36
CA ILE B 200 -23.24 30.26 34.95
C ILE B 200 -24.04 29.02 34.61
N SER B 201 -24.07 28.04 35.51
CA SER B 201 -24.87 26.83 35.28
C SER B 201 -26.34 27.17 35.07
N ASP B 202 -26.81 28.26 35.69
CA ASP B 202 -28.21 28.64 35.52
C ASP B 202 -28.51 29.00 34.07
N VAL B 203 -27.70 29.87 33.47
CA VAL B 203 -27.90 30.25 32.08
C VAL B 203 -27.67 29.05 31.17
N ASN B 204 -26.69 28.21 31.52
CA ASN B 204 -26.46 27.01 30.71
C ASN B 204 -27.71 26.13 30.67
N ASN B 205 -28.31 25.87 31.83
CA ASN B 205 -29.51 25.05 31.87
C ASN B 205 -30.67 25.74 31.15
N ALA B 206 -30.77 27.06 31.29
CA ALA B 206 -31.85 27.78 30.63
C ALA B 206 -31.76 27.63 29.11
N ILE B 207 -30.55 27.79 28.56
CA ILE B 207 -30.40 27.67 27.11
C ILE B 207 -30.60 26.22 26.68
N ARG B 208 -30.10 25.27 27.46
CA ARG B 208 -30.32 23.85 27.15
C ARG B 208 -31.79 23.48 27.18
N GLU B 209 -32.58 24.15 28.01
CA GLU B 209 -34.01 23.87 28.13
C GLU B 209 -34.82 24.51 27.04
N ASN B 210 -34.74 25.84 26.89
CA ASN B 210 -35.57 26.53 25.90
C ASN B 210 -35.18 26.13 24.49
N ASN B 211 -33.89 26.04 24.20
CA ASN B 211 -33.40 25.71 22.87
C ASN B 211 -32.93 24.26 22.86
N VAL B 212 -33.76 23.38 22.32
CA VAL B 212 -33.45 21.96 22.22
C VAL B 212 -34.04 21.42 20.92
N GLU B 213 -33.57 20.24 20.52
CA GLU B 213 -34.00 19.60 19.29
C GLU B 213 -35.17 18.66 19.59
N ILE B 214 -36.21 18.72 18.76
CA ILE B 214 -37.35 17.82 18.86
C ILE B 214 -37.14 16.70 17.86
N ALA B 215 -37.13 15.46 18.34
CA ALA B 215 -36.92 14.33 17.46
C ALA B 215 -38.13 14.15 16.55
N PRO B 216 -37.95 14.20 15.23
CA PRO B 216 -39.09 14.00 14.32
C PRO B 216 -39.49 12.53 14.24
N GLY B 217 -40.63 12.30 13.61
CA GLY B 217 -41.13 10.95 13.43
C GLY B 217 -42.13 10.90 12.29
N ARG B 218 -42.54 9.68 11.97
CA ARG B 218 -43.46 9.41 10.87
C ARG B 218 -44.73 8.78 11.42
N LEU B 219 -45.87 9.29 10.99
CA LEU B 219 -47.15 8.73 11.42
C LEU B 219 -47.47 7.48 10.61
N GLY B 220 -48.21 6.57 11.26
CA GLY B 220 -48.56 5.31 10.61
C GLY B 220 -47.37 4.46 10.25
N ASP B 221 -46.22 4.68 10.87
CA ASP B 221 -45.02 3.93 10.56
C ASP B 221 -45.16 2.48 11.05
N LEU B 222 -44.52 1.57 10.34
CA LEU B 222 -44.61 0.16 10.70
C LEU B 222 -44.04 -0.05 12.09
N PRO B 223 -44.63 -0.93 12.92
CA PRO B 223 -45.79 -1.76 12.61
C PRO B 223 -47.11 -0.98 12.69
N ALA B 224 -47.91 -1.08 11.64
CA ALA B 224 -49.16 -0.33 11.53
C ALA B 224 -50.36 -1.26 11.59
N GLU B 225 -51.36 -0.85 12.35
CA GLU B 225 -52.62 -1.57 12.41
C GLU B 225 -53.27 -1.59 11.02
N LYS B 226 -54.06 -2.63 10.79
CA LYS B 226 -54.70 -2.80 9.48
C LYS B 226 -55.62 -1.62 9.19
N GLY B 227 -55.61 -1.18 7.93
CA GLY B 227 -56.54 -0.18 7.45
C GLY B 227 -56.04 1.24 7.40
N GLN B 228 -54.81 1.50 7.84
CA GLN B 228 -54.28 2.86 7.78
C GLN B 228 -54.17 3.30 6.33
N LEU B 229 -54.65 4.52 6.05
CA LEU B 229 -54.73 4.98 4.67
C LEU B 229 -53.41 5.58 4.21
N ILE B 230 -52.87 6.53 4.97
CA ILE B 230 -51.69 7.29 4.55
C ILE B 230 -50.72 7.46 5.70
N THR B 231 -49.52 7.95 5.39
CA THR B 231 -48.49 8.24 6.37
C THR B 231 -47.69 9.45 5.91
N ILE B 232 -47.55 10.44 6.79
CA ILE B 232 -46.85 11.67 6.44
C ILE B 232 -45.93 12.08 7.59
N PRO B 233 -44.72 12.56 7.32
CA PRO B 233 -43.80 12.89 8.42
C PRO B 233 -44.33 14.00 9.30
N LEU B 234 -43.93 13.95 10.57
CA LEU B 234 -44.26 14.98 11.55
C LEU B 234 -42.99 15.41 12.26
N SER B 235 -42.80 16.73 12.38
CA SER B 235 -41.62 17.27 13.03
C SER B 235 -42.00 18.61 13.65
N ALA B 236 -41.18 19.05 14.61
CA ALA B 236 -41.47 20.25 15.38
C ALA B 236 -40.18 21.01 15.64
N GLN B 237 -40.31 22.30 15.90
CA GLN B 237 -39.17 23.20 16.10
C GLN B 237 -39.08 23.57 17.57
N GLY B 238 -38.01 23.14 18.22
CA GLY B 238 -37.70 23.50 19.59
C GLY B 238 -36.52 24.44 19.74
N GLN B 239 -36.07 25.07 18.66
CA GLN B 239 -34.87 25.89 18.67
C GLN B 239 -35.26 27.36 18.60
N LEU B 240 -34.67 28.17 19.48
CA LEU B 240 -34.80 29.62 19.36
C LEU B 240 -33.98 30.10 18.17
N SER B 241 -34.55 31.06 17.42
CA SER B 241 -33.97 31.46 16.15
C SER B 241 -33.50 32.91 16.09
N SER B 242 -34.03 33.80 16.94
CA SER B 242 -33.71 35.21 16.88
C SER B 242 -33.23 35.70 18.24
N LEU B 243 -32.44 36.78 18.21
CA LEU B 243 -31.91 37.34 19.44
C LEU B 243 -33.02 37.70 20.41
N GLU B 244 -34.17 38.16 19.88
CA GLU B 244 -35.31 38.47 20.73
C GLU B 244 -35.77 37.23 21.49
N GLN B 245 -35.71 36.07 20.86
CA GLN B 245 -36.12 34.84 21.53
C GLN B 245 -35.13 34.45 22.61
N PHE B 246 -33.83 34.54 22.32
CA PHE B 246 -32.84 34.21 23.34
C PHE B 246 -32.93 35.14 24.53
N LYS B 247 -33.13 36.44 24.28
CA LYS B 247 -33.38 37.37 25.38
C LYS B 247 -34.62 36.97 26.17
N ASN B 248 -35.61 36.39 25.49
CA ASN B 248 -36.86 35.99 26.14
C ASN B 248 -36.77 34.54 26.64
N ILE B 249 -35.75 34.28 27.45
CA ILE B 249 -35.55 32.99 28.09
C ILE B 249 -35.79 33.19 29.59
N SER B 250 -36.81 32.53 30.12
CA SER B 250 -37.20 32.73 31.51
C SER B 250 -36.20 32.06 32.45
N LEU B 251 -35.90 32.74 33.55
CA LEU B 251 -35.07 32.20 34.62
C LEU B 251 -35.73 32.51 35.95
N LYS B 252 -35.56 31.60 36.92
CA LYS B 252 -36.16 31.73 38.24
C LYS B 252 -35.09 32.09 39.25
N SER B 253 -35.35 33.13 40.04
CA SER B 253 -34.40 33.64 41.01
C SER B 253 -34.80 33.19 42.41
N LYS B 254 -33.84 32.64 43.16
CA LYS B 254 -34.13 32.08 44.47
C LYS B 254 -34.49 33.18 45.47
N THR B 255 -33.72 34.28 45.46
CA THR B 255 -33.85 35.28 46.51
C THR B 255 -35.24 35.91 46.52
N ASN B 256 -35.79 36.23 45.34
CA ASN B 256 -37.07 36.88 45.24
C ASN B 256 -38.17 36.01 44.65
N GLY B 257 -37.82 34.99 43.86
CA GLY B 257 -38.80 34.13 43.24
C GLY B 257 -39.42 34.67 41.98
N SER B 258 -39.02 35.86 41.53
CA SER B 258 -39.57 36.45 40.32
C SER B 258 -38.96 35.79 39.09
N VAL B 259 -39.65 35.95 37.96
CA VAL B 259 -39.18 35.44 36.67
C VAL B 259 -38.44 36.57 35.97
N ILE B 260 -37.21 36.29 35.53
CA ILE B 260 -36.36 37.29 34.92
C ILE B 260 -35.91 36.78 33.55
N LYS B 261 -35.89 37.68 32.57
CA LYS B 261 -35.48 37.32 31.23
C LYS B 261 -33.95 37.33 31.12
N LEU B 262 -33.44 36.64 30.10
CA LEU B 262 -32.00 36.55 29.93
C LEU B 262 -31.37 37.93 29.73
N SER B 263 -32.15 38.89 29.24
CA SER B 263 -31.61 40.24 29.02
C SER B 263 -31.14 40.85 30.33
N ASP B 264 -31.92 40.68 31.41
CA ASP B 264 -31.55 41.25 32.69
C ASP B 264 -30.24 40.67 33.21
N VAL B 265 -30.07 39.35 33.08
CA VAL B 265 -28.88 38.70 33.63
C VAL B 265 -27.73 38.66 32.64
N ALA B 266 -28.00 38.82 31.34
CA ALA B 266 -26.95 38.70 30.34
C ALA B 266 -27.35 39.50 29.10
N ASN B 267 -26.34 39.76 28.27
CA ASN B 267 -26.58 40.49 27.00
C ASN B 267 -26.26 39.55 25.84
N VAL B 268 -27.22 39.30 24.97
CA VAL B 268 -27.09 38.39 23.83
C VAL B 268 -26.65 39.20 22.63
N GLU B 269 -25.60 38.75 21.95
CA GLU B 269 -25.05 39.48 20.81
C GLU B 269 -24.67 38.51 19.71
N ILE B 270 -24.56 39.04 18.50
CA ILE B 270 -24.00 38.32 17.37
C ILE B 270 -22.49 38.59 17.36
N GLY B 271 -21.71 37.53 17.53
CA GLY B 271 -20.27 37.68 17.62
C GLY B 271 -19.55 36.53 16.96
N SER B 272 -18.28 36.75 16.67
CA SER B 272 -17.47 35.71 16.05
C SER B 272 -17.32 34.52 17.01
N GLN B 273 -17.25 33.32 16.43
CA GLN B 273 -17.07 32.12 17.24
C GLN B 273 -15.79 32.23 18.07
N ALA B 274 -14.71 32.70 17.46
CA ALA B 274 -13.46 32.96 18.17
C ALA B 274 -12.81 34.20 17.56
N TYR B 275 -12.18 34.99 18.42
CA TYR B 275 -11.51 36.22 18.01
C TYR B 275 -10.00 36.10 18.07
N ASN B 276 -9.46 34.90 17.85
CA ASN B 276 -8.02 34.68 18.01
C ASN B 276 -7.21 35.43 16.97
N PHE B 277 -7.63 35.34 15.70
CA PHE B 277 -6.83 35.84 14.59
C PHE B 277 -7.57 36.95 13.86
N ALA B 278 -6.81 37.88 13.28
CA ALA B 278 -7.36 38.97 12.48
C ALA B 278 -6.46 39.20 11.29
N ILE B 279 -6.99 39.90 10.27
CA ILE B 279 -6.26 40.16 9.03
C ILE B 279 -6.30 41.65 8.75
N LEU B 280 -5.17 42.20 8.34
CA LEU B 280 -5.06 43.59 7.91
C LEU B 280 -4.47 43.60 6.50
N GLU B 281 -5.30 43.93 5.51
CA GLU B 281 -4.84 43.85 4.12
C GLU B 281 -3.76 44.89 3.84
N ASN B 282 -4.09 46.17 3.96
CA ASN B 282 -3.11 47.24 3.83
C ASN B 282 -3.35 48.28 4.92
N GLY B 283 -3.54 47.82 6.15
CA GLY B 283 -3.96 48.68 7.23
C GLY B 283 -5.46 48.93 7.29
N LYS B 284 -6.24 48.30 6.40
CA LYS B 284 -7.67 48.41 6.39
C LYS B 284 -8.29 47.06 6.73
N PRO B 285 -9.43 47.01 7.41
CA PRO B 285 -10.02 45.71 7.76
C PRO B 285 -10.37 44.89 6.53
N ALA B 286 -10.13 43.59 6.62
CA ALA B 286 -10.44 42.65 5.56
C ALA B 286 -10.22 41.25 6.11
N THR B 287 -10.42 40.25 5.27
CA THR B 287 -10.20 38.87 5.68
C THR B 287 -9.60 38.09 4.51
N ALA B 288 -8.91 37.00 4.85
CA ALA B 288 -8.21 36.19 3.85
C ALA B 288 -8.21 34.74 4.27
N ALA B 289 -7.98 33.86 3.31
CA ALA B 289 -7.87 32.43 3.53
C ALA B 289 -6.64 31.90 2.81
N ALA B 290 -5.97 30.94 3.43
CA ALA B 290 -4.72 30.38 2.92
C ALA B 290 -5.01 29.08 2.17
N ILE B 291 -4.93 29.13 0.85
CA ILE B 291 -5.14 27.95 0.01
C ILE B 291 -3.80 27.37 -0.38
N GLN B 292 -3.34 26.41 0.35
CA GLN B 292 -1.99 25.92 0.04
C GLN B 292 -2.18 24.69 -0.83
N LEU B 293 -1.10 24.09 -1.31
CA LEU B 293 -1.12 22.93 -2.19
C LEU B 293 -0.58 21.70 -1.47
N SER B 294 -1.24 20.56 -1.70
CA SER B 294 -0.74 19.29 -1.20
C SER B 294 0.35 18.75 -2.12
N PRO B 295 1.19 17.85 -1.61
CA PRO B 295 2.16 17.18 -2.49
C PRO B 295 1.46 16.43 -3.61
N GLY B 296 2.08 16.48 -4.79
CA GLY B 296 1.49 15.88 -5.97
C GLY B 296 0.56 16.77 -6.75
N ALA B 297 0.53 18.08 -6.46
CA ALA B 297 -0.32 19.03 -7.17
C ALA B 297 0.57 20.04 -7.87
N ASN B 298 -0.02 20.74 -8.85
CA ASN B 298 0.68 21.73 -9.65
C ASN B 298 0.26 23.12 -9.23
N ALA B 299 1.24 24.01 -9.05
CA ALA B 299 0.96 25.36 -8.57
C ALA B 299 0.21 26.17 -9.62
N VAL B 300 0.69 26.18 -10.86
CA VAL B 300 0.10 27.04 -11.88
C VAL B 300 -1.33 26.61 -12.18
N LYS B 301 -1.56 25.30 -12.32
CA LYS B 301 -2.91 24.83 -12.63
C LYS B 301 -3.87 25.13 -11.49
N THR B 302 -3.44 24.92 -10.25
CA THR B 302 -4.29 25.22 -9.10
C THR B 302 -4.61 26.72 -9.05
N ALA B 303 -3.61 27.56 -9.30
CA ALA B 303 -3.83 28.99 -9.31
C ALA B 303 -4.83 29.38 -10.39
N GLU B 304 -4.68 28.81 -11.59
CA GLU B 304 -5.62 29.12 -12.67
C GLU B 304 -7.03 28.70 -12.30
N GLY B 305 -7.18 27.49 -11.73
CA GLY B 305 -8.51 27.02 -11.38
C GLY B 305 -9.17 27.87 -10.32
N VAL B 306 -8.43 28.19 -9.26
CA VAL B 306 -9.00 29.01 -8.19
C VAL B 306 -9.29 30.42 -8.69
N ARG B 307 -8.44 30.96 -9.57
CA ARG B 307 -8.71 32.27 -10.15
C ARG B 307 -9.99 32.25 -10.96
N ALA B 308 -10.19 31.20 -11.76
CA ALA B 308 -11.42 31.07 -12.53
C ALA B 308 -12.64 30.97 -11.61
N LYS B 309 -12.51 30.21 -10.52
CA LYS B 309 -13.61 30.10 -9.57
C LYS B 309 -13.93 31.47 -8.95
N ILE B 310 -12.90 32.22 -8.58
CA ILE B 310 -13.10 33.52 -7.98
C ILE B 310 -13.76 34.47 -8.97
N GLU B 311 -13.32 34.44 -10.23
CA GLU B 311 -13.95 35.27 -11.25
C GLU B 311 -15.41 34.91 -11.42
N GLU B 312 -15.71 33.60 -11.42
CA GLU B 312 -17.11 33.17 -11.53
C GLU B 312 -17.94 33.70 -10.37
N LEU B 313 -17.40 33.62 -9.15
CA LEU B 313 -18.13 34.13 -7.99
C LEU B 313 -18.21 35.64 -7.96
N LYS B 314 -17.32 36.34 -8.67
CA LYS B 314 -17.29 37.79 -8.63
C LYS B 314 -18.65 38.37 -9.01
N LEU B 315 -19.28 37.84 -10.05
CA LEU B 315 -20.58 38.37 -10.48
C LEU B 315 -21.65 38.15 -9.40
N ASN B 316 -21.61 36.99 -8.74
CA ASN B 316 -22.63 36.66 -7.76
C ASN B 316 -22.46 37.42 -6.44
N LEU B 317 -21.34 38.10 -6.26
CA LEU B 317 -21.09 38.80 -5.00
C LEU B 317 -22.11 39.91 -4.81
N PRO B 318 -22.60 40.12 -3.59
CA PRO B 318 -23.43 41.31 -3.32
C PRO B 318 -22.62 42.58 -3.48
N GLU B 319 -23.33 43.66 -3.77
CA GLU B 319 -22.68 44.96 -3.97
C GLU B 319 -21.88 45.33 -2.72
N GLY B 320 -20.68 45.86 -2.94
CA GLY B 320 -19.79 46.24 -1.86
C GLY B 320 -18.82 45.17 -1.40
N MET B 321 -18.86 43.98 -2.00
CA MET B 321 -17.96 42.88 -1.66
C MET B 321 -16.92 42.76 -2.78
N GLU B 322 -15.64 42.77 -2.40
CA GLU B 322 -14.56 42.75 -3.38
C GLU B 322 -13.54 41.69 -2.99
N PHE B 323 -13.33 40.73 -3.90
CA PHE B 323 -12.28 39.74 -3.75
C PHE B 323 -10.91 40.39 -3.92
N SER B 324 -9.88 39.66 -3.46
CA SER B 324 -8.50 40.14 -3.53
C SER B 324 -7.56 38.95 -3.48
N ILE B 325 -6.48 39.00 -4.24
CA ILE B 325 -5.46 37.92 -4.17
C ILE B 325 -4.09 38.59 -3.95
N PRO B 326 -3.85 39.17 -2.76
CA PRO B 326 -2.63 39.93 -2.46
C PRO B 326 -1.39 39.07 -2.29
N TYR B 327 -1.50 37.76 -2.54
CA TYR B 327 -0.38 36.86 -2.36
C TYR B 327 -0.55 35.65 -3.27
N ASP B 328 0.43 35.43 -4.15
CA ASP B 328 0.42 34.26 -5.03
C ASP B 328 1.87 34.01 -5.47
N THR B 329 2.47 32.94 -4.95
CA THR B 329 3.81 32.55 -5.34
C THR B 329 3.81 31.59 -6.51
N ALA B 330 2.64 31.14 -6.97
CA ALA B 330 2.58 30.25 -8.12
C ALA B 330 3.14 30.86 -9.40
N PRO B 331 2.80 32.10 -9.79
CA PRO B 331 3.24 32.57 -11.11
C PRO B 331 4.74 32.57 -11.30
N PHE B 332 5.52 32.81 -10.25
CA PHE B 332 6.96 32.71 -10.36
C PHE B 332 7.36 31.45 -11.12
N VAL B 333 6.73 30.31 -10.78
CA VAL B 333 7.02 29.06 -11.47
C VAL B 333 7.05 29.29 -12.98
N LYS B 334 5.91 29.73 -13.52
CA LYS B 334 5.84 30.04 -14.94
C LYS B 334 7.07 30.83 -15.37
N ILE B 335 7.25 32.02 -14.80
CA ILE B 335 8.37 32.86 -15.18
C ILE B 335 9.65 32.04 -15.21
N SER B 336 10.00 31.40 -14.09
CA SER B 336 11.24 30.66 -14.04
C SER B 336 11.33 29.68 -15.20
N ILE B 337 10.31 28.83 -15.35
CA ILE B 337 10.34 27.86 -16.44
C ILE B 337 10.51 28.59 -17.76
N GLU B 338 9.67 29.60 -18.01
CA GLU B 338 9.77 30.38 -19.22
C GLU B 338 11.23 30.76 -19.48
N LYS B 339 11.86 31.40 -18.49
CA LYS B 339 13.22 31.87 -18.70
C LYS B 339 14.13 30.74 -19.14
N VAL B 340 14.15 29.63 -18.39
CA VAL B 340 15.08 28.57 -18.72
C VAL B 340 14.78 28.03 -20.11
N ILE B 341 13.50 27.96 -20.48
CA ILE B 341 13.15 27.46 -21.80
C ILE B 341 13.86 28.30 -22.86
N HIS B 342 13.79 29.62 -22.74
CA HIS B 342 14.46 30.47 -23.73
C HIS B 342 15.95 30.17 -23.76
N THR B 343 16.57 29.97 -22.59
CA THR B 343 17.97 29.60 -22.58
C THR B 343 18.21 28.33 -23.38
N LEU B 344 17.35 27.31 -23.17
CA LEU B 344 17.49 26.08 -23.94
C LEU B 344 17.45 26.37 -25.44
N LEU B 345 16.63 27.33 -25.84
CA LEU B 345 16.62 27.74 -27.24
C LEU B 345 17.86 28.55 -27.58
N GLU B 346 18.24 29.50 -26.72
CA GLU B 346 19.34 30.40 -27.05
C GLU B 346 20.59 29.63 -27.41
N ALA B 347 21.01 28.70 -26.55
CA ALA B 347 22.21 27.92 -26.82
C ALA B 347 22.16 27.31 -28.21
N MET B 348 21.01 26.78 -28.61
CA MET B 348 20.90 26.16 -29.93
C MET B 348 21.39 27.12 -31.00
N VAL B 349 20.88 28.34 -31.01
CA VAL B 349 21.34 29.32 -31.98
C VAL B 349 22.83 29.56 -31.79
N LEU B 350 23.25 29.79 -30.54
CA LEU B 350 24.67 30.01 -30.27
C LEU B 350 25.49 28.80 -30.69
N VAL B 351 24.86 27.62 -30.73
CA VAL B 351 25.53 26.46 -31.30
C VAL B 351 25.50 26.53 -32.82
N PHE B 352 24.32 26.73 -33.39
CA PHE B 352 24.20 26.73 -34.84
C PHE B 352 25.24 27.65 -35.47
N ILE B 353 25.31 28.89 -34.99
CA ILE B 353 26.24 29.85 -35.57
C ILE B 353 27.66 29.30 -35.58
N VAL B 354 28.12 28.76 -34.45
CA VAL B 354 29.50 28.28 -34.41
C VAL B 354 29.69 27.14 -35.40
N MET B 355 28.67 26.28 -35.52
CA MET B 355 28.73 25.28 -36.58
C MET B 355 28.89 25.94 -37.94
N TYR B 356 28.02 26.90 -38.25
CA TYR B 356 28.13 27.61 -39.52
C TYR B 356 29.44 28.40 -39.57
N LEU B 357 30.05 28.67 -38.42
CA LEU B 357 31.31 29.39 -38.40
C LEU B 357 32.46 28.48 -38.82
N PHE B 358 32.33 27.17 -38.60
CA PHE B 358 33.41 26.22 -38.87
C PHE B 358 33.16 25.40 -40.12
N LEU B 359 31.97 24.80 -40.24
CA LEU B 359 31.71 23.88 -41.34
C LEU B 359 31.58 24.62 -42.67
N HIS B 360 31.20 25.89 -42.62
CA HIS B 360 31.13 26.82 -43.74
C HIS B 360 29.92 26.58 -44.65
N ASN B 361 29.08 25.60 -44.35
CA ASN B 361 27.89 25.34 -45.15
C ASN B 361 26.72 24.98 -44.24
N VAL B 362 25.50 25.22 -44.74
CA VAL B 362 24.32 25.12 -43.90
C VAL B 362 24.02 23.68 -43.53
N ARG B 363 24.25 22.73 -44.44
CA ARG B 363 23.77 21.37 -44.23
C ARG B 363 24.52 20.69 -43.08
N TYR B 364 25.83 20.90 -42.99
CA TYR B 364 26.59 20.33 -41.88
C TYR B 364 26.03 20.80 -40.55
N THR B 365 25.62 22.08 -40.48
CA THR B 365 24.96 22.58 -39.28
C THR B 365 23.56 22.02 -39.14
N LEU B 366 22.98 21.58 -40.26
CA LEU B 366 21.61 21.05 -40.22
C LEU B 366 21.55 19.67 -39.56
N ILE B 367 22.47 18.77 -39.93
CA ILE B 367 22.50 17.39 -39.37
C ILE B 367 22.36 17.41 -37.83
N PRO B 368 23.23 18.09 -37.07
CA PRO B 368 23.10 18.06 -35.61
C PRO B 368 21.98 18.92 -35.05
N ALA B 369 21.50 19.92 -35.80
CA ALA B 369 20.29 20.64 -35.40
C ALA B 369 19.08 19.74 -35.48
N ILE B 370 19.10 18.79 -36.41
CA ILE B 370 18.07 17.75 -36.45
C ILE B 370 18.28 16.76 -35.30
N VAL B 371 19.54 16.39 -35.05
CA VAL B 371 19.81 15.34 -34.08
C VAL B 371 19.41 15.75 -32.66
N ALA B 372 19.81 16.94 -32.22
CA ALA B 372 19.60 17.30 -30.82
C ALA B 372 18.13 17.30 -30.44
N PRO B 373 17.22 17.94 -31.19
CA PRO B 373 15.80 17.91 -30.78
C PRO B 373 15.23 16.52 -30.63
N ILE B 374 15.62 15.61 -31.48
CA ILE B 374 14.96 14.28 -31.40
C ILE B 374 15.61 13.51 -30.27
N ALA B 375 16.84 13.77 -29.80
CA ALA B 375 17.36 13.20 -28.56
C ALA B 375 16.62 13.77 -27.35
N LEU B 376 16.37 15.08 -27.35
CA LEU B 376 15.63 15.67 -26.23
C LEU B 376 14.19 15.14 -26.18
N LEU B 377 13.59 14.94 -27.37
CA LEU B 377 12.21 14.39 -27.46
C LEU B 377 12.21 12.99 -26.85
N GLY B 378 13.18 12.15 -27.16
CA GLY B 378 13.27 10.84 -26.55
C GLY B 378 13.48 10.90 -25.06
N THR B 379 14.31 11.86 -24.62
CA THR B 379 14.48 12.07 -23.18
C THR B 379 13.15 12.41 -22.52
N PHE B 380 12.28 13.15 -23.21
CA PHE B 380 10.99 13.51 -22.63
C PHE B 380 10.15 12.28 -22.34
N THR B 381 10.06 11.35 -23.30
CA THR B 381 9.28 10.14 -23.07
C THR B 381 9.95 9.24 -22.04
N VAL B 382 11.29 9.24 -22.00
CA VAL B 382 11.97 8.48 -20.96
C VAL B 382 11.61 9.01 -19.58
N MET B 383 11.58 10.34 -19.43
CA MET B 383 11.14 10.93 -18.17
C MET B 383 9.70 10.57 -17.86
N LEU B 384 8.82 10.60 -18.86
CA LEU B 384 7.42 10.24 -18.63
C LEU B 384 7.31 8.81 -18.11
N LEU B 385 8.04 7.88 -18.72
CA LEU B 385 8.01 6.50 -18.24
C LEU B 385 8.57 6.42 -16.82
N ALA B 386 9.67 7.13 -16.56
CA ALA B 386 10.26 7.11 -15.22
C ALA B 386 9.37 7.83 -14.22
N GLY B 387 8.73 8.91 -14.64
CA GLY B 387 7.86 9.67 -13.76
C GLY B 387 8.34 11.08 -13.48
N PHE B 388 9.48 11.45 -14.10
CA PHE B 388 10.02 12.79 -13.91
C PHE B 388 9.18 13.81 -14.67
N SER B 389 9.27 15.07 -14.22
CA SER B 389 8.45 16.15 -14.73
C SER B 389 9.33 17.24 -15.31
N ILE B 390 8.70 18.24 -15.94
CA ILE B 390 9.39 19.40 -16.46
C ILE B 390 9.60 20.36 -15.30
N ASN B 391 10.83 20.43 -14.80
CA ASN B 391 11.20 21.34 -13.74
C ASN B 391 12.52 22.02 -14.08
N VAL B 392 12.82 23.10 -13.37
CA VAL B 392 13.94 23.95 -13.74
C VAL B 392 15.24 23.17 -13.73
N LEU B 393 15.37 22.19 -12.82
CA LEU B 393 16.62 21.42 -12.75
C LEU B 393 16.79 20.56 -13.99
N THR B 394 15.72 19.92 -14.40
CA THR B 394 15.71 19.05 -15.59
C THR B 394 15.84 19.93 -16.85
N MET B 395 15.42 21.17 -16.90
CA MET B 395 15.64 22.10 -18.01
C MET B 395 17.09 22.55 -18.04
N PHE B 396 17.68 22.82 -16.88
CA PHE B 396 19.10 23.18 -16.82
C PHE B 396 19.97 22.02 -17.27
N GLY B 397 19.61 20.80 -16.87
CA GLY B 397 20.33 19.64 -17.36
C GLY B 397 20.30 19.53 -18.87
N MET B 398 19.14 19.77 -19.48
CA MET B 398 19.04 19.76 -20.93
C MET B 398 19.85 20.89 -21.55
N VAL B 399 19.82 22.08 -20.95
CA VAL B 399 20.64 23.19 -21.43
C VAL B 399 22.11 22.78 -21.46
N LEU B 400 22.57 22.14 -20.38
CA LEU B 400 23.95 21.65 -20.34
C LEU B 400 24.18 20.60 -21.42
N ALA B 401 23.22 19.70 -21.60
CA ALA B 401 23.41 18.58 -22.53
C ALA B 401 23.32 19.01 -23.98
N ILE B 402 22.86 20.25 -24.24
CA ILE B 402 22.82 20.73 -25.62
C ILE B 402 24.20 20.61 -26.27
N GLY B 403 25.24 21.02 -25.55
CA GLY B 403 26.58 20.98 -26.12
C GLY B 403 27.08 19.57 -26.36
N ILE B 404 26.84 18.66 -25.40
CA ILE B 404 27.37 17.31 -25.52
C ILE B 404 26.60 16.52 -26.59
N ILE B 405 25.30 16.77 -26.72
CA ILE B 405 24.49 15.97 -27.63
C ILE B 405 25.00 16.09 -29.06
N VAL B 406 25.35 17.30 -29.49
CA VAL B 406 25.83 17.51 -30.85
C VAL B 406 27.20 16.89 -31.10
N ASP B 407 27.93 16.52 -30.04
CA ASP B 407 29.29 16.02 -30.23
C ASP B 407 29.30 14.77 -31.08
N ASP B 408 28.39 13.82 -30.82
CA ASP B 408 28.36 12.57 -31.55
C ASP B 408 28.13 12.76 -33.04
N ALA B 409 27.42 13.83 -33.42
CA ALA B 409 27.27 14.19 -34.82
C ALA B 409 28.34 15.17 -35.30
N ILE B 410 28.88 16.01 -34.40
CA ILE B 410 29.97 16.89 -34.77
C ILE B 410 31.17 16.10 -35.26
N VAL B 411 31.52 15.03 -34.55
CA VAL B 411 32.68 14.24 -34.97
C VAL B 411 32.46 13.67 -36.37
N VAL B 412 31.27 13.12 -36.61
CA VAL B 412 30.99 12.49 -37.90
C VAL B 412 31.02 13.52 -39.03
N VAL B 413 30.38 14.68 -38.82
CA VAL B 413 30.36 15.69 -39.88
C VAL B 413 31.76 16.22 -40.15
N GLU B 414 32.53 16.46 -39.08
CA GLU B 414 33.90 16.93 -39.25
C GLU B 414 34.72 15.90 -40.03
N ASN B 415 34.59 14.62 -39.68
CA ASN B 415 35.36 13.60 -40.35
C ASN B 415 34.99 13.50 -41.82
N VAL B 416 33.69 13.52 -42.14
CA VAL B 416 33.31 13.41 -43.55
C VAL B 416 33.80 14.61 -44.34
N GLU B 417 33.68 15.82 -43.77
CA GLU B 417 34.20 17.00 -44.45
C GLU B 417 35.70 16.86 -44.71
N ARG B 418 36.45 16.47 -43.68
CA ARG B 418 37.89 16.30 -43.81
C ARG B 418 38.23 15.27 -44.88
N ILE B 419 37.51 14.15 -44.89
CA ILE B 419 37.86 13.05 -45.77
C ILE B 419 37.55 13.40 -47.23
N MET B 420 36.40 14.03 -47.48
CA MET B 420 36.13 14.49 -48.85
C MET B 420 37.14 15.53 -49.28
N ALA B 421 37.54 16.43 -48.37
CA ALA B 421 38.54 17.42 -48.74
C ALA B 421 39.87 16.76 -49.09
N THR B 422 40.26 15.74 -48.33
CA THR B 422 41.58 15.14 -48.52
C THR B 422 41.62 14.23 -49.75
N GLU B 423 40.66 13.31 -49.87
CA GLU B 423 40.68 12.30 -50.91
C GLU B 423 39.70 12.58 -52.05
N GLY B 424 38.91 13.64 -51.96
CA GLY B 424 37.93 13.91 -52.99
C GLY B 424 36.93 12.80 -53.19
N LEU B 425 36.71 11.98 -52.16
CA LEU B 425 35.79 10.86 -52.26
C LEU B 425 34.35 11.35 -52.32
N SER B 426 33.48 10.50 -52.84
CA SER B 426 32.06 10.80 -52.86
C SER B 426 31.51 10.79 -51.43
N PRO B 427 30.40 11.48 -51.19
CA PRO B 427 29.85 11.51 -49.83
C PRO B 427 29.61 10.13 -49.26
N LYS B 428 29.14 9.19 -50.08
CA LYS B 428 28.83 7.85 -49.57
C LYS B 428 30.11 7.13 -49.13
N ASP B 429 31.14 7.13 -49.98
CA ASP B 429 32.39 6.45 -49.63
C ASP B 429 33.06 7.15 -48.45
N ALA B 430 33.05 8.48 -48.45
CA ALA B 430 33.67 9.22 -47.36
C ALA B 430 32.99 8.89 -46.04
N THR B 431 31.65 8.86 -46.04
CA THR B 431 30.92 8.48 -44.83
C THR B 431 31.21 7.04 -44.44
N SER B 432 31.29 6.14 -45.41
CA SER B 432 31.54 4.73 -45.11
C SER B 432 32.87 4.56 -44.40
N LYS B 433 33.92 5.23 -44.87
CA LYS B 433 35.23 5.08 -44.25
C LYS B 433 35.30 5.87 -42.94
N ALA B 434 34.63 7.02 -42.87
CA ALA B 434 34.61 7.80 -41.64
C ALA B 434 33.93 7.04 -40.51
N MET B 435 32.87 6.29 -40.82
CA MET B 435 32.20 5.52 -39.78
C MET B 435 33.16 4.48 -39.19
N LYS B 436 33.90 3.78 -40.05
CA LYS B 436 34.88 2.82 -39.55
C LYS B 436 35.94 3.53 -38.72
N GLU B 437 36.37 4.71 -39.14
CA GLU B 437 37.41 5.42 -38.41
C GLU B 437 36.92 5.90 -37.04
N ILE B 438 35.67 6.26 -36.93
CA ILE B 438 35.09 6.96 -35.77
C ILE B 438 34.29 6.11 -34.82
N THR B 439 33.79 5.01 -35.22
CA THR B 439 32.82 4.30 -34.39
C THR B 439 33.32 4.10 -32.96
N SER B 440 34.55 3.62 -32.81
CA SER B 440 35.08 3.30 -31.49
C SER B 440 35.15 4.53 -30.60
N PRO B 441 35.70 5.66 -31.08
CA PRO B 441 35.68 6.87 -30.24
C PRO B 441 34.30 7.24 -29.73
N ILE B 442 33.29 7.17 -30.60
CA ILE B 442 31.94 7.57 -30.20
C ILE B 442 31.42 6.65 -29.11
N ILE B 443 31.61 5.34 -29.27
CA ILE B 443 31.13 4.38 -28.28
C ILE B 443 31.84 4.61 -26.96
N GLY B 444 33.16 4.78 -26.99
CA GLY B 444 33.90 4.99 -25.76
C GLY B 444 33.46 6.24 -25.03
N ILE B 445 33.34 7.35 -25.76
CA ILE B 445 32.90 8.59 -25.13
C ILE B 445 31.50 8.43 -24.57
N THR B 446 30.59 7.80 -25.31
CA THR B 446 29.22 7.66 -24.83
C THR B 446 29.18 6.86 -23.54
N LEU B 447 29.84 5.70 -23.53
CA LEU B 447 29.82 4.88 -22.32
C LEU B 447 30.46 5.60 -21.14
N VAL B 448 31.61 6.25 -21.36
CA VAL B 448 32.27 6.93 -20.25
C VAL B 448 31.38 8.04 -19.70
N LEU B 449 30.85 8.89 -20.59
CA LEU B 449 30.04 10.02 -20.14
C LEU B 449 28.79 9.54 -19.41
N ALA B 450 28.14 8.50 -19.94
CA ALA B 450 26.96 7.97 -19.28
C ALA B 450 27.32 7.41 -17.90
N ALA B 451 28.48 6.77 -17.79
CA ALA B 451 28.87 6.16 -16.53
C ALA B 451 29.22 7.21 -15.49
N VAL B 452 29.79 8.35 -15.90
CA VAL B 452 30.26 9.33 -14.92
C VAL B 452 29.12 9.80 -14.04
N PHE B 453 27.94 10.06 -14.63
CA PHE B 453 26.85 10.65 -13.85
C PHE B 453 26.15 9.62 -12.98
N LEU B 454 26.21 8.33 -13.33
CA LEU B 454 25.38 7.35 -12.64
C LEU B 454 25.59 7.33 -11.14
N PRO B 455 26.83 7.34 -10.62
CA PRO B 455 27.00 7.30 -9.15
C PRO B 455 26.24 8.40 -8.41
N MET B 456 26.25 9.62 -8.93
CA MET B 456 25.53 10.76 -8.29
C MET B 456 24.07 10.36 -8.05
N ALA B 457 23.42 9.70 -9.00
CA ALA B 457 22.02 9.35 -8.89
C ALA B 457 21.73 8.43 -7.71
N PHE B 458 22.76 7.77 -7.17
CA PHE B 458 22.59 6.84 -6.06
C PHE B 458 22.95 7.48 -4.71
N ALA B 459 23.10 8.80 -4.67
CA ALA B 459 23.32 9.50 -3.43
C ALA B 459 22.05 9.49 -2.58
N SER B 460 22.12 10.13 -1.42
CA SER B 460 21.01 10.17 -0.47
C SER B 460 20.70 11.63 -0.11
N GLY B 461 19.44 11.87 0.22
CA GLY B 461 19.00 13.20 0.62
C GLY B 461 18.46 14.01 -0.54
N SER B 462 18.13 15.26 -0.22
CA SER B 462 17.63 16.17 -1.25
C SER B 462 18.66 16.37 -2.36
N VAL B 463 19.94 16.48 -1.98
CA VAL B 463 20.99 16.54 -2.98
C VAL B 463 20.95 15.31 -3.86
N GLY B 464 20.55 14.16 -3.30
CA GLY B 464 20.40 12.97 -4.12
C GLY B 464 19.38 13.14 -5.23
N VAL B 465 18.21 13.69 -4.90
CA VAL B 465 17.18 13.93 -5.90
C VAL B 465 17.66 14.94 -6.93
N ILE B 466 18.29 16.02 -6.46
CA ILE B 466 18.77 17.07 -7.37
C ILE B 466 19.76 16.47 -8.35
N TYR B 467 20.69 15.65 -7.86
CA TYR B 467 21.64 14.98 -8.74
C TYR B 467 20.92 14.01 -9.67
N LYS B 468 19.89 13.34 -9.18
CA LYS B 468 19.21 12.33 -9.98
C LYS B 468 18.55 12.94 -11.21
N GLN B 469 17.92 14.10 -11.05
CA GLN B 469 17.33 14.75 -12.21
C GLN B 469 18.38 14.98 -13.30
N PHE B 470 19.53 15.56 -12.93
CA PHE B 470 20.58 15.80 -13.91
C PHE B 470 21.11 14.51 -14.49
N THR B 471 21.30 13.48 -13.66
CA THR B 471 21.83 12.22 -14.16
C THR B 471 20.91 11.64 -15.22
N LEU B 472 19.61 11.58 -14.94
CA LEU B 472 18.66 11.14 -15.95
C LEU B 472 18.79 11.98 -17.21
N THR B 473 18.57 13.29 -17.08
CA THR B 473 18.46 14.15 -18.24
C THR B 473 19.72 14.13 -19.10
N MET B 474 20.88 13.90 -18.51
CA MET B 474 22.11 13.88 -19.29
C MET B 474 22.45 12.48 -19.81
N SER B 475 22.35 11.45 -18.96
CA SER B 475 22.71 10.11 -19.41
C SER B 475 21.80 9.65 -20.53
N VAL B 476 20.48 9.75 -20.34
CA VAL B 476 19.56 9.25 -21.37
C VAL B 476 19.69 10.09 -22.63
N SER B 477 19.86 11.41 -22.47
CA SER B 477 20.02 12.28 -23.64
C SER B 477 21.27 11.92 -24.42
N ILE B 478 22.38 11.64 -23.72
CA ILE B 478 23.63 11.31 -24.39
C ILE B 478 23.51 9.95 -25.09
N LEU B 479 22.85 8.99 -24.45
CA LEU B 479 22.64 7.66 -25.07
C LEU B 479 21.78 7.81 -26.33
N PHE B 480 20.70 8.60 -26.29
CA PHE B 480 19.91 8.87 -27.53
C PHE B 480 20.85 9.51 -28.54
N SER B 481 21.58 10.56 -28.18
CA SER B 481 22.43 11.25 -29.15
C SER B 481 23.39 10.28 -29.81
N ALA B 482 23.97 9.37 -29.01
CA ALA B 482 24.91 8.40 -29.57
C ALA B 482 24.21 7.47 -30.56
N LEU B 483 23.03 6.96 -30.21
CA LEU B 483 22.38 6.01 -31.11
C LEU B 483 21.88 6.70 -32.38
N LEU B 484 21.45 7.97 -32.29
CA LEU B 484 21.19 8.74 -33.51
C LEU B 484 22.47 8.94 -34.32
N ALA B 485 23.59 9.22 -33.66
CA ALA B 485 24.84 9.41 -34.37
C ALA B 485 25.22 8.14 -35.12
N LEU B 486 24.87 6.97 -34.56
CA LEU B 486 25.16 5.72 -35.23
C LEU B 486 24.05 5.31 -36.19
N ILE B 487 22.88 5.92 -36.10
CA ILE B 487 21.71 5.51 -36.88
C ILE B 487 21.39 6.53 -37.96
N LEU B 488 21.09 7.77 -37.54
CA LEU B 488 20.54 8.75 -38.47
C LEU B 488 21.64 9.50 -39.21
N THR B 489 22.60 10.04 -38.47
CA THR B 489 23.62 10.89 -39.08
C THR B 489 24.36 10.21 -40.21
N PRO B 490 24.70 8.92 -40.16
CA PRO B 490 25.33 8.31 -41.34
C PRO B 490 24.47 8.40 -42.58
N ALA B 491 23.18 8.09 -42.47
CA ALA B 491 22.29 8.19 -43.61
C ALA B 491 22.19 9.64 -44.10
N LEU B 492 22.09 10.59 -43.17
CA LEU B 492 22.02 11.99 -43.57
C LEU B 492 23.27 12.41 -44.32
N CYS B 493 24.44 12.06 -43.80
CA CYS B 493 25.69 12.43 -44.46
C CYS B 493 25.84 11.69 -45.79
N ALA B 494 25.13 10.57 -45.94
CA ALA B 494 25.13 9.90 -47.24
C ALA B 494 24.24 10.62 -48.24
N THR B 495 23.08 11.10 -47.79
CA THR B 495 22.04 11.61 -48.68
C THR B 495 22.02 13.13 -48.79
N ILE B 496 21.83 13.84 -47.67
CA ILE B 496 21.63 15.27 -47.71
C ILE B 496 22.96 16.00 -47.63
N LEU B 497 24.07 15.28 -47.78
CA LEU B 497 25.40 15.96 -47.83
C LEU B 497 25.76 16.07 -49.31
N LYS B 498 25.73 17.25 -49.86
CA LYS B 498 25.93 17.49 -51.28
C LYS B 498 27.37 17.19 -51.68
N PRO B 499 27.60 16.50 -52.80
CA PRO B 499 28.98 16.30 -53.26
C PRO B 499 29.68 17.61 -53.53
N ILE B 500 30.98 17.65 -53.29
CA ILE B 500 31.78 18.84 -53.52
C ILE B 500 33.12 18.44 -54.14
N GLY B 508 35.50 34.35 -49.00
CA GLY B 508 35.93 35.63 -48.48
C GLY B 508 36.23 35.58 -46.99
N PHE B 509 35.24 35.96 -46.18
CA PHE B 509 35.41 35.93 -44.74
C PHE B 509 35.66 34.51 -44.24
N PHE B 510 34.92 33.54 -44.78
CA PHE B 510 35.08 32.16 -44.36
C PHE B 510 36.48 31.65 -44.69
N ALA B 511 37.03 32.10 -45.83
CA ALA B 511 38.40 31.74 -46.17
C ALA B 511 39.38 32.30 -45.15
N TRP B 512 39.16 33.55 -44.71
CA TRP B 512 40.02 34.13 -43.68
C TRP B 512 39.94 33.30 -42.40
N PHE B 513 38.73 32.89 -42.02
CA PHE B 513 38.56 32.07 -40.83
C PHE B 513 39.30 30.74 -40.98
N ASP B 514 39.17 30.11 -42.14
CA ASP B 514 39.83 28.82 -42.37
C ASP B 514 41.34 28.95 -42.28
N ARG B 515 41.90 29.99 -42.89
CA ARG B 515 43.36 30.14 -42.84
C ARG B 515 43.81 30.55 -41.45
N SER B 516 42.97 31.29 -40.71
CA SER B 516 43.30 31.62 -39.33
C SER B 516 43.39 30.37 -38.48
N PHE B 517 42.45 29.44 -38.64
CA PHE B 517 42.51 28.21 -37.88
C PHE B 517 43.62 27.29 -38.38
N ASP B 518 43.97 27.39 -39.65
CA ASP B 518 45.17 26.68 -40.13
C ASP B 518 46.43 27.22 -39.43
N LYS B 519 46.50 28.54 -39.28
CA LYS B 519 47.60 29.14 -38.52
C LYS B 519 47.60 28.67 -37.08
N VAL B 520 46.40 28.62 -36.48
CA VAL B 520 46.28 28.08 -35.12
C VAL B 520 46.85 26.67 -35.06
N THR B 521 46.51 25.83 -36.04
CA THR B 521 46.96 24.45 -36.03
C THR B 521 48.49 24.37 -36.16
N LYS B 522 49.08 25.14 -37.08
CA LYS B 522 50.54 25.05 -37.23
C LYS B 522 51.25 25.58 -35.99
N LYS B 523 50.76 26.68 -35.41
CA LYS B 523 51.34 27.16 -34.16
C LYS B 523 51.19 26.13 -33.06
N TYR B 524 50.06 25.43 -33.03
CA TYR B 524 49.83 24.41 -32.01
C TYR B 524 50.86 23.29 -32.15
N GLU B 525 51.10 22.82 -33.38
CA GLU B 525 52.12 21.79 -33.56
C GLU B 525 53.50 22.30 -33.15
N LEU B 526 53.84 23.53 -33.56
CA LEU B 526 55.17 24.06 -33.28
C LEU B 526 55.40 24.16 -31.78
N MET B 527 54.39 24.62 -31.03
CA MET B 527 54.56 24.74 -29.58
C MET B 527 54.46 23.37 -28.92
N LEU B 528 53.70 22.44 -29.50
CA LEU B 528 53.62 21.09 -28.94
C LEU B 528 55.00 20.44 -28.95
N LEU B 529 55.74 20.60 -30.05
CA LEU B 529 57.11 20.09 -30.07
C LEU B 529 57.97 20.75 -29.00
N LYS B 530 57.87 22.08 -28.89
CA LYS B 530 58.74 22.82 -27.99
C LYS B 530 58.42 22.52 -26.52
N ILE B 531 57.20 22.03 -26.25
CA ILE B 531 56.87 21.67 -24.87
C ILE B 531 57.15 20.20 -24.62
N ILE B 532 56.99 19.34 -25.63
CA ILE B 532 57.24 17.92 -25.43
C ILE B 532 58.72 17.61 -25.33
N LYS B 533 59.60 18.50 -25.83
CA LYS B 533 61.01 18.35 -25.48
C LYS B 533 61.20 18.51 -23.97
N HIS B 534 60.46 19.44 -23.36
CA HIS B 534 60.49 19.64 -21.91
C HIS B 534 59.36 18.89 -21.22
N THR B 535 59.42 17.56 -21.23
CA THR B 535 58.33 16.77 -20.65
C THR B 535 58.32 16.85 -19.13
N VAL B 536 59.49 16.69 -18.49
CA VAL B 536 59.54 16.70 -17.03
C VAL B 536 59.17 18.06 -16.46
N PRO B 537 59.64 19.18 -17.00
CA PRO B 537 59.12 20.47 -16.52
C PRO B 537 57.61 20.57 -16.62
N MET B 538 57.02 20.05 -17.69
CA MET B 538 55.57 20.10 -17.82
C MET B 538 54.90 19.22 -16.76
N MET B 539 55.50 18.07 -16.46
CA MET B 539 54.92 17.21 -15.42
C MET B 539 54.98 17.87 -14.05
N VAL B 540 56.09 18.55 -13.73
CA VAL B 540 56.15 19.23 -12.43
C VAL B 540 55.17 20.40 -12.40
N ILE B 541 54.99 21.07 -13.53
CA ILE B 541 53.94 22.08 -13.62
C ILE B 541 52.58 21.47 -13.34
N PHE B 542 52.32 20.28 -13.89
CA PHE B 542 51.07 19.59 -13.61
C PHE B 542 50.93 19.28 -12.13
N LEU B 543 52.03 18.85 -11.48
CA LEU B 543 51.99 18.58 -10.06
C LEU B 543 51.60 19.82 -9.26
N VAL B 544 52.22 20.95 -9.56
CA VAL B 544 51.92 22.17 -8.81
C VAL B 544 50.50 22.62 -9.09
N ILE B 545 50.03 22.48 -10.33
CA ILE B 545 48.66 22.85 -10.65
C ILE B 545 47.68 21.99 -9.85
N THR B 546 47.94 20.68 -9.76
CA THR B 546 47.08 19.81 -8.99
C THR B 546 47.09 20.20 -7.51
N GLY B 547 48.27 20.53 -6.98
CA GLY B 547 48.34 20.98 -5.60
C GLY B 547 47.51 22.22 -5.36
N ILE B 548 47.62 23.20 -6.25
CA ILE B 548 46.85 24.44 -6.10
C ILE B 548 45.36 24.14 -6.20
N THR B 549 44.95 23.27 -7.12
CA THR B 549 43.53 22.94 -7.23
C THR B 549 43.02 22.29 -5.95
N PHE B 550 43.77 21.35 -5.40
CA PHE B 550 43.34 20.69 -4.17
C PHE B 550 43.24 21.70 -3.03
N ALA B 551 44.25 22.56 -2.89
CA ALA B 551 44.24 23.55 -1.82
C ALA B 551 43.05 24.49 -1.96
N GLY B 552 42.79 24.97 -3.18
CA GLY B 552 41.67 25.87 -3.38
C GLY B 552 40.33 25.21 -3.13
N MET B 553 40.15 23.97 -3.60
CA MET B 553 38.90 23.27 -3.38
C MET B 553 38.65 23.04 -1.89
N LYS B 554 39.70 22.66 -1.15
CA LYS B 554 39.53 22.47 0.28
C LYS B 554 39.26 23.80 0.99
N TYR B 555 39.91 24.84 0.59
CA TYR B 555 39.80 26.10 1.35
C TYR B 555 38.49 26.83 1.09
N TRP B 556 38.10 27.07 -0.15
CA TRP B 556 36.91 27.92 -0.40
C TRP B 556 35.67 27.45 0.35
N PRO B 557 34.83 28.39 0.84
CA PRO B 557 33.60 28.08 1.58
C PRO B 557 32.67 27.18 0.78
N THR B 558 31.61 26.73 1.45
CA THR B 558 30.60 25.87 0.85
C THR B 558 29.20 26.35 1.24
N ALA B 559 28.23 26.02 0.40
CA ALA B 559 26.84 26.36 0.63
C ALA B 559 25.96 25.35 -0.07
N PHE B 560 24.68 25.32 0.30
CA PHE B 560 23.75 24.37 -0.33
C PHE B 560 23.17 24.94 -1.62
N MET B 561 22.44 26.03 -1.51
CA MET B 561 21.76 26.65 -2.65
C MET B 561 21.94 28.16 -2.57
N PRO B 562 21.93 28.86 -3.70
CA PRO B 562 22.00 30.32 -3.66
C PRO B 562 20.62 30.95 -3.46
N GLU B 563 20.55 31.97 -2.61
CA GLU B 563 19.28 32.65 -2.36
C GLU B 563 18.85 33.44 -3.60
N GLU B 564 17.55 33.72 -3.67
CA GLU B 564 16.98 34.44 -4.80
C GLU B 564 15.79 35.25 -4.35
N ASP B 565 15.46 36.26 -5.15
CA ASP B 565 14.32 37.14 -4.90
C ASP B 565 13.13 36.60 -5.67
N GLN B 566 12.07 36.22 -4.95
CA GLN B 566 10.88 35.64 -5.55
C GLN B 566 9.70 36.61 -5.54
N GLY B 567 9.94 37.89 -5.26
CA GLY B 567 8.92 38.91 -5.32
C GLY B 567 8.26 39.21 -4.00
N TRP B 568 8.48 38.39 -2.97
CA TRP B 568 7.85 38.56 -1.67
C TRP B 568 8.88 38.31 -0.57
N PHE B 569 8.70 38.98 0.56
CA PHE B 569 9.49 38.73 1.76
C PHE B 569 8.57 38.70 2.97
N MET B 570 9.09 38.18 4.08
CA MET B 570 8.30 37.82 5.25
C MET B 570 8.74 38.68 6.42
N THR B 571 7.81 39.40 7.03
CA THR B 571 8.11 40.06 8.30
C THR B 571 7.47 39.29 9.45
N SER B 572 8.28 38.97 10.46
CA SER B 572 7.81 38.30 11.66
C SER B 572 7.91 39.24 12.84
N PHE B 573 6.83 39.28 13.62
CA PHE B 573 6.70 40.07 14.82
C PHE B 573 6.64 39.14 16.04
N GLN B 574 7.36 39.53 17.10
CA GLN B 574 7.24 38.84 18.38
C GLN B 574 7.46 39.84 19.51
N LEU B 575 6.37 40.32 20.09
CA LEU B 575 6.46 41.27 21.17
C LEU B 575 6.77 40.54 22.48
N PRO B 576 7.31 41.24 23.47
CA PRO B 576 7.55 40.60 24.77
C PRO B 576 6.26 40.05 25.35
N SER B 577 6.37 38.91 26.02
CA SER B 577 5.20 38.24 26.56
C SER B 577 4.41 39.19 27.45
N ASP B 578 3.13 38.88 27.61
CA ASP B 578 2.12 39.62 28.38
C ASP B 578 1.64 40.87 27.64
N ALA B 579 1.82 40.96 26.33
CA ALA B 579 1.37 42.09 25.54
C ALA B 579 0.04 41.76 24.89
N THR B 580 -0.85 42.74 24.83
CA THR B 580 -2.17 42.56 24.26
C THR B 580 -2.12 42.61 22.73
N ALA B 581 -3.27 42.36 22.10
CA ALA B 581 -3.35 42.44 20.65
C ALA B 581 -3.29 43.87 20.15
N GLU B 582 -3.69 44.83 20.97
CA GLU B 582 -3.61 46.24 20.56
C GLU B 582 -2.17 46.67 20.35
N ARG B 583 -1.27 46.23 21.22
CA ARG B 583 0.15 46.57 21.05
C ARG B 583 0.69 45.95 19.77
N THR B 584 0.32 44.69 19.49
CA THR B 584 0.73 44.07 18.23
C THR B 584 0.19 44.85 17.04
N ARG B 585 -1.06 45.30 17.11
CA ARG B 585 -1.63 46.08 16.01
C ARG B 585 -0.88 47.39 15.81
N ASN B 586 -0.54 48.08 16.90
CA ASN B 586 0.19 49.33 16.79
C ASN B 586 1.57 49.10 16.18
N VAL B 587 2.26 48.04 16.62
CA VAL B 587 3.57 47.74 16.07
C VAL B 587 3.47 47.43 14.57
N VAL B 588 2.51 46.60 14.19
CA VAL B 588 2.37 46.26 12.78
C VAL B 588 1.97 47.49 11.98
N ASN B 589 1.25 48.42 12.59
CA ASN B 589 0.90 49.67 11.92
C ASN B 589 2.14 50.51 11.66
N GLN B 590 3.07 50.52 12.61
CA GLN B 590 4.33 51.23 12.37
C GLN B 590 5.02 50.69 11.11
N PHE B 591 5.14 49.37 11.00
CA PHE B 591 5.71 48.74 9.82
C PHE B 591 4.92 49.06 8.56
N GLU B 592 3.58 49.01 8.63
CA GLU B 592 2.76 49.37 7.47
C GLU B 592 3.06 50.78 7.00
N ASN B 593 3.12 51.73 7.94
CA ASN B 593 3.38 53.12 7.57
C ASN B 593 4.77 53.26 6.95
N ASN B 594 5.77 52.58 7.53
CA ASN B 594 7.11 52.69 6.99
C ASN B 594 7.19 52.13 5.58
N LEU B 595 6.55 50.98 5.33
CA LEU B 595 6.60 50.38 4.00
C LEU B 595 5.72 51.11 2.99
N LYS B 596 4.72 51.88 3.46
CA LYS B 596 3.86 52.60 2.53
C LYS B 596 4.66 53.54 1.64
N ASP B 597 5.68 54.17 2.20
CA ASP B 597 6.44 55.17 1.45
C ASP B 597 7.13 54.56 0.23
N ASN B 598 7.73 53.40 0.39
CA ASN B 598 8.51 52.81 -0.70
C ASN B 598 7.58 52.41 -1.85
N PRO B 599 7.88 52.80 -3.09
CA PRO B 599 7.00 52.40 -4.20
C PRO B 599 7.00 50.91 -4.48
N ASP B 600 8.07 50.19 -4.12
CA ASP B 600 8.23 48.81 -4.54
C ASP B 600 7.18 47.88 -3.95
N VAL B 601 6.52 48.28 -2.86
CA VAL B 601 5.58 47.39 -2.18
C VAL B 601 4.26 47.40 -2.95
N LYS B 602 3.71 46.20 -3.20
CA LYS B 602 2.39 46.10 -3.81
C LYS B 602 1.34 45.71 -2.77
N SER B 603 1.61 44.64 -2.01
CA SER B 603 0.73 44.20 -0.95
C SER B 603 1.56 43.86 0.28
N ASN B 604 1.09 44.31 1.44
CA ASN B 604 1.79 44.02 2.72
C ASN B 604 0.75 43.50 3.70
N THR B 605 -0.01 42.47 3.34
CA THR B 605 -1.02 41.88 4.20
C THR B 605 -0.38 41.33 5.47
N ALA B 606 -1.07 41.50 6.60
CA ALA B 606 -0.58 41.09 7.91
C ALA B 606 -1.61 40.19 8.57
N ILE B 607 -1.12 39.11 9.17
CA ILE B 607 -1.97 38.15 9.89
C ILE B 607 -1.71 38.40 11.37
N LEU B 608 -2.55 39.23 11.98
CA LEU B 608 -2.38 39.58 13.38
C LEU B 608 -2.89 38.47 14.29
N GLY B 609 -2.08 38.10 15.27
CA GLY B 609 -2.44 37.10 16.25
C GLY B 609 -2.01 35.69 15.94
N TRP B 610 -1.20 35.50 14.94
CA TRP B 610 -0.82 34.14 14.54
C TRP B 610 0.57 34.21 13.94
N GLY B 611 1.35 33.14 13.94
CA GLY B 611 2.65 33.09 13.30
C GLY B 611 3.09 31.65 13.08
N PHE B 612 4.15 31.48 12.28
CA PHE B 612 4.62 30.13 11.89
C PHE B 612 5.35 29.46 13.06
N SER B 613 5.69 30.20 14.13
CA SER B 613 6.28 29.61 15.33
C SER B 613 5.40 29.99 16.52
N GLY B 614 4.38 29.18 16.75
CA GLY B 614 3.43 29.43 17.82
C GLY B 614 2.40 30.47 17.43
N ALA B 615 1.31 30.49 18.19
CA ALA B 615 0.22 31.42 17.97
C ALA B 615 -0.17 32.07 19.29
N GLY B 616 -0.42 33.36 19.27
CA GLY B 616 -0.79 34.08 20.47
C GLY B 616 -1.26 35.49 20.13
N GLN B 617 -1.52 36.26 21.17
CA GLN B 617 -2.01 37.65 20.98
C GLN B 617 -0.83 38.62 21.01
N ASN B 618 0.41 38.13 20.97
CA ASN B 618 1.59 38.98 20.92
C ASN B 618 2.50 38.63 19.75
N VAL B 619 1.95 38.06 18.68
CA VAL B 619 2.73 37.64 17.52
C VAL B 619 1.94 37.94 16.26
N ALA B 620 2.66 38.20 15.17
CA ALA B 620 2.03 38.48 13.89
C ALA B 620 3.01 38.16 12.77
N VAL B 621 2.48 38.02 11.56
CA VAL B 621 3.29 37.78 10.36
C VAL B 621 2.71 38.58 9.21
N ALA B 622 3.59 39.18 8.41
CA ALA B 622 3.19 40.03 7.30
C ALA B 622 3.88 39.53 6.03
N PHE B 623 3.12 39.43 4.94
CA PHE B 623 3.64 39.02 3.64
C PHE B 623 3.76 40.27 2.77
N THR B 624 4.98 40.75 2.56
CA THR B 624 5.21 41.94 1.77
C THR B 624 5.61 41.55 0.36
N THR B 625 4.71 41.78 -0.59
CA THR B 625 4.96 41.48 -2.00
C THR B 625 5.56 42.70 -2.67
N LEU B 626 6.55 42.47 -3.53
CA LEU B 626 7.21 43.57 -4.21
C LEU B 626 6.77 43.64 -5.68
N LYS B 627 7.01 44.79 -6.30
CA LYS B 627 6.61 44.98 -7.68
C LYS B 627 7.46 44.13 -8.61
N ASP B 628 7.12 44.15 -9.89
CA ASP B 628 7.77 43.27 -10.85
C ASP B 628 9.27 43.52 -10.88
N PHE B 629 10.04 42.46 -11.08
CA PHE B 629 11.52 42.58 -11.06
C PHE B 629 11.98 43.64 -12.06
N LYS B 630 11.47 43.64 -13.29
CA LYS B 630 11.91 44.63 -14.28
C LYS B 630 11.66 46.04 -13.78
N GLU B 631 10.45 46.31 -13.28
CA GLU B 631 10.15 47.63 -12.75
C GLU B 631 10.84 47.89 -11.42
N ARG B 632 10.95 46.85 -10.58
CA ARG B 632 11.45 47.04 -9.19
C ARG B 632 12.95 47.30 -9.06
N THR B 633 13.30 48.28 -8.27
CA THR B 633 14.68 48.60 -7.94
C THR B 633 14.89 48.30 -6.46
N SER B 634 16.14 48.29 -6.02
CA SER B 634 16.42 48.00 -4.61
C SER B 634 15.87 46.63 -4.26
N SER B 635 16.47 45.57 -4.80
CA SER B 635 15.89 44.24 -4.79
C SER B 635 15.55 43.80 -3.36
N ALA B 636 14.82 42.68 -3.28
CA ALA B 636 14.15 42.30 -2.03
C ALA B 636 15.11 42.25 -0.86
N SER B 637 16.36 41.83 -1.08
CA SER B 637 17.31 41.78 0.02
C SER B 637 17.54 43.15 0.63
N LYS B 638 17.73 44.14 -0.24
CA LYS B 638 17.92 45.54 0.22
C LYS B 638 16.67 45.96 1.00
N MET B 639 15.48 45.67 0.49
CA MET B 639 14.25 46.07 1.17
C MET B 639 14.15 45.43 2.55
N THR B 640 14.47 44.14 2.65
CA THR B 640 14.41 43.48 3.96
C THR B 640 15.42 44.10 4.92
N SER B 641 16.64 44.37 4.45
CA SER B 641 17.64 44.98 5.32
C SER B 641 17.18 46.35 5.80
N ASP B 642 16.67 47.19 4.89
CA ASP B 642 16.23 48.52 5.27
C ASP B 642 15.06 48.46 6.24
N VAL B 643 14.10 47.57 5.99
CA VAL B 643 12.95 47.44 6.88
C VAL B 643 13.40 46.99 8.25
N ASN B 644 14.26 45.98 8.30
CA ASN B 644 14.77 45.47 9.59
C ASN B 644 15.50 46.60 10.32
N SER B 645 16.34 47.39 9.65
CA SER B 645 17.10 48.44 10.32
C SER B 645 16.18 49.53 10.85
N SER B 646 15.24 49.99 10.03
CA SER B 646 14.40 51.11 10.42
C SER B 646 13.39 50.70 11.49
N MET B 647 12.74 49.56 11.33
CA MET B 647 11.65 49.14 12.26
C MET B 647 12.18 48.55 13.55
N ALA B 648 13.34 47.90 13.55
CA ALA B 648 13.78 47.19 14.76
C ALA B 648 14.36 48.12 15.82
N ASN B 649 14.38 49.43 15.58
CA ASN B 649 15.04 50.33 16.52
C ASN B 649 14.36 50.28 17.90
N SER B 650 13.14 50.82 18.01
CA SER B 650 12.56 51.01 19.34
C SER B 650 11.06 50.77 19.43
N THR B 651 10.42 50.11 18.45
CA THR B 651 8.95 50.14 18.42
C THR B 651 8.36 49.54 19.67
N GLU B 652 8.40 48.20 19.81
CA GLU B 652 8.09 47.57 21.08
C GLU B 652 8.95 46.35 21.35
N GLY B 653 9.48 45.71 20.30
CA GLY B 653 10.16 44.44 20.44
C GLY B 653 10.85 44.03 19.15
N GLU B 654 11.15 42.74 19.06
CA GLU B 654 11.97 42.17 17.99
C GLU B 654 11.08 41.84 16.80
N THR B 655 11.27 42.56 15.69
CA THR B 655 10.58 42.31 14.43
C THR B 655 11.64 42.27 13.33
N MET B 656 11.62 41.28 12.43
CA MET B 656 12.72 41.08 11.42
C MET B 656 12.25 40.65 10.01
N ALA B 657 12.50 41.39 8.92
CA ALA B 657 12.21 41.00 7.55
C ALA B 657 13.15 39.88 7.14
N VAL B 658 12.62 38.85 6.47
CA VAL B 658 13.43 37.73 6.01
C VAL B 658 13.06 37.41 4.57
N LEU B 659 14.04 36.90 3.84
CA LEU B 659 13.82 36.54 2.45
C LEU B 659 13.13 35.18 2.34
N PRO B 660 12.48 34.90 1.22
CA PRO B 660 11.77 33.63 1.06
C PRO B 660 12.74 32.47 0.98
N PRO B 661 12.30 31.27 1.37
CA PRO B 661 13.22 30.12 1.34
C PRO B 661 13.63 29.75 -0.07
N ALA B 662 14.84 29.20 -0.19
CA ALA B 662 15.30 28.71 -1.48
C ALA B 662 14.41 27.56 -1.97
N ILE B 663 14.05 26.64 -1.08
CA ILE B 663 13.12 25.58 -1.36
C ILE B 663 11.96 25.71 -0.38
N ASP B 664 10.74 25.85 -0.91
CA ASP B 664 9.60 26.20 -0.08
C ASP B 664 9.31 25.13 0.96
N GLU B 665 9.32 23.86 0.56
CA GLU B 665 8.91 22.80 1.48
C GLU B 665 9.95 22.55 2.57
N LEU B 666 11.23 22.68 2.24
CA LEU B 666 12.27 22.36 3.22
C LEU B 666 12.19 23.25 4.44
N GLY B 667 12.04 24.56 4.25
CA GLY B 667 12.06 25.49 5.35
C GLY B 667 11.30 26.76 5.03
N THR B 668 11.29 27.68 6.01
CA THR B 668 10.58 28.93 5.91
C THR B 668 11.51 30.12 5.64
N PHE B 669 12.78 30.01 5.98
CA PHE B 669 13.72 31.13 5.91
C PHE B 669 15.01 30.67 5.25
N SER B 670 15.74 31.63 4.68
CA SER B 670 17.01 31.35 4.02
C SER B 670 18.12 31.53 5.04
N GLY B 671 18.34 30.51 5.86
CA GLY B 671 19.36 30.55 6.89
C GLY B 671 19.72 29.15 7.34
N PHE B 672 19.95 28.97 8.64
CA PHE B 672 20.23 27.66 9.21
C PHE B 672 19.34 27.42 10.41
N SER B 673 18.85 26.18 10.53
CA SER B 673 17.98 25.76 11.61
C SER B 673 18.78 24.89 12.57
N LEU B 674 18.69 25.20 13.87
CA LEU B 674 19.47 24.53 14.88
C LEU B 674 18.57 24.18 16.06
N ARG B 675 18.80 23.03 16.68
CA ARG B 675 18.01 22.58 17.82
C ARG B 675 18.93 22.36 19.01
N LEU B 676 18.67 23.08 20.11
CA LEU B 676 19.36 22.89 21.37
C LEU B 676 18.55 21.91 22.21
N GLN B 677 19.13 20.75 22.54
CA GLN B 677 18.43 19.75 23.32
C GLN B 677 19.29 19.31 24.49
N ASP B 678 18.61 18.93 25.58
CA ASP B 678 19.27 18.51 26.82
C ASP B 678 19.45 17.00 26.78
N ARG B 679 20.70 16.54 26.81
CA ARG B 679 20.98 15.08 26.71
C ARG B 679 21.15 14.49 28.11
N ALA B 680 21.17 15.31 29.16
CA ALA B 680 21.40 14.82 30.51
C ALA B 680 20.25 15.16 31.46
N ASN B 681 19.07 15.48 30.94
CA ASN B 681 17.92 15.84 31.77
C ASN B 681 18.27 16.98 32.72
N LEU B 682 19.00 17.97 32.21
CA LEU B 682 19.42 19.09 33.04
C LEU B 682 18.21 19.84 33.59
N GLY B 683 17.20 20.07 32.76
CA GLY B 683 16.03 20.82 33.16
C GLY B 683 15.78 22.01 32.26
N MET B 684 14.54 22.47 32.21
CA MET B 684 14.20 23.59 31.33
C MET B 684 15.00 24.85 31.64
N PRO B 685 15.18 25.27 32.90
CA PRO B 685 15.98 26.49 33.15
C PRO B 685 17.40 26.39 32.60
N ALA B 686 18.04 25.23 32.69
CA ALA B 686 19.38 25.08 32.14
C ALA B 686 19.38 25.25 30.63
N LEU B 687 18.38 24.66 29.96
CA LEU B 687 18.27 24.82 28.52
C LEU B 687 18.04 26.29 28.15
N LEU B 688 17.22 26.98 28.93
CA LEU B 688 16.94 28.42 28.68
C LEU B 688 18.22 29.22 28.88
N ALA B 689 19.04 28.89 29.89
CA ALA B 689 20.31 29.59 30.11
C ALA B 689 21.26 29.35 28.95
N ALA B 690 21.35 28.10 28.48
CA ALA B 690 22.20 27.81 27.34
C ALA B 690 21.73 28.56 26.10
N GLN B 691 20.42 28.64 25.90
CA GLN B 691 19.85 29.40 24.78
C GLN B 691 20.29 30.87 24.90
N ASP B 692 20.17 31.46 26.08
CA ASP B 692 20.56 32.85 26.26
C ASP B 692 22.07 33.03 26.04
N GLU B 693 22.87 32.07 26.50
CA GLU B 693 24.31 32.15 26.29
C GLU B 693 24.65 32.15 24.81
N LEU B 694 24.01 31.30 24.02
CA LEU B 694 24.33 31.20 22.59
C LEU B 694 23.77 32.40 21.88
N MET B 695 22.80 33.13 22.37
CA MET B 695 22.32 34.28 21.58
C MET B 695 23.06 35.51 22.07
N ALA B 696 23.74 35.49 23.26
CA ALA B 696 24.70 36.56 23.52
C ALA B 696 25.99 36.35 22.73
N MET B 697 26.46 35.10 22.65
CA MET B 697 27.70 34.82 21.93
C MET B 697 27.56 35.10 20.44
N ALA B 698 26.35 34.90 19.89
CA ALA B 698 26.16 35.16 18.47
C ALA B 698 26.40 36.63 18.13
N ALA B 699 26.09 37.54 19.05
CA ALA B 699 26.17 38.96 18.74
C ALA B 699 27.60 39.39 18.41
N LYS B 700 28.57 38.91 19.20
CA LYS B 700 29.95 39.36 19.00
C LYS B 700 30.52 38.86 17.68
N ASN B 701 30.17 37.64 17.27
CA ASN B 701 30.72 37.08 16.05
C ASN B 701 30.25 37.85 14.83
N LYS B 702 31.18 38.10 13.90
CA LYS B 702 30.85 38.74 12.63
C LYS B 702 30.43 37.74 11.56
N LYS B 703 30.64 36.44 11.79
CA LYS B 703 30.20 35.44 10.84
C LYS B 703 28.68 35.35 10.80
N PHE B 704 27.95 35.68 11.88
CA PHE B 704 26.47 35.62 11.96
C PHE B 704 25.76 36.97 12.07
N TYR B 705 24.87 37.32 11.14
CA TYR B 705 24.15 38.63 11.11
C TYR B 705 23.12 38.75 12.22
N MET B 706 22.29 37.75 12.43
CA MET B 706 21.44 37.75 13.62
C MET B 706 20.96 36.35 13.91
N VAL B 707 21.37 35.79 15.02
CA VAL B 707 20.97 34.41 15.44
C VAL B 707 19.74 34.47 16.36
N TRP B 708 18.52 34.70 15.87
CA TRP B 708 17.31 34.93 16.73
C TRP B 708 16.84 33.64 17.41
N ASN B 709 15.97 33.73 18.41
CA ASN B 709 15.36 32.53 19.07
C ASN B 709 13.97 32.36 18.48
N GLU B 710 13.68 31.23 17.89
CA GLU B 710 12.40 31.00 17.23
C GLU B 710 11.50 30.45 18.31
N GLY B 711 10.56 31.26 18.84
CA GLY B 711 9.62 30.74 19.80
C GLY B 711 9.03 31.84 20.66
N LEU B 712 7.98 31.47 21.37
CA LEU B 712 7.36 32.42 22.30
C LEU B 712 8.26 32.60 23.53
N PRO B 713 8.52 33.84 23.93
CA PRO B 713 9.43 34.06 25.07
C PRO B 713 8.80 33.59 26.37
N GLN B 714 9.62 33.58 27.41
CA GLN B 714 9.16 33.20 28.74
C GLN B 714 8.12 34.20 29.25
N GLY B 715 7.21 33.70 30.08
CA GLY B 715 6.11 34.51 30.57
C GLY B 715 5.80 34.23 32.02
N ASP B 716 5.16 35.23 32.64
CA ASP B 716 4.70 35.12 34.02
C ASP B 716 3.28 34.59 34.07
N ASN B 717 2.96 33.91 35.17
CA ASN B 717 1.67 33.27 35.38
C ASN B 717 1.19 33.58 36.80
N ILE B 718 -0.11 33.37 37.02
CA ILE B 718 -0.73 33.49 38.33
C ILE B 718 -1.19 32.10 38.73
N SER B 719 -0.88 31.71 39.97
CA SER B 719 -1.39 30.48 40.55
C SER B 719 -2.20 30.82 41.80
N LEU B 720 -3.35 30.17 41.94
CA LEU B 720 -4.24 30.39 43.06
C LEU B 720 -4.23 29.17 43.98
N LYS B 721 -3.80 29.38 45.22
CA LYS B 721 -3.82 28.35 46.24
C LYS B 721 -5.14 28.45 46.99
N ILE B 722 -5.95 27.41 46.90
CA ILE B 722 -7.25 27.37 47.58
C ILE B 722 -7.04 26.76 48.96
N ASP B 723 -7.30 27.54 49.99
CA ASP B 723 -7.11 27.10 51.37
C ASP B 723 -8.26 26.17 51.75
N ARG B 724 -8.00 24.86 51.71
CA ARG B 724 -9.05 23.89 52.00
C ARG B 724 -9.56 24.04 53.42
N GLU B 725 -8.66 24.23 54.38
CA GLU B 725 -9.06 24.36 55.77
C GLU B 725 -9.94 25.60 55.98
N LYS B 726 -9.50 26.75 55.46
CA LYS B 726 -10.29 27.97 55.62
C LYS B 726 -11.62 27.85 54.87
N LEU B 727 -11.62 27.27 53.68
CA LEU B 727 -12.85 27.11 52.92
C LEU B 727 -13.85 26.24 53.67
N SER B 728 -13.36 25.14 54.28
CA SER B 728 -14.25 24.27 55.03
C SER B 728 -14.68 24.90 56.34
N ALA B 729 -13.88 25.85 56.85
CA ALA B 729 -14.23 26.50 58.11
C ALA B 729 -15.57 27.22 58.03
N LEU B 730 -15.81 27.93 56.94
CA LEU B 730 -17.06 28.65 56.75
C LEU B 730 -18.16 27.77 56.13
N GLY B 731 -17.86 26.51 55.84
CA GLY B 731 -18.83 25.63 55.21
C GLY B 731 -18.97 25.78 53.71
N VAL B 732 -18.14 26.61 53.08
CA VAL B 732 -18.24 26.79 51.64
C VAL B 732 -17.82 25.51 50.93
N LYS B 733 -18.65 25.07 49.99
CA LYS B 733 -18.34 23.86 49.23
C LYS B 733 -17.20 24.13 48.26
N PHE B 734 -16.21 23.24 48.25
CA PHE B 734 -15.08 23.41 47.34
C PHE B 734 -15.51 23.27 45.89
N SER B 735 -16.56 22.48 45.63
CA SER B 735 -17.03 22.31 44.26
C SER B 735 -17.53 23.62 43.68
N ASP B 736 -18.23 24.42 44.49
CA ASP B 736 -18.71 25.72 44.01
C ASP B 736 -17.55 26.63 43.64
N VAL B 737 -16.51 26.66 44.47
CA VAL B 737 -15.34 27.48 44.15
C VAL B 737 -14.67 26.99 42.88
N SER B 738 -14.53 25.67 42.74
CA SER B 738 -13.95 25.12 41.52
C SER B 738 -14.74 25.55 40.29
N ASP B 739 -16.06 25.42 40.36
CA ASP B 739 -16.90 25.78 39.22
C ASP B 739 -16.80 27.27 38.90
N ILE B 740 -16.83 28.12 39.93
CA ILE B 740 -16.82 29.57 39.69
C ILE B 740 -15.47 29.99 39.10
N ILE B 741 -14.38 29.37 39.56
CA ILE B 741 -13.07 29.70 39.02
C ILE B 741 -12.96 29.21 37.58
N SER B 742 -13.46 28.00 37.30
CA SER B 742 -13.36 27.45 35.96
C SER B 742 -14.17 28.26 34.96
N THR B 743 -15.36 28.71 35.36
CA THR B 743 -16.27 29.41 34.46
C THR B 743 -16.07 30.92 34.45
N SER B 744 -15.08 31.44 35.18
CA SER B 744 -14.90 32.88 35.25
C SER B 744 -14.29 33.44 33.97
N MET B 745 -13.43 32.66 33.31
CA MET B 745 -12.67 33.14 32.16
C MET B 745 -13.04 32.42 30.88
N GLY B 746 -12.98 31.10 30.85
CA GLY B 746 -13.20 30.36 29.63
C GLY B 746 -14.63 30.47 29.13
N SER B 747 -14.78 30.25 27.82
CA SER B 747 -16.07 30.27 27.16
C SER B 747 -16.59 28.84 27.01
N MET B 748 -17.89 28.66 27.24
CA MET B 748 -18.52 27.35 27.23
C MET B 748 -19.47 27.26 26.04
N TYR B 749 -19.28 26.25 25.20
CA TYR B 749 -20.19 25.99 24.10
C TYR B 749 -21.32 25.07 24.58
N ILE B 750 -22.55 25.41 24.21
CA ILE B 750 -23.74 24.79 24.78
C ILE B 750 -24.60 24.13 23.71
N ASN B 751 -25.08 24.91 22.75
CA ASN B 751 -26.05 24.40 21.77
C ASN B 751 -25.85 25.11 20.44
N ASP B 752 -26.56 24.61 19.43
CA ASP B 752 -26.56 25.19 18.09
C ASP B 752 -27.93 25.78 17.80
N PHE B 753 -27.96 26.89 17.09
CA PHE B 753 -29.25 27.59 16.83
C PHE B 753 -29.34 27.92 15.34
N PRO B 754 -30.53 27.80 14.73
CA PRO B 754 -30.68 28.11 13.30
C PRO B 754 -30.49 29.60 13.05
N ASN B 755 -29.75 29.93 11.99
CA ASN B 755 -29.47 31.31 11.63
C ASN B 755 -29.60 31.43 10.11
N GLN B 756 -30.79 31.81 9.64
CA GLN B 756 -31.16 31.69 8.24
C GLN B 756 -30.67 30.38 7.64
N GLY B 757 -30.98 29.28 8.33
CA GLY B 757 -30.74 27.96 7.77
C GLY B 757 -29.37 27.38 8.02
N ARG B 758 -28.55 28.00 8.86
CA ARG B 758 -27.23 27.49 9.18
C ARG B 758 -27.14 27.20 10.68
N MET B 759 -26.58 26.04 11.01
CA MET B 759 -26.35 25.66 12.40
C MET B 759 -25.14 26.41 12.94
N GLN B 760 -25.36 27.23 13.95
CA GLN B 760 -24.31 28.05 14.54
C GLN B 760 -24.27 27.85 16.04
N GLN B 761 -23.07 27.87 16.60
CA GLN B 761 -22.88 27.51 17.99
C GLN B 761 -23.49 28.55 18.92
N VAL B 762 -23.77 28.14 20.15
CA VAL B 762 -24.18 29.02 21.22
C VAL B 762 -23.10 28.97 22.29
N ILE B 763 -22.64 30.13 22.75
CA ILE B 763 -21.51 30.20 23.65
C ILE B 763 -21.83 31.18 24.78
N VAL B 764 -21.39 30.81 25.98
CA VAL B 764 -21.56 31.64 27.17
C VAL B 764 -20.17 31.96 27.73
N GLN B 765 -19.90 33.24 27.94
CA GLN B 765 -18.62 33.67 28.47
C GLN B 765 -18.82 34.90 29.34
N VAL B 766 -17.94 35.04 30.35
CA VAL B 766 -18.02 36.19 31.25
C VAL B 766 -17.72 37.47 30.48
N GLU B 767 -18.37 38.55 30.88
CA GLU B 767 -18.19 39.82 30.20
C GLU B 767 -16.73 40.25 30.24
N ALA B 768 -16.31 41.02 29.23
CA ALA B 768 -14.92 41.44 29.14
C ALA B 768 -14.52 42.28 30.34
N LYS B 769 -15.40 43.17 30.79
CA LYS B 769 -15.05 44.07 31.89
C LYS B 769 -14.76 43.32 33.19
N SER B 770 -15.23 42.09 33.33
CA SER B 770 -15.15 41.36 34.59
C SER B 770 -14.06 40.28 34.58
N ARG B 771 -13.18 40.27 33.57
CA ARG B 771 -12.09 39.30 33.53
C ARG B 771 -10.79 39.91 33.02
N MET B 772 -10.63 41.24 33.11
CA MET B 772 -9.43 41.87 32.57
C MET B 772 -8.21 41.55 33.41
N GLN B 773 -8.32 41.69 34.73
CA GLN B 773 -7.22 41.41 35.65
C GLN B 773 -7.74 40.62 36.84
N LEU B 774 -6.81 40.28 37.73
CA LEU B 774 -7.09 39.39 38.85
C LEU B 774 -8.08 39.96 39.87
N LYS B 775 -8.27 41.28 39.93
CA LYS B 775 -9.18 41.83 40.92
C LYS B 775 -10.60 41.34 40.66
N ASP B 776 -11.01 41.32 39.39
CA ASP B 776 -12.34 40.82 39.05
C ASP B 776 -12.46 39.33 39.35
N ILE B 777 -11.41 38.56 39.07
CA ILE B 777 -11.46 37.12 39.32
C ILE B 777 -11.62 36.84 40.80
N LEU B 778 -10.89 37.56 41.64
CA LEU B 778 -10.94 37.35 43.08
C LEU B 778 -12.10 38.12 43.73
N ASN B 779 -12.83 38.92 42.97
CA ASN B 779 -14.00 39.64 43.48
C ASN B 779 -15.28 38.82 43.39
N LEU B 780 -15.24 37.66 42.74
CA LEU B 780 -16.44 36.81 42.65
C LEU B 780 -16.76 36.24 44.02
N LYS B 781 -18.04 35.94 44.24
CA LYS B 781 -18.54 35.47 45.53
C LYS B 781 -19.17 34.10 45.37
N VAL B 782 -19.05 33.28 46.42
CA VAL B 782 -19.66 31.96 46.48
C VAL B 782 -20.53 31.89 47.72
N MET B 783 -21.76 31.42 47.55
CA MET B 783 -22.71 31.36 48.66
C MET B 783 -22.32 30.29 49.66
N GLY B 784 -22.81 30.44 50.89
CA GLY B 784 -22.51 29.51 51.96
C GLY B 784 -23.67 29.40 52.92
N SER B 785 -23.57 28.42 53.82
CA SER B 785 -24.65 28.16 54.76
C SER B 785 -24.93 29.38 55.63
N SER B 786 -23.91 30.19 55.91
CA SER B 786 -24.10 31.37 56.75
C SER B 786 -25.09 32.34 56.11
N GLY B 787 -25.25 32.28 54.79
CA GLY B 787 -26.13 33.17 54.07
C GLY B 787 -25.48 34.46 53.61
N GLN B 788 -24.24 34.72 53.98
CA GLN B 788 -23.51 35.90 53.55
C GLN B 788 -22.50 35.50 52.49
N LEU B 789 -22.53 36.19 51.35
CA LEU B 789 -21.64 35.86 50.25
C LEU B 789 -20.18 35.99 50.67
N VAL B 790 -19.37 35.02 50.28
CA VAL B 790 -17.94 34.98 50.59
C VAL B 790 -17.18 35.20 49.30
N SER B 791 -16.36 36.25 49.26
CA SER B 791 -15.58 36.55 48.07
C SER B 791 -14.43 35.56 47.93
N LEU B 792 -14.01 35.36 46.68
CA LEU B 792 -12.91 34.42 46.41
C LEU B 792 -11.62 34.88 47.08
N SER B 793 -11.34 36.19 47.05
CA SER B 793 -10.08 36.69 47.58
C SER B 793 -9.85 36.23 49.01
N GLU B 794 -10.93 36.04 49.77
CA GLU B 794 -10.79 35.62 51.15
C GLU B 794 -10.28 34.18 51.25
N VAL B 795 -10.56 33.35 50.24
CA VAL B 795 -10.30 31.92 50.33
C VAL B 795 -9.22 31.43 49.38
N VAL B 796 -8.65 32.31 48.55
CA VAL B 796 -7.57 31.93 47.65
C VAL B 796 -6.42 32.91 47.82
N THR B 797 -5.20 32.38 47.77
CA THR B 797 -3.99 33.18 47.90
C THR B 797 -3.31 33.28 46.54
N PRO B 798 -3.34 34.43 45.86
CA PRO B 798 -2.67 34.54 44.56
C PRO B 798 -1.16 34.56 44.73
N GLN B 799 -0.44 33.93 43.80
CA GLN B 799 1.01 33.93 43.78
C GLN B 799 1.49 34.05 42.34
N TRP B 800 2.31 35.06 42.07
CA TRP B 800 2.88 35.25 40.72
C TRP B 800 4.07 34.32 40.57
N ASN B 801 4.29 33.73 39.41
CA ASN B 801 5.40 32.86 39.10
C ASN B 801 5.85 33.16 37.67
N LYS B 802 6.98 32.57 37.29
CA LYS B 802 7.52 32.72 35.93
C LYS B 802 7.84 31.34 35.38
N ALA B 803 7.36 31.04 34.18
CA ALA B 803 7.54 29.73 33.60
C ALA B 803 7.54 29.87 32.09
N PRO B 804 8.19 28.94 31.37
CA PRO B 804 8.18 29.01 29.91
C PRO B 804 6.76 28.90 29.35
N GLN B 805 6.49 29.67 28.30
CA GLN B 805 5.18 29.61 27.66
C GLN B 805 5.13 28.49 26.63
N GLN B 806 6.27 28.13 26.04
CA GLN B 806 6.33 27.19 24.92
C GLN B 806 7.21 26.01 25.29
N TYR B 807 6.76 24.81 24.94
CA TYR B 807 7.51 23.57 25.15
C TYR B 807 7.76 22.93 23.79
N ASN B 808 9.02 22.89 23.37
CA ASN B 808 9.42 22.30 22.11
C ASN B 808 10.24 21.04 22.36
N ARG B 809 10.12 20.08 21.44
CA ARG B 809 10.88 18.84 21.49
C ARG B 809 11.38 18.48 20.11
N TYR B 810 12.49 17.75 20.07
CA TYR B 810 13.11 17.36 18.81
C TYR B 810 13.86 16.05 19.04
N ASN B 811 13.49 15.01 18.29
CA ASN B 811 14.03 13.66 18.41
C ASN B 811 13.72 13.04 19.77
N GLY B 812 12.72 13.55 20.49
CA GLY B 812 12.32 13.00 21.77
C GLY B 812 12.92 13.69 22.98
N ARG B 813 13.83 14.64 22.79
CA ARG B 813 14.44 15.36 23.89
C ARG B 813 13.87 16.76 23.98
N PRO B 814 13.65 17.30 25.17
CA PRO B 814 13.24 18.70 25.28
C PRO B 814 14.24 19.60 24.55
N SER B 815 13.71 20.55 23.78
CA SER B 815 14.57 21.30 22.87
C SER B 815 14.04 22.70 22.66
N LEU B 816 14.91 23.55 22.12
CA LEU B 816 14.60 24.90 21.68
C LEU B 816 15.14 25.10 20.28
N SER B 817 14.54 26.03 19.55
CA SER B 817 14.90 26.27 18.15
C SER B 817 15.72 27.56 18.02
N ILE B 818 16.63 27.55 17.05
CA ILE B 818 17.45 28.71 16.72
C ILE B 818 17.50 28.84 15.20
N ALA B 819 17.36 30.07 14.72
CA ALA B 819 17.44 30.37 13.30
C ALA B 819 18.34 31.56 13.09
N GLY B 820 19.27 31.43 12.14
CA GLY B 820 20.23 32.48 11.88
C GLY B 820 20.49 32.64 10.40
N ILE B 821 20.91 33.84 10.05
CA ILE B 821 21.19 34.24 8.66
C ILE B 821 22.70 34.34 8.51
N PRO B 822 23.31 33.74 7.48
CA PRO B 822 24.75 33.90 7.29
C PRO B 822 25.09 35.35 6.97
N ASN B 823 25.98 35.92 7.77
CA ASN B 823 26.33 37.32 7.62
C ASN B 823 26.97 37.57 6.26
N PHE B 824 26.77 38.77 5.74
CA PHE B 824 27.34 39.13 4.44
C PHE B 824 28.85 39.02 4.48
N ASP B 825 29.43 38.61 3.36
CA ASP B 825 30.86 38.32 3.15
C ASP B 825 31.22 36.95 3.72
N THR B 826 30.24 36.17 4.19
CA THR B 826 30.51 34.82 4.67
C THR B 826 29.65 33.82 3.90
N SER B 827 29.71 32.54 4.27
CA SER B 827 28.98 31.49 3.59
C SER B 827 28.23 30.66 4.63
N SER B 828 27.37 29.76 4.14
CA SER B 828 26.60 28.91 5.04
C SER B 828 27.52 27.95 5.80
N GLY B 829 28.50 27.36 5.12
CA GLY B 829 29.38 26.42 5.78
C GLY B 829 30.25 27.06 6.85
N GLU B 830 30.81 28.24 6.55
CA GLU B 830 31.64 28.93 7.53
C GLU B 830 30.83 29.29 8.77
N ALA B 831 29.61 29.82 8.58
CA ALA B 831 28.75 30.13 9.71
C ALA B 831 28.40 28.88 10.49
N MET B 832 28.14 27.78 9.78
CA MET B 832 27.78 26.53 10.45
C MET B 832 28.91 26.02 11.33
N ARG B 833 30.14 26.03 10.81
CA ARG B 833 31.26 25.55 11.61
C ARG B 833 31.58 26.50 12.76
N GLU B 834 31.43 27.82 12.54
CA GLU B 834 31.61 28.76 13.64
C GLU B 834 30.56 28.53 14.72
N MET B 835 29.33 28.22 14.33
CA MET B 835 28.28 27.93 15.30
C MET B 835 28.60 26.65 16.06
N GLU B 836 29.17 25.67 15.38
CA GLU B 836 29.58 24.41 16.04
C GLU B 836 30.67 24.72 17.08
N GLN B 837 31.61 25.62 16.75
CA GLN B 837 32.65 26.01 17.70
C GLN B 837 32.06 26.75 18.89
N LEU B 838 31.13 27.67 18.64
CA LEU B 838 30.50 28.40 19.73
C LEU B 838 29.72 27.47 20.66
N ILE B 839 28.96 26.54 20.07
CA ILE B 839 28.21 25.58 20.88
C ILE B 839 29.14 24.72 21.71
N ALA B 840 30.36 24.46 21.22
CA ALA B 840 31.31 23.67 22.01
C ALA B 840 31.60 24.33 23.35
N LYS B 841 31.41 25.65 23.44
CA LYS B 841 31.77 26.36 24.67
C LYS B 841 30.70 26.23 25.74
N LEU B 842 29.49 25.79 25.38
CA LEU B 842 28.41 25.72 26.36
C LEU B 842 28.71 24.64 27.40
N PRO B 843 28.10 24.72 28.58
CA PRO B 843 28.30 23.70 29.60
C PRO B 843 27.87 22.33 29.10
N LYS B 844 28.22 21.31 29.89
CA LYS B 844 27.89 19.94 29.52
C LYS B 844 26.38 19.71 29.56
N GLY B 845 25.90 18.86 28.66
CA GLY B 845 24.50 18.47 28.62
C GLY B 845 23.67 19.18 27.56
N ILE B 846 24.27 20.02 26.72
CA ILE B 846 23.57 20.73 25.66
C ILE B 846 24.10 20.23 24.33
N GLY B 847 23.20 19.77 23.47
CA GLY B 847 23.58 19.25 22.16
C GLY B 847 22.87 19.99 21.06
N TYR B 848 23.59 20.19 19.95
CA TYR B 848 23.08 20.90 18.79
C TYR B 848 22.73 19.88 17.71
N GLU B 849 21.54 19.99 17.15
CA GLU B 849 21.09 19.15 16.05
C GLU B 849 20.76 20.03 14.86
N TRP B 850 21.32 19.68 13.71
CA TRP B 850 21.03 20.40 12.48
C TRP B 850 19.82 19.79 11.78
N THR B 851 18.94 20.65 11.29
CA THR B 851 17.69 20.22 10.67
C THR B 851 17.42 21.06 9.43
N GLY B 852 16.41 20.65 8.67
CA GLY B 852 16.02 21.40 7.49
C GLY B 852 17.13 21.47 6.47
N ILE B 853 17.36 22.68 5.95
CA ILE B 853 18.31 22.85 4.85
C ILE B 853 19.73 22.56 5.32
N SER B 854 20.07 22.88 6.56
CA SER B 854 21.43 22.70 7.04
C SER B 854 21.81 21.22 7.10
N LEU B 855 20.90 20.36 7.55
CA LEU B 855 21.19 18.94 7.61
C LEU B 855 21.43 18.37 6.21
N GLN B 856 20.62 18.80 5.24
CA GLN B 856 20.84 18.34 3.86
C GLN B 856 22.16 18.86 3.32
N GLU B 857 22.54 20.10 3.67
CA GLU B 857 23.84 20.61 3.25
C GLU B 857 24.97 19.75 3.82
N LYS B 858 24.88 19.41 5.10
CA LYS B 858 25.91 18.57 5.71
C LYS B 858 25.98 17.21 5.04
N GLN B 859 24.81 16.60 4.78
CA GLN B 859 24.79 15.29 4.15
C GLN B 859 25.37 15.34 2.74
N SER B 860 25.08 16.41 1.99
CA SER B 860 25.65 16.55 0.65
C SER B 860 27.16 16.73 0.72
N GLU B 861 27.64 17.52 1.67
CA GLU B 861 29.07 17.77 1.78
C GLU B 861 29.83 16.52 2.20
N SER B 862 29.22 15.70 3.06
CA SER B 862 29.92 14.52 3.56
C SER B 862 30.27 13.54 2.45
N GLN B 863 29.36 13.37 1.48
CA GLN B 863 29.47 12.32 0.49
C GLN B 863 30.22 12.73 -0.78
N MET B 864 30.73 13.95 -0.85
CA MET B 864 31.39 14.42 -2.08
C MET B 864 32.55 13.51 -2.47
N ALA B 865 33.45 13.25 -1.52
CA ALA B 865 34.66 12.51 -1.84
C ALA B 865 34.34 11.12 -2.35
N PHE B 866 33.38 10.43 -1.74
CA PHE B 866 33.04 9.08 -2.18
C PHE B 866 32.56 9.07 -3.61
N LEU B 867 31.66 10.01 -3.94
CA LEU B 867 31.01 10.07 -5.29
C LEU B 867 31.88 10.79 -6.31
N LEU B 868 33.03 11.36 -6.01
CA LEU B 868 34.08 11.74 -6.95
C LEU B 868 35.08 10.59 -7.16
N GLY B 869 35.52 9.96 -6.08
CA GLY B 869 36.46 8.86 -6.21
C GLY B 869 35.86 7.68 -6.95
N LEU B 870 34.61 7.35 -6.67
CA LEU B 870 33.98 6.22 -7.35
C LEU B 870 33.82 6.50 -8.84
N SER B 871 33.43 7.74 -9.20
CA SER B 871 33.33 8.08 -10.61
C SER B 871 34.69 8.01 -11.29
N MET B 872 35.74 8.50 -10.64
CA MET B 872 37.07 8.42 -11.22
C MET B 872 37.50 6.97 -11.42
N LEU B 873 37.23 6.12 -10.43
CA LEU B 873 37.59 4.70 -10.56
C LEU B 873 36.80 4.03 -11.67
N VAL B 874 35.52 4.36 -11.80
CA VAL B 874 34.70 3.78 -12.86
C VAL B 874 35.25 4.17 -14.22
N VAL B 875 35.60 5.44 -14.40
CA VAL B 875 36.18 5.88 -15.66
C VAL B 875 37.49 5.15 -15.92
N PHE B 876 38.34 5.05 -14.90
CA PHE B 876 39.59 4.31 -15.03
C PHE B 876 39.33 2.89 -15.53
N LEU B 877 38.40 2.19 -14.88
CA LEU B 877 38.15 0.79 -15.21
C LEU B 877 37.60 0.66 -16.62
N VAL B 878 36.66 1.52 -17.00
CA VAL B 878 36.08 1.42 -18.34
C VAL B 878 37.13 1.68 -19.41
N LEU B 879 37.95 2.72 -19.22
CA LEU B 879 38.98 3.01 -20.22
C LEU B 879 40.01 1.88 -20.29
N ALA B 880 40.41 1.35 -19.14
CA ALA B 880 41.33 0.21 -19.15
C ALA B 880 40.74 -0.97 -19.88
N ALA B 881 39.43 -1.21 -19.71
CA ALA B 881 38.77 -2.28 -20.42
C ALA B 881 38.82 -2.04 -21.93
N LEU B 882 38.59 -0.80 -22.35
CA LEU B 882 38.51 -0.48 -23.77
C LEU B 882 39.88 -0.24 -24.41
N TYR B 883 40.89 -0.38 -23.69
CA TYR B 883 42.23 -0.23 -24.26
C TYR B 883 43.06 -1.45 -24.18
N GLU B 884 42.76 -2.31 -23.22
CA GLU B 884 43.56 -3.51 -22.98
C GLU B 884 44.91 -3.15 -22.36
N SER B 885 45.04 -1.91 -21.88
CA SER B 885 46.26 -1.43 -21.27
C SER B 885 45.92 -0.75 -19.95
N TRP B 886 46.71 -1.04 -18.92
CA TRP B 886 46.43 -0.48 -17.59
C TRP B 886 46.87 0.98 -17.50
N ALA B 887 47.97 1.34 -18.17
CA ALA B 887 48.55 2.67 -18.04
C ALA B 887 48.00 3.67 -19.06
N ILE B 888 47.53 3.21 -20.21
CA ILE B 888 46.97 4.10 -21.23
C ILE B 888 45.85 4.93 -20.63
N PRO B 889 44.89 4.34 -19.90
CA PRO B 889 43.84 5.16 -19.28
C PRO B 889 44.33 6.14 -18.25
N LEU B 890 45.53 5.94 -17.69
CA LEU B 890 46.02 6.84 -16.65
C LEU B 890 46.13 8.27 -17.17
N SER B 891 46.61 8.43 -18.41
CA SER B 891 46.76 9.77 -18.98
C SER B 891 45.41 10.49 -19.07
N VAL B 892 44.36 9.76 -19.45
CA VAL B 892 43.05 10.37 -19.62
C VAL B 892 42.53 10.97 -18.32
N MET B 893 42.95 10.45 -17.18
CA MET B 893 42.50 10.95 -15.88
C MET B 893 43.42 12.01 -15.30
N LEU B 894 44.55 12.30 -15.94
CA LEU B 894 45.43 13.36 -15.49
C LEU B 894 45.03 14.73 -16.01
N VAL B 895 44.07 14.80 -16.94
CA VAL B 895 43.53 16.07 -17.40
C VAL B 895 42.40 16.57 -16.51
N VAL B 896 41.84 15.71 -15.66
CA VAL B 896 40.74 16.13 -14.78
C VAL B 896 41.18 17.27 -13.87
N PRO B 897 42.32 17.20 -13.18
CA PRO B 897 42.69 18.32 -12.28
C PRO B 897 42.74 19.65 -12.99
N LEU B 898 43.10 19.67 -14.29
CA LEU B 898 43.13 20.92 -15.03
C LEU B 898 41.75 21.55 -15.13
N GLY B 899 40.70 20.74 -15.28
CA GLY B 899 39.36 21.28 -15.32
C GLY B 899 38.94 21.89 -13.99
N ILE B 900 39.24 21.20 -12.89
CA ILE B 900 38.95 21.76 -11.57
C ILE B 900 39.74 23.04 -11.35
N PHE B 901 40.94 23.13 -11.91
CA PHE B 901 41.71 24.37 -11.80
C PHE B 901 40.89 25.55 -12.34
N GLY B 902 40.38 25.41 -13.56
CA GLY B 902 39.59 26.48 -14.14
C GLY B 902 38.30 26.74 -13.39
N ALA B 903 37.63 25.66 -12.96
CA ALA B 903 36.38 25.84 -12.22
C ALA B 903 36.61 26.64 -10.94
N ILE B 904 37.64 26.27 -10.18
CA ILE B 904 37.93 26.96 -8.93
C ILE B 904 38.38 28.39 -9.18
N ILE B 905 39.19 28.61 -10.22
CA ILE B 905 39.62 29.96 -10.54
C ILE B 905 38.42 30.84 -10.85
N ALA B 906 37.51 30.34 -11.69
CA ALA B 906 36.33 31.11 -12.06
C ALA B 906 35.43 31.37 -10.86
N ILE B 907 35.23 30.36 -10.01
CA ILE B 907 34.32 30.53 -8.88
C ILE B 907 34.90 31.52 -7.87
N MET B 908 36.22 31.49 -7.66
CA MET B 908 36.85 32.53 -6.84
C MET B 908 36.70 33.90 -7.46
N SER B 909 36.94 34.00 -8.78
CA SER B 909 36.88 35.31 -9.43
C SER B 909 35.49 35.92 -9.33
N ARG B 910 34.45 35.11 -9.54
CA ARG B 910 33.09 35.63 -9.48
C ARG B 910 32.56 35.73 -8.06
N GLY B 911 33.22 35.10 -7.09
CA GLY B 911 32.81 35.16 -5.70
C GLY B 911 31.78 34.14 -5.29
N LEU B 912 31.29 33.31 -6.21
CA LEU B 912 30.32 32.29 -5.84
C LEU B 912 30.97 31.26 -4.92
N MET B 913 30.16 30.32 -4.45
CA MET B 913 30.56 29.39 -3.40
C MET B 913 30.28 27.96 -3.84
N ASN B 914 31.01 27.03 -3.22
CA ASN B 914 30.77 25.62 -3.48
C ASN B 914 29.33 25.26 -3.15
N ASP B 915 28.57 24.85 -4.16
CA ASP B 915 27.19 24.46 -4.01
C ASP B 915 26.92 23.22 -4.84
N VAL B 916 25.69 22.71 -4.75
CA VAL B 916 25.34 21.51 -5.50
C VAL B 916 25.56 21.73 -6.99
N PHE B 917 25.15 22.89 -7.50
CA PHE B 917 25.31 23.17 -8.92
C PHE B 917 26.78 23.13 -9.32
N PHE B 918 27.66 23.66 -8.46
CA PHE B 918 29.08 23.64 -8.78
C PHE B 918 29.60 22.21 -8.86
N LYS B 919 29.11 21.32 -8.00
CA LYS B 919 29.55 19.92 -8.06
C LYS B 919 29.02 19.22 -9.31
N ILE B 920 27.77 19.48 -9.70
CA ILE B 920 27.30 18.92 -10.96
C ILE B 920 28.15 19.42 -12.12
N GLY B 921 28.47 20.72 -12.13
CA GLY B 921 29.34 21.25 -13.16
C GLY B 921 30.72 20.62 -13.13
N LEU B 922 31.25 20.36 -11.93
CA LEU B 922 32.56 19.75 -11.81
C LEU B 922 32.56 18.35 -12.40
N ILE B 923 31.52 17.56 -12.12
CA ILE B 923 31.44 16.22 -12.70
C ILE B 923 31.26 16.29 -14.21
N THR B 924 30.45 17.25 -14.68
CA THR B 924 30.28 17.43 -16.12
C THR B 924 31.61 17.72 -16.79
N ILE B 925 32.40 18.62 -16.22
CA ILE B 925 33.73 18.91 -16.76
C ILE B 925 34.67 17.74 -16.65
N ILE B 926 34.57 16.95 -15.59
CA ILE B 926 35.45 15.76 -15.47
C ILE B 926 35.09 14.78 -16.57
N GLY B 927 33.83 14.56 -16.97
CA GLY B 927 33.48 13.72 -18.10
C GLY B 927 33.87 14.34 -19.44
N LEU B 928 33.69 15.65 -19.57
CA LEU B 928 33.90 16.30 -20.86
C LEU B 928 35.39 16.45 -21.18
N SER B 929 36.22 16.56 -20.14
CA SER B 929 37.67 16.54 -20.36
C SER B 929 38.16 15.13 -20.62
N ALA B 930 37.57 14.14 -19.96
CA ALA B 930 37.84 12.76 -20.32
C ALA B 930 37.54 12.53 -21.81
N LYS B 931 36.54 13.24 -22.35
CA LYS B 931 36.15 13.08 -23.75
C LYS B 931 37.16 13.70 -24.66
N ASN B 932 37.87 14.72 -24.23
CA ASN B 932 38.88 15.42 -25.06
C ASN B 932 40.18 14.65 -25.01
N ALA B 933 40.37 13.95 -23.92
CA ALA B 933 41.55 13.10 -23.83
C ALA B 933 41.41 11.80 -24.60
N ILE B 934 40.19 11.22 -24.60
CA ILE B 934 39.98 9.90 -25.20
C ILE B 934 40.27 9.91 -26.69
N LEU B 935 39.81 10.94 -27.41
CA LEU B 935 40.03 10.98 -28.85
C LEU B 935 41.53 10.93 -29.18
N ILE B 936 42.30 11.81 -28.55
CA ILE B 936 43.73 11.90 -28.85
C ILE B 936 44.43 10.61 -28.46
N VAL B 937 44.14 10.07 -27.27
CA VAL B 937 44.84 8.86 -26.85
C VAL B 937 44.48 7.69 -27.77
N GLU B 938 43.20 7.56 -28.13
CA GLU B 938 42.78 6.51 -29.04
C GLU B 938 43.55 6.58 -30.35
N PHE B 939 43.54 7.75 -30.99
CA PHE B 939 44.13 7.81 -32.33
C PHE B 939 45.66 7.70 -32.26
N ALA B 940 46.26 8.20 -31.18
CA ALA B 940 47.69 8.02 -30.99
C ALA B 940 48.04 6.55 -30.82
N LYS B 941 47.23 5.80 -30.07
CA LYS B 941 47.45 4.37 -29.94
C LYS B 941 47.32 3.67 -31.28
N MET B 942 46.32 4.05 -32.08
CA MET B 942 46.18 3.44 -33.39
C MET B 942 47.39 3.73 -34.28
N LEU B 943 47.86 4.98 -34.28
CA LEU B 943 49.03 5.31 -35.09
C LEU B 943 50.27 4.56 -34.60
N LYS B 944 50.44 4.43 -33.28
CA LYS B 944 51.57 3.68 -32.76
C LYS B 944 51.49 2.23 -33.19
N GLU B 945 50.29 1.65 -33.19
CA GLU B 945 50.12 0.30 -33.73
C GLU B 945 50.51 0.25 -35.20
N GLU B 946 50.21 1.32 -35.94
CA GLU B 946 50.63 1.39 -37.33
C GLU B 946 52.15 1.46 -37.49
N GLY B 947 52.88 1.72 -36.41
CA GLY B 947 54.33 1.80 -36.44
C GLY B 947 54.90 3.15 -36.08
N MET B 948 54.06 4.16 -35.87
CA MET B 948 54.55 5.49 -35.53
C MET B 948 55.12 5.51 -34.12
N SER B 949 56.13 6.35 -33.92
CA SER B 949 56.73 6.50 -32.60
C SER B 949 55.79 7.24 -31.67
N LEU B 950 56.06 7.12 -30.37
CA LEU B 950 55.20 7.78 -29.38
C LEU B 950 55.16 9.28 -29.60
N ILE B 951 56.32 9.92 -29.77
CA ILE B 951 56.35 11.35 -30.02
C ILE B 951 55.61 11.69 -31.31
N GLU B 952 55.96 10.98 -32.39
CA GLU B 952 55.33 11.23 -33.67
C GLU B 952 53.85 10.90 -33.63
N ALA B 953 53.50 9.78 -32.99
CA ALA B 953 52.09 9.39 -32.90
C ALA B 953 51.28 10.46 -32.19
N THR B 954 51.74 10.92 -31.03
CA THR B 954 50.99 11.93 -30.28
C THR B 954 50.92 13.25 -31.05
N VAL B 955 52.02 13.70 -31.64
CA VAL B 955 52.02 14.99 -32.32
C VAL B 955 51.12 14.94 -33.54
N ALA B 956 51.08 13.80 -34.23
CA ALA B 956 50.19 13.68 -35.38
C ALA B 956 48.73 13.58 -34.95
N ALA B 957 48.46 12.82 -33.87
CA ALA B 957 47.08 12.66 -33.42
C ALA B 957 46.50 13.98 -32.94
N ALA B 958 47.27 14.76 -32.19
CA ALA B 958 46.78 16.06 -31.75
C ALA B 958 46.47 16.96 -32.94
N LYS B 959 47.37 16.98 -33.93
CA LYS B 959 47.14 17.81 -35.11
C LYS B 959 45.86 17.38 -35.83
N LEU B 960 45.65 16.07 -35.98
CA LEU B 960 44.51 15.59 -36.73
C LEU B 960 43.21 15.86 -35.99
N ARG B 961 43.20 15.68 -34.67
CA ARG B 961 41.99 15.77 -33.88
C ARG B 961 41.77 17.16 -33.28
N LEU B 962 42.63 18.13 -33.59
CA LEU B 962 42.45 19.48 -33.07
C LEU B 962 41.08 20.05 -33.44
N ARG B 963 40.72 20.03 -34.72
CA ARG B 963 39.51 20.74 -35.15
C ARG B 963 38.25 20.22 -34.46
N PRO B 964 37.95 18.91 -34.47
CA PRO B 964 36.75 18.46 -33.75
C PRO B 964 36.80 18.74 -32.26
N ILE B 965 37.99 18.65 -31.64
CA ILE B 965 38.10 18.90 -30.21
C ILE B 965 37.77 20.36 -29.91
N LEU B 966 38.37 21.29 -30.64
CA LEU B 966 38.06 22.70 -30.44
C LEU B 966 36.60 22.99 -30.75
N MET B 967 36.06 22.37 -31.80
CA MET B 967 34.66 22.60 -32.15
C MET B 967 33.74 22.18 -31.00
N THR B 968 33.93 20.93 -30.55
CA THR B 968 33.13 20.32 -29.43
C THR B 968 33.28 21.17 -28.16
N SER B 969 34.48 21.68 -27.90
CA SER B 969 34.74 22.50 -26.72
C SER B 969 34.00 23.82 -26.81
N LEU B 970 34.14 24.53 -27.93
CA LEU B 970 33.50 25.83 -28.08
C LEU B 970 31.99 25.70 -28.09
N ALA B 971 31.46 24.58 -28.61
CA ALA B 971 30.01 24.39 -28.60
C ALA B 971 29.47 24.48 -27.18
N PHE B 972 30.05 23.71 -26.26
CA PHE B 972 29.59 23.76 -24.87
C PHE B 972 29.94 25.09 -24.21
N THR B 973 31.12 25.64 -24.53
CA THR B 973 31.54 26.88 -23.88
C THR B 973 30.60 28.03 -24.22
N CYS B 974 30.15 28.11 -25.46
CA CYS B 974 29.19 29.14 -25.86
C CYS B 974 27.75 28.74 -25.59
N GLY B 975 27.47 27.46 -25.35
CA GLY B 975 26.12 27.07 -24.98
C GLY B 975 25.76 27.52 -23.58
N VAL B 976 26.77 27.68 -22.71
CA VAL B 976 26.53 28.14 -21.34
C VAL B 976 26.67 29.66 -21.22
N ILE B 977 26.94 30.36 -22.32
CA ILE B 977 27.06 31.82 -22.26
C ILE B 977 25.81 32.44 -21.68
N PRO B 978 24.60 32.08 -22.13
CA PRO B 978 23.40 32.68 -21.50
C PRO B 978 23.33 32.46 -20.01
N LEU B 979 23.76 31.28 -19.53
CA LEU B 979 23.74 31.02 -18.09
C LEU B 979 24.64 32.00 -17.35
N VAL B 980 25.83 32.26 -17.89
CA VAL B 980 26.77 33.15 -17.23
C VAL B 980 26.35 34.62 -17.34
N ILE B 981 25.67 35.01 -18.41
CA ILE B 981 25.31 36.40 -18.63
C ILE B 981 23.82 36.67 -18.44
N ALA B 982 23.04 35.66 -18.04
CA ALA B 982 21.64 35.91 -17.73
C ALA B 982 21.53 36.92 -16.60
N THR B 983 20.56 37.84 -16.73
CA THR B 983 20.35 38.90 -15.75
C THR B 983 18.90 39.03 -15.33
N GLY B 984 18.05 38.07 -15.70
CA GLY B 984 16.65 38.12 -15.36
C GLY B 984 16.35 37.44 -14.03
N ALA B 985 15.07 37.13 -13.84
CA ALA B 985 14.65 36.42 -12.65
C ALA B 985 15.27 35.03 -12.62
N SER B 986 15.68 34.60 -11.44
CA SER B 986 16.39 33.34 -11.21
C SER B 986 17.73 33.34 -11.94
N SER B 987 18.43 34.47 -11.97
CA SER B 987 19.66 34.57 -12.75
C SER B 987 20.83 33.88 -12.05
N GLU B 988 20.91 33.98 -10.72
CA GLU B 988 22.09 33.49 -10.04
C GLU B 988 22.11 31.96 -9.96
N THR B 989 20.93 31.34 -9.94
CA THR B 989 20.90 29.88 -10.03
C THR B 989 21.46 29.40 -11.36
N GLN B 990 21.27 30.19 -12.42
CA GLN B 990 21.90 29.89 -13.70
C GLN B 990 23.38 30.21 -13.66
N HIS B 991 23.76 31.29 -12.98
CA HIS B 991 25.17 31.67 -12.89
C HIS B 991 25.99 30.60 -12.17
N ALA B 992 25.41 29.98 -11.14
CA ALA B 992 26.12 28.92 -10.43
C ALA B 992 26.55 27.82 -11.38
N LEU B 993 25.65 27.39 -12.26
CA LEU B 993 26.01 26.40 -13.27
C LEU B 993 27.02 26.98 -14.26
N GLY B 994 26.75 28.20 -14.74
CA GLY B 994 27.51 28.73 -15.86
C GLY B 994 28.97 28.99 -15.54
N THR B 995 29.24 29.61 -14.39
CA THR B 995 30.61 30.04 -14.10
C THR B 995 31.54 28.84 -13.99
N GLY B 996 31.14 27.82 -13.23
CA GLY B 996 31.99 26.66 -13.04
C GLY B 996 32.27 25.94 -14.35
N VAL B 997 31.24 25.71 -15.15
CA VAL B 997 31.43 25.00 -16.42
C VAL B 997 32.28 25.84 -17.37
N PHE B 998 32.05 27.15 -17.41
CA PHE B 998 32.83 28.02 -18.29
C PHE B 998 34.32 27.95 -17.93
N GLY B 999 34.64 28.16 -16.66
CA GLY B 999 36.03 28.10 -16.25
C GLY B 999 36.64 26.72 -16.45
N GLY B 1000 35.89 25.67 -16.10
CA GLY B 1000 36.40 24.32 -16.28
C GLY B 1000 36.70 24.00 -17.72
N MET B 1001 35.79 24.35 -18.62
CA MET B 1001 36.00 24.11 -20.07
C MET B 1001 37.22 24.90 -20.53
N ILE B 1002 37.32 26.19 -20.22
CA ILE B 1002 38.45 26.97 -20.72
C ILE B 1002 39.75 26.37 -20.25
N SER B 1003 39.88 26.13 -18.94
CA SER B 1003 41.14 25.58 -18.44
C SER B 1003 41.41 24.20 -19.03
N ALA B 1004 40.43 23.31 -18.95
CA ALA B 1004 40.61 21.93 -19.40
C ALA B 1004 41.08 21.91 -20.85
N THR B 1005 40.39 22.62 -21.74
CA THR B 1005 40.77 22.55 -23.15
C THR B 1005 42.09 23.25 -23.42
N ILE B 1006 42.21 24.52 -23.04
CA ILE B 1006 43.39 25.31 -23.39
C ILE B 1006 44.64 24.83 -22.67
N LEU B 1007 44.51 23.93 -21.69
CA LEU B 1007 45.67 23.26 -21.11
C LEU B 1007 45.85 21.84 -21.61
N ALA B 1008 44.75 21.11 -21.86
CA ALA B 1008 44.84 19.73 -22.30
C ALA B 1008 45.48 19.64 -23.68
N ILE B 1009 45.12 20.54 -24.59
CA ILE B 1009 45.64 20.45 -25.95
C ILE B 1009 47.17 20.42 -25.93
N PHE B 1010 47.79 20.99 -24.90
CA PHE B 1010 49.27 21.02 -24.78
C PHE B 1010 49.73 20.02 -23.71
N PHE B 1011 48.88 19.66 -22.77
CA PHE B 1011 49.30 18.78 -21.64
C PHE B 1011 48.91 17.31 -21.75
N VAL B 1012 47.91 16.86 -22.48
CA VAL B 1012 47.48 15.47 -22.56
C VAL B 1012 48.51 14.64 -23.31
N PRO B 1013 49.05 15.12 -24.42
CA PRO B 1013 50.17 14.40 -25.05
C PRO B 1013 51.33 14.20 -24.10
N VAL B 1014 51.63 15.20 -23.26
CA VAL B 1014 52.74 15.07 -22.31
C VAL B 1014 52.46 13.96 -21.31
N PHE B 1015 51.24 13.93 -20.75
CA PHE B 1015 50.90 12.86 -19.82
C PHE B 1015 51.01 11.49 -20.48
N PHE B 1016 50.47 11.36 -21.69
CA PHE B 1016 50.50 10.08 -22.40
C PHE B 1016 51.94 9.63 -22.60
N ILE B 1017 52.79 10.49 -23.16
CA ILE B 1017 54.16 10.10 -23.45
C ILE B 1017 54.89 9.77 -22.16
N PHE B 1018 54.75 10.61 -21.12
CA PHE B 1018 55.49 10.38 -19.89
C PHE B 1018 55.09 9.05 -19.26
N ILE B 1019 53.78 8.79 -19.15
CA ILE B 1019 53.33 7.57 -18.49
C ILE B 1019 53.75 6.34 -19.28
N LEU B 1020 53.56 6.37 -20.61
CA LEU B 1020 53.91 5.20 -21.40
C LEU B 1020 55.42 4.95 -21.37
N GLY B 1021 56.22 6.02 -21.45
CA GLY B 1021 57.66 5.86 -21.39
C GLY B 1021 58.13 5.35 -20.05
N ALA B 1022 57.51 5.82 -18.96
CA ALA B 1022 57.86 5.33 -17.63
C ALA B 1022 57.53 3.86 -17.49
N VAL B 1023 56.35 3.44 -17.99
CA VAL B 1023 55.98 2.04 -17.91
C VAL B 1023 56.95 1.19 -18.73
N GLU B 1024 57.31 1.65 -19.93
CA GLU B 1024 58.27 0.91 -20.73
C GLU B 1024 59.63 0.81 -20.05
N LYS B 1025 60.08 1.92 -19.44
CA LYS B 1025 61.38 1.92 -18.77
C LYS B 1025 61.38 0.95 -17.59
N LEU B 1026 60.32 0.96 -16.79
CA LEU B 1026 60.25 0.03 -15.66
C LEU B 1026 60.21 -1.41 -16.14
N PHE B 1027 59.49 -1.69 -17.22
CA PHE B 1027 59.38 -3.03 -17.77
C PHE B 1027 59.47 -3.01 -19.29
N MET C 1 31.83 -19.42 -27.28
CA MET C 1 33.22 -19.04 -27.66
C MET C 1 33.76 -18.00 -26.70
N SER C 2 34.96 -18.25 -26.17
CA SER C 2 35.57 -17.41 -25.15
C SER C 2 36.99 -16.98 -25.50
N GLN C 3 37.38 -17.08 -26.78
CA GLN C 3 38.72 -16.64 -27.17
C GLN C 3 38.90 -15.13 -26.99
N PHE C 4 37.81 -14.38 -26.91
CA PHE C 4 37.92 -12.93 -26.76
C PHE C 4 38.63 -12.57 -25.45
N PHE C 5 38.24 -13.25 -24.35
CA PHE C 5 38.78 -12.92 -23.00
C PHE C 5 40.17 -13.47 -22.81
N ILE C 6 40.59 -14.51 -23.44
CA ILE C 6 41.99 -14.90 -23.45
C ILE C 6 42.80 -13.91 -24.29
N ARG C 7 42.19 -13.39 -25.37
CA ARG C 7 42.85 -12.34 -26.13
C ARG C 7 42.91 -11.04 -25.34
N ARG C 8 41.97 -10.84 -24.41
CA ARG C 8 41.88 -9.61 -23.62
C ARG C 8 41.99 -9.95 -22.15
N PRO C 9 43.19 -10.00 -21.57
CA PRO C 9 43.28 -10.23 -20.11
C PRO C 9 42.82 -9.03 -19.29
N VAL C 10 43.14 -7.83 -19.74
CA VAL C 10 42.76 -6.63 -19.00
C VAL C 10 41.25 -6.53 -18.89
N PHE C 11 40.59 -6.91 -19.98
CA PHE C 11 39.12 -6.82 -20.03
C PHE C 11 38.57 -7.75 -19.00
N ALA C 12 38.98 -9.00 -18.84
CA ALA C 12 38.48 -9.95 -17.85
C ALA C 12 38.81 -9.49 -16.44
N TRP C 13 40.04 -9.00 -16.22
CA TRP C 13 40.40 -8.54 -14.89
C TRP C 13 39.56 -7.34 -14.48
N VAL C 14 39.19 -6.49 -15.45
CA VAL C 14 38.38 -5.32 -15.13
C VAL C 14 36.97 -5.74 -14.73
N ILE C 15 36.40 -6.71 -15.43
CA ILE C 15 35.08 -7.20 -15.01
C ILE C 15 35.17 -7.86 -13.64
N ALA C 16 36.26 -8.59 -13.37
CA ALA C 16 36.43 -9.18 -12.05
C ALA C 16 36.52 -8.11 -10.98
N ILE C 17 37.24 -7.02 -11.25
CA ILE C 17 37.34 -5.92 -10.31
C ILE C 17 35.98 -5.28 -10.09
N PHE C 18 35.22 -5.08 -11.16
CA PHE C 18 33.86 -4.56 -11.00
C PHE C 18 33.11 -5.48 -10.02
N ILE C 19 33.09 -6.80 -10.26
CA ILE C 19 32.33 -7.70 -9.41
C ILE C 19 32.78 -7.58 -7.95
N ILE C 20 34.09 -7.55 -7.74
CA ILE C 20 34.61 -7.47 -6.37
C ILE C 20 34.18 -6.17 -5.71
N ILE C 21 34.26 -5.06 -6.44
CA ILE C 21 33.91 -3.76 -5.87
C ILE C 21 32.44 -3.73 -5.48
N PHE C 22 31.55 -4.17 -6.39
CA PHE C 22 30.14 -4.14 -6.05
C PHE C 22 29.83 -5.09 -4.90
N GLY C 23 30.46 -6.26 -4.87
CA GLY C 23 30.23 -7.18 -3.76
C GLY C 23 30.66 -6.59 -2.43
N LEU C 24 31.82 -5.94 -2.40
CA LEU C 24 32.30 -5.36 -1.15
C LEU C 24 31.45 -4.17 -0.72
N LEU C 25 30.96 -3.38 -1.68
CA LEU C 25 30.02 -2.31 -1.32
C LEU C 25 28.72 -2.88 -0.79
N SER C 26 28.24 -3.99 -1.36
CA SER C 26 26.95 -4.53 -0.97
C SER C 26 27.00 -5.24 0.38
N ILE C 27 28.12 -5.89 0.71
CA ILE C 27 28.17 -6.70 1.93
C ILE C 27 27.79 -5.90 3.17
N PRO C 28 28.39 -4.73 3.43
CA PRO C 28 28.01 -4.00 4.65
C PRO C 28 26.54 -3.64 4.70
N LYS C 29 25.94 -3.30 3.57
CA LYS C 29 24.55 -2.82 3.58
C LYS C 29 23.56 -3.96 3.79
N LEU C 30 23.97 -5.20 3.52
CA LEU C 30 23.06 -6.32 3.69
C LEU C 30 22.67 -6.49 5.16
N PRO C 31 21.41 -6.74 5.47
CA PRO C 31 21.05 -7.09 6.84
C PRO C 31 21.60 -8.46 7.23
N ILE C 32 21.77 -8.67 8.53
CA ILE C 32 22.28 -9.92 9.07
C ILE C 32 21.34 -10.40 10.16
N ALA C 33 20.92 -11.66 10.06
CA ALA C 33 20.05 -12.27 11.06
C ALA C 33 20.22 -13.78 10.98
N ARG C 34 19.87 -14.47 12.07
CA ARG C 34 20.09 -15.91 12.14
C ARG C 34 19.22 -16.65 11.13
N PHE C 35 17.93 -16.39 11.14
CA PHE C 35 17.02 -17.09 10.22
C PHE C 35 16.22 -16.06 9.43
N PRO C 36 15.74 -16.43 8.25
CA PRO C 36 14.86 -15.54 7.46
C PRO C 36 13.44 -15.48 8.04
N SER C 37 12.53 -14.80 7.34
CA SER C 37 11.16 -14.64 7.81
C SER C 37 10.33 -15.84 7.33
N VAL C 38 10.69 -17.02 7.86
CA VAL C 38 9.99 -18.24 7.49
C VAL C 38 8.59 -18.26 8.09
N ALA C 39 8.45 -17.81 9.34
CA ALA C 39 7.17 -17.92 10.01
C ALA C 39 6.11 -17.07 9.31
N PRO C 40 4.88 -17.58 9.21
CA PRO C 40 3.81 -16.78 8.60
C PRO C 40 3.58 -15.50 9.39
N PRO C 41 3.23 -14.40 8.73
CA PRO C 41 2.95 -13.17 9.47
C PRO C 41 1.69 -13.30 10.30
N GLN C 42 1.68 -12.64 11.46
CA GLN C 42 0.58 -12.73 12.41
C GLN C 42 0.12 -11.33 12.78
N VAL C 43 -1.20 -11.17 12.90
CA VAL C 43 -1.80 -9.92 13.37
C VAL C 43 -2.68 -10.25 14.57
N ASN C 44 -2.54 -9.46 15.63
CA ASN C 44 -3.17 -9.75 16.91
C ASN C 44 -4.13 -8.62 17.28
N ILE C 45 -5.43 -8.91 17.26
CA ILE C 45 -6.41 -8.00 17.82
C ILE C 45 -6.55 -8.29 19.31
N SER C 46 -6.62 -7.22 20.11
CA SER C 46 -6.72 -7.36 21.55
C SER C 46 -7.92 -6.55 22.05
N ALA C 47 -8.64 -7.15 23.00
CA ALA C 47 -9.79 -6.50 23.60
C ALA C 47 -9.74 -6.72 25.11
N THR C 48 -10.29 -5.76 25.85
CA THR C 48 -10.27 -5.83 27.31
C THR C 48 -11.56 -5.25 27.86
N TYR C 49 -12.29 -6.05 28.63
CA TYR C 49 -13.49 -5.61 29.33
C TYR C 49 -13.29 -5.88 30.81
N PRO C 50 -12.96 -4.87 31.61
CA PRO C 50 -12.63 -5.12 33.02
C PRO C 50 -13.79 -5.78 33.76
N GLY C 51 -13.46 -6.71 34.65
CA GLY C 51 -14.47 -7.36 35.48
C GLY C 51 -15.50 -8.15 34.71
N ALA C 52 -15.06 -8.96 33.75
CA ALA C 52 -15.95 -9.80 32.96
C ALA C 52 -15.48 -11.24 33.01
N THR C 53 -16.44 -12.16 33.14
CA THR C 53 -16.14 -13.58 33.02
C THR C 53 -15.79 -13.92 31.57
N ALA C 54 -15.04 -15.00 31.39
CA ALA C 54 -14.61 -15.38 30.06
C ALA C 54 -15.79 -15.62 29.13
N LYS C 55 -16.92 -16.08 29.68
CA LYS C 55 -18.04 -16.47 28.83
C LYS C 55 -18.59 -15.28 28.05
N THR C 56 -18.74 -14.11 28.69
CA THR C 56 -19.33 -12.96 28.02
C THR C 56 -18.42 -12.47 26.89
N ILE C 57 -17.13 -12.29 27.19
CA ILE C 57 -16.20 -11.86 26.16
C ILE C 57 -16.19 -12.85 25.01
N ASN C 58 -16.14 -14.14 25.32
CA ASN C 58 -16.13 -15.16 24.27
C ASN C 58 -17.39 -15.09 23.44
N ASP C 59 -18.56 -14.91 24.07
CA ASP C 59 -19.81 -15.03 23.34
C ASP C 59 -20.07 -13.80 22.48
N SER C 60 -19.52 -12.65 22.85
CA SER C 60 -19.78 -11.44 22.07
C SER C 60 -18.55 -10.96 21.29
N VAL C 61 -17.47 -10.59 21.97
CA VAL C 61 -16.37 -9.93 21.28
C VAL C 61 -15.59 -10.94 20.44
N VAL C 62 -15.27 -12.08 21.05
CA VAL C 62 -14.53 -13.11 20.32
C VAL C 62 -15.34 -13.61 19.13
N THR C 63 -16.63 -13.87 19.33
CA THR C 63 -17.46 -14.36 18.23
C THR C 63 -17.53 -13.34 17.10
N LEU C 64 -17.77 -12.07 17.43
CA LEU C 64 -17.78 -11.05 16.39
C LEU C 64 -16.47 -11.05 15.62
N ILE C 65 -15.37 -10.76 16.30
CA ILE C 65 -14.08 -10.61 15.64
C ILE C 65 -13.76 -11.88 14.84
N GLU C 66 -14.09 -13.04 15.39
CA GLU C 66 -13.88 -14.30 14.69
C GLU C 66 -14.62 -14.31 13.37
N ARG C 67 -15.86 -13.81 13.36
CA ARG C 67 -16.61 -13.80 12.11
C ARG C 67 -16.00 -12.83 11.10
N GLU C 68 -15.75 -11.58 11.52
CA GLU C 68 -15.32 -10.60 10.51
C GLU C 68 -13.91 -10.85 9.99
N LEU C 69 -12.97 -11.21 10.87
CA LEU C 69 -11.55 -11.43 10.47
C LEU C 69 -11.49 -12.46 9.35
N SER C 70 -12.43 -13.40 9.28
CA SER C 70 -12.48 -14.36 8.18
C SER C 70 -12.83 -13.64 6.88
N GLY C 71 -12.10 -13.96 5.81
CA GLY C 71 -12.32 -13.37 4.51
C GLY C 71 -11.18 -12.50 4.02
N VAL C 72 -10.24 -12.13 4.89
CA VAL C 72 -9.12 -11.32 4.46
C VAL C 72 -8.22 -12.13 3.53
N LYS C 73 -7.55 -11.44 2.61
CA LYS C 73 -6.73 -12.11 1.61
C LYS C 73 -5.57 -12.85 2.28
N ASN C 74 -5.25 -14.02 1.73
CA ASN C 74 -4.10 -14.82 2.17
C ASN C 74 -4.16 -15.10 3.66
N LEU C 75 -5.28 -15.64 4.12
CA LEU C 75 -5.46 -16.00 5.53
C LEU C 75 -5.59 -17.52 5.62
N LEU C 76 -4.48 -18.16 6.01
CA LEU C 76 -4.50 -19.64 6.11
C LEU C 76 -5.30 -20.06 7.34
N TYR C 77 -5.12 -19.42 8.49
CA TYR C 77 -6.00 -19.81 9.61
C TYR C 77 -6.14 -18.62 10.52
N TYR C 78 -7.06 -18.56 11.43
CA TYR C 78 -7.25 -17.56 12.48
C TYR C 78 -7.74 -18.23 13.75
N SER C 79 -7.48 -17.59 14.88
CA SER C 79 -7.77 -18.19 16.19
C SER C 79 -8.14 -17.08 17.16
N ALA C 80 -8.50 -17.49 18.37
CA ALA C 80 -8.90 -16.56 19.42
C ALA C 80 -8.70 -17.23 20.77
N THR C 81 -8.75 -16.42 21.82
CA THR C 81 -8.56 -16.92 23.18
C THR C 81 -9.29 -16.02 24.17
N THR C 82 -9.55 -16.58 25.35
CA THR C 82 -10.15 -15.84 26.45
C THR C 82 -9.70 -16.50 27.75
N ASP C 83 -9.72 -15.73 28.83
CA ASP C 83 -9.24 -16.21 30.12
C ASP C 83 -9.96 -15.42 31.21
N THR C 84 -9.50 -15.58 32.45
CA THR C 84 -10.10 -14.93 33.61
C THR C 84 -9.50 -13.55 33.88
N SER C 85 -8.58 -13.09 33.04
CA SER C 85 -7.97 -11.78 33.18
C SER C 85 -8.77 -10.69 32.48
N GLY C 86 -9.94 -11.03 31.94
CA GLY C 86 -10.76 -10.05 31.25
C GLY C 86 -10.13 -9.50 30.00
N THR C 87 -9.48 -10.37 29.22
CA THR C 87 -8.85 -9.95 27.97
C THR C 87 -9.06 -11.04 26.93
N ALA C 88 -9.12 -10.62 25.67
CA ALA C 88 -9.30 -11.52 24.54
C ALA C 88 -8.27 -11.18 23.47
N GLU C 89 -7.61 -12.22 22.96
CA GLU C 89 -6.59 -12.10 21.92
C GLU C 89 -7.02 -12.93 20.72
N ILE C 90 -7.19 -12.27 19.58
CA ILE C 90 -7.58 -12.92 18.33
C ILE C 90 -6.40 -12.84 17.38
N THR C 91 -5.93 -13.97 16.87
CA THR C 91 -4.76 -14.04 16.02
C THR C 91 -5.16 -14.44 14.61
N ALA C 92 -4.76 -13.64 13.63
CA ALA C 92 -4.93 -13.95 12.22
C ALA C 92 -3.57 -14.22 11.63
N THR C 93 -3.38 -15.43 11.10
CA THR C 93 -2.10 -15.87 10.54
C THR C 93 -2.25 -15.94 9.01
N PHE C 94 -1.53 -15.07 8.32
CA PHE C 94 -1.60 -15.00 6.87
C PHE C 94 -0.54 -15.89 6.24
N LYS C 95 -0.62 -16.05 4.91
CA LYS C 95 0.30 -16.93 4.22
C LYS C 95 1.70 -16.35 4.24
N PRO C 96 2.73 -17.22 4.24
CA PRO C 96 4.11 -16.71 4.22
C PRO C 96 4.38 -15.86 2.99
N GLY C 97 5.19 -14.83 3.19
CA GLY C 97 5.52 -13.90 2.11
C GLY C 97 4.53 -12.78 1.92
N THR C 98 3.40 -12.81 2.63
CA THR C 98 2.42 -11.74 2.52
C THR C 98 2.94 -10.47 3.19
N ASP C 99 2.46 -9.33 2.71
CA ASP C 99 2.84 -8.02 3.26
C ASP C 99 2.07 -7.83 4.57
N VAL C 100 2.81 -7.75 5.67
CA VAL C 100 2.17 -7.62 6.97
C VAL C 100 1.41 -6.30 7.06
N GLU C 101 1.94 -5.25 6.44
CA GLU C 101 1.29 -3.94 6.52
C GLU C 101 -0.07 -3.94 5.82
N MET C 102 -0.12 -4.48 4.60
CA MET C 102 -1.38 -4.51 3.87
C MET C 102 -2.41 -5.37 4.59
N ALA C 103 -1.98 -6.52 5.13
CA ALA C 103 -2.90 -7.38 5.88
C ALA C 103 -3.40 -6.68 7.13
N GLN C 104 -2.52 -5.96 7.83
CA GLN C 104 -2.93 -5.26 9.03
C GLN C 104 -3.92 -4.15 8.70
N VAL C 105 -3.71 -3.48 7.56
CA VAL C 105 -4.67 -2.48 7.10
C VAL C 105 -6.02 -3.14 6.81
N ASP C 106 -6.00 -4.29 6.15
CA ASP C 106 -7.24 -4.98 5.83
C ASP C 106 -7.99 -5.38 7.10
N VAL C 107 -7.28 -5.88 8.11
CA VAL C 107 -7.94 -6.29 9.35
C VAL C 107 -8.48 -5.07 10.08
N GLN C 108 -7.79 -3.93 10.04
CA GLN C 108 -8.42 -2.71 10.56
C GLN C 108 -9.69 -2.38 9.80
N ASN C 109 -9.67 -2.49 8.48
CA ASN C 109 -10.87 -2.19 7.70
C ASN C 109 -12.02 -3.09 8.11
N LYS C 110 -11.73 -4.38 8.33
CA LYS C 110 -12.77 -5.31 8.77
C LYS C 110 -13.26 -4.99 10.18
N ILE C 111 -12.35 -4.67 11.09
CA ILE C 111 -12.73 -4.46 12.49
C ILE C 111 -13.54 -3.18 12.64
N LYS C 112 -13.21 -2.16 11.86
CA LYS C 112 -13.94 -0.89 11.93
C LYS C 112 -15.40 -1.09 11.58
N ALA C 113 -15.71 -2.11 10.78
CA ALA C 113 -17.09 -2.34 10.38
C ALA C 113 -17.99 -2.61 11.59
N VAL C 114 -17.51 -3.40 12.55
CA VAL C 114 -18.29 -3.78 13.72
C VAL C 114 -17.77 -3.13 15.00
N GLU C 115 -16.83 -2.18 14.89
CA GLU C 115 -16.40 -1.45 16.07
C GLU C 115 -17.59 -0.86 16.81
N ALA C 116 -18.63 -0.44 16.07
CA ALA C 116 -19.82 0.12 16.71
C ALA C 116 -20.51 -0.90 17.60
N ARG C 117 -20.61 -2.14 17.13
CA ARG C 117 -21.36 -3.16 17.87
C ARG C 117 -20.71 -3.56 19.19
N LEU C 118 -19.46 -3.16 19.43
CA LEU C 118 -18.82 -3.52 20.67
C LEU C 118 -19.43 -2.74 21.84
N PRO C 119 -19.34 -3.28 23.06
CA PRO C 119 -19.85 -2.54 24.22
C PRO C 119 -19.13 -1.21 24.41
N GLN C 120 -19.85 -0.25 25.00
CA GLN C 120 -19.29 1.09 25.16
C GLN C 120 -18.02 1.06 25.99
N VAL C 121 -18.00 0.25 27.05
CA VAL C 121 -16.78 0.13 27.86
C VAL C 121 -15.65 -0.43 27.02
N VAL C 122 -15.96 -1.36 26.12
CA VAL C 122 -14.93 -1.89 25.22
C VAL C 122 -14.37 -0.79 24.33
N ARG C 123 -15.23 0.14 23.90
CA ARG C 123 -14.78 1.27 23.07
C ARG C 123 -13.93 2.20 23.94
N GLN C 124 -14.23 2.34 25.24
CA GLN C 124 -13.42 3.15 26.13
C GLN C 124 -12.03 2.54 26.28
N GLN C 125 -11.96 1.22 26.49
CA GLN C 125 -10.67 0.55 26.51
C GLN C 125 -10.07 0.48 25.10
N GLY C 126 -10.92 0.34 24.08
CA GLY C 126 -10.45 0.26 22.71
C GLY C 126 -10.06 -1.15 22.32
N LEU C 127 -9.80 -1.31 21.02
CA LEU C 127 -9.37 -2.57 20.46
C LEU C 127 -7.99 -2.38 19.84
N GLN C 128 -6.98 -2.97 20.48
CA GLN C 128 -5.61 -2.86 20.00
C GLN C 128 -5.35 -3.90 18.93
N VAL C 129 -4.80 -3.46 17.80
CA VAL C 129 -4.50 -4.34 16.68
C VAL C 129 -3.06 -4.13 16.24
N GLU C 130 -2.15 -4.96 16.75
CA GLU C 130 -0.72 -4.83 16.47
C GLU C 130 -0.20 -6.14 15.89
N ALA C 131 0.58 -6.03 14.81
CA ALA C 131 1.21 -7.20 14.24
C ALA C 131 2.54 -7.47 14.94
N SER C 132 2.67 -8.64 15.54
CA SER C 132 3.87 -8.99 16.28
C SER C 132 3.98 -10.51 16.33
N SER C 133 5.17 -10.99 16.69
CA SER C 133 5.45 -12.42 16.77
C SER C 133 5.59 -12.82 18.23
N SER C 134 4.97 -13.94 18.59
CA SER C 134 5.03 -14.43 19.96
C SER C 134 6.46 -14.82 20.32
N GLY C 135 6.81 -14.61 21.59
CA GLY C 135 8.14 -14.89 22.09
C GLY C 135 8.77 -13.65 22.67
N PHE C 136 10.01 -13.83 23.14
CA PHE C 136 10.78 -12.75 23.72
C PHE C 136 12.19 -12.74 23.15
N LEU C 137 12.78 -11.55 23.13
CA LEU C 137 14.18 -11.36 22.75
C LEU C 137 15.08 -11.21 23.97
N MET C 138 14.60 -10.53 25.01
CA MET C 138 15.38 -10.26 26.19
C MET C 138 14.46 -9.78 27.29
N LEU C 139 14.91 -9.94 28.54
CA LEU C 139 14.15 -9.52 29.71
C LEU C 139 15.06 -8.67 30.60
N VAL C 140 15.11 -7.36 30.30
CA VAL C 140 15.85 -6.44 31.15
C VAL C 140 15.08 -6.25 32.46
N GLY C 141 15.80 -6.01 33.54
CA GLY C 141 15.15 -5.80 34.82
C GLY C 141 16.04 -5.08 35.80
N ILE C 142 15.48 -4.82 36.98
CA ILE C 142 16.21 -4.24 38.10
C ILE C 142 15.92 -5.05 39.36
N ASN C 143 16.95 -5.22 40.18
CA ASN C 143 16.84 -5.93 41.44
C ASN C 143 17.65 -5.18 42.50
N SER C 144 17.27 -5.38 43.76
CA SER C 144 17.92 -4.73 44.89
C SER C 144 18.45 -5.81 45.84
N PRO C 145 19.73 -6.16 45.78
CA PRO C 145 20.25 -7.18 46.70
C PRO C 145 20.05 -6.82 48.16
N ASN C 146 20.19 -5.55 48.52
CA ASN C 146 20.05 -5.10 49.89
C ASN C 146 18.59 -4.76 50.25
N ASN C 147 17.68 -4.82 49.28
CA ASN C 147 16.27 -4.51 49.52
C ASN C 147 16.10 -3.08 50.02
N GLN C 148 16.97 -2.18 49.55
CA GLN C 148 16.81 -0.77 49.87
C GLN C 148 15.49 -0.23 49.34
N TYR C 149 15.12 -0.65 48.12
CA TYR C 149 13.85 -0.29 47.51
C TYR C 149 13.06 -1.57 47.24
N SER C 150 11.79 -1.57 47.61
CA SER C 150 10.97 -2.76 47.55
C SER C 150 10.39 -2.93 46.14
N GLU C 151 9.45 -3.87 45.97
CA GLU C 151 8.94 -4.17 44.65
C GLU C 151 8.25 -2.96 44.03
N VAL C 152 7.46 -2.23 44.82
CA VAL C 152 6.73 -1.09 44.29
C VAL C 152 7.69 -0.05 43.75
N ASP C 153 8.73 0.27 44.52
CA ASP C 153 9.67 1.30 44.10
C ASP C 153 10.37 0.91 42.80
N LEU C 154 10.83 -0.34 42.71
CA LEU C 154 11.49 -0.79 41.49
C LEU C 154 10.54 -0.73 40.30
N SER C 155 9.32 -1.25 40.46
CA SER C 155 8.37 -1.27 39.35
C SER C 155 8.06 0.14 38.88
N ASP C 156 7.86 1.07 39.82
CA ASP C 156 7.55 2.44 39.45
C ASP C 156 8.75 3.14 38.83
N TYR C 157 9.96 2.80 39.25
CA TYR C 157 11.14 3.34 38.59
C TYR C 157 11.23 2.85 37.15
N LEU C 158 10.91 1.59 36.91
CA LEU C 158 10.90 1.08 35.54
C LEU C 158 9.85 1.79 34.70
N VAL C 159 8.61 1.85 35.19
CA VAL C 159 7.54 2.46 34.40
C VAL C 159 7.84 3.93 34.16
N ARG C 160 8.29 4.66 35.19
CA ARG C 160 8.54 6.08 35.05
C ARG C 160 9.69 6.35 34.07
N ASN C 161 10.79 5.62 34.22
CA ASN C 161 12.01 5.92 33.47
C ASN C 161 12.40 4.81 32.49
N VAL C 162 12.61 3.58 32.96
CA VAL C 162 13.24 2.57 32.12
C VAL C 162 12.40 2.30 30.89
N VAL C 163 11.08 2.14 31.09
CA VAL C 163 10.20 1.77 29.98
C VAL C 163 10.31 2.79 28.86
N GLU C 164 10.40 4.08 29.20
CA GLU C 164 10.41 5.13 28.19
C GLU C 164 11.53 4.91 27.19
N GLU C 165 12.79 4.97 27.65
CA GLU C 165 13.90 4.86 26.72
C GLU C 165 14.04 3.45 26.16
N LEU C 166 13.66 2.43 26.93
CA LEU C 166 13.74 1.07 26.40
C LEU C 166 12.80 0.88 25.23
N LYS C 167 11.61 1.49 25.27
CA LYS C 167 10.74 1.50 24.11
C LYS C 167 11.24 2.45 23.04
N ARG C 168 11.98 3.49 23.44
CA ARG C 168 12.52 4.43 22.47
C ARG C 168 13.50 3.75 21.52
N VAL C 169 14.29 2.81 22.03
CA VAL C 169 15.28 2.13 21.20
C VAL C 169 14.60 1.49 20.00
N GLU C 170 15.23 1.59 18.84
CA GLU C 170 14.67 1.06 17.61
C GLU C 170 14.60 -0.46 17.67
N GLY C 171 13.66 -1.02 16.91
CA GLY C 171 13.50 -2.46 16.83
C GLY C 171 12.78 -3.09 17.99
N VAL C 172 12.09 -2.30 18.82
CA VAL C 172 11.36 -2.81 19.97
C VAL C 172 9.88 -2.72 19.66
N GLY C 173 9.22 -3.87 19.49
CA GLY C 173 7.79 -3.87 19.23
C GLY C 173 7.00 -3.37 20.42
N LYS C 174 7.34 -3.84 21.61
CA LYS C 174 6.68 -3.41 22.83
C LYS C 174 7.51 -3.87 24.02
N VAL C 175 7.39 -3.13 25.12
CA VAL C 175 8.09 -3.43 26.36
C VAL C 175 7.04 -3.80 27.39
N GLN C 176 6.80 -5.10 27.56
CA GLN C 176 5.80 -5.56 28.51
C GLN C 176 6.34 -5.43 29.93
N SER C 177 5.69 -4.58 30.73
CA SER C 177 6.08 -4.33 32.10
C SER C 177 5.23 -5.19 33.02
N PHE C 178 5.90 -5.97 33.88
CA PHE C 178 5.23 -6.84 34.84
C PHE C 178 5.20 -6.21 36.24
N GLY C 179 5.54 -4.93 36.33
CA GLY C 179 5.32 -4.18 37.55
C GLY C 179 4.43 -2.98 37.25
N ALA C 180 3.71 -2.54 38.29
CA ALA C 180 2.67 -1.55 38.13
C ALA C 180 3.04 -0.25 38.84
N GLU C 181 2.57 0.86 38.27
CA GLU C 181 2.86 2.19 38.76
C GLU C 181 2.14 2.46 40.08
N LYS C 182 2.83 3.14 41.01
CA LYS C 182 2.26 3.40 42.32
C LYS C 182 1.09 4.38 42.22
N ALA C 183 0.10 4.17 43.10
CA ALA C 183 -1.12 4.97 43.05
C ALA C 183 -1.79 4.93 44.41
N MET C 184 -2.84 5.72 44.54
CA MET C 184 -3.64 5.78 45.75
C MET C 184 -4.61 4.60 45.76
N ARG C 185 -4.57 3.80 46.81
CA ARG C 185 -5.53 2.74 47.04
C ARG C 185 -6.28 3.08 48.32
N ILE C 186 -7.57 3.41 48.17
CA ILE C 186 -8.44 3.72 49.29
C ILE C 186 -9.16 2.45 49.70
N TRP C 187 -8.52 1.62 50.52
CA TRP C 187 -9.15 0.39 50.99
C TRP C 187 -10.30 0.74 51.92
N VAL C 188 -11.47 0.16 51.67
CA VAL C 188 -12.69 0.49 52.39
C VAL C 188 -13.18 -0.74 53.13
N ASP C 189 -13.45 -0.58 54.41
CA ASP C 189 -14.07 -1.64 55.21
C ASP C 189 -15.58 -1.47 55.14
N PRO C 190 -16.31 -2.40 54.52
CA PRO C 190 -17.77 -2.21 54.42
C PRO C 190 -18.46 -2.12 55.77
N ASN C 191 -17.93 -2.77 56.80
CA ASN C 191 -18.57 -2.69 58.12
C ASN C 191 -18.55 -1.27 58.67
N LYS C 192 -17.38 -0.63 58.67
CA LYS C 192 -17.30 0.76 59.14
C LYS C 192 -18.15 1.68 58.29
N LEU C 193 -18.11 1.50 56.97
CA LEU C 193 -18.85 2.38 56.08
C LEU C 193 -20.36 2.25 56.31
N VAL C 194 -20.85 1.03 56.50
CA VAL C 194 -22.27 0.83 56.78
C VAL C 194 -22.63 1.37 58.15
N SER C 195 -21.71 1.25 59.12
CA SER C 195 -22.00 1.73 60.47
C SER C 195 -22.41 3.20 60.46
N TYR C 196 -21.80 3.99 59.59
CA TYR C 196 -22.14 5.40 59.46
C TYR C 196 -23.19 5.67 58.39
N GLY C 197 -23.73 4.63 57.77
CA GLY C 197 -24.76 4.79 56.77
C GLY C 197 -24.26 5.15 55.39
N LEU C 198 -23.00 4.89 55.09
CA LEU C 198 -22.43 5.23 53.79
C LEU C 198 -22.30 3.99 52.91
N SER C 199 -21.92 4.23 51.65
CA SER C 199 -21.67 3.18 50.68
C SER C 199 -20.44 3.56 49.87
N ILE C 200 -20.06 2.69 48.93
CA ILE C 200 -18.93 2.99 48.06
C ILE C 200 -19.15 4.26 47.26
N SER C 201 -20.39 4.49 46.81
CA SER C 201 -20.69 5.72 46.07
C SER C 201 -20.36 6.95 46.90
N ASP C 202 -20.45 6.85 48.23
CA ASP C 202 -20.14 8.00 49.08
C ASP C 202 -18.69 8.40 48.94
N VAL C 203 -17.77 7.43 49.08
CA VAL C 203 -16.34 7.74 48.95
C VAL C 203 -16.02 8.15 47.52
N ASN C 204 -16.70 7.54 46.54
CA ASN C 204 -16.48 7.93 45.15
C ASN C 204 -16.82 9.40 44.95
N ASN C 205 -17.98 9.84 45.43
CA ASN C 205 -18.37 11.23 45.28
C ASN C 205 -17.43 12.13 46.07
N ALA C 206 -16.99 11.70 47.26
CA ALA C 206 -16.09 12.51 48.06
C ALA C 206 -14.78 12.77 47.31
N ILE C 207 -14.20 11.73 46.71
CA ILE C 207 -12.94 11.90 46.00
C ILE C 207 -13.16 12.72 44.73
N ARG C 208 -14.28 12.49 44.03
CA ARG C 208 -14.59 13.28 42.85
C ARG C 208 -14.78 14.76 43.17
N GLU C 209 -15.26 15.06 44.38
CA GLU C 209 -15.51 16.43 44.81
C GLU C 209 -14.23 17.14 45.27
N ASN C 210 -13.54 16.57 46.26
CA ASN C 210 -12.36 17.23 46.80
C ASN C 210 -11.23 17.29 45.77
N ASN C 211 -11.01 16.21 45.04
CA ASN C 211 -9.94 16.13 44.05
C ASN C 211 -10.55 16.27 42.66
N VAL C 212 -10.43 17.46 42.08
CA VAL C 212 -10.94 17.75 40.74
C VAL C 212 -9.99 18.72 40.06
N GLU C 213 -10.13 18.82 38.74
CA GLU C 213 -9.29 19.70 37.93
C GLU C 213 -9.96 21.04 37.77
N ILE C 214 -9.19 22.12 37.94
CA ILE C 214 -9.66 23.47 37.73
C ILE C 214 -9.24 23.91 36.34
N ALA C 215 -10.19 24.29 35.51
CA ALA C 215 -9.87 24.69 34.15
C ALA C 215 -9.12 26.02 34.17
N PRO C 216 -7.91 26.09 33.64
CA PRO C 216 -7.18 27.35 33.61
C PRO C 216 -7.73 28.29 32.55
N GLY C 217 -7.25 29.53 32.59
CA GLY C 217 -7.66 30.54 31.63
C GLY C 217 -6.66 31.66 31.58
N ARG C 218 -6.88 32.56 30.63
CA ARG C 218 -6.00 33.70 30.38
C ARG C 218 -6.77 35.00 30.61
N LEU C 219 -6.18 35.92 31.36
CA LEU C 219 -6.79 37.21 31.61
C LEU C 219 -6.61 38.13 30.41
N GLY C 220 -7.57 39.03 30.22
CA GLY C 220 -7.52 39.94 29.10
C GLY C 220 -7.55 39.26 27.75
N ASP C 221 -8.02 38.02 27.69
CA ASP C 221 -8.05 37.29 26.43
C ASP C 221 -9.10 37.87 25.50
N LEU C 222 -8.84 37.78 24.20
CA LEU C 222 -9.77 38.34 23.22
C LEU C 222 -11.12 37.64 23.33
N PRO C 223 -12.24 38.36 23.19
CA PRO C 223 -12.32 39.80 22.89
C PRO C 223 -12.06 40.68 24.10
N ALA C 224 -11.15 41.64 23.98
CA ALA C 224 -10.74 42.49 25.07
C ALA C 224 -11.18 43.92 24.85
N GLU C 225 -11.72 44.53 25.91
CA GLU C 225 -12.07 45.94 25.86
C GLU C 225 -10.83 46.79 25.61
N LYS C 226 -11.05 47.94 24.99
CA LYS C 226 -9.95 48.83 24.63
C LYS C 226 -9.19 49.26 25.87
N GLY C 227 -7.87 49.30 25.76
CA GLY C 227 -7.01 49.87 26.79
C GLY C 227 -6.36 48.87 27.72
N GLN C 228 -6.64 47.57 27.58
CA GLN C 228 -6.01 46.59 28.44
C GLN C 228 -4.51 46.57 28.21
N LEU C 229 -3.74 46.61 29.30
CA LEU C 229 -2.30 46.74 29.19
C LEU C 229 -1.62 45.39 28.95
N ILE C 230 -1.91 44.40 29.79
CA ILE C 230 -1.19 43.13 29.74
C ILE C 230 -2.17 41.97 29.90
N THR C 231 -1.67 40.75 29.68
CA THR C 231 -2.44 39.53 29.85
C THR C 231 -1.51 38.43 30.33
N ILE C 232 -1.88 37.76 31.41
CA ILE C 232 -1.05 36.71 31.99
C ILE C 232 -1.92 35.52 32.38
N PRO C 233 -1.46 34.28 32.15
CA PRO C 233 -2.30 33.12 32.45
C PRO C 233 -2.65 33.02 33.92
N LEU C 234 -3.81 32.43 34.19
CA LEU C 234 -4.27 32.16 35.55
C LEU C 234 -4.72 30.72 35.64
N SER C 235 -4.27 30.02 36.68
CA SER C 235 -4.63 28.63 36.88
C SER C 235 -4.63 28.34 38.38
N ALA C 236 -5.30 27.25 38.75
CA ALA C 236 -5.48 26.91 40.16
C ALA C 236 -5.41 25.40 40.31
N GLN C 237 -5.10 24.98 41.54
CA GLN C 237 -4.89 23.57 41.86
C GLN C 237 -6.08 23.07 42.69
N GLY C 238 -6.84 22.14 42.12
CA GLY C 238 -7.92 21.48 42.82
C GLY C 238 -7.65 20.03 43.14
N GLN C 239 -6.41 19.57 43.05
CA GLN C 239 -6.06 18.17 43.22
C GLN C 239 -5.38 17.96 44.56
N LEU C 240 -5.83 16.96 45.32
CA LEU C 240 -5.11 16.54 46.51
C LEU C 240 -3.82 15.83 46.11
N SER C 241 -2.75 16.12 46.84
CA SER C 241 -1.41 15.67 46.44
C SER C 241 -0.75 14.70 47.41
N SER C 242 -1.15 14.68 48.69
CA SER C 242 -0.49 13.85 49.69
C SER C 242 -1.52 12.98 50.40
N LEU C 243 -1.04 11.86 50.94
CA LEU C 243 -1.92 10.94 51.65
C LEU C 243 -2.64 11.64 52.78
N GLU C 244 -1.96 12.59 53.44
CA GLU C 244 -2.61 13.34 54.51
C GLU C 244 -3.83 14.09 53.98
N GLN C 245 -3.74 14.62 52.76
CA GLN C 245 -4.87 15.34 52.19
C GLN C 245 -6.02 14.39 51.86
N PHE C 246 -5.72 13.24 51.27
CA PHE C 246 -6.77 12.27 50.96
C PHE C 246 -7.45 11.78 52.22
N LYS C 247 -6.68 11.51 53.28
CA LYS C 247 -7.29 11.17 54.56
C LYS C 247 -8.17 12.31 55.07
N ASN C 248 -7.82 13.55 54.75
CA ASN C 248 -8.57 14.71 55.20
C ASN C 248 -9.63 15.10 54.17
N ILE C 249 -10.46 14.13 53.83
CA ILE C 249 -11.61 14.32 52.94
C ILE C 249 -12.87 14.19 53.77
N SER C 250 -13.64 15.27 53.86
CA SER C 250 -14.81 15.29 54.72
C SER C 250 -15.95 14.48 54.11
N LEU C 251 -16.66 13.75 54.96
CA LEU C 251 -17.85 13.00 54.57
C LEU C 251 -18.93 13.25 55.61
N LYS C 252 -20.18 13.26 55.17
CA LYS C 252 -21.33 13.52 56.02
C LYS C 252 -22.10 12.22 56.25
N SER C 253 -22.37 11.91 57.51
CA SER C 253 -23.03 10.67 57.90
C SER C 253 -24.49 10.96 58.24
N LYS C 254 -25.39 10.16 57.67
CA LYS C 254 -26.82 10.40 57.84
C LYS C 254 -27.26 10.11 59.27
N THR C 255 -26.78 9.00 59.84
CA THR C 255 -27.32 8.54 61.12
C THR C 255 -27.06 9.56 62.23
N ASN C 256 -25.86 10.14 62.27
CA ASN C 256 -25.49 11.08 63.32
C ASN C 256 -25.33 12.51 62.85
N GLY C 257 -25.05 12.72 61.56
CA GLY C 257 -24.86 14.06 61.04
C GLY C 257 -23.48 14.64 61.26
N SER C 258 -22.57 13.89 61.90
CA SER C 258 -21.23 14.40 62.14
C SER C 258 -20.39 14.32 60.87
N VAL C 259 -19.30 15.09 60.87
CA VAL C 259 -18.35 15.10 59.76
C VAL C 259 -17.23 14.13 60.10
N ILE C 260 -16.95 13.20 59.18
CA ILE C 260 -15.97 12.16 59.40
C ILE C 260 -14.94 12.20 58.28
N LYS C 261 -13.67 12.02 58.63
CA LYS C 261 -12.61 12.02 57.64
C LYS C 261 -12.51 10.66 56.97
N LEU C 262 -11.87 10.65 55.79
CA LEU C 262 -11.75 9.41 55.04
C LEU C 262 -10.98 8.35 55.82
N SER C 263 -10.13 8.77 56.76
CA SER C 263 -9.37 7.80 57.55
C SER C 263 -10.30 6.90 58.36
N ASP C 264 -11.35 7.48 58.95
CA ASP C 264 -12.26 6.69 59.76
C ASP C 264 -12.97 5.64 58.92
N VAL C 265 -13.40 6.01 57.72
CA VAL C 265 -14.18 5.09 56.88
C VAL C 265 -13.29 4.24 55.99
N ALA C 266 -12.05 4.65 55.73
CA ALA C 266 -11.18 3.93 54.81
C ALA C 266 -9.74 4.22 55.16
N ASN C 267 -8.86 3.36 54.63
CA ASN C 267 -7.41 3.52 54.85
C ASN C 267 -6.75 3.81 53.50
N VAL C 268 -6.07 4.94 53.36
CA VAL C 268 -5.43 5.38 52.13
C VAL C 268 -3.99 4.89 52.15
N GLU C 269 -3.57 4.24 51.08
CA GLU C 269 -2.23 3.67 51.00
C GLU C 269 -1.64 3.89 49.62
N ILE C 270 -0.31 3.81 49.56
CA ILE C 270 0.41 3.78 48.30
C ILE C 270 0.54 2.32 47.86
N GLY C 271 -0.06 1.98 46.72
CA GLY C 271 -0.07 0.61 46.27
C GLY C 271 0.03 0.53 44.77
N SER C 272 0.39 -0.65 44.29
CA SER C 272 0.51 -0.87 42.86
C SER C 272 -0.85 -0.72 42.19
N GLN C 273 -0.84 -0.23 40.95
CA GLN C 273 -2.07 -0.08 40.20
C GLN C 273 -2.78 -1.42 40.06
N ALA C 274 -2.03 -2.47 39.75
CA ALA C 274 -2.55 -3.83 39.71
C ALA C 274 -1.47 -4.78 40.21
N TYR C 275 -1.92 -5.82 40.92
CA TYR C 275 -1.02 -6.82 41.49
C TYR C 275 -1.13 -8.16 40.77
N ASN C 276 -1.43 -8.14 39.46
CA ASN C 276 -1.67 -9.39 38.74
C ASN C 276 -0.40 -10.21 38.62
N PHE C 277 0.71 -9.58 38.23
CA PHE C 277 1.93 -10.27 37.87
C PHE C 277 3.06 -9.90 38.82
N ALA C 278 3.98 -10.84 39.03
CA ALA C 278 5.16 -10.62 39.86
C ALA C 278 6.35 -11.30 39.22
N ILE C 279 7.56 -10.91 39.63
CA ILE C 279 8.79 -11.44 39.07
C ILE C 279 9.69 -11.93 40.19
N LEU C 280 10.29 -13.09 40.00
CA LEU C 280 11.28 -13.65 40.93
C LEU C 280 12.56 -13.92 40.16
N GLU C 281 13.59 -13.12 40.40
CA GLU C 281 14.81 -13.25 39.61
C GLU C 281 15.51 -14.57 39.88
N ASN C 282 15.94 -14.79 41.12
CA ASN C 282 16.52 -16.07 41.54
C ASN C 282 15.96 -16.45 42.90
N GLY C 283 14.66 -16.32 43.08
CA GLY C 283 14.05 -16.47 44.38
C GLY C 283 14.09 -15.22 45.24
N LYS C 284 14.62 -14.12 44.72
CA LYS C 284 14.68 -12.86 45.42
C LYS C 284 13.80 -11.84 44.70
N PRO C 285 13.15 -10.92 45.41
CA PRO C 285 12.28 -9.95 44.73
C PRO C 285 13.05 -9.08 43.74
N ALA C 286 12.42 -8.82 42.60
CA ALA C 286 12.98 -7.99 41.56
C ALA C 286 11.88 -7.74 40.53
N THR C 287 12.23 -7.02 39.47
CA THR C 287 11.28 -6.76 38.40
C THR C 287 12.01 -6.81 37.05
N ALA C 288 11.24 -7.06 35.99
CA ALA C 288 11.81 -7.20 34.66
C ALA C 288 10.80 -6.72 33.64
N ALA C 289 11.32 -6.41 32.44
CA ALA C 289 10.51 -6.00 31.30
C ALA C 289 10.94 -6.78 30.07
N ALA C 290 9.97 -7.13 29.23
CA ALA C 290 10.21 -7.96 28.05
C ALA C 290 10.32 -7.06 26.82
N ILE C 291 11.54 -6.91 26.32
CA ILE C 291 11.81 -6.10 25.13
C ILE C 291 11.91 -7.03 23.92
N GLN C 292 10.86 -7.21 23.23
CA GLN C 292 10.93 -8.18 22.13
C GLN C 292 11.19 -7.39 20.86
N LEU C 293 11.37 -8.03 19.72
CA LEU C 293 11.68 -7.41 18.44
C LEU C 293 10.52 -7.55 17.48
N SER C 294 10.24 -6.48 16.74
CA SER C 294 9.25 -6.54 15.69
C SER C 294 9.85 -7.15 14.42
N PRO C 295 9.02 -7.65 13.51
CA PRO C 295 9.54 -8.12 12.23
C PRO C 295 10.23 -7.00 11.48
N GLY C 296 11.32 -7.34 10.80
CA GLY C 296 12.14 -6.38 10.12
C GLY C 296 13.22 -5.73 10.95
N ALA C 297 13.51 -6.26 12.14
CA ALA C 297 14.55 -5.73 13.01
C ALA C 297 15.62 -6.79 13.20
N ASN C 298 16.78 -6.35 13.65
CA ASN C 298 17.94 -7.21 13.85
C ASN C 298 18.15 -7.45 15.33
N ALA C 299 18.36 -8.71 15.71
CA ALA C 299 18.50 -9.06 17.12
C ALA C 299 19.79 -8.50 17.71
N VAL C 300 20.91 -8.71 17.03
CA VAL C 300 22.20 -8.32 17.59
C VAL C 300 22.29 -6.80 17.75
N LYS C 301 21.86 -6.07 16.71
CA LYS C 301 21.94 -4.61 16.79
C LYS C 301 21.03 -4.07 17.88
N THR C 302 19.82 -4.60 18.00
CA THR C 302 18.91 -4.16 19.05
C THR C 302 19.49 -4.46 20.43
N ALA C 303 20.07 -5.64 20.59
CA ALA C 303 20.69 -5.99 21.86
C ALA C 303 21.84 -5.04 22.20
N GLU C 304 22.68 -4.73 21.21
CA GLU C 304 23.79 -3.81 21.44
C GLU C 304 23.27 -2.43 21.84
N GLY C 305 22.25 -1.94 21.13
CA GLY C 305 21.72 -0.62 21.45
C GLY C 305 21.11 -0.54 22.83
N VAL C 306 20.29 -1.53 23.18
CA VAL C 306 19.66 -1.52 24.51
C VAL C 306 20.71 -1.71 25.60
N ARG C 307 21.74 -2.53 25.33
CA ARG C 307 22.82 -2.68 26.31
C ARG C 307 23.55 -1.37 26.53
N ALA C 308 23.82 -0.63 25.43
CA ALA C 308 24.47 0.67 25.57
C ALA C 308 23.59 1.64 26.36
N LYS C 309 22.28 1.63 26.09
CA LYS C 309 21.37 2.48 26.84
C LYS C 309 21.37 2.13 28.32
N ILE C 310 21.37 0.84 28.64
CA ILE C 310 21.37 0.41 30.04
C ILE C 310 22.67 0.82 30.72
N GLU C 311 23.80 0.66 30.02
CA GLU C 311 25.07 1.10 30.58
C GLU C 311 25.08 2.60 30.84
N GLU C 312 24.52 3.37 29.90
CA GLU C 312 24.43 4.82 30.10
C GLU C 312 23.60 5.15 31.33
N LEU C 313 22.47 4.48 31.50
CA LEU C 313 21.62 4.73 32.67
C LEU C 313 22.25 4.21 33.96
N LYS C 314 23.19 3.27 33.87
CA LYS C 314 23.76 2.69 35.08
C LYS C 314 24.34 3.75 36.00
N LEU C 315 25.07 4.72 35.42
CA LEU C 315 25.67 5.77 36.24
C LEU C 315 24.60 6.62 36.93
N ASN C 316 23.50 6.91 36.22
CA ASN C 316 22.48 7.79 36.77
C ASN C 316 21.61 7.10 37.81
N LEU C 317 21.73 5.78 37.96
CA LEU C 317 20.89 5.06 38.90
C LEU C 317 21.18 5.54 40.33
N PRO C 318 20.17 5.67 41.18
CA PRO C 318 20.42 5.91 42.60
C PRO C 318 21.10 4.72 43.24
N GLU C 319 21.83 5.00 44.32
CA GLU C 319 22.55 3.94 45.02
C GLU C 319 21.58 2.85 45.47
N GLY C 320 22.01 1.59 45.30
CA GLY C 320 21.19 0.45 45.64
C GLY C 320 20.33 -0.09 44.53
N MET C 321 20.36 0.51 43.35
CA MET C 321 19.60 0.04 42.19
C MET C 321 20.56 -0.64 41.22
N GLU C 322 20.24 -1.87 40.83
CA GLU C 322 21.11 -2.67 39.98
C GLU C 322 20.31 -3.25 38.82
N PHE C 323 20.73 -2.90 37.60
CA PHE C 323 20.18 -3.51 36.40
C PHE C 323 20.62 -4.96 36.28
N SER C 324 19.90 -5.70 35.43
CA SER C 324 20.16 -7.10 35.21
C SER C 324 19.61 -7.51 33.84
N ILE C 325 20.33 -8.36 33.13
CA ILE C 325 19.81 -8.90 31.83
C ILE C 325 19.89 -10.42 31.90
N PRO C 326 19.07 -11.08 32.71
CA PRO C 326 19.12 -12.53 32.93
C PRO C 326 18.60 -13.36 31.76
N TYR C 327 18.28 -12.71 30.65
CA TYR C 327 17.74 -13.41 29.49
C TYR C 327 18.05 -12.63 28.23
N ASP C 328 18.76 -13.26 27.30
CA ASP C 328 19.06 -12.65 26.00
C ASP C 328 19.36 -13.77 25.02
N THR C 329 18.44 -14.00 24.09
CA THR C 329 18.62 -15.00 23.04
C THR C 329 19.28 -14.41 21.79
N ALA C 330 19.50 -13.10 21.76
CA ALA C 330 20.18 -12.49 20.61
C ALA C 330 21.59 -13.00 20.39
N PRO C 331 22.46 -13.11 21.40
CA PRO C 331 23.87 -13.43 21.10
C PRO C 331 24.04 -14.75 20.39
N PHE C 332 23.18 -15.74 20.66
CA PHE C 332 23.25 -17.00 19.91
C PHE C 332 23.41 -16.72 18.42
N VAL C 333 22.62 -15.79 17.89
CA VAL C 333 22.72 -15.44 16.47
C VAL C 333 24.18 -15.28 16.07
N LYS C 334 24.85 -14.31 16.70
CA LYS C 334 26.27 -14.11 16.45
C LYS C 334 27.00 -15.45 16.40
N ILE C 335 26.97 -16.17 17.53
CA ILE C 335 27.69 -17.44 17.59
C ILE C 335 27.37 -18.27 16.36
N SER C 336 26.09 -18.54 16.12
CA SER C 336 25.73 -19.40 15.00
C SER C 336 26.37 -18.89 13.72
N ILE C 337 26.15 -17.62 13.40
CA ILE C 337 26.73 -17.07 12.18
C ILE C 337 28.23 -17.27 12.20
N GLU C 338 28.87 -16.85 13.29
CA GLU C 338 30.31 -17.02 13.42
C GLU C 338 30.70 -18.43 13.01
N LYS C 339 30.07 -19.43 13.64
CA LYS C 339 30.47 -20.81 13.38
C LYS C 339 30.40 -21.11 11.89
N VAL C 340 29.26 -20.84 11.27
CA VAL C 340 29.10 -21.21 9.86
C VAL C 340 30.13 -20.48 9.02
N ILE C 341 30.43 -19.22 9.38
CA ILE C 341 31.42 -18.48 8.60
C ILE C 341 32.73 -19.24 8.58
N HIS C 342 33.18 -19.72 9.74
CA HIS C 342 34.43 -20.47 9.77
C HIS C 342 34.34 -21.69 8.88
N THR C 343 33.21 -22.39 8.90
CA THR C 343 33.04 -23.52 8.00
C THR C 343 33.23 -23.09 6.56
N LEU C 344 32.61 -21.97 6.17
CA LEU C 344 32.78 -21.48 4.80
C LEU C 344 34.26 -21.28 4.48
N LEU C 345 35.04 -20.83 5.47
CA LEU C 345 36.48 -20.73 5.28
C LEU C 345 37.13 -22.10 5.28
N GLU C 346 36.74 -22.97 6.23
CA GLU C 346 37.43 -24.25 6.37
C GLU C 346 37.44 -25.02 5.07
N ALA C 347 36.27 -25.20 4.46
CA ALA C 347 36.19 -25.94 3.21
C ALA C 347 37.19 -25.40 2.19
N MET C 348 37.32 -24.08 2.10
CA MET C 348 38.25 -23.50 1.13
C MET C 348 39.63 -24.12 1.30
N VAL C 349 40.15 -24.12 2.52
CA VAL C 349 41.45 -24.75 2.76
C VAL C 349 41.39 -26.22 2.39
N LEU C 350 40.35 -26.91 2.87
CA LEU C 350 40.20 -28.33 2.55
C LEU C 350 40.08 -28.53 1.05
N VAL C 351 39.61 -27.50 0.34
CA VAL C 351 39.63 -27.56 -1.12
C VAL C 351 41.04 -27.28 -1.63
N PHE C 352 41.64 -26.18 -1.17
CA PHE C 352 42.96 -25.81 -1.68
C PHE C 352 43.92 -26.98 -1.62
N ILE C 353 44.01 -27.62 -0.44
CA ILE C 353 44.95 -28.72 -0.27
C ILE C 353 44.73 -29.79 -1.33
N VAL C 354 43.46 -30.21 -1.54
CA VAL C 354 43.23 -31.28 -2.50
C VAL C 354 43.65 -30.82 -3.90
N MET C 355 43.40 -29.56 -4.22
CA MET C 355 43.93 -29.03 -5.47
C MET C 355 45.44 -29.18 -5.51
N TYR C 356 46.13 -28.71 -4.47
CA TYR C 356 47.58 -28.85 -4.42
C TYR C 356 47.97 -30.32 -4.35
N LEU C 357 47.04 -31.18 -3.95
CA LEU C 357 47.33 -32.61 -3.89
C LEU C 357 47.33 -33.23 -5.29
N PHE C 358 46.57 -32.64 -6.21
CA PHE C 358 46.41 -33.20 -7.55
C PHE C 358 47.19 -32.43 -8.61
N LEU C 359 47.05 -31.11 -8.64
CA LEU C 359 47.66 -30.31 -9.70
C LEU C 359 49.18 -30.24 -9.55
N HIS C 360 49.67 -30.39 -8.32
CA HIS C 360 51.08 -30.48 -7.96
C HIS C 360 51.79 -29.13 -7.98
N ASN C 361 51.11 -28.04 -8.32
CA ASN C 361 51.72 -26.73 -8.33
C ASN C 361 50.74 -25.70 -7.78
N VAL C 362 51.29 -24.60 -7.25
CA VAL C 362 50.48 -23.64 -6.51
C VAL C 362 49.53 -22.88 -7.43
N ARG C 363 49.96 -22.56 -8.64
CA ARG C 363 49.19 -21.65 -9.48
C ARG C 363 47.87 -22.26 -9.91
N TYR C 364 47.88 -23.55 -10.27
CA TYR C 364 46.62 -24.22 -10.64
C TYR C 364 45.62 -24.13 -9.51
N THR C 365 46.09 -24.27 -8.26
CA THR C 365 45.22 -24.09 -7.11
C THR C 365 44.85 -22.63 -6.92
N LEU C 366 45.68 -21.73 -7.45
CA LEU C 366 45.42 -20.30 -7.28
C LEU C 366 44.24 -19.83 -8.14
N ILE C 367 44.19 -20.24 -9.42
CA ILE C 367 43.10 -19.85 -10.35
C ILE C 367 41.71 -20.00 -9.69
N PRO C 368 41.32 -21.21 -9.20
CA PRO C 368 39.98 -21.34 -8.62
C PRO C 368 39.83 -20.76 -7.23
N ALA C 369 40.93 -20.56 -6.48
CA ALA C 369 40.87 -19.83 -5.22
C ALA C 369 40.57 -18.36 -5.48
N ILE C 370 41.01 -17.84 -6.62
CA ILE C 370 40.59 -16.52 -7.05
C ILE C 370 39.14 -16.54 -7.52
N VAL C 371 38.75 -17.58 -8.25
CA VAL C 371 37.42 -17.60 -8.87
C VAL C 371 36.32 -17.65 -7.82
N ALA C 372 36.43 -18.55 -6.84
CA ALA C 372 35.31 -18.75 -5.92
C ALA C 372 34.95 -17.49 -5.14
N PRO C 373 35.90 -16.77 -4.53
CA PRO C 373 35.52 -15.56 -3.78
C PRO C 373 34.80 -14.53 -4.63
N ILE C 374 35.17 -14.39 -5.87
CA ILE C 374 34.55 -13.29 -6.64
C ILE C 374 33.18 -13.78 -7.13
N ALA C 375 32.87 -15.09 -7.25
CA ALA C 375 31.51 -15.56 -7.47
C ALA C 375 30.66 -15.34 -6.23
N LEU C 376 31.21 -15.61 -5.05
CA LEU C 376 30.45 -15.37 -3.82
C LEU C 376 30.17 -13.89 -3.62
N LEU C 377 31.16 -13.05 -3.98
CA LEU C 377 31.01 -11.57 -3.88
C LEU C 377 29.85 -11.14 -4.78
N GLY C 378 29.79 -11.63 -6.02
CA GLY C 378 28.68 -11.31 -6.91
C GLY C 378 27.35 -11.81 -6.36
N THR C 379 27.36 -13.01 -5.76
CA THR C 379 26.16 -13.51 -5.11
C THR C 379 25.69 -12.55 -4.01
N PHE C 380 26.63 -11.93 -3.30
CA PHE C 380 26.25 -11.01 -2.24
C PHE C 380 25.46 -9.83 -2.78
N THR C 381 25.94 -9.21 -3.86
CA THR C 381 25.22 -8.08 -4.44
C THR C 381 23.92 -8.53 -5.07
N VAL C 382 23.88 -9.74 -5.62
CA VAL C 382 22.62 -10.27 -6.14
C VAL C 382 21.59 -10.39 -5.03
N MET C 383 22.01 -10.90 -3.86
CA MET C 383 21.12 -10.96 -2.71
C MET C 383 20.69 -9.58 -2.28
N LEU C 384 21.61 -8.61 -2.25
CA LEU C 384 21.24 -7.25 -1.87
C LEU C 384 20.16 -6.70 -2.79
N LEU C 385 20.32 -6.88 -4.11
CA LEU C 385 19.30 -6.42 -5.04
C LEU C 385 17.98 -7.15 -4.81
N ALA C 386 18.04 -8.47 -4.60
CA ALA C 386 16.83 -9.24 -4.35
C ALA C 386 16.22 -8.90 -3.00
N GLY C 387 17.06 -8.66 -1.99
CA GLY C 387 16.58 -8.32 -0.66
C GLY C 387 16.93 -9.35 0.39
N PHE C 388 17.65 -10.40 -0.02
CA PHE C 388 18.05 -11.44 0.92
C PHE C 388 19.17 -10.95 1.82
N SER C 389 19.29 -11.58 2.99
CA SER C 389 20.21 -11.16 4.03
C SER C 389 21.19 -12.29 4.33
N ILE C 390 22.18 -11.97 5.17
CA ILE C 390 23.16 -12.95 5.63
C ILE C 390 22.51 -13.73 6.77
N ASN C 391 22.09 -14.96 6.49
CA ASN C 391 21.51 -15.83 7.50
C ASN C 391 22.11 -17.23 7.35
N VAL C 392 21.92 -18.04 8.39
CA VAL C 392 22.63 -19.32 8.46
C VAL C 392 22.29 -20.19 7.27
N LEU C 393 21.06 -20.10 6.76
CA LEU C 393 20.68 -20.94 5.63
C LEU C 393 21.43 -20.55 4.38
N THR C 394 21.52 -19.25 4.15
CA THR C 394 22.24 -18.69 2.99
C THR C 394 23.75 -18.92 3.16
N MET C 395 24.33 -19.00 4.35
CA MET C 395 25.72 -19.36 4.59
C MET C 395 25.94 -20.84 4.33
N PHE C 396 25.00 -21.69 4.75
CA PHE C 396 25.12 -23.12 4.46
C PHE C 396 25.03 -23.38 2.97
N GLY C 397 24.16 -22.66 2.27
CA GLY C 397 24.10 -22.78 0.82
C GLY C 397 25.42 -22.43 0.17
N MET C 398 26.07 -21.36 0.62
CA MET C 398 27.39 -21.00 0.10
C MET C 398 28.44 -22.06 0.46
N VAL C 399 28.39 -22.60 1.67
CA VAL C 399 29.30 -23.67 2.04
C VAL C 399 29.15 -24.84 1.08
N LEU C 400 27.91 -25.22 0.77
CA LEU C 400 27.67 -26.28 -0.20
C LEU C 400 28.20 -25.89 -1.57
N ALA C 401 27.98 -24.64 -1.98
CA ALA C 401 28.35 -24.22 -3.33
C ALA C 401 29.85 -24.03 -3.49
N ILE C 402 30.60 -24.04 -2.38
CA ILE C 402 32.05 -23.93 -2.50
C ILE C 402 32.60 -25.02 -3.43
N GLY C 403 32.13 -26.25 -3.26
CA GLY C 403 32.63 -27.34 -4.08
C GLY C 403 32.25 -27.21 -5.55
N ILE C 404 31.00 -26.82 -5.82
CA ILE C 404 30.54 -26.75 -7.20
C ILE C 404 31.16 -25.57 -7.93
N ILE C 405 31.38 -24.46 -7.23
CA ILE C 405 31.86 -23.24 -7.87
C ILE C 405 33.21 -23.50 -8.55
N VAL C 406 34.12 -24.20 -7.86
CA VAL C 406 35.44 -24.47 -8.42
C VAL C 406 35.41 -25.42 -9.60
N ASP C 407 34.30 -26.14 -9.81
CA ASP C 407 34.27 -27.14 -10.87
C ASP C 407 34.50 -26.51 -12.24
N ASP C 408 33.85 -25.37 -12.51
CA ASP C 408 33.99 -24.73 -13.82
C ASP C 408 35.42 -24.31 -14.12
N ALA C 409 36.22 -24.02 -13.09
CA ALA C 409 37.64 -23.77 -13.27
C ALA C 409 38.49 -25.02 -13.10
N ILE C 410 38.03 -25.99 -12.31
CA ILE C 410 38.74 -27.27 -12.18
C ILE C 410 38.86 -27.94 -13.53
N VAL C 411 37.76 -27.99 -14.29
CA VAL C 411 37.81 -28.65 -15.59
C VAL C 411 38.83 -27.97 -16.50
N VAL C 412 38.83 -26.64 -16.53
CA VAL C 412 39.72 -25.92 -17.42
C VAL C 412 41.18 -26.13 -17.02
N VAL C 413 41.48 -26.04 -15.72
CA VAL C 413 42.87 -26.21 -15.28
C VAL C 413 43.34 -27.64 -15.55
N GLU C 414 42.48 -28.62 -15.27
CA GLU C 414 42.83 -30.00 -15.54
C GLU C 414 43.10 -30.21 -17.02
N ASN C 415 42.25 -29.66 -17.89
CA ASN C 415 42.43 -29.85 -19.31
C ASN C 415 43.72 -29.20 -19.80
N VAL C 416 44.01 -27.98 -19.34
CA VAL C 416 45.23 -27.32 -19.80
C VAL C 416 46.47 -28.10 -19.33
N GLU C 417 46.46 -28.55 -18.08
CA GLU C 417 47.58 -29.35 -17.59
C GLU C 417 47.75 -30.61 -18.45
N ARG C 418 46.66 -31.33 -18.69
CA ARG C 418 46.72 -32.54 -19.50
C ARG C 418 47.25 -32.25 -20.89
N ILE C 419 46.77 -31.16 -21.50
CA ILE C 419 47.11 -30.90 -22.89
C ILE C 419 48.57 -30.49 -23.03
N MET C 420 49.07 -29.64 -22.12
CA MET C 420 50.50 -29.33 -22.16
C MET C 420 51.34 -30.57 -21.89
N ALA C 421 50.90 -31.44 -20.97
CA ALA C 421 51.65 -32.66 -20.73
C ALA C 421 51.69 -33.54 -21.98
N THR C 422 50.57 -33.65 -22.69
CA THR C 422 50.49 -34.57 -23.81
C THR C 422 51.22 -34.03 -25.05
N GLU C 423 50.95 -32.78 -25.43
CA GLU C 423 51.46 -32.22 -26.67
C GLU C 423 52.60 -31.24 -26.46
N GLY C 424 52.97 -30.95 -25.22
CA GLY C 424 54.02 -29.98 -24.97
C GLY C 424 53.72 -28.61 -25.54
N LEU C 425 52.44 -28.28 -25.72
CA LEU C 425 52.05 -27.00 -26.29
C LEU C 425 52.32 -25.88 -25.29
N SER C 426 52.42 -24.66 -25.82
CA SER C 426 52.56 -23.50 -24.97
C SER C 426 51.27 -23.26 -24.20
N PRO C 427 51.34 -22.56 -23.07
CA PRO C 427 50.11 -22.33 -22.30
C PRO C 427 49.01 -21.68 -23.10
N LYS C 428 49.35 -20.74 -23.99
CA LYS C 428 48.33 -20.05 -24.77
C LYS C 428 47.63 -21.00 -25.73
N ASP C 429 48.40 -21.78 -26.50
CA ASP C 429 47.80 -22.71 -27.45
C ASP C 429 47.02 -23.81 -26.71
N ALA C 430 47.59 -24.31 -25.62
CA ALA C 430 46.92 -25.35 -24.85
C ALA C 430 45.58 -24.84 -24.33
N THR C 431 45.56 -23.62 -23.79
CA THR C 431 44.30 -23.04 -23.33
C THR C 431 43.34 -22.82 -24.48
N SER C 432 43.84 -22.37 -25.63
CA SER C 432 42.98 -22.11 -26.77
C SER C 432 42.25 -23.38 -27.21
N LYS C 433 42.98 -24.50 -27.29
CA LYS C 433 42.36 -25.74 -27.73
C LYS C 433 41.50 -26.35 -26.61
N ALA C 434 41.92 -26.19 -25.36
CA ALA C 434 41.14 -26.69 -24.24
C ALA C 434 39.79 -26.00 -24.15
N MET C 435 39.75 -24.70 -24.42
CA MET C 435 38.48 -23.98 -24.38
C MET C 435 37.52 -24.55 -25.41
N LYS C 436 37.99 -24.80 -26.63
CA LYS C 436 37.14 -25.40 -27.64
C LYS C 436 36.67 -26.80 -27.20
N GLU C 437 37.58 -27.56 -26.57
CA GLU C 437 37.21 -28.91 -26.15
C GLU C 437 36.17 -28.90 -25.03
N ILE C 438 36.22 -27.93 -24.16
CA ILE C 438 35.46 -27.89 -22.88
C ILE C 438 34.25 -27.00 -22.88
N THR C 439 34.14 -26.05 -23.73
CA THR C 439 33.09 -25.06 -23.57
C THR C 439 31.70 -25.69 -23.41
N SER C 440 31.37 -26.66 -24.27
CA SER C 440 30.03 -27.24 -24.26
C SER C 440 29.75 -27.95 -22.93
N PRO C 441 30.67 -28.79 -22.42
CA PRO C 441 30.41 -29.40 -21.11
C PRO C 441 30.10 -28.38 -20.02
N ILE C 442 30.87 -27.28 -19.98
CA ILE C 442 30.66 -26.28 -18.93
C ILE C 442 29.28 -25.66 -19.04
N ILE C 443 28.89 -25.29 -20.26
CA ILE C 443 27.57 -24.68 -20.46
C ILE C 443 26.46 -25.65 -20.08
N GLY C 444 26.58 -26.91 -20.50
CA GLY C 444 25.56 -27.88 -20.18
C GLY C 444 25.41 -28.10 -18.69
N ILE C 445 26.55 -28.28 -18.01
CA ILE C 445 26.51 -28.48 -16.56
C ILE C 445 25.92 -27.25 -15.87
N THR C 446 26.34 -26.05 -16.29
CA THR C 446 25.83 -24.84 -15.65
C THR C 446 24.33 -24.73 -15.79
N LEU C 447 23.82 -24.89 -17.02
CA LEU C 447 22.37 -24.77 -17.23
C LEU C 447 21.62 -25.85 -16.46
N VAL C 448 22.09 -27.09 -16.49
CA VAL C 448 21.38 -28.15 -15.79
C VAL C 448 21.36 -27.88 -14.29
N LEU C 449 22.51 -27.57 -13.71
CA LEU C 449 22.58 -27.35 -12.26
C LEU C 449 21.71 -26.17 -11.85
N ALA C 450 21.76 -25.08 -12.61
CA ALA C 450 20.93 -23.93 -12.30
C ALA C 450 19.44 -24.29 -12.39
N ALA C 451 19.08 -25.12 -13.37
CA ALA C 451 17.68 -25.47 -13.56
C ALA C 451 17.17 -26.38 -12.45
N VAL C 452 18.03 -27.25 -11.92
CA VAL C 452 17.56 -28.23 -10.94
C VAL C 452 16.96 -27.54 -9.72
N PHE C 453 17.60 -26.48 -9.24
CA PHE C 453 17.14 -25.86 -7.99
C PHE C 453 15.91 -24.99 -8.21
N LEU C 454 15.69 -24.48 -9.41
CA LEU C 454 14.64 -23.47 -9.61
C LEU C 454 13.27 -23.94 -9.14
N PRO C 455 12.81 -25.16 -9.45
CA PRO C 455 11.47 -25.56 -9.00
C PRO C 455 11.26 -25.43 -7.50
N MET C 456 12.25 -25.82 -6.69
CA MET C 456 12.14 -25.72 -5.21
C MET C 456 11.77 -24.29 -4.82
N ALA C 457 12.33 -23.28 -5.46
CA ALA C 457 12.08 -21.89 -5.10
C ALA C 457 10.62 -21.50 -5.29
N PHE C 458 9.85 -22.27 -6.06
CA PHE C 458 8.45 -21.97 -6.32
C PHE C 458 7.51 -22.78 -5.44
N ALA C 459 8.03 -23.43 -4.41
CA ALA C 459 7.19 -24.13 -3.45
C ALA C 459 6.42 -23.13 -2.60
N SER C 460 5.65 -23.65 -1.65
CA SER C 460 4.81 -22.84 -0.78
C SER C 460 5.08 -23.18 0.68
N GLY C 461 4.88 -22.19 1.55
CA GLY C 461 5.08 -22.38 2.97
C GLY C 461 6.48 -22.00 3.42
N SER C 462 6.72 -22.24 4.71
CA SER C 462 8.04 -21.96 5.28
C SER C 462 9.12 -22.76 4.58
N VAL C 463 8.83 -24.03 4.27
CA VAL C 463 9.76 -24.82 3.48
C VAL C 463 10.04 -24.14 2.16
N GLY C 464 9.06 -23.43 1.60
CA GLY C 464 9.28 -22.69 0.37
C GLY C 464 10.36 -21.64 0.53
N VAL C 465 10.29 -20.86 1.61
CA VAL C 465 11.29 -19.82 1.86
C VAL C 465 12.66 -20.46 2.09
N ILE C 466 12.69 -21.54 2.89
CA ILE C 466 13.96 -22.20 3.19
C ILE C 466 14.60 -22.70 1.91
N TYR C 467 13.81 -23.31 1.02
CA TYR C 467 14.33 -23.74 -0.26
C TYR C 467 14.75 -22.56 -1.11
N LYS C 468 14.02 -21.45 -1.04
CA LYS C 468 14.32 -20.30 -1.88
C LYS C 468 15.69 -19.72 -1.57
N GLN C 469 16.03 -19.62 -0.29
CA GLN C 469 17.37 -19.12 0.06
C GLN C 469 18.45 -19.96 -0.62
N PHE C 470 18.36 -21.29 -0.49
CA PHE C 470 19.36 -22.16 -1.11
C PHE C 470 19.34 -22.04 -2.63
N THR C 471 18.15 -21.97 -3.22
CA THR C 471 18.06 -21.85 -4.69
C THR C 471 18.78 -20.61 -5.17
N LEU C 472 18.49 -19.46 -4.55
CA LEU C 472 19.22 -18.25 -4.90
C LEU C 472 20.73 -18.45 -4.74
N THR C 473 21.15 -18.79 -3.52
CA THR C 473 22.58 -18.81 -3.21
C THR C 473 23.35 -19.78 -4.10
N MET C 474 22.72 -20.86 -4.55
CA MET C 474 23.42 -21.82 -5.40
C MET C 474 23.31 -21.49 -6.88
N SER C 475 22.10 -21.17 -7.37
CA SER C 475 21.93 -20.90 -8.79
C SER C 475 22.75 -19.68 -9.21
N VAL C 476 22.62 -18.56 -8.49
CA VAL C 476 23.33 -17.36 -8.90
C VAL C 476 24.84 -17.56 -8.75
N SER C 477 25.25 -18.25 -7.68
CA SER C 477 26.67 -18.51 -7.48
C SER C 477 27.24 -19.38 -8.60
N ILE C 478 26.49 -20.39 -9.04
CA ILE C 478 26.97 -21.26 -10.10
C ILE C 478 27.01 -20.52 -11.43
N LEU C 479 26.02 -19.66 -11.69
CA LEU C 479 26.02 -18.85 -12.93
C LEU C 479 27.23 -17.89 -12.92
N PHE C 480 27.52 -17.22 -11.80
CA PHE C 480 28.75 -16.39 -11.72
C PHE C 480 29.95 -17.30 -11.98
N SER C 481 30.07 -18.44 -11.29
CA SER C 481 31.25 -19.29 -11.45
C SER C 481 31.43 -19.67 -12.91
N ALA C 482 30.33 -19.98 -13.60
CA ALA C 482 30.42 -20.35 -15.01
C ALA C 482 30.93 -19.19 -15.85
N LEU C 483 30.39 -17.99 -15.63
CA LEU C 483 30.81 -16.88 -16.48
C LEU C 483 32.24 -16.46 -16.19
N LEU C 484 32.69 -16.58 -14.92
CA LEU C 484 34.12 -16.42 -14.65
C LEU C 484 34.94 -17.48 -15.34
N ALA C 485 34.47 -18.73 -15.33
CA ALA C 485 35.19 -19.81 -15.99
C ALA C 485 35.34 -19.52 -17.48
N LEU C 486 34.34 -18.86 -18.06
CA LEU C 486 34.42 -18.52 -19.48
C LEU C 486 35.11 -17.18 -19.71
N ILE C 487 35.28 -16.37 -18.66
CA ILE C 487 35.80 -15.02 -18.80
C ILE C 487 37.22 -14.93 -18.25
N LEU C 488 37.36 -15.20 -16.94
CA LEU C 488 38.62 -14.91 -16.27
C LEU C 488 39.61 -16.07 -16.39
N THR C 489 39.17 -17.28 -16.08
CA THR C 489 40.09 -18.41 -16.05
C THR C 489 40.83 -18.63 -17.35
N PRO C 490 40.24 -18.43 -18.53
CA PRO C 490 41.05 -18.56 -19.75
C PRO C 490 42.22 -17.59 -19.78
N ALA C 491 41.97 -16.32 -19.45
CA ALA C 491 43.05 -15.34 -19.43
C ALA C 491 44.09 -15.71 -18.38
N LEU C 492 43.66 -16.16 -17.20
CA LEU C 492 44.61 -16.56 -16.17
C LEU C 492 45.48 -17.71 -16.65
N CYS C 493 44.86 -18.75 -17.24
CA CYS C 493 45.62 -19.89 -17.72
C CYS C 493 46.51 -19.51 -18.90
N ALA C 494 46.18 -18.40 -19.57
CA ALA C 494 47.07 -17.90 -20.62
C ALA C 494 48.28 -17.19 -20.03
N THR C 495 48.07 -16.41 -18.97
CA THR C 495 49.09 -15.50 -18.45
C THR C 495 49.83 -16.05 -17.24
N ILE C 496 49.12 -16.36 -16.15
CA ILE C 496 49.75 -16.72 -14.89
C ILE C 496 50.00 -18.22 -14.84
N LEU C 497 49.84 -18.92 -15.96
CA LEU C 497 50.17 -20.36 -15.99
C LEU C 497 51.56 -20.46 -16.62
N LYS C 498 52.56 -20.80 -15.84
CA LYS C 498 53.94 -20.81 -16.27
C LYS C 498 54.18 -21.93 -17.29
N PRO C 499 54.91 -21.66 -18.37
CA PRO C 499 55.24 -22.75 -19.31
C PRO C 499 56.05 -23.83 -18.63
N ILE C 500 55.83 -25.07 -19.06
CA ILE C 500 56.57 -26.22 -18.52
C ILE C 500 56.97 -27.16 -19.64
N GLY C 508 59.05 -36.37 -5.65
CA GLY C 508 59.11 -37.36 -4.58
C GLY C 508 57.75 -37.87 -4.19
N PHE C 509 57.18 -37.27 -3.14
CA PHE C 509 55.85 -37.68 -2.68
C PHE C 509 54.80 -37.45 -3.76
N PHE C 510 54.88 -36.31 -4.45
CA PHE C 510 53.91 -36.00 -5.50
C PHE C 510 54.01 -37.01 -6.63
N ALA C 511 55.23 -37.47 -6.94
CA ALA C 511 55.38 -38.52 -7.95
C ALA C 511 54.70 -39.80 -7.51
N TRP C 512 54.83 -40.16 -6.23
CA TRP C 512 54.15 -41.35 -5.73
C TRP C 512 52.64 -41.19 -5.88
N PHE C 513 52.11 -40.01 -5.56
CA PHE C 513 50.69 -39.77 -5.71
C PHE C 513 50.26 -39.89 -7.18
N ASP C 514 51.05 -39.31 -8.08
CA ASP C 514 50.71 -39.37 -9.50
C ASP C 514 50.69 -40.81 -10.00
N ARG C 515 51.68 -41.60 -9.63
CA ARG C 515 51.71 -42.99 -10.10
C ARG C 515 50.62 -43.81 -9.42
N SER C 516 50.26 -43.46 -8.19
CA SER C 516 49.16 -44.15 -7.52
C SER C 516 47.85 -43.91 -8.26
N PHE C 517 47.62 -42.66 -8.68
CA PHE C 517 46.39 -42.39 -9.43
C PHE C 517 46.45 -42.95 -10.85
N ASP C 518 47.65 -43.07 -11.41
CA ASP C 518 47.78 -43.80 -12.68
C ASP C 518 47.40 -45.27 -12.51
N LYS C 519 47.82 -45.87 -11.39
CA LYS C 519 47.39 -47.24 -11.08
C LYS C 519 45.89 -47.31 -10.91
N VAL C 520 45.30 -46.32 -10.22
CA VAL C 520 43.86 -46.25 -10.09
C VAL C 520 43.20 -46.24 -11.47
N THR C 521 43.73 -45.42 -12.39
CA THR C 521 43.14 -45.31 -13.71
C THR C 521 43.22 -46.64 -14.47
N LYS C 522 44.39 -47.30 -14.45
CA LYS C 522 44.50 -48.55 -15.19
C LYS C 522 43.60 -49.63 -14.59
N LYS C 523 43.54 -49.71 -13.25
CA LYS C 523 42.61 -50.66 -12.63
C LYS C 523 41.17 -50.32 -13.00
N TYR C 524 40.85 -49.03 -13.07
CA TYR C 524 39.50 -48.63 -13.42
C TYR C 524 39.14 -49.10 -14.84
N GLU C 525 40.06 -48.91 -15.79
CA GLU C 525 39.81 -49.40 -17.15
C GLU C 525 39.64 -50.92 -17.15
N LEU C 526 40.54 -51.63 -16.44
CA LEU C 526 40.51 -53.08 -16.47
C LEU C 526 39.19 -53.60 -15.91
N MET C 527 38.71 -53.01 -14.82
CA MET C 527 37.44 -53.46 -14.24
C MET C 527 36.26 -52.98 -15.06
N LEU C 528 36.40 -51.82 -15.73
CA LEU C 528 35.32 -51.34 -16.59
C LEU C 528 35.05 -52.32 -17.71
N LEU C 529 36.12 -52.86 -18.32
CA LEU C 529 35.92 -53.89 -19.33
C LEU C 529 35.24 -55.12 -18.74
N LYS C 530 35.71 -55.57 -17.57
CA LYS C 530 35.20 -56.80 -16.98
C LYS C 530 33.75 -56.66 -16.54
N ILE C 531 33.29 -55.43 -16.32
CA ILE C 531 31.89 -55.24 -15.95
C ILE C 531 31.04 -54.97 -17.18
N ILE C 532 31.59 -54.32 -18.20
CA ILE C 532 30.80 -54.03 -19.39
C ILE C 532 30.60 -55.27 -20.24
N LYS C 533 31.42 -56.31 -20.07
CA LYS C 533 31.04 -57.60 -20.67
C LYS C 533 29.75 -58.11 -20.03
N HIS C 534 29.59 -57.92 -18.73
CA HIS C 534 28.36 -58.29 -18.02
C HIS C 534 27.41 -57.09 -17.89
N THR C 535 26.85 -56.63 -19.01
CA THR C 535 25.99 -55.45 -18.98
C THR C 535 24.65 -55.75 -18.32
N VAL C 536 24.01 -56.87 -18.71
CA VAL C 536 22.69 -57.18 -18.18
C VAL C 536 22.74 -57.47 -16.68
N PRO C 537 23.71 -58.23 -16.16
CA PRO C 537 23.82 -58.34 -14.69
C PRO C 537 23.94 -56.99 -14.01
N MET C 538 24.70 -56.07 -14.59
CA MET C 538 24.82 -54.75 -13.99
C MET C 538 23.49 -54.00 -14.02
N MET C 539 22.73 -54.16 -15.10
CA MET C 539 21.42 -53.50 -15.17
C MET C 539 20.47 -54.06 -14.12
N VAL C 540 20.47 -55.37 -13.92
CA VAL C 540 19.57 -55.93 -12.89
C VAL C 540 20.04 -55.50 -11.51
N ILE C 541 21.36 -55.38 -11.30
CA ILE C 541 21.86 -54.81 -10.06
C ILE C 541 21.34 -53.39 -9.88
N PHE C 542 21.33 -52.61 -10.95
CA PHE C 542 20.79 -51.26 -10.89
C PHE C 542 19.31 -51.29 -10.51
N LEU C 543 18.55 -52.22 -11.08
CA LEU C 543 17.14 -52.34 -10.75
C LEU C 543 16.94 -52.61 -9.26
N VAL C 544 17.70 -53.57 -8.71
CA VAL C 544 17.53 -53.90 -7.29
C VAL C 544 17.97 -52.73 -6.42
N ILE C 545 19.04 -52.03 -6.81
CA ILE C 545 19.47 -50.86 -6.05
C ILE C 545 18.38 -49.80 -6.03
N THR C 546 17.76 -49.55 -7.18
CA THR C 546 16.68 -48.57 -7.24
C THR C 546 15.51 -49.00 -6.37
N GLY C 547 15.17 -50.29 -6.39
CA GLY C 547 14.11 -50.78 -5.53
C GLY C 547 14.41 -50.55 -4.06
N ILE C 548 15.64 -50.87 -3.65
CA ILE C 548 16.02 -50.67 -2.25
C ILE C 548 15.97 -49.20 -1.89
N THR C 549 16.45 -48.33 -2.78
CA THR C 549 16.40 -46.89 -2.49
C THR C 549 14.97 -46.41 -2.31
N PHE C 550 14.06 -46.83 -3.20
CA PHE C 550 12.67 -46.41 -3.08
C PHE C 550 12.06 -46.92 -1.78
N ALA C 551 12.31 -48.19 -1.45
CA ALA C 551 11.76 -48.75 -0.22
C ALA C 551 12.28 -48.02 1.00
N GLY C 552 13.59 -47.74 1.04
CA GLY C 552 14.15 -47.03 2.18
C GLY C 552 13.63 -45.62 2.30
N MET C 553 13.53 -44.90 1.19
CA MET C 553 13.04 -43.54 1.23
C MET C 553 11.59 -43.50 1.72
N LYS C 554 10.76 -44.43 1.24
CA LYS C 554 9.38 -44.47 1.70
C LYS C 554 9.30 -44.86 3.18
N TYR C 555 10.11 -45.77 3.61
CA TYR C 555 9.95 -46.30 4.97
C TYR C 555 10.49 -45.35 6.03
N TRP C 556 11.71 -44.86 5.92
CA TRP C 556 12.30 -44.06 7.03
C TRP C 556 11.41 -42.90 7.45
N PRO C 557 11.36 -42.60 8.77
CA PRO C 557 10.56 -41.49 9.32
C PRO C 557 10.90 -40.16 8.68
N THR C 558 10.10 -39.15 9.02
CA THR C 558 10.27 -37.80 8.51
C THR C 558 10.12 -36.79 9.65
N ALA C 559 10.74 -35.63 9.48
CA ALA C 559 10.67 -34.54 10.44
C ALA C 559 10.87 -33.22 9.71
N PHE C 560 10.52 -32.13 10.37
CA PHE C 560 10.68 -30.81 9.75
C PHE C 560 12.09 -30.27 9.96
N MET C 561 12.47 -30.04 11.22
CA MET C 561 13.75 -29.46 11.58
C MET C 561 14.31 -30.21 12.77
N PRO C 562 15.64 -30.27 12.92
CA PRO C 562 16.22 -30.90 14.11
C PRO C 562 16.31 -29.94 15.29
N GLU C 563 15.97 -30.41 16.48
CA GLU C 563 16.02 -29.58 17.67
C GLU C 563 17.48 -29.27 18.03
N GLU C 564 17.65 -28.18 18.78
CA GLU C 564 18.98 -27.75 19.19
C GLU C 564 18.92 -27.04 20.53
N ASP C 565 20.07 -27.00 21.20
CA ASP C 565 20.21 -26.35 22.49
C ASP C 565 20.67 -24.92 22.26
N GLN C 566 19.85 -23.96 22.68
CA GLN C 566 20.15 -22.54 22.49
C GLN C 566 20.54 -21.85 23.78
N GLY C 567 20.84 -22.61 24.84
CA GLY C 567 21.32 -22.07 26.09
C GLY C 567 20.24 -21.83 27.12
N TRP C 568 18.97 -21.90 26.74
CA TRP C 568 17.86 -21.65 27.65
C TRP C 568 16.76 -22.68 27.43
N PHE C 569 16.02 -22.98 28.48
CA PHE C 569 14.83 -23.81 28.39
C PHE C 569 13.72 -23.19 29.23
N MET C 570 12.49 -23.65 29.01
CA MET C 570 11.28 -23.01 29.49
C MET C 570 10.57 -23.97 30.45
N THR C 571 10.33 -23.52 31.68
CA THR C 571 9.46 -24.27 32.57
C THR C 571 8.09 -23.61 32.66
N SER C 572 7.05 -24.40 32.43
CA SER C 572 5.67 -23.94 32.54
C SER C 572 5.00 -24.60 33.72
N PHE C 573 4.31 -23.79 34.51
CA PHE C 573 3.55 -24.19 35.68
C PHE C 573 2.06 -24.01 35.40
N GLN C 574 1.27 -24.99 35.82
CA GLN C 574 -0.19 -24.86 35.79
C GLN C 574 -0.79 -25.64 36.95
N LEU C 575 -1.12 -24.95 38.03
CA LEU C 575 -1.70 -25.60 39.18
C LEU C 575 -3.18 -25.83 38.95
N PRO C 576 -3.78 -26.78 39.68
CA PRO C 576 -5.23 -26.99 39.55
C PRO C 576 -5.99 -25.72 39.87
N SER C 577 -7.08 -25.50 39.14
CA SER C 577 -7.87 -24.29 39.29
C SER C 577 -8.26 -24.10 40.75
N ASP C 578 -8.55 -22.84 41.10
CA ASP C 578 -8.93 -22.36 42.43
C ASP C 578 -7.75 -22.27 43.38
N ALA C 579 -6.51 -22.23 42.87
CA ALA C 579 -5.32 -22.11 43.69
C ALA C 579 -4.88 -20.66 43.73
N THR C 580 -4.40 -20.23 44.90
CA THR C 580 -3.97 -18.84 45.09
C THR C 580 -2.56 -18.64 44.53
N ALA C 581 -2.10 -17.38 44.58
CA ALA C 581 -0.76 -17.08 44.11
C ALA C 581 0.30 -17.59 45.08
N GLU C 582 -0.03 -17.75 46.35
CA GLU C 582 0.93 -18.28 47.32
C GLU C 582 1.32 -19.72 46.98
N ARG C 583 0.34 -20.52 46.57
CA ARG C 583 0.64 -21.90 46.18
C ARG C 583 1.54 -21.92 44.94
N THR C 584 1.27 -21.05 43.96
CA THR C 584 2.14 -20.95 42.80
C THR C 584 3.55 -20.56 43.21
N ARG C 585 3.67 -19.60 44.14
CA ARG C 585 4.99 -19.18 44.60
C ARG C 585 5.73 -20.34 45.28
N ASN C 586 5.03 -21.10 46.12
CA ASN C 586 5.67 -22.23 46.79
C ASN C 586 6.13 -23.28 45.78
N VAL C 587 5.28 -23.56 44.79
CA VAL C 587 5.66 -24.54 43.77
C VAL C 587 6.88 -24.06 42.99
N VAL C 588 6.88 -22.80 42.57
CA VAL C 588 8.01 -22.28 41.82
C VAL C 588 9.25 -22.25 42.68
N ASN C 589 9.09 -22.07 43.99
CA ASN C 589 10.22 -22.10 44.90
C ASN C 589 10.83 -23.51 44.98
N GLN C 590 9.97 -24.53 44.95
CA GLN C 590 10.49 -25.90 44.90
C GLN C 590 11.41 -26.08 43.69
N PHE C 591 10.95 -25.66 42.51
CA PHE C 591 11.76 -25.72 41.30
C PHE C 591 13.03 -24.88 41.42
N GLU C 592 12.94 -23.69 41.97
CA GLU C 592 14.13 -22.87 42.17
C GLU C 592 15.16 -23.58 43.02
N ASN C 593 14.71 -24.18 44.14
CA ASN C 593 15.63 -24.88 45.02
C ASN C 593 16.26 -26.08 44.31
N ASN C 594 15.46 -26.83 43.55
CA ASN C 594 15.99 -27.99 42.85
C ASN C 594 17.04 -27.58 41.83
N LEU C 595 16.78 -26.52 41.07
CA LEU C 595 17.73 -26.08 40.05
C LEU C 595 18.94 -25.38 40.63
N LYS C 596 18.83 -24.88 41.87
CA LYS C 596 19.98 -24.19 42.46
C LYS C 596 21.19 -25.12 42.56
N ASP C 597 20.95 -26.40 42.86
CA ASP C 597 22.07 -27.32 43.07
C ASP C 597 22.91 -27.48 41.81
N ASN C 598 22.27 -27.62 40.66
CA ASN C 598 23.02 -27.89 39.43
C ASN C 598 23.88 -26.69 39.06
N PRO C 599 25.17 -26.88 38.77
CA PRO C 599 26.00 -25.73 38.40
C PRO C 599 25.63 -25.10 37.06
N ASP C 600 25.00 -25.86 36.17
CA ASP C 600 24.80 -25.40 34.80
C ASP C 600 23.86 -24.19 34.70
N VAL C 601 23.04 -23.95 35.73
CA VAL C 601 22.05 -22.88 35.66
C VAL C 601 22.74 -21.56 35.94
N LYS C 602 22.47 -20.55 35.10
CA LYS C 602 22.97 -19.21 35.34
C LYS C 602 21.86 -18.31 35.87
N SER C 603 20.72 -18.26 35.17
CA SER C 603 19.57 -17.50 35.58
C SER C 603 18.32 -18.35 35.42
N ASN C 604 17.45 -18.30 36.43
CA ASN C 604 16.18 -19.06 36.39
C ASN C 604 15.06 -18.10 36.77
N THR C 605 14.96 -16.94 36.12
CA THR C 605 13.91 -15.96 36.39
C THR C 605 12.54 -16.56 36.16
N ALA C 606 11.59 -16.21 37.02
CA ALA C 606 10.23 -16.73 36.98
C ALA C 606 9.23 -15.58 36.92
N ILE C 607 8.23 -15.71 36.06
CA ILE C 607 7.18 -14.72 35.92
C ILE C 607 5.95 -15.31 36.57
N LEU C 608 5.74 -14.98 37.84
CA LEU C 608 4.62 -15.52 38.59
C LEU C 608 3.33 -14.80 38.24
N GLY C 609 2.29 -15.58 37.97
CA GLY C 609 0.97 -15.04 37.68
C GLY C 609 0.66 -14.84 36.22
N TRP C 610 1.49 -15.31 35.34
CA TRP C 610 1.27 -15.06 33.90
C TRP C 610 1.85 -16.23 33.14
N GLY C 611 1.41 -16.52 31.93
CA GLY C 611 1.96 -17.57 31.09
C GLY C 611 1.55 -17.37 29.64
N PHE C 612 2.20 -18.12 28.74
CA PHE C 612 1.99 -17.95 27.29
C PHE C 612 0.65 -18.56 26.89
N SER C 613 0.00 -19.36 27.75
CA SER C 613 -1.33 -19.89 27.47
C SER C 613 -2.26 -19.45 28.61
N GLY C 614 -2.81 -18.26 28.46
CA GLY C 614 -3.68 -17.68 29.48
C GLY C 614 -2.88 -17.08 30.63
N ALA C 615 -3.57 -16.24 31.40
CA ALA C 615 -2.98 -15.58 32.55
C ALA C 615 -3.91 -15.72 33.74
N GLY C 616 -3.33 -15.99 34.90
CA GLY C 616 -4.13 -16.15 36.11
C GLY C 616 -3.23 -16.20 37.33
N GLN C 617 -3.84 -16.46 38.48
CA GLN C 617 -3.07 -16.51 39.75
C GLN C 617 -2.69 -17.96 40.06
N ASN C 618 -2.86 -18.88 39.11
CA ASN C 618 -2.45 -20.27 39.28
C ASN C 618 -1.54 -20.74 38.15
N VAL C 619 -0.80 -19.83 37.52
CA VAL C 619 0.07 -20.16 36.40
C VAL C 619 1.33 -19.33 36.50
N ALA C 620 2.43 -19.88 35.99
CA ALA C 620 3.71 -19.18 36.01
C ALA C 620 4.59 -19.75 34.89
N VAL C 621 5.62 -19.00 34.54
CA VAL C 621 6.60 -19.41 33.54
C VAL C 621 7.99 -18.99 34.02
N ALA C 622 8.97 -19.86 33.82
CA ALA C 622 10.34 -19.62 34.26
C ALA C 622 11.28 -19.83 33.08
N PHE C 623 12.22 -18.90 32.90
CA PHE C 623 13.23 -18.98 31.85
C PHE C 623 14.54 -19.41 32.49
N THR C 624 14.94 -20.65 32.28
CA THR C 624 16.16 -21.18 32.86
C THR C 624 17.28 -21.13 31.83
N THR C 625 18.24 -20.23 32.05
CA THR C 625 19.38 -20.08 31.15
C THR C 625 20.51 -20.98 31.64
N LEU C 626 21.20 -21.63 30.71
CA LEU C 626 22.28 -22.52 31.06
C LEU C 626 23.63 -21.88 30.74
N LYS C 627 24.68 -22.43 31.34
CA LYS C 627 26.02 -21.89 31.15
C LYS C 627 26.50 -22.17 29.74
N ASP C 628 27.67 -21.62 29.41
CA ASP C 628 28.17 -21.70 28.04
C ASP C 628 28.31 -23.15 27.60
N PHE C 629 28.04 -23.39 26.32
CA PHE C 629 28.08 -24.78 25.80
C PHE C 629 29.44 -25.43 26.09
N LYS C 630 30.56 -24.74 25.84
CA LYS C 630 31.86 -25.34 26.08
C LYS C 630 32.02 -25.74 27.54
N GLU C 631 31.66 -24.85 28.46
CA GLU C 631 31.74 -25.17 29.89
C GLU C 631 30.65 -26.14 30.30
N ARG C 632 29.45 -26.00 29.73
CA ARG C 632 28.28 -26.78 30.21
C ARG C 632 28.27 -28.25 29.82
N THR C 633 27.97 -29.09 30.78
CA THR C 633 27.81 -30.53 30.58
C THR C 633 26.35 -30.87 30.81
N SER C 634 25.94 -32.09 30.44
CA SER C 634 24.55 -32.48 30.62
C SER C 634 23.65 -31.51 29.87
N SER C 635 23.70 -31.55 28.54
CA SER C 635 23.11 -30.52 27.69
C SER C 635 21.63 -30.31 28.02
N ALA C 636 21.09 -29.24 27.45
CA ALA C 636 19.80 -28.70 27.90
C ALA C 636 18.71 -29.77 27.89
N SER C 637 18.74 -30.70 26.94
CA SER C 637 17.72 -31.74 26.90
C SER C 637 17.76 -32.59 28.16
N LYS C 638 18.96 -32.99 28.57
CA LYS C 638 19.13 -33.78 29.81
C LYS C 638 18.60 -32.95 30.98
N MET C 639 18.94 -31.67 31.06
CA MET C 639 18.49 -30.83 32.17
C MET C 639 16.97 -30.75 32.22
N THR C 640 16.33 -30.56 31.06
CA THR C 640 14.86 -30.50 31.04
C THR C 640 14.26 -31.82 31.48
N SER C 641 14.80 -32.94 31.01
CA SER C 641 14.27 -34.24 31.41
C SER C 641 14.42 -34.44 32.92
N ASP C 642 15.60 -34.13 33.47
CA ASP C 642 15.81 -34.31 34.90
C ASP C 642 14.90 -33.41 35.71
N VAL C 643 14.75 -32.15 35.30
CA VAL C 643 13.89 -31.23 36.02
C VAL C 643 12.45 -31.72 35.99
N ASN C 644 11.98 -32.11 34.81
CA ASN C 644 10.60 -32.61 34.66
C ASN C 644 10.42 -33.85 35.56
N SER C 645 11.38 -34.78 35.60
CA SER C 645 11.21 -36.00 36.38
C SER C 645 11.19 -35.69 37.88
N SER C 646 12.13 -34.85 38.35
CA SER C 646 12.24 -34.60 39.78
C SER C 646 11.09 -33.73 40.28
N MET C 647 10.75 -32.67 39.55
CA MET C 647 9.74 -31.69 40.03
C MET C 647 8.31 -32.18 39.81
N ALA C 648 8.04 -32.98 38.78
CA ALA C 648 6.66 -33.33 38.48
C ALA C 648 6.08 -34.40 39.40
N ASN C 649 6.86 -34.89 40.37
CA ASN C 649 6.38 -35.99 41.19
C ASN C 649 5.12 -35.62 41.95
N SER C 650 5.24 -34.75 42.97
CA SER C 650 4.12 -34.53 43.87
C SER C 650 3.92 -33.09 44.35
N THR C 651 4.52 -32.09 43.71
CA THR C 651 4.56 -30.77 44.35
C THR C 651 3.17 -30.23 44.58
N GLU C 652 2.50 -29.77 43.52
CA GLU C 652 1.06 -29.47 43.62
C GLU C 652 0.29 -29.84 42.35
N GLY C 653 0.98 -29.88 41.20
CA GLY C 653 0.33 -30.03 39.93
C GLY C 653 1.33 -30.26 38.81
N GLU C 654 0.85 -30.02 37.58
CA GLU C 654 1.59 -30.35 36.36
C GLU C 654 2.53 -29.20 36.02
N THR C 655 3.83 -29.45 36.11
CA THR C 655 4.86 -28.50 35.70
C THR C 655 5.86 -29.24 34.81
N MET C 656 6.25 -28.68 33.66
CA MET C 656 7.08 -29.40 32.64
C MET C 656 8.17 -28.55 31.95
N ALA C 657 9.48 -28.87 32.03
CA ALA C 657 10.55 -28.20 31.31
C ALA C 657 10.45 -28.56 29.83
N VAL C 658 10.62 -27.55 28.96
CA VAL C 658 10.56 -27.77 27.52
C VAL C 658 11.73 -27.05 26.87
N LEU C 659 12.18 -27.60 25.75
CA LEU C 659 13.29 -27.01 25.02
C LEU C 659 12.81 -25.86 24.16
N PRO C 660 13.71 -24.94 23.78
CA PRO C 660 13.31 -23.79 22.98
C PRO C 660 12.90 -24.20 21.58
N PRO C 661 12.03 -23.41 20.93
CA PRO C 661 11.57 -23.80 19.59
C PRO C 661 12.70 -23.76 18.57
N ALA C 662 12.58 -24.63 17.55
CA ALA C 662 13.54 -24.62 16.46
C ALA C 662 13.50 -23.29 15.71
N ILE C 663 12.30 -22.78 15.46
CA ILE C 663 12.10 -21.46 14.87
C ILE C 663 11.27 -20.64 15.85
N ASP C 664 11.80 -19.50 16.28
CA ASP C 664 11.20 -18.75 17.38
C ASP C 664 9.80 -18.27 17.02
N GLU C 665 9.62 -17.73 15.81
CA GLU C 665 8.34 -17.11 15.47
C GLU C 665 7.25 -18.15 15.25
N LEU C 666 7.60 -19.31 14.68
CA LEU C 666 6.58 -20.30 14.34
C LEU C 666 5.85 -20.80 15.58
N GLY C 667 6.59 -21.12 16.64
CA GLY C 667 5.99 -21.70 17.82
C GLY C 667 6.80 -21.45 19.06
N THR C 668 6.30 -21.97 20.19
CA THR C 668 6.93 -21.80 21.49
C THR C 668 7.67 -23.04 21.96
N PHE C 669 7.32 -24.22 21.45
CA PHE C 669 7.87 -25.47 21.94
C PHE C 669 8.27 -26.35 20.76
N SER C 670 9.19 -27.27 21.03
CA SER C 670 9.69 -28.19 20.01
C SER C 670 8.84 -29.46 20.08
N GLY C 671 7.66 -29.41 19.46
CA GLY C 671 6.75 -30.53 19.44
C GLY C 671 5.75 -30.41 18.32
N PHE C 672 4.49 -30.79 18.56
CA PHE C 672 3.43 -30.63 17.59
C PHE C 672 2.24 -29.95 18.23
N SER C 673 1.60 -29.06 17.47
CA SER C 673 0.44 -28.30 17.91
C SER C 673 -0.79 -28.88 17.22
N LEU C 674 -1.84 -29.15 18.01
CA LEU C 674 -3.04 -29.78 17.51
C LEU C 674 -4.25 -29.05 18.06
N ARG C 675 -5.30 -28.92 17.25
CA ARG C 675 -6.53 -28.25 17.66
C ARG C 675 -7.70 -29.21 17.54
N LEU C 676 -8.39 -29.45 18.65
CA LEU C 676 -9.61 -30.23 18.69
C LEU C 676 -10.79 -29.28 18.55
N GLN C 677 -11.57 -29.42 17.48
CA GLN C 677 -12.71 -28.54 17.26
C GLN C 677 -13.95 -29.36 16.96
N ASP C 678 -15.10 -28.81 17.37
CA ASP C 678 -16.40 -29.47 17.22
C ASP C 678 -17.00 -29.04 15.89
N ARG C 679 -17.22 -30.00 14.99
CA ARG C 679 -17.75 -29.68 13.64
C ARG C 679 -19.27 -29.86 13.61
N ALA C 680 -19.88 -30.38 14.67
CA ALA C 680 -21.30 -30.64 14.69
C ALA C 680 -22.03 -29.91 15.82
N ASN C 681 -21.42 -28.87 16.39
CA ASN C 681 -22.03 -28.12 17.48
C ASN C 681 -22.40 -29.05 18.63
N LEU C 682 -21.52 -30.00 18.94
CA LEU C 682 -21.79 -30.96 20.01
C LEU C 682 -21.98 -30.26 21.34
N GLY C 683 -21.13 -29.28 21.65
CA GLY C 683 -21.18 -28.58 22.91
C GLY C 683 -19.86 -28.65 23.65
N MET C 684 -19.62 -27.68 24.53
CA MET C 684 -18.36 -27.66 25.27
C MET C 684 -18.10 -28.92 26.07
N PRO C 685 -19.06 -29.48 26.83
CA PRO C 685 -18.77 -30.72 27.57
C PRO C 685 -18.31 -31.86 26.68
N ALA C 686 -18.89 -32.01 25.49
CA ALA C 686 -18.45 -33.07 24.59
C ALA C 686 -17.01 -32.85 24.15
N LEU C 687 -16.65 -31.61 23.83
CA LEU C 687 -15.27 -31.30 23.47
C LEU C 687 -14.32 -31.59 24.62
N LEU C 688 -14.73 -31.24 25.83
CA LEU C 688 -13.90 -31.51 27.04
C LEU C 688 -13.75 -33.02 27.23
N ALA C 689 -14.80 -33.81 27.00
CA ALA C 689 -14.69 -35.26 27.12
C ALA C 689 -13.74 -35.84 26.08
N ALA C 690 -13.84 -35.34 24.84
CA ALA C 690 -12.93 -35.80 23.79
C ALA C 690 -11.49 -35.43 24.13
N GLN C 691 -11.28 -34.23 24.68
CA GLN C 691 -9.94 -33.80 25.12
C GLN C 691 -9.43 -34.79 26.17
N ASP C 692 -10.25 -35.13 27.17
CA ASP C 692 -9.83 -36.06 28.21
C ASP C 692 -9.55 -37.44 27.63
N GLU C 693 -10.37 -37.88 26.68
CA GLU C 693 -10.14 -39.17 26.05
C GLU C 693 -8.79 -39.22 25.34
N LEU C 694 -8.44 -38.17 24.62
CA LEU C 694 -7.19 -38.15 23.84
C LEU C 694 -6.04 -37.97 24.80
N MET C 695 -6.17 -37.47 26.00
CA MET C 695 -4.97 -37.33 26.85
C MET C 695 -4.89 -38.55 27.73
N ALA C 696 -5.98 -39.39 27.88
CA ALA C 696 -5.76 -40.72 28.44
C ALA C 696 -5.13 -41.65 27.42
N MET C 697 -5.58 -41.59 26.17
CA MET C 697 -5.05 -42.47 25.13
C MET C 697 -3.58 -42.17 24.85
N ALA C 698 -3.17 -40.92 25.00
CA ALA C 698 -1.77 -40.58 24.76
C ALA C 698 -0.84 -41.29 25.72
N ALA C 699 -1.29 -41.53 26.95
CA ALA C 699 -0.40 -42.09 27.97
C ALA C 699 0.07 -43.50 27.58
N LYS C 700 -0.83 -44.33 27.07
CA LYS C 700 -0.47 -45.72 26.78
C LYS C 700 0.53 -45.80 25.63
N ASN C 701 0.38 -44.94 24.62
CA ASN C 701 1.25 -44.99 23.46
C ASN C 701 2.69 -44.65 23.83
N LYS C 702 3.63 -45.41 23.28
CA LYS C 702 5.05 -45.13 23.45
C LYS C 702 5.59 -44.16 22.41
N LYS C 703 4.84 -43.91 21.34
CA LYS C 703 5.28 -42.93 20.34
C LYS C 703 5.27 -41.52 20.91
N PHE C 704 4.43 -41.19 21.90
CA PHE C 704 4.33 -39.83 22.49
C PHE C 704 4.79 -39.74 23.96
N TYR C 705 5.79 -38.90 24.28
CA TYR C 705 6.36 -38.74 25.64
C TYR C 705 5.40 -38.06 26.60
N MET C 706 4.79 -36.97 26.21
CA MET C 706 3.71 -36.41 27.03
C MET C 706 2.85 -35.50 26.20
N VAL C 707 1.61 -35.86 25.99
CA VAL C 707 0.64 -35.04 25.18
C VAL C 707 -0.18 -34.11 26.10
N TRP C 708 0.36 -33.01 26.63
CA TRP C 708 -0.32 -32.17 27.66
C TRP C 708 -1.47 -31.37 27.06
N ASN C 709 -2.36 -30.80 27.89
CA ASN C 709 -3.46 -29.90 27.42
C ASN C 709 -3.01 -28.48 27.64
N GLU C 710 -2.95 -27.68 26.62
CA GLU C 710 -2.45 -26.30 26.73
C GLU C 710 -3.66 -25.47 27.08
N GLY C 711 -3.80 -25.03 28.34
CA GLY C 711 -4.90 -24.16 28.67
C GLY C 711 -5.20 -24.20 30.16
N LEU C 712 -6.01 -23.24 30.58
CA LEU C 712 -6.46 -23.21 31.97
C LEU C 712 -7.49 -24.32 32.21
N PRO C 713 -7.33 -25.11 33.26
CA PRO C 713 -8.26 -26.23 33.50
C PRO C 713 -9.65 -25.71 33.86
N GLN C 714 -10.59 -26.65 33.92
CA GLN C 714 -11.95 -26.32 34.31
C GLN C 714 -12.00 -25.86 35.76
N GLY C 715 -12.97 -24.99 36.06
CA GLY C 715 -13.07 -24.40 37.37
C GLY C 715 -14.50 -24.28 37.84
N ASP C 716 -14.64 -24.19 39.16
CA ASP C 716 -15.94 -24.00 39.79
C ASP C 716 -16.22 -22.50 39.98
N ASN C 717 -17.50 -22.16 39.98
CA ASN C 717 -17.97 -20.79 40.09
C ASN C 717 -19.13 -20.73 41.08
N ILE C 718 -19.42 -19.52 41.55
CA ILE C 718 -20.55 -19.24 42.42
C ILE C 718 -21.52 -18.37 41.62
N SER C 719 -22.80 -18.72 41.64
CA SER C 719 -23.85 -17.90 41.07
C SER C 719 -24.83 -17.52 42.17
N LEU C 720 -25.23 -16.25 42.18
CA LEU C 720 -26.16 -15.73 43.17
C LEU C 720 -27.51 -15.45 42.51
N LYS C 721 -28.54 -16.15 42.98
CA LYS C 721 -29.90 -15.91 42.54
C LYS C 721 -30.55 -14.90 43.47
N ILE C 722 -30.91 -13.74 42.92
CA ILE C 722 -31.55 -12.68 43.70
C ILE C 722 -33.05 -12.89 43.64
N ASP C 723 -33.66 -13.14 44.79
CA ASP C 723 -35.09 -13.39 44.86
C ASP C 723 -35.84 -12.07 44.74
N ARG C 724 -36.35 -11.79 43.54
CA ARG C 724 -37.02 -10.52 43.31
C ARG C 724 -38.25 -10.37 44.19
N GLU C 725 -39.03 -11.44 44.33
CA GLU C 725 -40.25 -11.38 45.14
C GLU C 725 -39.91 -11.10 46.60
N LYS C 726 -38.96 -11.84 47.16
CA LYS C 726 -38.59 -11.63 48.55
C LYS C 726 -37.97 -10.24 48.74
N LEU C 727 -37.13 -9.81 47.81
CA LEU C 727 -36.51 -8.49 47.92
C LEU C 727 -37.57 -7.39 47.91
N SER C 728 -38.57 -7.51 47.04
CA SER C 728 -39.63 -6.51 46.98
C SER C 728 -40.56 -6.62 48.19
N ALA C 729 -40.60 -7.79 48.82
CA ALA C 729 -41.48 -7.96 49.98
C ALA C 729 -41.11 -7.01 51.11
N LEU C 730 -39.81 -6.86 51.38
CA LEU C 730 -39.34 -5.97 52.43
C LEU C 730 -39.16 -4.53 51.95
N GLY C 731 -39.42 -4.25 50.67
CA GLY C 731 -39.24 -2.93 50.13
C GLY C 731 -37.83 -2.59 49.73
N VAL C 732 -36.89 -3.54 49.82
CA VAL C 732 -35.51 -3.26 49.46
C VAL C 732 -35.41 -3.01 47.96
N LYS C 733 -34.74 -1.92 47.60
CA LYS C 733 -34.56 -1.59 46.18
C LYS C 733 -33.56 -2.56 45.55
N PHE C 734 -33.93 -3.11 44.39
CA PHE C 734 -33.04 -4.03 43.70
C PHE C 734 -31.77 -3.31 43.22
N SER C 735 -31.88 -2.02 42.91
CA SER C 735 -30.71 -1.27 42.45
C SER C 735 -29.63 -1.22 43.52
N ASP C 736 -30.03 -1.05 44.79
CA ASP C 736 -29.05 -1.02 45.87
C ASP C 736 -28.32 -2.35 45.99
N VAL C 737 -29.05 -3.47 45.88
CA VAL C 737 -28.42 -4.78 45.93
C VAL C 737 -27.47 -4.96 44.76
N SER C 738 -27.90 -4.55 43.57
CA SER C 738 -27.04 -4.65 42.40
C SER C 738 -25.74 -3.87 42.62
N ASP C 739 -25.85 -2.63 43.10
CA ASP C 739 -24.67 -1.81 43.32
C ASP C 739 -23.76 -2.42 44.37
N ILE C 740 -24.32 -2.90 45.48
CA ILE C 740 -23.50 -3.42 46.57
C ILE C 740 -22.78 -4.69 46.12
N ILE C 741 -23.46 -5.52 45.33
CA ILE C 741 -22.82 -6.74 44.83
C ILE C 741 -21.72 -6.39 43.82
N SER C 742 -21.99 -5.42 42.93
CA SER C 742 -21.00 -5.05 41.93
C SER C 742 -19.75 -4.45 42.57
N THR C 743 -19.93 -3.62 43.59
CA THR C 743 -18.83 -2.90 44.21
C THR C 743 -18.17 -3.66 45.36
N SER C 744 -18.62 -4.89 45.64
CA SER C 744 -18.07 -5.63 46.78
C SER C 744 -16.67 -6.15 46.48
N MET C 745 -16.40 -6.52 45.23
CA MET C 745 -15.15 -7.18 44.86
C MET C 745 -14.29 -6.33 43.94
N GLY C 746 -14.83 -5.87 42.81
CA GLY C 746 -14.03 -5.16 41.85
C GLY C 746 -13.54 -3.82 42.35
N SER C 747 -12.45 -3.37 41.73
CA SER C 747 -11.85 -2.07 42.04
C SER C 747 -12.31 -1.03 41.04
N MET C 748 -12.60 0.17 41.53
CA MET C 748 -13.15 1.25 40.72
C MET C 748 -12.11 2.36 40.60
N TYR C 749 -11.78 2.73 39.36
CA TYR C 749 -10.90 3.86 39.11
C TYR C 749 -11.73 5.14 39.03
N ILE C 750 -11.25 6.19 39.70
CA ILE C 750 -12.04 7.40 39.91
C ILE C 750 -11.34 8.64 39.32
N ASN C 751 -10.14 8.95 39.81
CA ASN C 751 -9.48 10.19 39.42
C ASN C 751 -7.97 9.99 39.41
N ASP C 752 -7.27 11.00 38.92
CA ASP C 752 -5.81 11.03 38.88
C ASP C 752 -5.31 12.09 39.84
N PHE C 753 -4.19 11.81 40.50
CA PHE C 753 -3.67 12.77 41.51
C PHE C 753 -2.17 12.99 41.26
N PRO C 754 -1.69 14.22 41.44
CA PRO C 754 -0.25 14.50 41.21
C PRO C 754 0.60 13.80 42.26
N ASN C 755 1.71 13.21 41.81
CA ASN C 755 2.63 12.48 42.68
C ASN C 755 4.04 12.83 42.25
N GLN C 756 4.62 13.85 42.90
CA GLN C 756 5.86 14.49 42.43
C GLN C 756 5.84 14.66 40.90
N GLY C 757 4.75 15.24 40.39
CA GLY C 757 4.69 15.63 39.01
C GLY C 757 4.22 14.57 38.03
N ARG C 758 3.72 13.44 38.52
CA ARG C 758 3.23 12.36 37.66
C ARG C 758 1.75 12.12 37.95
N MET C 759 0.96 12.00 36.88
CA MET C 759 -0.46 11.70 37.01
C MET C 759 -0.63 10.22 37.31
N GLN C 760 -1.20 9.92 38.48
CA GLN C 760 -1.37 8.54 38.92
C GLN C 760 -2.82 8.31 39.31
N GLN C 761 -3.32 7.11 39.02
CA GLN C 761 -4.73 6.82 39.18
C GLN C 761 -5.13 6.80 40.66
N VAL C 762 -6.42 6.99 40.89
CA VAL C 762 -7.02 6.82 42.21
C VAL C 762 -8.02 5.67 42.11
N ILE C 763 -7.92 4.73 43.04
CA ILE C 763 -8.71 3.50 42.97
C ILE C 763 -9.32 3.22 44.33
N VAL C 764 -10.56 2.74 44.31
CA VAL C 764 -11.30 2.35 45.52
C VAL C 764 -11.66 0.88 45.39
N GLN C 765 -11.31 0.09 46.42
CA GLN C 765 -11.60 -1.33 46.42
C GLN C 765 -11.87 -1.77 47.85
N VAL C 766 -12.71 -2.80 47.98
CA VAL C 766 -13.05 -3.34 49.29
C VAL C 766 -11.81 -3.97 49.91
N GLU C 767 -11.71 -3.86 51.24
CA GLU C 767 -10.55 -4.40 51.95
C GLU C 767 -10.42 -5.89 51.69
N ALA C 768 -9.17 -6.37 51.76
CA ALA C 768 -8.91 -7.78 51.48
C ALA C 768 -9.64 -8.69 52.45
N LYS C 769 -9.68 -8.32 53.73
CA LYS C 769 -10.29 -9.18 54.74
C LYS C 769 -11.78 -9.39 54.50
N SER C 770 -12.43 -8.51 53.74
CA SER C 770 -13.88 -8.54 53.58
C SER C 770 -14.32 -9.11 52.24
N ARG C 771 -13.40 -9.71 51.47
CA ARG C 771 -13.77 -10.31 50.19
C ARG C 771 -13.06 -11.64 49.95
N MET C 772 -12.57 -12.30 51.00
CA MET C 772 -11.81 -13.53 50.80
C MET C 772 -12.71 -14.67 50.34
N GLN C 773 -13.84 -14.87 51.00
CA GLN C 773 -14.79 -15.92 50.65
C GLN C 773 -16.21 -15.37 50.69
N LEU C 774 -17.15 -16.24 50.35
CA LEU C 774 -18.55 -15.85 50.17
C LEU C 774 -19.23 -15.36 51.44
N LYS C 775 -18.73 -15.71 52.63
CA LYS C 775 -19.39 -15.28 53.85
C LYS C 775 -19.38 -13.76 53.95
N ASP C 776 -18.23 -13.14 53.62
CA ASP C 776 -18.14 -11.69 53.65
C ASP C 776 -19.05 -11.06 52.59
N ILE C 777 -19.11 -11.65 51.41
CA ILE C 777 -19.95 -11.11 50.34
C ILE C 777 -21.41 -11.12 50.74
N LEU C 778 -21.87 -12.22 51.34
CA LEU C 778 -23.25 -12.36 51.76
C LEU C 778 -23.53 -11.73 53.12
N ASN C 779 -22.49 -11.23 53.80
CA ASN C 779 -22.67 -10.55 55.08
C ASN C 779 -22.93 -9.06 54.91
N LEU C 780 -22.83 -8.51 53.70
CA LEU C 780 -23.11 -7.10 53.48
C LEU C 780 -24.60 -6.84 53.67
N LYS C 781 -24.93 -5.61 54.06
CA LYS C 781 -26.29 -5.20 54.39
C LYS C 781 -26.74 -4.09 53.46
N VAL C 782 -28.03 -4.06 53.14
CA VAL C 782 -28.64 -3.01 52.34
C VAL C 782 -29.81 -2.43 53.12
N MET C 783 -29.86 -1.10 53.19
CA MET C 783 -30.88 -0.43 53.98
C MET C 783 -32.24 -0.54 53.31
N GLY C 784 -33.29 -0.40 54.12
CA GLY C 784 -34.65 -0.50 53.63
C GLY C 784 -35.58 0.42 54.40
N SER C 785 -36.81 0.53 53.90
CA SER C 785 -37.77 1.44 54.51
C SER C 785 -38.04 1.07 55.96
N SER C 786 -37.95 -0.22 56.29
CA SER C 786 -38.22 -0.65 57.66
C SER C 786 -37.23 -0.02 58.63
N GLY C 787 -36.06 0.39 58.14
CA GLY C 787 -35.04 0.98 58.98
C GLY C 787 -34.07 -0.01 59.60
N GLN C 788 -34.28 -1.31 59.41
CA GLN C 788 -33.40 -2.34 59.90
C GLN C 788 -32.60 -2.91 58.74
N LEU C 789 -31.28 -2.94 58.89
CA LEU C 789 -30.41 -3.42 57.82
C LEU C 789 -30.75 -4.86 57.47
N VAL C 790 -30.79 -5.15 56.18
CA VAL C 790 -31.08 -6.48 55.65
C VAL C 790 -29.82 -7.02 55.01
N SER C 791 -29.34 -8.16 55.51
CA SER C 791 -28.13 -8.77 54.97
C SER C 791 -28.42 -9.39 53.61
N LEU C 792 -27.38 -9.48 52.79
CA LEU C 792 -27.52 -10.06 51.45
C LEU C 792 -27.93 -11.52 51.53
N SER C 793 -27.34 -12.27 52.48
CA SER C 793 -27.61 -13.71 52.55
C SER C 793 -29.09 -14.00 52.63
N GLU C 794 -29.87 -13.08 53.22
CA GLU C 794 -31.31 -13.30 53.34
C GLU C 794 -32.00 -13.23 51.98
N VAL C 795 -31.44 -12.47 51.04
CA VAL C 795 -32.12 -12.17 49.78
C VAL C 795 -31.46 -12.79 48.56
N VAL C 796 -30.34 -13.49 48.73
CA VAL C 796 -29.68 -14.16 47.61
C VAL C 796 -29.41 -15.61 47.99
N THR C 797 -29.59 -16.49 47.01
CA THR C 797 -29.35 -17.92 47.20
C THR C 797 -28.09 -18.32 46.47
N PRO C 798 -26.99 -18.61 47.17
CA PRO C 798 -25.76 -19.03 46.48
C PRO C 798 -25.90 -20.44 45.92
N GLN C 799 -25.32 -20.67 44.74
CA GLN C 799 -25.30 -21.98 44.12
C GLN C 799 -23.95 -22.20 43.46
N TRP C 800 -23.27 -23.28 43.83
CA TRP C 800 -21.96 -23.61 43.23
C TRP C 800 -22.22 -24.31 41.91
N ASN C 801 -21.41 -24.07 40.89
CA ASN C 801 -21.49 -24.68 39.58
C ASN C 801 -20.07 -24.95 39.09
N LYS C 802 -19.96 -25.67 37.97
CA LYS C 802 -18.68 -25.97 37.35
C LYS C 802 -18.77 -25.64 35.88
N ALA C 803 -17.81 -24.85 35.38
CA ALA C 803 -17.84 -24.40 33.99
C ALA C 803 -16.41 -24.19 33.53
N PRO C 804 -16.14 -24.28 32.23
CA PRO C 804 -14.79 -24.03 31.72
C PRO C 804 -14.34 -22.61 32.03
N GLN C 805 -13.06 -22.47 32.38
CA GLN C 805 -12.51 -21.15 32.64
C GLN C 805 -12.06 -20.47 31.34
N GLN C 806 -11.66 -21.26 30.35
CA GLN C 806 -11.06 -20.75 29.12
C GLN C 806 -11.88 -21.17 27.92
N TYR C 807 -12.08 -20.23 26.99
CA TYR C 807 -12.79 -20.47 25.74
C TYR C 807 -11.83 -20.20 24.58
N ASN C 808 -11.46 -21.25 23.86
CA ASN C 808 -10.56 -21.14 22.72
C ASN C 808 -11.32 -21.45 21.43
N ARG C 809 -10.89 -20.81 20.35
CA ARG C 809 -11.47 -21.03 19.03
C ARG C 809 -10.36 -21.09 17.99
N TYR C 810 -10.63 -21.80 16.90
CA TYR C 810 -9.65 -21.97 15.84
C TYR C 810 -10.40 -22.20 14.54
N ASN C 811 -10.17 -21.33 13.55
CA ASN C 811 -10.85 -21.32 12.27
C ASN C 811 -12.35 -21.04 12.40
N GLY C 812 -12.78 -20.46 13.52
CA GLY C 812 -14.18 -20.13 13.73
C GLY C 812 -14.98 -21.15 14.50
N ARG C 813 -14.41 -22.32 14.82
CA ARG C 813 -15.11 -23.35 15.56
C ARG C 813 -14.59 -23.39 17.00
N PRO C 814 -15.44 -23.61 17.99
CA PRO C 814 -14.94 -23.80 19.36
C PRO C 814 -13.90 -24.92 19.39
N SER C 815 -12.81 -24.67 20.10
CA SER C 815 -11.66 -25.56 19.99
C SER C 815 -10.87 -25.59 21.30
N LEU C 816 -10.03 -26.60 21.41
CA LEU C 816 -9.06 -26.76 22.48
C LEU C 816 -7.71 -27.07 21.88
N SER C 817 -6.65 -26.76 22.62
CA SER C 817 -5.28 -26.91 22.14
C SER C 817 -4.61 -28.12 22.79
N ILE C 818 -3.73 -28.77 22.03
CA ILE C 818 -2.94 -29.89 22.50
C ILE C 818 -1.51 -29.72 22.00
N ALA C 819 -0.56 -29.97 22.89
CA ALA C 819 0.86 -29.90 22.55
C ALA C 819 1.56 -31.14 23.07
N GLY C 820 2.37 -31.75 22.21
CA GLY C 820 3.05 -32.98 22.56
C GLY C 820 4.45 -33.01 22.01
N ILE C 821 5.30 -33.79 22.68
CA ILE C 821 6.71 -33.94 22.37
C ILE C 821 6.90 -35.32 21.75
N PRO C 822 7.57 -35.44 20.60
CA PRO C 822 7.82 -36.77 20.05
C PRO C 822 8.73 -37.58 20.96
N ASN C 823 8.25 -38.75 21.37
CA ASN C 823 8.98 -39.57 22.31
C ASN C 823 10.31 -40.01 21.72
N PHE C 824 11.30 -40.19 22.59
CA PHE C 824 12.62 -40.60 22.15
C PHE C 824 12.55 -41.94 21.43
N ASP C 825 13.39 -42.10 20.41
CA ASP C 825 13.46 -43.24 19.49
C ASP C 825 12.37 -43.14 18.43
N THR C 826 11.61 -42.05 18.38
CA THR C 826 10.60 -41.85 17.34
C THR C 826 10.88 -40.56 16.60
N SER C 827 9.99 -40.19 15.67
CA SER C 827 10.17 -38.99 14.86
C SER C 827 8.87 -38.18 14.89
N SER C 828 8.93 -36.97 14.33
CA SER C 828 7.75 -36.12 14.30
C SER C 828 6.66 -36.72 13.43
N GLY C 829 7.03 -37.25 12.27
CA GLY C 829 6.03 -37.81 11.36
C GLY C 829 5.35 -39.04 11.93
N GLU C 830 6.11 -39.94 12.54
CA GLU C 830 5.52 -41.14 13.13
C GLU C 830 4.55 -40.77 14.25
N ALA C 831 4.94 -39.84 15.12
CA ALA C 831 4.05 -39.38 16.18
C ALA C 831 2.81 -38.72 15.60
N MET C 832 2.99 -37.94 14.54
CA MET C 832 1.85 -37.25 13.92
C MET C 832 0.84 -38.24 13.36
N ARG C 833 1.32 -39.26 12.64
CA ARG C 833 0.39 -40.24 12.08
C ARG C 833 -0.24 -41.10 13.16
N GLU C 834 0.51 -41.43 14.21
CA GLU C 834 -0.08 -42.15 15.33
C GLU C 834 -1.16 -41.32 16.00
N MET C 835 -0.94 -40.01 16.12
CA MET C 835 -1.95 -39.14 16.70
C MET C 835 -3.18 -39.07 15.81
N GLU C 836 -2.98 -39.08 14.50
CA GLU C 836 -4.11 -39.09 13.54
C GLU C 836 -4.90 -40.39 13.73
N GLN C 837 -4.23 -41.52 13.94
CA GLN C 837 -4.92 -42.78 14.19
C GLN C 837 -5.69 -42.76 15.50
N LEU C 838 -5.08 -42.22 16.55
CA LEU C 838 -5.76 -42.13 17.84
C LEU C 838 -6.98 -41.24 17.75
N ILE C 839 -6.86 -40.08 17.09
CA ILE C 839 -8.00 -39.19 16.94
C ILE C 839 -9.12 -39.85 16.15
N ALA C 840 -8.78 -40.77 15.24
CA ALA C 840 -9.82 -41.46 14.48
C ALA C 840 -10.75 -42.23 15.41
N LYS C 841 -10.28 -42.58 16.61
CA LYS C 841 -11.09 -43.39 17.50
C LYS C 841 -12.13 -42.58 18.27
N LEU C 842 -11.99 -41.25 18.29
CA LEU C 842 -12.91 -40.43 19.05
C LEU C 842 -14.31 -40.47 18.44
N PRO C 843 -15.34 -40.17 19.22
CA PRO C 843 -16.70 -40.14 18.68
C PRO C 843 -16.83 -39.13 17.55
N LYS C 844 -17.97 -39.20 16.87
CA LYS C 844 -18.22 -38.30 15.74
C LYS C 844 -18.36 -36.86 16.22
N GLY C 845 -17.90 -35.94 15.38
CA GLY C 845 -18.03 -34.52 15.65
C GLY C 845 -16.78 -33.84 16.18
N ILE C 846 -15.66 -34.56 16.29
CA ILE C 846 -14.41 -34.00 16.76
C ILE C 846 -13.40 -34.03 15.61
N GLY C 847 -12.82 -32.89 15.30
CA GLY C 847 -11.86 -32.80 14.20
C GLY C 847 -10.54 -32.24 14.70
N TYR C 848 -9.46 -32.76 14.13
CA TYR C 848 -8.10 -32.37 14.49
C TYR C 848 -7.55 -31.46 13.39
N GLU C 849 -7.01 -30.31 13.77
CA GLU C 849 -6.37 -29.38 12.85
C GLU C 849 -4.92 -29.21 13.26
N TRP C 850 -4.02 -29.37 12.30
CA TRP C 850 -2.60 -29.16 12.54
C TRP C 850 -2.24 -27.70 12.29
N THR C 851 -1.43 -27.14 13.18
CA THR C 851 -1.05 -25.73 13.12
C THR C 851 0.42 -25.59 13.46
N GLY C 852 0.93 -24.38 13.26
CA GLY C 852 2.32 -24.10 13.60
C GLY C 852 3.28 -24.93 12.78
N ILE C 853 4.26 -25.52 13.47
CA ILE C 853 5.33 -26.26 12.80
C ILE C 853 4.79 -27.50 12.12
N SER C 854 3.80 -28.17 12.73
CA SER C 854 3.29 -29.42 12.18
C SER C 854 2.63 -29.20 10.83
N LEU C 855 1.84 -28.13 10.69
CA LEU C 855 1.19 -27.85 9.42
C LEU C 855 2.22 -27.60 8.32
N GLN C 856 3.27 -26.85 8.63
CA GLN C 856 4.33 -26.62 7.65
C GLN C 856 5.04 -27.92 7.30
N GLU C 857 5.26 -28.79 8.28
CA GLU C 857 5.85 -30.10 7.99
C GLU C 857 4.98 -30.89 7.02
N LYS C 858 3.67 -30.92 7.27
CA LYS C 858 2.77 -31.63 6.38
C LYS C 858 2.80 -31.05 4.98
N GLN C 859 2.78 -29.72 4.88
CA GLN C 859 2.79 -29.08 3.57
C GLN C 859 4.09 -29.36 2.83
N SER C 860 5.22 -29.37 3.53
CA SER C 860 6.49 -29.70 2.90
C SER C 860 6.51 -31.14 2.43
N GLU C 861 5.99 -32.06 3.24
CA GLU C 861 6.01 -33.47 2.87
C GLU C 861 5.10 -33.75 1.69
N SER C 862 3.97 -33.04 1.60
CA SER C 862 3.00 -33.31 0.52
C SER C 862 3.61 -33.05 -0.85
N GLN C 863 4.41 -31.99 -0.97
CA GLN C 863 4.86 -31.50 -2.26
C GLN C 863 6.19 -32.10 -2.73
N MET C 864 6.77 -33.02 -1.97
CA MET C 864 8.09 -33.57 -2.33
C MET C 864 8.06 -34.20 -3.72
N ALA C 865 7.10 -35.08 -3.96
CA ALA C 865 7.08 -35.83 -5.21
C ALA C 865 6.95 -34.91 -6.41
N PHE C 866 6.09 -33.90 -6.33
CA PHE C 866 5.91 -33.00 -7.46
C PHE C 866 7.21 -32.29 -7.81
N LEU C 867 7.91 -31.78 -6.77
CA LEU C 867 9.15 -30.96 -6.96
C LEU C 867 10.38 -31.84 -7.14
N LEU C 868 10.35 -33.16 -7.05
CA LEU C 868 11.37 -34.08 -7.54
C LEU C 868 11.09 -34.50 -8.99
N GLY C 869 9.83 -34.85 -9.28
CA GLY C 869 9.50 -35.26 -10.63
C GLY C 869 9.65 -34.13 -11.63
N LEU C 870 9.26 -32.92 -11.26
CA LEU C 870 9.41 -31.79 -12.17
C LEU C 870 10.87 -31.49 -12.44
N SER C 871 11.71 -31.54 -11.41
CA SER C 871 13.14 -31.33 -11.62
C SER C 871 13.73 -32.40 -12.52
N MET C 872 13.35 -33.67 -12.31
CA MET C 872 13.85 -34.73 -13.17
C MET C 872 13.42 -34.52 -14.62
N LEU C 873 12.16 -34.13 -14.82
CA LEU C 873 11.68 -33.90 -16.18
C LEU C 873 12.39 -32.72 -16.82
N VAL C 874 12.65 -31.66 -16.05
CA VAL C 874 13.36 -30.49 -16.60
C VAL C 874 14.77 -30.89 -17.02
N VAL C 875 15.46 -31.68 -16.20
CA VAL C 875 16.79 -32.14 -16.56
C VAL C 875 16.73 -33.00 -17.82
N PHE C 876 15.76 -33.91 -17.88
CA PHE C 876 15.57 -34.73 -19.07
C PHE C 876 15.42 -33.86 -20.31
N LEU C 877 14.53 -32.87 -20.24
CA LEU C 877 14.23 -32.04 -21.40
C LEU C 877 15.46 -31.23 -21.82
N VAL C 878 16.17 -30.63 -20.85
CA VAL C 878 17.34 -29.83 -21.20
C VAL C 878 18.41 -30.70 -21.84
N LEU C 879 18.68 -31.87 -21.27
CA LEU C 879 19.71 -32.73 -21.85
C LEU C 879 19.30 -33.22 -23.24
N ALA C 880 18.03 -33.57 -23.42
CA ALA C 880 17.57 -33.98 -24.74
C ALA C 880 17.72 -32.84 -25.74
N ALA C 881 17.46 -31.61 -25.31
CA ALA C 881 17.67 -30.46 -26.18
C ALA C 881 19.13 -30.33 -26.58
N LEU C 882 20.03 -30.52 -25.63
CA LEU C 882 21.45 -30.31 -25.87
C LEU C 882 22.15 -31.53 -26.50
N TYR C 883 21.42 -32.52 -26.77
CA TYR C 883 22.02 -33.68 -27.43
C TYR C 883 21.43 -33.98 -28.76
N GLU C 884 20.20 -33.55 -28.97
CA GLU C 884 19.47 -33.86 -30.21
C GLU C 884 19.07 -35.34 -30.25
N SER C 885 19.16 -36.02 -29.11
CA SER C 885 18.81 -37.42 -28.99
C SER C 885 17.90 -37.61 -27.79
N TRP C 886 16.84 -38.41 -27.97
CA TRP C 886 15.88 -38.61 -26.89
C TRP C 886 16.42 -39.58 -25.84
N ALA C 887 17.18 -40.59 -26.27
CA ALA C 887 17.63 -41.65 -25.38
C ALA C 887 18.97 -41.35 -24.71
N ILE C 888 19.82 -40.54 -25.32
CA ILE C 888 21.12 -40.19 -24.75
C ILE C 888 20.92 -39.61 -23.36
N PRO C 889 20.01 -38.65 -23.15
CA PRO C 889 19.79 -38.11 -21.81
C PRO C 889 19.27 -39.14 -20.81
N LEU C 890 18.68 -40.25 -21.27
CA LEU C 890 18.13 -41.22 -20.34
C LEU C 890 19.21 -41.77 -19.42
N SER C 891 20.39 -42.05 -19.97
CA SER C 891 21.48 -42.59 -19.14
C SER C 891 21.85 -41.63 -18.02
N VAL C 892 21.89 -40.33 -18.32
CA VAL C 892 22.30 -39.34 -17.33
C VAL C 892 21.37 -39.35 -16.12
N MET C 893 20.12 -39.74 -16.28
CA MET C 893 19.16 -39.76 -15.18
C MET C 893 19.08 -41.11 -14.48
N LEU C 894 19.79 -42.13 -14.97
CA LEU C 894 19.83 -43.42 -14.30
C LEU C 894 20.89 -43.48 -13.21
N VAL C 895 21.75 -42.47 -13.11
CA VAL C 895 22.70 -42.39 -12.00
C VAL C 895 22.10 -41.72 -10.77
N VAL C 896 20.96 -41.03 -10.92
CA VAL C 896 20.35 -40.37 -9.77
C VAL C 896 20.01 -41.37 -8.67
N PRO C 897 19.35 -42.50 -8.95
CA PRO C 897 19.02 -43.42 -7.84
C PRO C 897 20.23 -43.86 -7.05
N LEU C 898 21.40 -43.94 -7.68
CA LEU C 898 22.60 -44.32 -6.95
C LEU C 898 22.97 -43.30 -5.88
N GLY C 899 22.75 -42.01 -6.16
CA GLY C 899 23.02 -41.00 -5.15
C GLY C 899 22.07 -41.10 -3.97
N ILE C 900 20.78 -41.31 -4.24
CA ILE C 900 19.82 -41.50 -3.16
C ILE C 900 20.17 -42.74 -2.36
N PHE C 901 20.71 -43.77 -3.01
CA PHE C 901 21.14 -44.95 -2.28
C PHE C 901 22.12 -44.56 -1.18
N GLY C 902 23.17 -43.83 -1.53
CA GLY C 902 24.14 -43.42 -0.54
C GLY C 902 23.57 -42.49 0.50
N ALA C 903 22.73 -41.56 0.08
CA ALA C 903 22.13 -40.62 1.03
C ALA C 903 21.31 -41.36 2.08
N ILE C 904 20.46 -42.30 1.63
CA ILE C 904 19.62 -43.05 2.55
C ILE C 904 20.46 -43.96 3.43
N ILE C 905 21.49 -44.59 2.87
CA ILE C 905 22.35 -45.45 3.68
C ILE C 905 23.01 -44.65 4.79
N ALA C 906 23.55 -43.47 4.44
CA ALA C 906 24.21 -42.63 5.44
C ALA C 906 23.23 -42.14 6.49
N ILE C 907 22.02 -41.73 6.08
CA ILE C 907 21.08 -41.18 7.04
C ILE C 907 20.59 -42.27 7.99
N MET C 908 20.39 -43.49 7.47
CA MET C 908 20.08 -44.60 8.37
C MET C 908 21.23 -44.88 9.32
N SER C 909 22.46 -44.91 8.80
CA SER C 909 23.60 -45.23 9.66
C SER C 909 23.76 -44.22 10.78
N ARG C 910 23.61 -42.93 10.49
CA ARG C 910 23.78 -41.91 11.51
C ARG C 910 22.53 -41.74 12.37
N GLY C 911 21.38 -42.26 11.93
CA GLY C 911 20.15 -42.17 12.69
C GLY C 911 19.34 -40.92 12.44
N LEU C 912 19.82 -39.99 11.63
CA LEU C 912 19.05 -38.79 11.34
C LEU C 912 17.79 -39.15 10.57
N MET C 913 16.95 -38.14 10.32
CA MET C 913 15.62 -38.34 9.79
C MET C 913 15.41 -37.46 8.57
N ASN C 914 14.46 -37.87 7.73
CA ASN C 914 14.09 -37.06 6.57
C ASN C 914 13.63 -35.68 7.02
N ASP C 915 14.38 -34.66 6.63
CA ASP C 915 14.07 -33.28 6.95
C ASP C 915 14.30 -32.40 5.73
N VAL C 916 14.00 -31.12 5.87
CA VAL C 916 14.16 -30.20 4.75
C VAL C 916 15.61 -30.21 4.27
N PHE C 917 16.56 -30.19 5.20
CA PHE C 917 17.97 -30.19 4.82
C PHE C 917 18.32 -31.43 4.01
N PHE C 918 17.77 -32.58 4.40
CA PHE C 918 18.05 -33.81 3.65
C PHE C 918 17.52 -33.71 2.23
N LYS C 919 16.36 -33.07 2.04
CA LYS C 919 15.83 -32.93 0.68
C LYS C 919 16.66 -31.95 -0.16
N ILE C 920 17.12 -30.85 0.45
CA ILE C 920 18.03 -29.97 -0.29
C ILE C 920 19.29 -30.73 -0.69
N GLY C 921 19.84 -31.51 0.24
CA GLY C 921 21.01 -32.31 -0.09
C GLY C 921 20.72 -33.32 -1.19
N LEU C 922 19.53 -33.93 -1.16
CA LEU C 922 19.16 -34.90 -2.18
C LEU C 922 19.10 -34.25 -3.56
N ILE C 923 18.51 -33.06 -3.65
CA ILE C 923 18.47 -32.36 -4.94
C ILE C 923 19.87 -31.95 -5.37
N THR C 924 20.70 -31.51 -4.42
CA THR C 924 22.07 -31.15 -4.75
C THR C 924 22.82 -32.35 -5.34
N ILE C 925 22.68 -33.52 -4.72
CA ILE C 925 23.29 -34.73 -5.25
C ILE C 925 22.70 -35.14 -6.58
N ILE C 926 21.41 -34.95 -6.78
CA ILE C 926 20.79 -35.31 -8.08
C ILE C 926 21.38 -34.41 -9.15
N GLY C 927 21.65 -33.10 -8.95
CA GLY C 927 22.32 -32.26 -9.92
C GLY C 927 23.79 -32.61 -10.09
N LEU C 928 24.46 -32.92 -8.99
CA LEU C 928 25.90 -33.13 -9.04
C LEU C 928 26.26 -34.47 -9.66
N SER C 929 25.37 -35.47 -9.53
CA SER C 929 25.56 -36.73 -10.25
C SER C 929 25.21 -36.57 -11.72
N ALA C 930 24.18 -35.77 -12.03
CA ALA C 930 23.93 -35.42 -13.42
C ALA C 930 25.18 -34.80 -14.04
N LYS C 931 25.96 -34.07 -13.24
CA LYS C 931 27.17 -33.39 -13.74
C LYS C 931 28.26 -34.38 -14.00
N ASN C 932 28.30 -35.50 -13.31
CA ASN C 932 29.36 -36.52 -13.48
C ASN C 932 28.98 -37.42 -14.64
N ALA C 933 27.70 -37.52 -14.88
CA ALA C 933 27.27 -38.28 -16.04
C ALA C 933 27.41 -37.50 -17.35
N ILE C 934 27.17 -36.18 -17.31
CA ILE C 934 27.15 -35.37 -18.52
C ILE C 934 28.50 -35.37 -19.22
N LEU C 935 29.59 -35.22 -18.45
CA LEU C 935 30.91 -35.17 -19.06
C LEU C 935 31.19 -36.45 -19.86
N ILE C 936 31.00 -37.60 -19.23
CA ILE C 936 31.31 -38.87 -19.88
C ILE C 936 30.42 -39.07 -21.09
N VAL C 937 29.11 -38.82 -20.95
CA VAL C 937 28.22 -39.07 -22.08
C VAL C 937 28.55 -38.13 -23.23
N GLU C 938 28.83 -36.85 -22.93
CA GLU C 938 29.20 -35.90 -23.97
C GLU C 938 30.42 -36.38 -24.75
N PHE C 939 31.49 -36.71 -24.02
CA PHE C 939 32.73 -37.02 -24.74
C PHE C 939 32.63 -38.36 -25.44
N ALA C 940 31.86 -39.30 -24.88
CA ALA C 940 31.63 -40.56 -25.57
C ALA C 940 30.85 -40.35 -26.86
N LYS C 941 29.85 -39.46 -26.84
CA LYS C 941 29.12 -39.14 -28.06
C LYS C 941 30.04 -38.51 -29.08
N MET C 942 30.92 -37.61 -28.65
CA MET C 942 31.86 -36.99 -29.60
C MET C 942 32.78 -38.04 -30.21
N LEU C 943 33.32 -38.95 -29.39
CA LEU C 943 34.19 -39.99 -29.93
C LEU C 943 33.44 -40.91 -30.88
N LYS C 944 32.19 -41.25 -30.56
CA LYS C 944 31.40 -42.08 -31.45
C LYS C 944 31.18 -41.37 -32.78
N GLU C 945 30.93 -40.06 -32.74
CA GLU C 945 30.84 -39.29 -33.97
C GLU C 945 32.15 -39.36 -34.74
N GLU C 946 33.28 -39.36 -34.02
CA GLU C 946 34.58 -39.51 -34.68
C GLU C 946 34.75 -40.88 -35.33
N GLY C 947 33.88 -41.85 -35.01
CA GLY C 947 33.95 -43.18 -35.58
C GLY C 947 34.20 -44.28 -34.57
N MET C 948 34.43 -43.95 -33.31
CA MET C 948 34.69 -44.97 -32.29
C MET C 948 33.42 -45.75 -31.99
N SER C 949 33.59 -47.02 -31.65
CA SER C 949 32.47 -47.86 -31.28
C SER C 949 31.93 -47.46 -29.91
N LEU C 950 30.70 -47.91 -29.62
CA LEU C 950 30.08 -47.56 -28.35
C LEU C 950 30.92 -48.06 -27.18
N ILE C 951 31.35 -49.32 -27.22
CA ILE C 951 32.18 -49.86 -26.14
C ILE C 951 33.49 -49.08 -26.05
N GLU C 952 34.17 -48.93 -27.20
CA GLU C 952 35.44 -48.22 -27.21
C GLU C 952 35.25 -46.75 -26.84
N ALA C 953 34.20 -46.13 -27.36
CA ALA C 953 33.95 -44.73 -27.05
C ALA C 953 33.75 -44.52 -25.56
N THR C 954 32.90 -45.35 -24.92
CA THR C 954 32.65 -45.18 -23.49
C THR C 954 33.90 -45.48 -22.68
N VAL C 955 34.62 -46.56 -23.00
CA VAL C 955 35.78 -46.93 -22.20
C VAL C 955 36.88 -45.86 -22.32
N ALA C 956 37.01 -45.26 -23.50
CA ALA C 956 38.00 -44.19 -23.67
C ALA C 956 37.56 -42.91 -22.96
N ALA C 957 36.27 -42.58 -23.05
CA ALA C 957 35.79 -41.35 -22.43
C ALA C 957 35.91 -41.42 -20.91
N ALA C 958 35.56 -42.56 -20.31
CA ALA C 958 35.71 -42.69 -18.87
C ALA C 958 37.17 -42.55 -18.46
N LYS C 959 38.08 -43.18 -19.20
CA LYS C 959 39.50 -43.07 -18.87
C LYS C 959 39.96 -41.63 -18.95
N LEU C 960 39.54 -40.92 -20.00
CA LEU C 960 40.02 -39.55 -20.20
C LEU C 960 39.45 -38.61 -19.14
N ARG C 961 38.18 -38.78 -18.77
CA ARG C 961 37.51 -37.86 -17.88
C ARG C 961 37.55 -38.30 -16.42
N LEU C 962 38.25 -39.40 -16.11
CA LEU C 962 38.35 -39.85 -14.72
C LEU C 962 38.91 -38.77 -13.82
N ARG C 963 40.06 -38.20 -14.17
CA ARG C 963 40.74 -37.30 -13.24
C ARG C 963 39.90 -36.08 -12.86
N PRO C 964 39.35 -35.31 -13.81
CA PRO C 964 38.50 -34.18 -13.39
C PRO C 964 37.27 -34.61 -12.62
N ILE C 965 36.69 -35.75 -12.96
CA ILE C 965 35.50 -36.22 -12.26
C ILE C 965 35.83 -36.54 -10.81
N LEU C 966 36.90 -37.29 -10.57
CA LEU C 966 37.31 -37.60 -9.21
C LEU C 966 37.71 -36.34 -8.46
N MET C 967 38.39 -35.42 -9.15
CA MET C 967 38.80 -34.17 -8.50
C MET C 967 37.58 -33.38 -8.01
N THR C 968 36.64 -33.16 -8.95
CA THR C 968 35.37 -32.42 -8.68
C THR C 968 34.58 -33.11 -7.56
N SER C 969 34.56 -34.43 -7.56
CA SER C 969 33.84 -35.20 -6.54
C SER C 969 34.48 -35.02 -5.17
N LEU C 970 35.79 -35.22 -5.09
CA LEU C 970 36.48 -35.11 -3.80
C LEU C 970 36.43 -33.69 -3.27
N ALA C 971 36.42 -32.69 -4.16
CA ALA C 971 36.33 -31.31 -3.70
C ALA C 971 35.09 -31.11 -2.84
N PHE C 972 33.92 -31.50 -3.37
CA PHE C 972 32.69 -31.36 -2.60
C PHE C 972 32.66 -32.31 -1.41
N THR C 973 33.17 -33.53 -1.59
CA THR C 973 33.12 -34.52 -0.50
C THR C 973 33.90 -34.04 0.71
N CYS C 974 35.07 -33.44 0.50
CA CYS C 974 35.87 -32.89 1.60
C CYS C 974 35.44 -31.48 1.99
N GLY C 975 34.68 -30.79 1.15
CA GLY C 975 34.17 -29.48 1.54
C GLY C 975 33.08 -29.58 2.60
N VAL C 976 32.37 -30.71 2.63
CA VAL C 976 31.33 -30.94 3.64
C VAL C 976 31.86 -31.66 4.86
N ILE C 977 33.15 -31.97 4.90
CA ILE C 977 33.71 -32.66 6.07
C ILE C 977 33.46 -31.87 7.34
N PRO C 978 33.70 -30.55 7.39
CA PRO C 978 33.39 -29.81 8.63
C PRO C 978 31.94 -29.94 9.04
N LEU C 979 31.01 -29.96 8.09
CA LEU C 979 29.60 -30.10 8.43
C LEU C 979 29.35 -31.43 9.14
N VAL C 980 29.94 -32.51 8.63
CA VAL C 980 29.73 -33.83 9.21
C VAL C 980 30.44 -34.00 10.55
N ILE C 981 31.58 -33.33 10.75
CA ILE C 981 32.37 -33.50 11.97
C ILE C 981 32.31 -32.28 12.89
N ALA C 982 31.51 -31.26 12.55
CA ALA C 982 31.32 -30.15 13.47
C ALA C 982 30.74 -30.64 14.78
N THR C 983 31.24 -30.11 15.89
CA THR C 983 30.80 -30.51 17.23
C THR C 983 30.47 -29.32 18.12
N GLY C 984 30.39 -28.12 17.55
CA GLY C 984 30.10 -26.92 18.32
C GLY C 984 28.61 -26.63 18.39
N ALA C 985 28.31 -25.39 18.76
CA ALA C 985 26.92 -24.96 18.80
C ALA C 985 26.31 -24.99 17.41
N SER C 986 25.05 -25.41 17.33
CA SER C 986 24.32 -25.61 16.09
C SER C 986 24.99 -26.69 15.24
N SER C 987 25.50 -27.75 15.86
CA SER C 987 26.25 -28.75 15.12
C SER C 987 25.32 -29.68 14.32
N GLU C 988 24.16 -30.03 14.88
CA GLU C 988 23.33 -31.04 14.22
C GLU C 988 22.63 -30.48 13.00
N THR C 989 22.34 -29.18 12.99
CA THR C 989 21.79 -28.57 11.78
C THR C 989 22.80 -28.65 10.65
N GLN C 990 24.10 -28.60 10.97
CA GLN C 990 25.13 -28.81 9.96
C GLN C 990 25.23 -30.29 9.61
N HIS C 991 25.07 -31.17 10.59
CA HIS C 991 25.16 -32.60 10.33
C HIS C 991 24.07 -33.06 9.39
N ALA C 992 22.87 -32.48 9.52
CA ALA C 992 21.78 -32.86 8.62
C ALA C 992 22.17 -32.65 7.17
N LEU C 993 22.78 -31.50 6.86
CA LEU C 993 23.28 -31.27 5.51
C LEU C 993 24.43 -32.21 5.18
N GLY C 994 25.38 -32.35 6.11
CA GLY C 994 26.62 -33.04 5.79
C GLY C 994 26.45 -34.53 5.51
N THR C 995 25.66 -35.22 6.34
CA THR C 995 25.58 -36.68 6.22
C THR C 995 24.98 -37.08 4.88
N GLY C 996 23.86 -36.46 4.50
CA GLY C 996 23.21 -36.82 3.27
C GLY C 996 24.08 -36.56 2.06
N VAL C 997 24.71 -35.39 2.00
CA VAL C 997 25.56 -35.05 0.85
C VAL C 997 26.77 -35.97 0.81
N PHE C 998 27.37 -36.26 1.97
CA PHE C 998 28.52 -37.14 2.01
C PHE C 998 28.19 -38.52 1.46
N GLY C 999 27.13 -39.14 1.99
CA GLY C 999 26.73 -40.45 1.50
C GLY C 999 26.33 -40.42 0.03
N GLY C 1000 25.57 -39.41 -0.38
CA GLY C 1000 25.16 -39.32 -1.77
C GLY C 1000 26.33 -39.20 -2.71
N MET C 1001 27.30 -38.34 -2.37
CA MET C 1001 28.50 -38.18 -3.21
C MET C 1001 29.26 -39.50 -3.27
N ILE C 1002 29.53 -40.14 -2.14
CA ILE C 1002 30.31 -41.37 -2.17
C ILE C 1002 29.63 -42.41 -3.04
N SER C 1003 28.35 -42.68 -2.79
CA SER C 1003 27.66 -43.69 -3.58
C SER C 1003 27.61 -43.29 -5.05
N ALA C 1004 27.16 -42.07 -5.34
CA ALA C 1004 26.99 -41.64 -6.72
C ALA C 1004 28.28 -41.78 -7.49
N THR C 1005 29.40 -41.28 -6.95
CA THR C 1005 30.65 -41.33 -7.71
C THR C 1005 31.18 -42.75 -7.80
N ILE C 1006 31.39 -43.41 -6.65
CA ILE C 1006 32.04 -44.72 -6.65
C ILE C 1006 31.18 -45.80 -7.30
N LEU C 1007 29.92 -45.52 -7.61
CA LEU C 1007 29.11 -46.41 -8.44
C LEU C 1007 28.97 -45.93 -9.87
N ALA C 1008 28.89 -44.62 -10.09
CA ALA C 1008 28.70 -44.09 -11.43
C ALA C 1008 29.91 -44.37 -12.31
N ILE C 1009 31.12 -44.22 -11.76
CA ILE C 1009 32.31 -44.42 -12.57
C ILE C 1009 32.29 -45.79 -13.24
N PHE C 1010 31.60 -46.77 -12.64
CA PHE C 1010 31.51 -48.13 -13.22
C PHE C 1010 30.11 -48.36 -13.81
N PHE C 1011 29.10 -47.63 -13.39
CA PHE C 1011 27.72 -47.87 -13.86
C PHE C 1011 27.19 -46.94 -14.93
N VAL C 1012 27.65 -45.73 -15.16
CA VAL C 1012 27.14 -44.78 -16.14
C VAL C 1012 27.47 -45.25 -17.55
N PRO C 1013 28.69 -45.73 -17.81
CA PRO C 1013 28.95 -46.35 -19.12
C PRO C 1013 28.00 -47.51 -19.42
N VAL C 1014 27.66 -48.31 -18.41
CA VAL C 1014 26.76 -49.43 -18.62
C VAL C 1014 25.38 -48.94 -19.03
N PHE C 1015 24.86 -47.92 -18.33
CA PHE C 1015 23.56 -47.37 -18.70
C PHE C 1015 23.58 -46.82 -20.12
N PHE C 1016 24.63 -46.06 -20.46
CA PHE C 1016 24.72 -45.48 -21.80
C PHE C 1016 24.71 -46.57 -22.86
N ILE C 1017 25.60 -47.56 -22.72
CA ILE C 1017 25.69 -48.60 -23.73
C ILE C 1017 24.38 -49.38 -23.83
N PHE C 1018 23.80 -49.75 -22.69
CA PHE C 1018 22.58 -50.56 -22.72
C PHE C 1018 21.45 -49.80 -23.40
N ILE C 1019 21.24 -48.54 -23.01
CA ILE C 1019 20.13 -47.78 -23.56
C ILE C 1019 20.32 -47.54 -25.05
N LEU C 1020 21.53 -47.13 -25.46
CA LEU C 1020 21.76 -46.86 -26.87
C LEU C 1020 21.62 -48.13 -27.70
N GLY C 1021 22.16 -49.25 -27.20
CA GLY C 1021 22.04 -50.50 -27.93
C GLY C 1021 20.60 -50.98 -28.03
N ALA C 1022 19.83 -50.81 -26.96
CA ALA C 1022 18.42 -51.18 -27.01
C ALA C 1022 17.66 -50.33 -28.02
N VAL C 1023 17.93 -49.02 -28.05
CA VAL C 1023 17.27 -48.16 -29.01
C VAL C 1023 17.65 -48.56 -30.43
N GLU C 1024 18.93 -48.85 -30.66
CA GLU C 1024 19.36 -49.27 -32.00
C GLU C 1024 18.70 -50.59 -32.39
N LYS C 1025 18.61 -51.54 -31.44
CA LYS C 1025 18.01 -52.83 -31.73
C LYS C 1025 16.54 -52.68 -32.08
N LEU C 1026 15.80 -51.87 -31.32
CA LEU C 1026 14.40 -51.65 -31.62
C LEU C 1026 14.21 -50.98 -32.96
N PHE C 1027 15.08 -50.03 -33.29
CA PHE C 1027 15.00 -49.31 -34.56
C PHE C 1027 16.39 -49.12 -35.16
C1 PTY D . 4.61 -22.70 -11.05
C2 PTY D . 0.25 -28.45 -9.51
C3 PTY D . 0.51 -27.19 -8.69
O4 PTY D . 3.66 -22.75 -12.07
C5 PTY D . 4.64 -24.63 -9.45
C6 PTY D . 5.15 -24.11 -10.78
O7 PTY D . 6.55 -24.09 -10.77
C8 PTY D . 7.17 -24.18 -12.02
O10 PTY D . 6.52 -24.22 -13.01
C11 PTY D . 8.70 -24.26 -12.12
C12 PTY D . 9.12 -23.72 -13.47
C13 PTY D . 10.59 -23.32 -13.44
C14 PTY D . 10.96 -22.68 -14.78
C15 PTY D . 12.46 -22.79 -15.01
C16 PTY D . 12.78 -24.09 -15.73
C17 PTY D . 14.25 -24.11 -16.14
C18 PTY D . 14.43 -23.33 -17.45
C19 PTY D . 14.09 -24.23 -18.64
C20 PTY D . 13.85 -23.36 -19.87
C30 PTY D . 3.51 -21.55 -12.77
C31 PTY D . 3.45 -21.56 -14.29
O30 PTY D . 3.46 -20.52 -12.18
C32 PTY D . 4.84 -21.37 -14.88
C33 PTY D . 5.27 -19.92 -14.71
C34 PTY D . 6.79 -19.82 -14.54
C35 PTY D . 7.42 -19.31 -15.84
C36 PTY D . 7.35 -20.40 -16.89
C37 PTY D . 8.59 -20.34 -17.78
C38 PTY D . 8.36 -19.34 -18.91
P1 PTY D . 2.54 -25.57 -8.21
O11 PTY D . 1.89 -27.08 -8.44
O12 PTY D . 1.43 -24.59 -7.89
O13 PTY D . 3.51 -25.63 -7.06
O14 PTY D . 3.33 -25.10 -9.58
N1 PTY D . -0.79 -29.23 -8.87
C1 PTY E . -1.10 -4.91 -20.21
C2 PTY E . -3.00 -3.83 -14.66
C3 PTY E . -1.62 -4.08 -14.07
O4 PTY E . -1.35 -5.70 -21.37
C5 PTY E . -0.67 -5.13 -17.81
C6 PTY E . -0.42 -5.76 -19.17
O7 PTY E . 0.98 -5.73 -19.44
C8 PTY E . 1.56 -7.04 -19.67
O10 PTY E . 1.78 -7.74 -18.73
C11 PTY E . 1.90 -7.47 -21.06
C12 PTY E . 2.96 -8.53 -20.96
C13 PTY E . 2.97 -9.42 -22.20
C14 PTY E . 4.20 -10.30 -22.23
C15 PTY E . 4.17 -11.15 -23.48
C16 PTY E . 5.54 -11.26 -24.12
C17 PTY E . 5.41 -11.67 -25.57
C18 PTY E . 4.67 -12.99 -25.69
C19 PTY E . 5.60 -14.18 -25.51
C20 PTY E . 5.97 -14.75 -26.86
C21 PTY E . 6.99 -13.85 -27.55
C30 PTY E . -1.31 -5.07 -22.66
C31 PTY E . -1.45 -5.92 -23.88
O30 PTY E . -1.15 -3.88 -22.75
C32 PTY E . -0.32 -6.93 -23.88
C33 PTY E . 0.83 -6.48 -24.73
C34 PTY E . 1.23 -7.60 -25.67
C35 PTY E . 2.64 -7.33 -26.14
C36 PTY E . 2.91 -7.87 -27.53
C37 PTY E . 4.05 -7.12 -28.19
C38 PTY E . 5.33 -7.30 -27.40
C39 PTY E . 5.26 -6.51 -26.10
C40 PTY E . 6.34 -6.94 -25.12
C41 PTY E . 6.07 -6.36 -23.74
C42 PTY E . 5.36 -7.38 -22.87
P1 PTY E . 0.17 -5.45 -15.36
O11 PTY E . -1.17 -5.36 -14.51
O12 PTY E . 0.64 -4.03 -15.62
O13 PTY E . 1.14 -6.43 -14.73
O14 PTY E . -0.35 -6.04 -16.77
N1 PTY E . -3.01 -2.56 -15.34
C1 PTY F . 0.37 6.55 -24.81
C2 PTY F . -3.35 12.50 -27.07
C3 PTY F . -3.59 11.61 -25.85
O4 PTY F . 1.29 7.60 -24.81
C5 PTY F . -1.87 7.01 -25.83
C6 PTY F . -0.44 6.59 -26.11
O7 PTY F . -0.44 5.31 -26.70
C8 PTY F . 0.67 5.01 -27.50
O10 PTY F . 1.56 5.78 -27.60
C11 PTY F . 0.72 3.70 -28.26
C12 PTY F . 2.19 3.32 -28.49
C13 PTY F . 2.31 1.83 -28.80
C14 PTY F . 3.80 1.48 -28.92
C15 PTY F . 3.96 0.22 -29.75
C16 PTY F . 4.10 0.59 -31.22
C17 PTY F . 4.47 -0.65 -32.03
C18 PTY F . 5.97 -0.90 -31.94
C19 PTY F . 6.70 -0.03 -32.96
C20 PTY F . 8.17 0.06 -32.59
C30 PTY F . 2.41 7.39 -24.01
C31 PTY F . 3.81 7.72 -24.54
O30 PTY F . 2.29 6.93 -22.92
C32 PTY F . 4.42 6.49 -25.21
C33 PTY F . 4.85 5.49 -24.14
C34 PTY F . 4.73 4.06 -24.66
C35 PTY F . 6.13 3.52 -24.99
C36 PTY F . 6.65 4.20 -26.23
C37 PTY F . 7.49 3.21 -27.04
C38 PTY F . 8.92 3.23 -26.54
P1 PTY F . -3.38 9.06 -25.24
O11 PTY F . -3.77 10.29 -26.27
O12 PTY F . -3.28 9.60 -23.83
O13 PTY F . -4.45 8.01 -25.29
O14 PTY F . -1.94 8.41 -25.69
N1 PTY F . -4.26 13.63 -27.03
C1 PTY G . 16.26 6.53 -11.29
C2 PTY G . 11.70 6.79 -7.45
C3 PTY G . 11.06 5.53 -8.02
O4 PTY G . 16.97 7.28 -12.27
C5 PTY G . 13.99 5.78 -10.73
C6 PTY G . 14.95 6.05 -11.88
O7 PTY G . 15.21 4.83 -12.56
C8 PTY G . 14.87 4.86 -13.96
O10 PTY G . 13.71 4.76 -14.28
C11 PTY G . 15.94 4.99 -15.00
C12 PTY G . 15.39 4.42 -16.29
C13 PTY G . 16.14 4.99 -17.49
C14 PTY G . 15.79 4.23 -18.76
C15 PTY G . 16.55 4.82 -19.92
C16 PTY G . 17.08 3.74 -20.83
C17 PTY G . 18.22 4.30 -21.68
C18 PTY G . 17.76 5.50 -22.48
C19 PTY G . 17.09 5.09 -23.78
C20 PTY G . 18.08 5.23 -24.92
C21 PTY G . 19.08 4.09 -24.90
C30 PTY G . 18.41 7.24 -12.27
C31 PTY G . 19.14 7.93 -13.37
O30 PTY G . 18.99 6.63 -11.40
C32 PTY G . 18.71 7.30 -14.68
C33 PTY G . 19.68 6.23 -15.14
C34 PTY G . 20.04 6.49 -16.59
C35 PTY G . 20.58 5.19 -17.17
C36 PTY G . 21.61 5.43 -18.25
C37 PTY G . 22.53 4.23 -18.40
C38 PTY G . 21.74 3.00 -18.79
C39 PTY G . 20.90 2.52 -17.61
C40 PTY G . 19.84 1.52 -18.05
C41 PTY G . 18.84 1.29 -16.94
C42 PTY G . 17.61 2.16 -17.12
P1 PTY G . 11.64 4.69 -10.42
O11 PTY G . 10.91 5.71 -9.42
O12 PTY G . 12.48 3.76 -9.56
O13 PTY G . 10.65 4.08 -11.38
O14 PTY G . 12.65 5.65 -11.21
N1 PTY G . 12.86 6.42 -6.67
C1 PTY H . 25.26 1.64 -4.25
C2 PTY H . 29.77 3.32 1.34
C3 PTY H . 28.28 3.61 1.18
O4 PTY H . 25.74 0.42 -3.76
C5 PTY H . 26.31 3.72 -3.32
C6 PTY H . 26.42 2.63 -4.38
O7 PTY H . 26.38 3.23 -5.64
C8 PTY H . 27.01 2.49 -6.66
O10 PTY H . 27.46 1.42 -6.44
C11 PTY H . 27.12 3.08 -8.07
C12 PTY H . 27.21 1.94 -9.07
C13 PTY H . 26.85 2.42 -10.47
C14 PTY H . 26.85 1.24 -11.42
C15 PTY H . 27.05 1.72 -12.85
C16 PTY H . 28.54 1.76 -13.18
C17 PTY H . 28.73 2.05 -14.66
C18 PTY H . 28.59 0.76 -15.46
C19 PTY H . 29.91 -0.01 -15.44
C20 PTY H . 29.67 -1.46 -15.84
C30 PTY H . 24.97 -0.68 -4.11
C31 PTY H . 25.63 -1.96 -4.61
O30 PTY H . 23.78 -0.63 -4.01
C32 PTY H . 25.71 -1.93 -6.14
C33 PTY H . 24.32 -2.17 -6.73
C34 PTY H . 24.17 -1.45 -8.07
C35 PTY H . 24.26 -2.44 -9.21
C36 PTY H . 25.71 -2.91 -9.36
C37 PTY H . 26.04 -3.13 -10.83
C38 PTY H . 25.62 -4.55 -11.23
P1 PTY H . 26.62 4.21 -0.77
O11 PTY H . 28.07 4.34 0.01
O12 PTY H . 25.59 3.63 0.18
O13 PTY H . 26.17 5.58 -1.21
O14 PTY H . 26.78 3.25 -2.09
N1 PTY H . 30.20 3.71 2.67
C1 PTY I . 13.12 -15.09 -5.82
C2 PTY I . 9.78 -11.74 -2.20
C3 PTY I . 9.76 -10.57 -3.18
O4 PTY I . 14.32 -15.85 -5.89
C5 PTY I . 12.30 -12.84 -5.27
C6 PTY I . 13.45 -13.61 -5.90
O7 PTY I . 13.52 -13.27 -7.28
C8 PTY I . 14.81 -12.72 -7.65
O10 PTY I . 15.06 -11.58 -7.38
C11 PTY I . 15.80 -13.56 -8.41
C12 PTY I . 16.73 -12.62 -9.15
C13 PTY I . 18.04 -13.30 -9.46
C14 PTY I . 18.86 -12.46 -10.44
C15 PTY I . 20.17 -13.18 -10.73
C16 PTY I . 20.53 -13.09 -12.20
C17 PTY I . 21.53 -14.19 -12.55
C18 PTY I . 22.77 -14.08 -11.69
C19 PTY I . 23.77 -13.09 -12.25
C20 PTY I . 24.86 -13.84 -13.01
C21 PTY I . 24.34 -14.32 -14.35
C30 PTY I . 14.30 -17.14 -6.54
C31 PTY I . 15.58 -17.87 -6.71
O30 PTY I . 13.25 -17.59 -6.93
C32 PTY I . 16.50 -17.01 -7.55
C33 PTY I . 16.45 -17.41 -9.01
C34 PTY I . 17.87 -17.58 -9.52
C35 PTY I . 17.83 -17.47 -11.03
C36 PTY I . 18.90 -18.30 -11.70
C37 PTY I . 18.52 -18.65 -13.12
C38 PTY I . 18.35 -17.39 -13.95
C39 PTY I . 17.08 -16.67 -13.54
C40 PTY I . 17.05 -15.24 -14.08
C41 PTY I . 15.94 -14.44 -13.41
C42 PTY I . 16.50 -13.63 -12.26
P1 PTY I . 11.56 -10.37 -5.05
O11 PTY I . 11.10 -10.26 -3.52
O12 PTY I . 10.38 -10.92 -5.82
O13 PTY I . 12.17 -9.06 -5.51
O14 PTY I . 12.68 -11.51 -5.01
N1 PTY I . 8.91 -12.79 -2.68
#